data_2MWO
#
_entry.id   2MWO
#
loop_
_entity.id
_entity.type
_entity.pdbx_description
1 polymer 'Tumor suppressor p53-binding protein 1'
2 polymer 'Cellular tumor antigen p53'
#
loop_
_entity_poly.entity_id
_entity_poly.type
_entity_poly.pdbx_seq_one_letter_code
_entity_poly.pdbx_strand_id
1 'polypeptide(L)'
;GHMNSFVGLRVVAKWSSNGYFYSGKITRDVGAGKYKLLFDDGYECDVLGKDILLCDPIPLDTEVTALSEDEYFSAGVVKG
HRKESGELYYSIEKEGQRKWYKRMAVILSLEQGNRLREQYGLG
;
A
2 'polypeptide(L)' RAHSSHL(MLY)SKKGQST B
#
# COMPACT_ATOMS: atom_id res chain seq x y z
N GLY A 1 18.95 9.03 13.18
CA GLY A 1 17.55 8.58 13.24
C GLY A 1 17.43 7.05 13.28
N HIS A 2 16.34 6.53 13.85
CA HIS A 2 16.07 5.09 13.94
C HIS A 2 14.55 4.82 13.97
N MET A 3 13.80 5.56 14.80
CA MET A 3 12.36 5.44 14.95
C MET A 3 11.82 6.83 15.33
N ASN A 4 10.56 7.11 15.00
CA ASN A 4 9.85 8.33 15.37
C ASN A 4 8.36 8.00 15.49
N SER A 5 7.62 8.80 16.26
CA SER A 5 6.18 8.68 16.41
C SER A 5 5.48 9.00 15.08
N PHE A 6 5.22 7.97 14.27
CA PHE A 6 4.40 7.97 13.06
C PHE A 6 5.01 8.75 11.89
N VAL A 7 5.16 10.06 12.03
CA VAL A 7 5.63 10.97 11.00
C VAL A 7 7.00 10.50 10.51
N GLY A 8 7.08 10.10 9.24
CA GLY A 8 8.29 9.63 8.57
C GLY A 8 8.21 8.15 8.19
N LEU A 9 7.35 7.36 8.85
CA LEU A 9 7.31 5.91 8.65
C LEU A 9 6.66 5.56 7.30
N ARG A 10 7.23 4.58 6.61
CA ARG A 10 6.61 3.95 5.44
C ARG A 10 5.57 2.97 5.98
N VAL A 11 4.33 3.08 5.52
CA VAL A 11 3.17 2.32 6.01
C VAL A 11 2.24 2.05 4.82
N VAL A 12 1.08 1.45 5.05
CA VAL A 12 0.02 1.32 4.07
C VAL A 12 -1.20 2.04 4.69
N ALA A 13 -2.06 2.66 3.89
CA ALA A 13 -3.11 3.54 4.36
C ALA A 13 -4.30 3.43 3.40
N LYS A 14 -5.51 3.67 3.87
CA LYS A 14 -6.70 3.61 3.02
C LYS A 14 -6.84 4.94 2.31
N TRP A 15 -7.03 4.89 1.00
CA TRP A 15 -7.40 6.07 0.26
C TRP A 15 -8.93 6.23 0.38
N SER A 16 -9.40 7.47 0.40
CA SER A 16 -10.78 7.86 0.64
C SER A 16 -11.75 7.38 -0.46
N SER A 17 -13.04 7.78 -0.37
CA SER A 17 -14.09 7.33 -1.29
C SER A 17 -14.17 5.79 -1.32
N ASN A 18 -14.07 5.18 -0.12
CA ASN A 18 -14.03 3.75 0.14
C ASN A 18 -13.03 3.00 -0.74
N GLY A 19 -11.78 3.49 -0.80
CA GLY A 19 -10.72 2.93 -1.63
C GLY A 19 -9.96 1.79 -0.94
N TYR A 20 -9.02 1.23 -1.69
CA TYR A 20 -8.06 0.23 -1.27
C TYR A 20 -6.97 0.84 -0.40
N PHE A 21 -6.16 -0.02 0.23
CA PHE A 21 -5.10 0.38 1.11
C PHE A 21 -3.83 0.42 0.25
N TYR A 22 -3.32 1.64 0.02
CA TYR A 22 -2.16 1.89 -0.83
C TYR A 22 -0.97 2.19 0.06
N SER A 23 0.24 1.93 -0.42
CA SER A 23 1.49 2.21 0.29
C SER A 23 1.74 3.73 0.36
N GLY A 24 2.36 4.21 1.44
CA GLY A 24 2.62 5.63 1.61
C GLY A 24 3.54 5.90 2.80
N LYS A 25 3.75 7.17 3.08
CA LYS A 25 4.70 7.67 4.07
C LYS A 25 3.95 8.72 4.88
N ILE A 26 3.96 8.63 6.21
CA ILE A 26 3.23 9.57 7.05
C ILE A 26 3.99 10.89 7.00
N THR A 27 3.30 12.00 6.75
CA THR A 27 3.92 13.29 6.47
C THR A 27 3.75 14.23 7.67
N ARG A 28 2.58 14.13 8.32
CA ARG A 28 2.26 14.89 9.54
C ARG A 28 1.01 14.34 10.21
N ASP A 29 0.97 14.34 11.54
CA ASP A 29 -0.20 14.08 12.36
C ASP A 29 -1.12 15.28 12.21
N VAL A 30 -2.18 15.14 11.41
CA VAL A 30 -3.10 16.24 11.12
C VAL A 30 -3.81 16.63 12.42
N GLY A 31 -4.35 15.64 13.15
CA GLY A 31 -4.92 15.83 14.47
C GLY A 31 -6.05 14.84 14.68
N ALA A 32 -6.51 14.67 15.92
CA ALA A 32 -7.62 13.81 16.29
C ALA A 32 -7.47 12.32 15.88
N GLY A 33 -6.29 11.91 15.40
CA GLY A 33 -6.00 10.57 14.91
C GLY A 33 -5.86 10.55 13.40
N LYS A 34 -6.15 11.65 12.69
CA LYS A 34 -5.85 11.79 11.27
C LYS A 34 -4.36 12.04 11.17
N TYR A 35 -3.72 11.33 10.24
CA TYR A 35 -2.35 11.54 9.81
C TYR A 35 -2.42 11.72 8.29
N LYS A 36 -1.66 12.67 7.76
CA LYS A 36 -1.59 12.89 6.33
C LYS A 36 -0.55 11.95 5.77
N LEU A 37 -0.86 11.37 4.62
CA LEU A 37 -0.11 10.28 4.02
C LEU A 37 0.27 10.69 2.60
N LEU A 38 1.57 10.72 2.36
CA LEU A 38 2.16 10.86 1.05
C LEU A 38 2.19 9.45 0.50
N PHE A 39 1.18 9.07 -0.26
CA PHE A 39 1.15 7.80 -0.96
C PHE A 39 2.38 7.70 -1.87
N ASP A 40 2.88 6.49 -2.11
CA ASP A 40 4.13 6.27 -2.83
C ASP A 40 4.07 6.80 -4.27
N ASP A 41 2.86 6.89 -4.84
CA ASP A 41 2.60 7.45 -6.16
C ASP A 41 2.58 9.00 -6.17
N GLY A 42 2.80 9.64 -5.02
CA GLY A 42 3.01 11.08 -4.90
C GLY A 42 1.79 11.84 -4.40
N TYR A 43 0.66 11.16 -4.19
CA TYR A 43 -0.59 11.76 -3.79
C TYR A 43 -0.58 12.03 -2.28
N GLU A 44 -1.39 12.98 -1.79
CA GLU A 44 -1.40 13.40 -0.39
C GLU A 44 -2.85 13.68 0.02
N CYS A 45 -3.33 12.90 1.00
CA CYS A 45 -4.64 13.05 1.63
C CYS A 45 -4.48 12.66 3.12
N ASP A 46 -5.50 12.95 3.94
CA ASP A 46 -5.51 12.62 5.36
C ASP A 46 -6.30 11.34 5.59
N VAL A 47 -5.83 10.57 6.57
CA VAL A 47 -6.34 9.23 6.86
C VAL A 47 -6.31 9.04 8.36
N LEU A 48 -7.34 8.43 8.92
CA LEU A 48 -7.42 8.16 10.35
C LEU A 48 -6.55 6.99 10.72
N GLY A 49 -6.03 6.98 11.94
CA GLY A 49 -5.16 5.93 12.47
C GLY A 49 -5.75 4.53 12.33
N LYS A 50 -7.06 4.40 12.47
CA LYS A 50 -7.75 3.10 12.31
C LYS A 50 -7.42 2.49 10.94
N ASP A 51 -7.23 3.35 9.95
CA ASP A 51 -7.11 3.03 8.53
C ASP A 51 -5.65 3.04 8.05
N ILE A 52 -4.65 2.88 8.95
CA ILE A 52 -3.24 2.88 8.56
C ILE A 52 -2.61 1.64 9.18
N LEU A 53 -1.79 0.92 8.41
CA LEU A 53 -1.13 -0.33 8.75
C LEU A 53 0.35 -0.02 8.74
N LEU A 54 1.03 -0.01 9.89
CA LEU A 54 2.40 0.51 9.95
C LEU A 54 3.53 -0.51 10.07
N CYS A 55 3.19 -1.80 10.16
CA CYS A 55 4.17 -2.86 10.34
C CYS A 55 3.80 -3.97 9.36
N ASP A 56 3.60 -3.57 8.10
CA ASP A 56 3.02 -4.37 7.03
C ASP A 56 3.95 -4.67 5.84
N PRO A 57 5.14 -5.28 6.03
CA PRO A 57 5.87 -5.83 4.90
C PRO A 57 4.95 -6.98 4.48
N ILE A 58 4.47 -7.01 3.23
CA ILE A 58 3.39 -7.92 2.83
C ILE A 58 3.83 -9.37 3.10
N PRO A 59 3.15 -10.10 4.00
CA PRO A 59 3.52 -11.47 4.31
C PRO A 59 3.39 -12.35 3.06
N LEU A 60 4.30 -13.31 2.89
CA LEU A 60 4.14 -14.32 1.86
C LEU A 60 2.82 -15.07 2.12
N ASP A 61 2.17 -15.52 1.05
CA ASP A 61 0.87 -16.18 1.01
C ASP A 61 -0.32 -15.22 1.22
N THR A 62 -0.06 -13.93 1.48
CA THR A 62 -1.11 -12.91 1.49
C THR A 62 -1.56 -12.67 0.05
N GLU A 63 -2.87 -12.62 -0.15
CA GLU A 63 -3.48 -12.20 -1.41
C GLU A 63 -3.38 -10.69 -1.48
N VAL A 64 -3.02 -10.17 -2.66
CA VAL A 64 -2.77 -8.77 -2.90
C VAL A 64 -3.17 -8.41 -4.32
N THR A 65 -3.35 -7.13 -4.56
CA THR A 65 -3.53 -6.58 -5.89
C THR A 65 -2.12 -6.24 -6.39
N ALA A 66 -1.80 -6.69 -7.60
CA ALA A 66 -0.61 -6.31 -8.33
C ALA A 66 -0.99 -5.14 -9.24
N LEU A 67 -0.13 -4.12 -9.32
CA LEU A 67 -0.42 -2.86 -9.97
C LEU A 67 0.78 -2.40 -10.78
N SER A 68 0.76 -2.64 -12.08
CA SER A 68 1.73 -2.03 -12.97
C SER A 68 1.47 -0.52 -12.84
N GLU A 69 2.50 0.25 -12.47
CA GLU A 69 2.37 1.65 -12.08
C GLU A 69 1.66 2.57 -13.08
N ASP A 70 1.61 2.18 -14.36
CA ASP A 70 0.88 2.97 -15.36
C ASP A 70 -0.65 2.92 -15.12
N GLU A 71 -1.17 1.80 -14.58
CA GLU A 71 -2.53 1.57 -14.06
C GLU A 71 -2.98 0.09 -14.07
N TYR A 72 -2.36 -0.78 -14.87
CA TYR A 72 -2.88 -2.14 -15.11
C TYR A 72 -3.09 -2.86 -13.77
N PHE A 73 -4.31 -3.35 -13.58
CA PHE A 73 -4.79 -3.88 -12.30
C PHE A 73 -5.15 -5.36 -12.41
N SER A 74 -4.58 -6.16 -11.51
CA SER A 74 -4.93 -7.56 -11.32
C SER A 74 -4.65 -7.97 -9.86
N ALA A 75 -4.96 -9.20 -9.44
CA ALA A 75 -4.62 -9.68 -8.11
C ALA A 75 -4.02 -11.10 -8.17
N GLY A 76 -3.30 -11.45 -7.11
CA GLY A 76 -2.47 -12.66 -6.99
C GLY A 76 -1.98 -12.79 -5.55
N VAL A 77 -0.91 -13.56 -5.31
CA VAL A 77 -0.42 -13.84 -3.96
C VAL A 77 1.09 -13.64 -3.92
N VAL A 78 1.60 -13.10 -2.81
CA VAL A 78 3.04 -13.02 -2.58
C VAL A 78 3.58 -14.45 -2.43
N LYS A 79 4.60 -14.84 -3.20
CA LYS A 79 5.33 -16.09 -3.02
C LYS A 79 6.86 -15.87 -3.06
N GLY A 80 7.34 -14.63 -2.87
CA GLY A 80 8.76 -14.35 -2.70
C GLY A 80 9.02 -12.88 -2.41
N HIS A 81 10.27 -12.53 -2.11
CA HIS A 81 10.75 -11.19 -1.79
C HIS A 81 12.08 -10.92 -2.48
N ARG A 82 12.38 -9.65 -2.74
CA ARG A 82 13.66 -9.19 -3.26
C ARG A 82 13.90 -7.79 -2.74
N LYS A 83 15.16 -7.36 -2.72
CA LYS A 83 15.57 -6.00 -2.46
C LYS A 83 16.45 -5.60 -3.64
N GLU A 84 16.13 -4.49 -4.29
CA GLU A 84 16.80 -4.02 -5.50
C GLU A 84 16.71 -2.50 -5.51
N SER A 85 17.78 -1.83 -5.94
CA SER A 85 17.90 -0.37 -5.91
C SER A 85 17.56 0.23 -4.52
N GLY A 86 17.81 -0.53 -3.45
CA GLY A 86 17.49 -0.13 -2.08
C GLY A 86 15.98 0.01 -1.86
N GLU A 87 15.15 -0.80 -2.54
CA GLU A 87 13.70 -0.74 -2.49
C GLU A 87 13.17 -2.17 -2.47
N LEU A 88 11.94 -2.34 -1.93
CA LEU A 88 11.37 -3.65 -1.62
C LEU A 88 10.48 -4.18 -2.74
N TYR A 89 10.66 -5.46 -3.04
CA TYR A 89 10.00 -6.18 -4.14
C TYR A 89 9.44 -7.51 -3.64
N TYR A 90 8.47 -8.02 -4.39
CA TYR A 90 7.69 -9.20 -4.07
C TYR A 90 7.49 -9.96 -5.36
N SER A 91 7.73 -11.28 -5.33
CA SER A 91 7.35 -12.13 -6.43
C SER A 91 5.89 -12.42 -6.14
N ILE A 92 5.00 -11.81 -6.92
CA ILE A 92 3.60 -12.14 -6.87
C ILE A 92 3.42 -13.29 -7.86
N GLU A 93 2.83 -14.40 -7.42
CA GLU A 93 2.41 -15.43 -8.35
C GLU A 93 1.05 -14.93 -8.81
N LYS A 94 0.95 -14.56 -10.08
CA LYS A 94 -0.18 -13.85 -10.65
C LYS A 94 -0.43 -14.45 -12.03
N GLU A 95 -1.68 -14.86 -12.31
CA GLU A 95 -2.05 -15.59 -13.52
C GLU A 95 -1.11 -16.78 -13.78
N GLY A 96 -0.73 -17.49 -12.71
CA GLY A 96 0.09 -18.69 -12.77
C GLY A 96 1.51 -18.42 -13.26
N GLN A 97 2.05 -17.22 -13.00
CA GLN A 97 3.44 -16.88 -13.30
C GLN A 97 4.02 -16.13 -12.10
N ARG A 98 5.32 -16.23 -11.86
CA ARG A 98 5.99 -15.48 -10.79
C ARG A 98 6.50 -14.19 -11.41
N LYS A 99 5.98 -13.05 -10.92
CA LYS A 99 6.15 -11.73 -11.52
C LYS A 99 6.60 -10.80 -10.42
N TRP A 100 7.67 -10.04 -10.64
CA TRP A 100 8.18 -9.09 -9.67
C TRP A 100 7.37 -7.81 -9.71
N TYR A 101 6.80 -7.41 -8.58
CA TYR A 101 6.18 -6.11 -8.36
C TYR A 101 6.82 -5.48 -7.11
N LYS A 102 6.75 -4.16 -6.98
CA LYS A 102 7.34 -3.38 -5.86
C LYS A 102 6.27 -3.05 -4.84
N ARG A 103 6.63 -2.60 -3.63
CA ARG A 103 5.65 -2.30 -2.54
C ARG A 103 4.42 -1.56 -3.05
N MET A 104 4.60 -0.41 -3.72
CA MET A 104 3.43 0.40 -4.11
C MET A 104 2.61 -0.22 -5.26
N ALA A 105 3.18 -1.22 -5.93
CA ALA A 105 2.54 -2.06 -6.92
C ALA A 105 1.99 -3.34 -6.28
N VAL A 106 2.19 -3.56 -4.98
CA VAL A 106 1.65 -4.68 -4.23
C VAL A 106 0.78 -4.06 -3.14
N ILE A 107 -0.49 -3.87 -3.47
CA ILE A 107 -1.41 -3.14 -2.61
C ILE A 107 -2.42 -4.13 -2.06
N LEU A 108 -3.16 -3.70 -1.05
CA LEU A 108 -4.11 -4.54 -0.35
C LEU A 108 -5.49 -3.98 -0.63
N SER A 109 -6.31 -4.76 -1.32
CA SER A 109 -7.73 -4.47 -1.47
C SER A 109 -8.29 -4.40 -0.05
N LEU A 110 -9.29 -3.55 0.21
CA LEU A 110 -9.72 -3.28 1.60
C LEU A 110 -10.08 -4.55 2.36
N GLU A 111 -10.69 -5.55 1.70
CA GLU A 111 -11.10 -6.81 2.31
C GLU A 111 -9.86 -7.59 2.78
N GLN A 112 -8.80 -7.58 1.98
CA GLN A 112 -7.51 -8.20 2.29
C GLN A 112 -6.87 -7.42 3.45
N GLY A 113 -6.80 -6.10 3.33
CA GLY A 113 -6.17 -5.21 4.30
C GLY A 113 -6.82 -5.30 5.67
N ASN A 114 -8.14 -5.58 5.74
CA ASN A 114 -8.84 -5.80 7.00
C ASN A 114 -8.16 -6.88 7.85
N ARG A 115 -7.73 -7.98 7.22
CA ARG A 115 -7.07 -9.11 7.91
C ARG A 115 -5.76 -8.69 8.60
N LEU A 116 -5.22 -7.51 8.27
CA LEU A 116 -4.02 -6.97 8.89
C LEU A 116 -4.37 -5.77 9.77
N ARG A 117 -5.49 -5.07 9.54
CA ARG A 117 -5.90 -3.90 10.32
C ARG A 117 -6.08 -4.25 11.80
N GLU A 118 -6.58 -5.45 12.07
CA GLU A 118 -6.77 -5.96 13.41
C GLU A 118 -5.46 -6.00 14.24
N GLN A 119 -4.27 -6.04 13.61
CA GLN A 119 -2.99 -6.06 14.31
C GLN A 119 -2.17 -4.79 14.05
N TYR A 120 -2.06 -4.38 12.78
CA TYR A 120 -1.15 -3.33 12.33
C TYR A 120 -1.79 -1.95 12.33
N GLY A 121 -3.12 -1.90 12.57
CA GLY A 121 -3.89 -0.68 12.71
C GLY A 121 -3.27 0.22 13.76
N LEU A 122 -3.02 1.51 13.44
CA LEU A 122 -2.55 2.46 14.45
C LEU A 122 -3.62 2.64 15.52
N GLY A 123 -4.86 2.79 15.04
CA GLY A 123 -6.02 3.05 15.86
C GLY A 123 -6.64 1.72 16.25
N ARG B 1 5.56 17.44 -14.10
CA ARG B 1 5.00 16.16 -14.62
C ARG B 1 5.29 15.02 -13.63
N ALA B 2 4.40 14.02 -13.58
CA ALA B 2 4.56 12.78 -12.84
C ALA B 2 4.09 11.62 -13.72
N HIS B 3 4.28 10.39 -13.24
CA HIS B 3 3.73 9.16 -13.82
C HIS B 3 2.18 9.19 -13.81
N SER B 4 1.61 8.18 -14.45
CA SER B 4 0.18 7.95 -14.68
C SER B 4 -0.65 7.83 -13.39
N SER B 5 -1.98 7.69 -13.55
CA SER B 5 -2.98 7.67 -12.49
C SER B 5 -2.83 6.53 -11.45
N HIS B 6 -1.91 5.58 -11.64
CA HIS B 6 -1.84 4.35 -10.86
C HIS B 6 -3.24 3.74 -10.84
N LEU B 7 -3.74 3.40 -9.66
CA LEU B 7 -5.08 2.92 -9.44
C LEU B 7 -5.71 3.89 -8.46
N SER B 9 -9.24 3.36 -6.83
CA SER B 9 -10.29 2.36 -6.62
C SER B 9 -11.72 2.92 -6.52
N LYS B 10 -11.87 4.25 -6.37
CA LYS B 10 -13.17 4.92 -6.35
C LYS B 10 -13.99 4.66 -7.62
N LYS B 11 -13.34 4.33 -8.75
CA LYS B 11 -13.98 3.90 -9.99
C LYS B 11 -13.14 2.76 -10.58
N GLY B 12 -13.73 1.96 -11.48
CA GLY B 12 -13.01 0.94 -12.22
C GLY B 12 -12.11 1.57 -13.28
N GLN B 13 -11.11 0.82 -13.74
CA GLN B 13 -10.12 1.26 -14.74
C GLN B 13 -9.92 0.21 -15.86
N SER B 14 -10.80 -0.81 -15.91
CA SER B 14 -10.93 -1.80 -16.99
C SER B 14 -9.62 -2.21 -17.68
N THR B 15 -8.76 -2.92 -16.95
CA THR B 15 -7.56 -3.57 -17.48
C THR B 15 -7.91 -4.36 -18.75
N GLY A 1 17.19 10.57 17.94
CA GLY A 1 15.96 9.77 17.80
C GLY A 1 16.03 8.86 16.58
N HIS A 2 16.12 7.53 16.81
CA HIS A 2 16.24 6.53 15.73
C HIS A 2 14.95 6.37 14.91
N MET A 3 13.81 6.79 15.47
CA MET A 3 12.49 6.68 14.85
C MET A 3 11.65 7.88 15.33
N ASN A 4 10.48 8.12 14.72
CA ASN A 4 9.58 9.22 15.06
C ASN A 4 8.14 8.73 15.09
N SER A 5 7.29 9.40 15.87
CA SER A 5 5.87 9.11 15.96
C SER A 5 5.18 9.39 14.63
N PHE A 6 4.93 8.34 13.84
CA PHE A 6 4.10 8.31 12.63
C PHE A 6 4.68 9.10 11.46
N VAL A 7 4.76 10.42 11.58
CA VAL A 7 5.18 11.35 10.54
C VAL A 7 6.59 10.95 10.08
N GLY A 8 6.69 10.54 8.81
CA GLY A 8 7.94 10.14 8.16
C GLY A 8 7.94 8.65 7.78
N LEU A 9 7.14 7.81 8.46
CA LEU A 9 7.17 6.36 8.27
C LEU A 9 6.52 5.96 6.95
N ARG A 10 7.13 4.97 6.28
CA ARG A 10 6.54 4.30 5.13
C ARG A 10 5.57 3.26 5.70
N VAL A 11 4.32 3.27 5.26
CA VAL A 11 3.25 2.45 5.78
C VAL A 11 2.32 2.08 4.61
N VAL A 12 1.23 1.38 4.87
CA VAL A 12 0.16 1.15 3.90
C VAL A 12 -1.07 1.82 4.49
N ALA A 13 -1.93 2.43 3.67
CA ALA A 13 -3.02 3.29 4.11
C ALA A 13 -4.19 3.10 3.16
N LYS A 14 -5.42 3.32 3.62
CA LYS A 14 -6.59 3.21 2.76
C LYS A 14 -6.72 4.52 2.01
N TRP A 15 -6.86 4.45 0.69
CA TRP A 15 -7.22 5.62 -0.08
C TRP A 15 -8.64 6.03 0.31
N SER A 16 -8.79 7.29 0.71
CA SER A 16 -9.96 7.87 1.36
C SER A 16 -11.31 7.72 0.63
N SER A 17 -11.32 7.62 -0.71
CA SER A 17 -12.57 7.39 -1.47
C SER A 17 -12.94 5.90 -1.45
N ASN A 18 -13.16 5.36 -0.24
CA ASN A 18 -13.49 3.96 0.06
C ASN A 18 -12.66 2.96 -0.75
N GLY A 19 -11.35 3.18 -0.82
CA GLY A 19 -10.46 2.45 -1.71
C GLY A 19 -9.74 1.30 -1.04
N TYR A 20 -8.83 0.69 -1.82
CA TYR A 20 -7.85 -0.30 -1.38
C TYR A 20 -6.76 0.37 -0.55
N PHE A 21 -5.92 -0.45 0.09
CA PHE A 21 -4.87 0.00 0.97
C PHE A 21 -3.58 0.03 0.13
N TYR A 22 -3.07 1.23 -0.14
CA TYR A 22 -1.90 1.47 -1.00
C TYR A 22 -0.70 1.81 -0.12
N SER A 23 0.53 1.68 -0.62
CA SER A 23 1.71 2.14 0.12
C SER A 23 1.79 3.67 0.11
N GLY A 24 2.28 4.26 1.20
CA GLY A 24 2.42 5.70 1.32
C GLY A 24 3.29 6.07 2.52
N LYS A 25 3.50 7.37 2.70
CA LYS A 25 4.43 7.94 3.67
C LYS A 25 3.63 8.95 4.47
N ILE A 26 3.66 8.87 5.80
CA ILE A 26 2.86 9.77 6.63
C ILE A 26 3.53 11.14 6.57
N THR A 27 2.78 12.19 6.25
CA THR A 27 3.32 13.51 5.96
C THR A 27 3.11 14.43 7.14
N ARG A 28 1.94 14.29 7.80
CA ARG A 28 1.59 15.05 9.01
C ARG A 28 0.36 14.45 9.70
N ASP A 29 0.35 14.44 11.03
CA ASP A 29 -0.81 14.12 11.87
C ASP A 29 -1.81 15.26 11.72
N VAL A 30 -2.87 15.06 10.93
CA VAL A 30 -3.85 16.08 10.64
C VAL A 30 -4.59 16.46 11.92
N GLY A 31 -5.09 15.47 12.67
CA GLY A 31 -5.82 15.68 13.91
C GLY A 31 -6.92 14.65 14.06
N ALA A 32 -7.49 14.48 15.24
CA ALA A 32 -8.58 13.56 15.52
C ALA A 32 -8.28 12.08 15.19
N GLY A 33 -7.02 11.74 14.88
CA GLY A 33 -6.59 10.41 14.47
C GLY A 33 -6.34 10.35 12.97
N LYS A 34 -6.66 11.39 12.20
CA LYS A 34 -6.31 11.50 10.80
C LYS A 34 -4.84 11.82 10.71
N TYR A 35 -4.17 11.17 9.77
CA TYR A 35 -2.80 11.44 9.35
C TYR A 35 -2.88 11.59 7.84
N LYS A 36 -2.20 12.59 7.27
CA LYS A 36 -2.15 12.78 5.84
C LYS A 36 -1.06 11.89 5.28
N LEU A 37 -1.34 11.27 4.15
CA LEU A 37 -0.54 10.20 3.58
C LEU A 37 -0.18 10.58 2.15
N LEU A 38 1.12 10.72 1.90
CA LEU A 38 1.70 10.86 0.58
C LEU A 38 1.83 9.44 0.04
N PHE A 39 0.84 9.00 -0.70
CA PHE A 39 0.89 7.72 -1.39
C PHE A 39 2.07 7.73 -2.36
N ASP A 40 2.63 6.55 -2.63
CA ASP A 40 3.88 6.44 -3.38
C ASP A 40 3.74 6.83 -4.86
N ASP A 41 2.51 6.83 -5.38
CA ASP A 41 2.17 7.38 -6.70
C ASP A 41 2.10 8.92 -6.71
N GLY A 42 2.29 9.56 -5.55
CA GLY A 42 2.46 11.00 -5.40
C GLY A 42 1.19 11.70 -4.90
N TYR A 43 0.10 10.96 -4.70
CA TYR A 43 -1.18 11.51 -4.27
C TYR A 43 -1.14 11.80 -2.77
N GLU A 44 -2.00 12.70 -2.29
CA GLU A 44 -2.04 13.14 -0.90
C GLU A 44 -3.50 13.32 -0.50
N CYS A 45 -3.94 12.58 0.53
CA CYS A 45 -5.24 12.74 1.18
C CYS A 45 -5.07 12.39 2.67
N ASP A 46 -6.07 12.71 3.48
CA ASP A 46 -6.12 12.38 4.90
C ASP A 46 -6.72 11.00 5.08
N VAL A 47 -6.19 10.25 6.05
CA VAL A 47 -6.60 8.88 6.34
C VAL A 47 -6.57 8.71 7.84
N LEU A 48 -7.58 8.06 8.40
CA LEU A 48 -7.68 7.81 9.83
C LEU A 48 -6.75 6.70 10.28
N GLY A 49 -6.31 6.77 11.53
CA GLY A 49 -5.37 5.81 12.12
C GLY A 49 -5.84 4.37 12.01
N LYS A 50 -7.14 4.10 12.19
CA LYS A 50 -7.63 2.73 12.04
C LYS A 50 -7.42 2.18 10.62
N ASP A 51 -7.26 3.06 9.63
CA ASP A 51 -7.12 2.74 8.22
C ASP A 51 -5.66 2.78 7.75
N ILE A 52 -4.67 2.66 8.65
CA ILE A 52 -3.25 2.70 8.29
C ILE A 52 -2.57 1.52 9.00
N LEU A 53 -1.69 0.82 8.28
CA LEU A 53 -0.96 -0.37 8.68
C LEU A 53 0.51 0.03 8.62
N LEU A 54 1.22 0.07 9.75
CA LEU A 54 2.57 0.67 9.78
C LEU A 54 3.74 -0.29 9.90
N CYS A 55 3.47 -1.58 10.02
CA CYS A 55 4.50 -2.60 10.21
C CYS A 55 4.16 -3.74 9.27
N ASP A 56 4.00 -3.38 7.98
CA ASP A 56 3.44 -4.25 6.95
C ASP A 56 4.34 -4.61 5.76
N PRO A 57 5.47 -5.32 5.98
CA PRO A 57 6.17 -5.94 4.87
C PRO A 57 5.20 -7.10 4.51
N ILE A 58 4.69 -7.19 3.28
CA ILE A 58 3.59 -8.11 2.99
C ILE A 58 4.04 -9.55 3.31
N PRO A 59 3.35 -10.28 4.20
CA PRO A 59 3.70 -11.65 4.52
C PRO A 59 3.56 -12.55 3.29
N LEU A 60 4.45 -13.52 3.13
CA LEU A 60 4.27 -14.55 2.12
C LEU A 60 2.95 -15.28 2.36
N ASP A 61 2.35 -15.75 1.26
CA ASP A 61 1.05 -16.41 1.19
C ASP A 61 -0.14 -15.47 1.40
N THR A 62 0.10 -14.17 1.68
CA THR A 62 -0.96 -13.16 1.69
C THR A 62 -1.41 -12.94 0.25
N GLU A 63 -2.73 -12.89 0.05
CA GLU A 63 -3.32 -12.50 -1.22
C GLU A 63 -3.19 -10.98 -1.33
N VAL A 64 -2.82 -10.50 -2.51
CA VAL A 64 -2.57 -9.09 -2.78
C VAL A 64 -3.00 -8.76 -4.21
N THR A 65 -3.24 -7.48 -4.44
CA THR A 65 -3.43 -6.96 -5.77
C THR A 65 -2.04 -6.55 -6.27
N ALA A 66 -1.69 -6.97 -7.48
CA ALA A 66 -0.49 -6.56 -8.17
C ALA A 66 -0.87 -5.43 -9.13
N LEU A 67 -0.01 -4.42 -9.23
CA LEU A 67 -0.28 -3.17 -9.92
C LEU A 67 0.93 -2.74 -10.73
N SER A 68 0.93 -3.01 -12.02
CA SER A 68 1.95 -2.42 -12.89
C SER A 68 1.69 -0.90 -12.83
N GLU A 69 2.74 -0.10 -12.68
CA GLU A 69 2.63 1.33 -12.39
C GLU A 69 1.70 2.04 -13.39
N ASP A 70 1.78 1.60 -14.65
CA ASP A 70 0.91 2.04 -15.74
C ASP A 70 -0.45 1.32 -15.68
N GLU A 71 -1.16 1.53 -14.57
CA GLU A 71 -2.52 1.13 -14.24
C GLU A 71 -2.94 -0.35 -14.34
N TYR A 72 -2.18 -1.27 -14.97
CA TYR A 72 -2.63 -2.66 -15.12
C TYR A 72 -2.86 -3.29 -13.75
N PHE A 73 -4.04 -3.90 -13.58
CA PHE A 73 -4.56 -4.37 -12.30
C PHE A 73 -4.91 -5.84 -12.39
N SER A 74 -4.36 -6.65 -11.47
CA SER A 74 -4.74 -8.04 -11.25
C SER A 74 -4.48 -8.41 -9.79
N ALA A 75 -4.80 -9.63 -9.35
CA ALA A 75 -4.49 -10.10 -8.00
C ALA A 75 -3.90 -11.51 -8.02
N GLY A 76 -3.17 -11.85 -6.96
CA GLY A 76 -2.37 -13.05 -6.83
C GLY A 76 -1.88 -13.15 -5.38
N VAL A 77 -0.80 -13.89 -5.13
CA VAL A 77 -0.32 -14.15 -3.77
C VAL A 77 1.19 -13.93 -3.70
N VAL A 78 1.71 -13.40 -2.59
CA VAL A 78 3.14 -13.31 -2.36
C VAL A 78 3.69 -14.74 -2.22
N LYS A 79 4.73 -15.10 -2.98
CA LYS A 79 5.46 -16.37 -2.83
C LYS A 79 6.98 -16.15 -2.79
N GLY A 80 7.45 -14.90 -2.63
CA GLY A 80 8.88 -14.61 -2.45
C GLY A 80 9.13 -13.15 -2.22
N HIS A 81 10.39 -12.80 -1.91
CA HIS A 81 10.85 -11.44 -1.58
C HIS A 81 12.18 -11.16 -2.28
N ARG A 82 12.46 -9.88 -2.51
CA ARG A 82 13.74 -9.38 -3.01
C ARG A 82 13.94 -7.98 -2.45
N LYS A 83 15.18 -7.49 -2.43
CA LYS A 83 15.52 -6.11 -2.12
C LYS A 83 16.44 -5.64 -3.24
N GLU A 84 16.07 -4.54 -3.89
CA GLU A 84 16.77 -4.02 -5.05
C GLU A 84 16.60 -2.50 -5.06
N SER A 85 17.65 -1.76 -5.41
CA SER A 85 17.65 -0.29 -5.46
C SER A 85 17.10 0.37 -4.18
N GLY A 86 17.28 -0.29 -3.02
CA GLY A 86 16.77 0.18 -1.74
C GLY A 86 15.24 0.20 -1.68
N GLU A 87 14.56 -0.74 -2.35
CA GLU A 87 13.12 -0.86 -2.39
C GLU A 87 12.79 -2.34 -2.28
N LEU A 88 11.62 -2.63 -1.71
CA LEU A 88 11.19 -3.96 -1.33
C LEU A 88 10.36 -4.54 -2.46
N TYR A 89 10.69 -5.77 -2.86
CA TYR A 89 10.10 -6.48 -3.99
C TYR A 89 9.51 -7.79 -3.49
N TYR A 90 8.55 -8.29 -4.25
CA TYR A 90 7.77 -9.46 -3.93
C TYR A 90 7.59 -10.24 -5.21
N SER A 91 7.84 -11.54 -5.17
CA SER A 91 7.49 -12.43 -6.26
C SER A 91 6.04 -12.74 -5.97
N ILE A 92 5.14 -12.12 -6.73
CA ILE A 92 3.73 -12.47 -6.66
C ILE A 92 3.56 -13.64 -7.62
N GLU A 93 2.98 -14.74 -7.15
CA GLU A 93 2.57 -15.79 -8.05
C GLU A 93 1.20 -15.31 -8.52
N LYS A 94 1.10 -15.04 -9.81
CA LYS A 94 -0.01 -14.36 -10.45
C LYS A 94 -0.19 -15.04 -11.80
N GLU A 95 -1.42 -15.36 -12.19
CA GLU A 95 -1.72 -16.21 -13.35
C GLU A 95 -0.94 -17.54 -13.28
N GLY A 96 -0.74 -18.05 -12.05
CA GLY A 96 -0.11 -19.34 -11.80
C GLY A 96 1.40 -19.37 -12.05
N GLN A 97 2.06 -18.20 -12.13
CA GLN A 97 3.49 -18.07 -12.41
C GLN A 97 4.09 -16.90 -11.64
N ARG A 98 5.40 -16.90 -11.40
CA ARG A 98 6.08 -15.91 -10.56
C ARG A 98 6.30 -14.63 -11.37
N LYS A 99 6.02 -13.48 -10.76
CA LYS A 99 6.14 -12.16 -11.36
C LYS A 99 6.63 -11.21 -10.28
N TRP A 100 7.70 -10.46 -10.53
CA TRP A 100 8.20 -9.48 -9.57
C TRP A 100 7.39 -8.20 -9.65
N TYR A 101 6.90 -7.74 -8.49
CA TYR A 101 6.29 -6.43 -8.28
C TYR A 101 6.96 -5.81 -7.05
N LYS A 102 6.81 -4.50 -6.83
CA LYS A 102 7.43 -3.76 -5.72
C LYS A 102 6.37 -3.28 -4.76
N ARG A 103 6.74 -2.83 -3.56
CA ARG A 103 5.83 -2.43 -2.49
C ARG A 103 4.62 -1.60 -2.96
N MET A 104 4.78 -0.48 -3.66
CA MET A 104 3.60 0.30 -4.09
C MET A 104 2.78 -0.36 -5.21
N ALA A 105 3.36 -1.35 -5.88
CA ALA A 105 2.72 -2.22 -6.87
C ALA A 105 2.16 -3.49 -6.22
N VAL A 106 2.33 -3.71 -4.92
CA VAL A 106 1.80 -4.83 -4.20
C VAL A 106 0.90 -4.24 -3.12
N ILE A 107 -0.37 -4.07 -3.45
CA ILE A 107 -1.32 -3.38 -2.60
C ILE A 107 -2.27 -4.42 -2.03
N LEU A 108 -3.03 -4.03 -1.01
CA LEU A 108 -3.93 -4.93 -0.31
C LEU A 108 -5.32 -4.41 -0.57
N SER A 109 -6.15 -5.23 -1.20
CA SER A 109 -7.58 -4.96 -1.31
C SER A 109 -8.10 -4.86 0.12
N LEU A 110 -9.09 -3.99 0.40
CA LEU A 110 -9.50 -3.67 1.77
C LEU A 110 -9.83 -4.90 2.61
N GLU A 111 -10.42 -5.93 1.99
CA GLU A 111 -10.81 -7.16 2.67
C GLU A 111 -9.58 -7.95 3.12
N GLN A 112 -8.51 -7.91 2.30
CA GLN A 112 -7.22 -8.53 2.60
C GLN A 112 -6.55 -7.73 3.71
N GLY A 113 -6.51 -6.40 3.56
CA GLY A 113 -5.86 -5.50 4.51
C GLY A 113 -6.51 -5.54 5.88
N ASN A 114 -7.80 -5.83 5.97
CA ASN A 114 -8.49 -6.01 7.25
C ASN A 114 -7.84 -7.08 8.12
N ARG A 115 -7.39 -8.19 7.52
CA ARG A 115 -6.72 -9.27 8.27
C ARG A 115 -5.44 -8.76 8.95
N LEU A 116 -4.87 -7.65 8.48
CA LEU A 116 -3.68 -7.02 9.03
C LEU A 116 -4.05 -5.86 9.96
N ARG A 117 -5.21 -5.22 9.77
CA ARG A 117 -5.64 -4.05 10.56
C ARG A 117 -5.67 -4.37 12.05
N GLU A 118 -6.13 -5.58 12.39
CA GLU A 118 -6.21 -6.03 13.78
C GLU A 118 -4.84 -6.05 14.50
N GLN A 119 -3.71 -6.07 13.77
CA GLN A 119 -2.38 -6.07 14.37
C GLN A 119 -1.59 -4.79 14.06
N TYR A 120 -1.56 -4.40 12.79
CA TYR A 120 -0.70 -3.33 12.28
C TYR A 120 -1.41 -1.97 12.30
N GLY A 121 -2.71 -1.97 12.58
CA GLY A 121 -3.56 -0.79 12.66
C GLY A 121 -3.00 0.23 13.66
N LEU A 122 -2.88 1.50 13.27
CA LEU A 122 -2.48 2.54 14.23
C LEU A 122 -3.58 2.71 15.27
N GLY A 123 -4.82 2.78 14.79
CA GLY A 123 -5.99 3.02 15.59
C GLY A 123 -6.45 1.70 16.21
N ARG B 1 5.89 15.41 -16.09
CA ARG B 1 5.40 14.01 -15.91
C ARG B 1 5.11 13.73 -14.43
N ALA B 2 4.03 12.99 -14.16
CA ALA B 2 3.70 12.44 -12.84
C ALA B 2 3.65 10.91 -12.98
N HIS B 3 3.33 10.20 -11.91
CA HIS B 3 3.14 8.75 -11.95
C HIS B 3 2.06 8.38 -12.97
N SER B 4 2.15 7.17 -13.53
CA SER B 4 1.34 6.66 -14.64
C SER B 4 -0.11 6.30 -14.24
N SER B 5 -0.79 7.19 -13.50
CA SER B 5 -2.16 7.10 -13.00
C SER B 5 -2.37 6.04 -11.92
N HIS B 6 -1.57 4.97 -11.90
CA HIS B 6 -1.78 3.81 -11.07
C HIS B 6 -3.23 3.32 -11.18
N LEU B 7 -3.70 2.64 -10.16
CA LEU B 7 -5.08 2.27 -9.93
C LEU B 7 -5.55 3.21 -8.86
N SER B 9 -8.87 3.32 -6.78
CA SER B 9 -10.02 2.44 -6.55
C SER B 9 -11.36 3.19 -6.41
N LYS B 10 -11.35 4.53 -6.43
CA LYS B 10 -12.54 5.38 -6.54
C LYS B 10 -13.37 4.97 -7.78
N LYS B 11 -12.70 4.77 -8.93
CA LYS B 11 -13.30 4.36 -10.21
C LYS B 11 -12.45 3.26 -10.89
N GLY B 12 -11.58 2.58 -10.14
CA GLY B 12 -10.55 1.66 -10.63
C GLY B 12 -9.49 2.38 -11.44
N GLN B 13 -9.84 2.83 -12.64
CA GLN B 13 -9.00 3.65 -13.53
C GLN B 13 -9.84 4.54 -14.46
N SER B 14 -11.17 4.38 -14.49
CA SER B 14 -12.05 5.10 -15.42
C SER B 14 -12.14 6.59 -15.07
N THR B 15 -12.57 7.40 -16.03
CA THR B 15 -12.82 8.83 -15.90
C THR B 15 -14.13 9.10 -16.65
N GLY A 1 16.91 6.20 22.12
CA GLY A 1 16.16 6.76 20.97
C GLY A 1 15.19 5.75 20.37
N HIS A 2 14.28 6.23 19.51
CA HIS A 2 13.31 5.43 18.77
C HIS A 2 12.97 6.14 17.45
N MET A 3 12.24 5.46 16.56
CA MET A 3 11.67 6.08 15.37
C MET A 3 10.71 7.21 15.77
N ASN A 4 10.52 8.20 14.88
CA ASN A 4 9.58 9.28 15.13
C ASN A 4 8.15 8.75 15.19
N SER A 5 7.29 9.40 15.97
CA SER A 5 5.89 9.10 16.06
C SER A 5 5.20 9.35 14.71
N PHE A 6 4.97 8.28 13.93
CA PHE A 6 4.17 8.22 12.71
C PHE A 6 4.74 9.00 11.53
N VAL A 7 4.84 10.31 11.65
CA VAL A 7 5.23 11.23 10.59
C VAL A 7 6.63 10.85 10.10
N GLY A 8 6.73 10.43 8.84
CA GLY A 8 7.95 10.02 8.17
C GLY A 8 7.95 8.53 7.80
N LEU A 9 7.16 7.70 8.49
CA LEU A 9 7.21 6.24 8.32
C LEU A 9 6.56 5.82 7.02
N ARG A 10 7.19 4.87 6.31
CA ARG A 10 6.57 4.20 5.16
C ARG A 10 5.60 3.18 5.76
N VAL A 11 4.36 3.19 5.29
CA VAL A 11 3.26 2.38 5.79
C VAL A 11 2.35 2.05 4.58
N VAL A 12 1.23 1.39 4.81
CA VAL A 12 0.19 1.19 3.80
C VAL A 12 -1.06 1.85 4.40
N ALA A 13 -1.91 2.49 3.60
CA ALA A 13 -3.01 3.31 4.09
C ALA A 13 -4.17 3.15 3.14
N LYS A 14 -5.40 3.35 3.62
CA LYS A 14 -6.57 3.22 2.75
C LYS A 14 -6.70 4.53 2.02
N TRP A 15 -6.79 4.47 0.69
CA TRP A 15 -7.14 5.65 -0.08
C TRP A 15 -8.57 6.03 0.33
N SER A 16 -8.72 7.27 0.79
CA SER A 16 -9.89 7.82 1.46
C SER A 16 -11.22 7.65 0.73
N SER A 17 -11.24 7.59 -0.61
CA SER A 17 -12.45 7.43 -1.40
C SER A 17 -12.88 5.95 -1.46
N ASN A 18 -13.04 5.34 -0.28
CA ASN A 18 -13.38 3.93 -0.04
C ASN A 18 -12.56 2.95 -0.90
N GLY A 19 -11.25 3.18 -1.00
CA GLY A 19 -10.36 2.40 -1.87
C GLY A 19 -9.63 1.28 -1.15
N TYR A 20 -8.68 0.69 -1.86
CA TYR A 20 -7.71 -0.29 -1.37
C TYR A 20 -6.68 0.39 -0.48
N PHE A 21 -5.88 -0.43 0.21
CA PHE A 21 -4.75 0.03 0.99
C PHE A 21 -3.54 0.15 0.04
N TYR A 22 -3.13 1.37 -0.28
CA TYR A 22 -1.98 1.67 -1.13
C TYR A 22 -0.80 2.01 -0.23
N SER A 23 0.43 1.75 -0.67
CA SER A 23 1.64 2.08 0.09
C SER A 23 1.88 3.60 0.08
N GLY A 24 2.44 4.15 1.15
CA GLY A 24 2.64 5.59 1.29
C GLY A 24 3.48 5.94 2.50
N LYS A 25 3.61 7.24 2.76
CA LYS A 25 4.48 7.83 3.78
C LYS A 25 3.63 8.81 4.58
N ILE A 26 3.66 8.75 5.91
CA ILE A 26 2.86 9.67 6.72
C ILE A 26 3.54 11.04 6.64
N THR A 27 2.78 12.10 6.36
CA THR A 27 3.34 13.42 6.08
C THR A 27 3.13 14.35 7.26
N ARG A 28 1.98 14.21 7.94
CA ARG A 28 1.63 14.99 9.12
C ARG A 28 0.39 14.43 9.81
N ASP A 29 0.37 14.42 11.14
CA ASP A 29 -0.80 14.14 11.96
C ASP A 29 -1.78 15.30 11.79
N VAL A 30 -2.84 15.11 11.01
CA VAL A 30 -3.83 16.13 10.70
C VAL A 30 -4.56 16.51 12.00
N GLY A 31 -5.06 15.51 12.75
CA GLY A 31 -5.77 15.72 14.00
C GLY A 31 -6.84 14.66 14.16
N ALA A 32 -7.36 14.48 15.37
CA ALA A 32 -8.43 13.53 15.68
C ALA A 32 -8.12 12.06 15.36
N GLY A 33 -6.86 11.74 15.01
CA GLY A 33 -6.45 10.42 14.54
C GLY A 33 -6.27 10.39 13.03
N LYS A 34 -6.63 11.43 12.27
CA LYS A 34 -6.28 11.53 10.87
C LYS A 34 -4.81 11.87 10.78
N TYR A 35 -4.13 11.22 9.86
CA TYR A 35 -2.77 11.51 9.43
C TYR A 35 -2.87 11.66 7.91
N LYS A 36 -2.17 12.64 7.34
CA LYS A 36 -2.12 12.81 5.91
C LYS A 36 -1.03 11.89 5.38
N LEU A 37 -1.30 11.28 4.24
CA LEU A 37 -0.49 10.21 3.67
C LEU A 37 -0.12 10.60 2.26
N LEU A 38 1.19 10.71 2.04
CA LEU A 38 1.78 10.85 0.72
C LEU A 38 1.89 9.43 0.20
N PHE A 39 0.89 9.00 -0.56
CA PHE A 39 0.95 7.74 -1.27
C PHE A 39 2.18 7.72 -2.18
N ASP A 40 2.72 6.53 -2.41
CA ASP A 40 4.03 6.38 -3.08
C ASP A 40 3.96 6.82 -4.54
N ASP A 41 2.76 6.94 -5.12
CA ASP A 41 2.49 7.49 -6.45
C ASP A 41 2.35 9.03 -6.44
N GLY A 42 2.53 9.68 -5.29
CA GLY A 42 2.65 11.13 -5.16
C GLY A 42 1.38 11.81 -4.65
N TYR A 43 0.29 11.07 -4.47
CA TYR A 43 -1.00 11.61 -4.07
C TYR A 43 -1.01 11.88 -2.57
N GLU A 44 -1.86 12.80 -2.10
CA GLU A 44 -1.89 13.22 -0.70
C GLU A 44 -3.36 13.44 -0.30
N CYS A 45 -3.82 12.66 0.67
CA CYS A 45 -5.15 12.75 1.28
C CYS A 45 -5.02 12.42 2.78
N ASP A 46 -6.03 12.75 3.56
CA ASP A 46 -6.11 12.41 4.98
C ASP A 46 -6.65 11.00 5.12
N VAL A 47 -6.10 10.26 6.08
CA VAL A 47 -6.51 8.90 6.38
C VAL A 47 -6.48 8.74 7.89
N LEU A 48 -7.53 8.13 8.45
CA LEU A 48 -7.60 7.87 9.88
C LEU A 48 -6.62 6.78 10.27
N GLY A 49 -6.08 6.83 11.49
CA GLY A 49 -5.17 5.83 12.03
C GLY A 49 -5.74 4.43 11.97
N LYS A 50 -7.06 4.30 12.14
CA LYS A 50 -7.77 3.02 11.99
C LYS A 50 -7.50 2.39 10.61
N ASP A 51 -7.15 3.18 9.61
CA ASP A 51 -7.04 2.80 8.20
C ASP A 51 -5.58 2.87 7.72
N ILE A 52 -4.59 2.80 8.62
CA ILE A 52 -3.17 2.79 8.25
C ILE A 52 -2.54 1.57 8.93
N LEU A 53 -1.75 0.82 8.17
CA LEU A 53 -1.08 -0.41 8.51
C LEU A 53 0.41 -0.06 8.51
N LEU A 54 1.08 -0.04 9.67
CA LEU A 54 2.44 0.52 9.73
C LEU A 54 3.57 -0.48 9.91
N CYS A 55 3.26 -1.75 10.08
CA CYS A 55 4.25 -2.80 10.30
C CYS A 55 3.90 -3.90 9.31
N ASP A 56 3.81 -3.50 8.04
CA ASP A 56 3.26 -4.31 6.96
C ASP A 56 4.20 -4.64 5.79
N PRO A 57 5.30 -5.38 6.03
CA PRO A 57 6.03 -5.99 4.93
C PRO A 57 5.08 -7.15 4.55
N ILE A 58 4.60 -7.24 3.30
CA ILE A 58 3.51 -8.16 2.99
C ILE A 58 3.95 -9.61 3.31
N PRO A 59 3.22 -10.34 4.18
CA PRO A 59 3.54 -11.72 4.48
C PRO A 59 3.41 -12.58 3.22
N LEU A 60 4.30 -13.57 3.08
CA LEU A 60 4.16 -14.58 2.03
C LEU A 60 2.80 -15.29 2.19
N ASP A 61 2.25 -15.71 1.06
CA ASP A 61 0.93 -16.35 0.92
C ASP A 61 -0.25 -15.38 1.11
N THR A 62 0.00 -14.10 1.43
CA THR A 62 -1.05 -13.07 1.42
C THR A 62 -1.45 -12.82 -0.03
N GLU A 63 -2.77 -12.74 -0.27
CA GLU A 63 -3.30 -12.33 -1.56
C GLU A 63 -3.28 -10.81 -1.62
N VAL A 64 -2.85 -10.27 -2.76
CA VAL A 64 -2.58 -8.86 -2.96
C VAL A 64 -2.94 -8.48 -4.39
N THR A 65 -3.09 -7.19 -4.62
CA THR A 65 -3.20 -6.63 -5.94
C THR A 65 -1.76 -6.32 -6.36
N ALA A 66 -1.44 -6.62 -7.63
CA ALA A 66 -0.16 -6.37 -8.26
C ALA A 66 -0.40 -5.38 -9.40
N LEU A 67 0.56 -4.47 -9.57
CA LEU A 67 0.43 -3.32 -10.46
C LEU A 67 1.73 -3.10 -11.19
N SER A 68 1.70 -2.99 -12.52
CA SER A 68 2.86 -2.52 -13.25
C SER A 68 3.06 -1.03 -12.87
N GLU A 69 4.19 -0.43 -13.24
CA GLU A 69 4.44 0.99 -13.01
C GLU A 69 3.57 1.91 -13.91
N ASP A 70 2.57 1.33 -14.57
CA ASP A 70 1.49 1.95 -15.31
C ASP A 70 0.25 1.07 -15.06
N GLU A 71 -0.95 1.54 -15.42
CA GLU A 71 -2.27 1.02 -15.09
C GLU A 71 -2.64 -0.47 -15.35
N TYR A 72 -1.69 -1.33 -15.73
CA TYR A 72 -1.91 -2.76 -15.78
C TYR A 72 -2.08 -3.23 -14.35
N PHE A 73 -3.23 -3.82 -14.04
CA PHE A 73 -3.68 -4.15 -12.69
C PHE A 73 -4.26 -5.57 -12.69
N SER A 74 -3.85 -6.37 -11.71
CA SER A 74 -4.37 -7.72 -11.46
C SER A 74 -4.21 -8.06 -9.96
N ALA A 75 -4.65 -9.23 -9.50
CA ALA A 75 -4.37 -9.72 -8.16
C ALA A 75 -3.80 -11.14 -8.21
N GLY A 76 -3.05 -11.51 -7.17
CA GLY A 76 -2.24 -12.73 -7.07
C GLY A 76 -1.73 -12.85 -5.63
N VAL A 77 -0.71 -13.67 -5.38
CA VAL A 77 -0.27 -13.97 -4.01
C VAL A 77 1.24 -13.77 -3.89
N VAL A 78 1.72 -13.26 -2.77
CA VAL A 78 3.16 -13.19 -2.51
C VAL A 78 3.68 -14.63 -2.38
N LYS A 79 4.73 -15.00 -3.12
CA LYS A 79 5.43 -16.28 -2.94
C LYS A 79 6.95 -16.08 -2.81
N GLY A 80 7.41 -14.84 -2.62
CA GLY A 80 8.81 -14.57 -2.34
C GLY A 80 9.08 -13.08 -2.14
N HIS A 81 10.34 -12.75 -1.87
CA HIS A 81 10.85 -11.42 -1.50
C HIS A 81 12.20 -11.15 -2.17
N ARG A 82 12.52 -9.87 -2.37
CA ARG A 82 13.82 -9.38 -2.79
C ARG A 82 13.99 -7.98 -2.21
N LYS A 83 15.24 -7.49 -2.16
CA LYS A 83 15.57 -6.11 -1.83
C LYS A 83 16.49 -5.62 -2.94
N GLU A 84 16.14 -4.51 -3.57
CA GLU A 84 16.88 -3.97 -4.72
C GLU A 84 16.69 -2.46 -4.72
N SER A 85 17.75 -1.71 -5.05
CA SER A 85 17.72 -0.25 -5.15
C SER A 85 17.11 0.46 -3.91
N GLY A 86 17.24 -0.16 -2.73
CA GLY A 86 16.67 0.37 -1.49
C GLY A 86 15.14 0.36 -1.52
N GLU A 87 14.52 -0.64 -2.15
CA GLU A 87 13.08 -0.83 -2.20
C GLU A 87 12.85 -2.33 -2.03
N LEU A 88 11.69 -2.67 -1.48
CA LEU A 88 11.27 -4.00 -1.15
C LEU A 88 10.46 -4.55 -2.32
N TYR A 89 10.77 -5.77 -2.70
CA TYR A 89 10.21 -6.46 -3.84
C TYR A 89 9.59 -7.77 -3.39
N TYR A 90 8.64 -8.24 -4.17
CA TYR A 90 7.85 -9.42 -3.89
C TYR A 90 7.72 -10.16 -5.21
N SER A 91 8.06 -11.44 -5.24
CA SER A 91 7.77 -12.29 -6.38
C SER A 91 6.34 -12.76 -6.16
N ILE A 92 5.40 -12.06 -6.79
CA ILE A 92 3.98 -12.40 -6.74
C ILE A 92 3.81 -13.56 -7.71
N GLU A 93 3.09 -14.61 -7.30
CA GLU A 93 2.66 -15.66 -8.21
C GLU A 93 1.26 -15.25 -8.66
N LYS A 94 1.11 -15.07 -9.98
CA LYS A 94 -0.06 -14.50 -10.61
C LYS A 94 -0.21 -15.25 -11.93
N GLU A 95 -1.42 -15.67 -12.30
CA GLU A 95 -1.65 -16.56 -13.44
C GLU A 95 -0.78 -17.84 -13.38
N GLY A 96 -0.51 -18.31 -12.15
CA GLY A 96 0.22 -19.57 -11.92
C GLY A 96 1.70 -19.49 -12.27
N GLN A 97 2.28 -18.29 -12.37
CA GLN A 97 3.69 -18.05 -12.69
C GLN A 97 4.18 -16.87 -11.87
N ARG A 98 5.50 -16.74 -11.64
CA ARG A 98 6.03 -15.77 -10.68
C ARG A 98 6.56 -14.54 -11.43
N LYS A 99 6.35 -13.36 -10.83
CA LYS A 99 6.57 -12.06 -11.43
C LYS A 99 7.03 -11.13 -10.31
N TRP A 100 8.10 -10.36 -10.52
CA TRP A 100 8.57 -9.41 -9.52
C TRP A 100 7.74 -8.13 -9.58
N TYR A 101 7.26 -7.67 -8.44
CA TYR A 101 6.62 -6.36 -8.25
C TYR A 101 7.27 -5.71 -7.00
N LYS A 102 7.12 -4.39 -6.85
CA LYS A 102 7.75 -3.60 -5.77
C LYS A 102 6.71 -3.20 -4.73
N ARG A 103 7.08 -2.74 -3.54
CA ARG A 103 6.10 -2.44 -2.47
C ARG A 103 4.98 -1.50 -2.91
N MET A 104 5.25 -0.42 -3.66
CA MET A 104 4.16 0.44 -4.12
C MET A 104 3.27 -0.22 -5.18
N ALA A 105 3.80 -1.23 -5.87
CA ALA A 105 3.09 -2.03 -6.86
C ALA A 105 2.38 -3.23 -6.21
N VAL A 106 2.61 -3.51 -4.93
CA VAL A 106 2.03 -4.64 -4.23
C VAL A 106 1.15 -4.04 -3.14
N ILE A 107 -0.12 -3.87 -3.47
CA ILE A 107 -1.09 -3.19 -2.63
C ILE A 107 -2.08 -4.23 -2.13
N LEU A 108 -2.85 -3.89 -1.10
CA LEU A 108 -3.77 -4.83 -0.46
C LEU A 108 -5.17 -4.38 -0.80
N SER A 109 -5.91 -5.22 -1.53
CA SER A 109 -7.33 -5.03 -1.76
C SER A 109 -8.00 -4.88 -0.40
N LEU A 110 -9.08 -4.11 -0.28
CA LEU A 110 -9.62 -3.74 1.04
C LEU A 110 -9.97 -4.93 1.92
N GLU A 111 -10.42 -6.03 1.34
CA GLU A 111 -10.78 -7.24 2.08
C GLU A 111 -9.51 -7.90 2.65
N GLN A 112 -8.41 -7.84 1.91
CA GLN A 112 -7.10 -8.35 2.34
C GLN A 112 -6.60 -7.48 3.49
N GLY A 113 -6.57 -6.16 3.30
CA GLY A 113 -6.01 -5.23 4.27
C GLY A 113 -6.77 -5.24 5.58
N ASN A 114 -8.07 -5.57 5.57
CA ASN A 114 -8.83 -5.74 6.81
C ASN A 114 -8.21 -6.80 7.72
N ARG A 115 -7.79 -7.94 7.16
CA ARG A 115 -7.14 -9.02 7.93
C ARG A 115 -5.84 -8.56 8.59
N LEU A 116 -5.25 -7.44 8.15
CA LEU A 116 -4.06 -6.85 8.72
C LEU A 116 -4.41 -5.70 9.66
N ARG A 117 -5.54 -5.01 9.44
CA ARG A 117 -5.96 -3.84 10.23
C ARG A 117 -6.08 -4.19 11.70
N GLU A 118 -6.58 -5.38 12.01
CA GLU A 118 -6.72 -5.87 13.37
C GLU A 118 -5.39 -5.91 14.15
N GLN A 119 -4.23 -5.96 13.48
CA GLN A 119 -2.92 -6.00 14.14
C GLN A 119 -2.09 -4.75 13.86
N TYR A 120 -2.00 -4.35 12.58
CA TYR A 120 -1.09 -3.31 12.10
C TYR A 120 -1.74 -1.93 12.10
N GLY A 121 -3.07 -1.89 12.31
CA GLY A 121 -3.86 -0.68 12.44
C GLY A 121 -3.25 0.25 13.48
N LEU A 122 -3.07 1.54 13.17
CA LEU A 122 -2.61 2.51 14.16
C LEU A 122 -3.70 2.69 15.21
N GLY A 123 -4.94 2.91 14.75
CA GLY A 123 -6.07 3.18 15.61
C GLY A 123 -6.68 1.87 16.08
N ARG B 1 7.10 15.12 -7.16
CA ARG B 1 7.02 13.87 -7.97
C ARG B 1 5.55 13.43 -8.12
N ALA B 2 4.91 13.80 -9.23
CA ALA B 2 3.60 13.24 -9.62
C ALA B 2 3.86 11.87 -10.27
N HIS B 3 2.84 11.22 -10.80
CA HIS B 3 2.96 9.92 -11.45
C HIS B 3 1.84 9.73 -12.47
N SER B 4 1.90 8.63 -13.23
CA SER B 4 0.82 8.16 -14.09
C SER B 4 -0.45 7.87 -13.26
N SER B 5 -1.55 7.56 -13.95
CA SER B 5 -2.85 7.27 -13.34
C SER B 5 -2.79 6.17 -12.26
N HIS B 6 -1.83 5.24 -12.39
CA HIS B 6 -1.67 4.02 -11.60
C HIS B 6 -2.98 3.26 -11.51
N LEU B 7 -3.76 3.49 -10.47
CA LEU B 7 -4.95 2.73 -10.11
C LEU B 7 -5.65 3.56 -9.05
N SER B 9 -9.01 2.51 -7.14
CA SER B 9 -9.91 1.37 -6.93
C SER B 9 -11.42 1.67 -6.94
N LYS B 10 -11.79 2.96 -6.87
CA LYS B 10 -13.17 3.42 -7.09
C LYS B 10 -13.18 4.57 -8.10
N LYS B 11 -12.53 5.70 -7.79
CA LYS B 11 -12.62 6.91 -8.61
C LYS B 11 -12.14 6.74 -10.06
N GLY B 12 -11.28 5.76 -10.33
CA GLY B 12 -10.74 5.46 -11.65
C GLY B 12 -10.99 3.99 -12.03
N GLN B 13 -12.07 3.39 -11.52
CA GLN B 13 -12.43 2.01 -11.80
C GLN B 13 -13.95 1.87 -11.97
N SER B 14 -14.74 2.51 -11.10
CA SER B 14 -16.19 2.61 -11.25
C SER B 14 -16.60 3.51 -12.42
N THR B 15 -15.66 4.33 -12.93
CA THR B 15 -15.85 5.32 -13.98
C THR B 15 -14.56 5.28 -14.82
N GLY A 1 18.23 8.57 8.82
CA GLY A 1 16.85 8.09 9.10
C GLY A 1 16.80 7.18 10.32
N HIS A 2 15.78 7.33 11.16
CA HIS A 2 15.56 6.53 12.38
C HIS A 2 14.06 6.41 12.63
N MET A 3 13.67 5.53 13.57
CA MET A 3 12.30 5.42 14.06
C MET A 3 11.82 6.75 14.64
N ASN A 4 10.53 7.04 14.49
CA ASN A 4 9.90 8.26 15.00
C ASN A 4 8.42 7.98 15.25
N SER A 5 7.75 8.83 16.02
CA SER A 5 6.31 8.78 16.25
C SER A 5 5.54 9.07 14.95
N PHE A 6 5.29 8.02 14.15
CA PHE A 6 4.44 8.00 12.95
C PHE A 6 5.01 8.78 11.78
N VAL A 7 5.13 10.09 11.91
CA VAL A 7 5.57 11.01 10.87
C VAL A 7 6.95 10.56 10.37
N GLY A 8 7.03 10.15 9.10
CA GLY A 8 8.24 9.73 8.44
C GLY A 8 8.22 8.23 8.07
N LEU A 9 7.38 7.42 8.72
CA LEU A 9 7.37 5.97 8.53
C LEU A 9 6.74 5.61 7.20
N ARG A 10 7.34 4.65 6.49
CA ARG A 10 6.75 4.02 5.30
C ARG A 10 5.69 3.05 5.82
N VAL A 11 4.47 3.15 5.32
CA VAL A 11 3.32 2.37 5.80
C VAL A 11 2.41 2.11 4.58
N VAL A 12 1.27 1.47 4.80
CA VAL A 12 0.21 1.34 3.79
C VAL A 12 -1.00 2.04 4.40
N ALA A 13 -1.90 2.59 3.59
CA ALA A 13 -3.02 3.40 4.04
C ALA A 13 -4.18 3.25 3.07
N LYS A 14 -5.41 3.44 3.53
CA LYS A 14 -6.58 3.34 2.67
C LYS A 14 -6.75 4.68 1.98
N TRP A 15 -6.85 4.64 0.65
CA TRP A 15 -7.25 5.82 -0.09
C TRP A 15 -8.78 5.93 0.02
N SER A 16 -9.29 7.16 0.04
CA SER A 16 -10.69 7.50 0.27
C SER A 16 -11.62 7.01 -0.86
N SER A 17 -12.90 7.41 -0.84
CA SER A 17 -13.89 6.93 -1.82
C SER A 17 -13.97 5.39 -1.82
N ASN A 18 -13.87 4.80 -0.62
CA ASN A 18 -13.80 3.37 -0.35
C ASN A 18 -12.76 2.63 -1.22
N GLY A 19 -11.54 3.17 -1.30
CA GLY A 19 -10.47 2.62 -2.12
C GLY A 19 -9.68 1.50 -1.44
N TYR A 20 -8.73 0.96 -2.20
CA TYR A 20 -7.73 -0.02 -1.78
C TYR A 20 -6.68 0.65 -0.91
N PHE A 21 -5.83 -0.16 -0.29
CA PHE A 21 -4.84 0.28 0.66
C PHE A 21 -3.53 0.36 -0.13
N TYR A 22 -3.04 1.59 -0.36
CA TYR A 22 -1.87 1.88 -1.19
C TYR A 22 -0.71 2.22 -0.25
N SER A 23 0.53 2.03 -0.71
CA SER A 23 1.73 2.38 0.03
C SER A 23 1.88 3.90 0.14
N GLY A 24 2.51 4.39 1.22
CA GLY A 24 2.84 5.79 1.38
C GLY A 24 3.77 6.02 2.55
N LYS A 25 4.05 7.28 2.88
CA LYS A 25 4.79 7.66 4.08
C LYS A 25 3.94 8.66 4.83
N ILE A 26 3.92 8.59 6.16
CA ILE A 26 3.14 9.52 6.97
C ILE A 26 3.88 10.86 6.91
N THR A 27 3.18 11.96 6.65
CA THR A 27 3.80 13.25 6.35
C THR A 27 3.61 14.20 7.53
N ARG A 28 2.44 14.13 8.17
CA ARG A 28 2.12 14.90 9.38
C ARG A 28 0.88 14.34 10.07
N ASP A 29 0.86 14.32 11.40
CA ASP A 29 -0.31 14.04 12.23
C ASP A 29 -1.26 15.22 12.09
N VAL A 30 -2.32 15.05 11.30
CA VAL A 30 -3.29 16.12 11.01
C VAL A 30 -4.00 16.48 12.32
N GLY A 31 -4.50 15.47 13.03
CA GLY A 31 -5.08 15.61 14.35
C GLY A 31 -6.25 14.66 14.51
N ALA A 32 -6.75 14.50 15.72
CA ALA A 32 -7.89 13.63 16.06
C ALA A 32 -7.69 12.15 15.75
N GLY A 33 -6.50 11.74 15.29
CA GLY A 33 -6.20 10.40 14.80
C GLY A 33 -5.99 10.40 13.29
N LYS A 34 -6.28 11.49 12.57
CA LYS A 34 -5.90 11.60 11.17
C LYS A 34 -4.41 11.87 11.09
N TYR A 35 -3.76 11.21 10.15
CA TYR A 35 -2.39 11.45 9.74
C TYR A 35 -2.45 11.58 8.22
N LYS A 36 -1.75 12.56 7.65
CA LYS A 36 -1.70 12.76 6.22
C LYS A 36 -0.65 11.83 5.65
N LEU A 37 -0.94 11.27 4.50
CA LEU A 37 -0.17 10.21 3.88
C LEU A 37 0.22 10.64 2.49
N LEU A 38 1.53 10.70 2.24
CA LEU A 38 2.09 10.89 0.92
C LEU A 38 2.12 9.49 0.34
N PHE A 39 1.09 9.14 -0.41
CA PHE A 39 1.07 7.90 -1.17
C PHE A 39 2.26 7.92 -2.13
N ASP A 40 2.89 6.76 -2.33
CA ASP A 40 4.04 6.65 -3.24
C ASP A 40 3.64 7.00 -4.68
N ASP A 41 2.34 6.88 -4.98
CA ASP A 41 1.72 7.28 -6.24
C ASP A 41 1.86 8.80 -6.51
N GLY A 42 2.11 9.58 -5.45
CA GLY A 42 2.46 11.00 -5.48
C GLY A 42 1.41 11.89 -4.79
N TYR A 43 0.32 11.29 -4.31
CA TYR A 43 -0.84 11.99 -3.79
C TYR A 43 -0.70 12.19 -2.28
N GLU A 44 -1.44 13.15 -1.71
CA GLU A 44 -1.40 13.50 -0.30
C GLU A 44 -2.83 13.76 0.16
N CYS A 45 -3.33 12.94 1.09
CA CYS A 45 -4.65 13.06 1.69
C CYS A 45 -4.57 12.66 3.16
N ASP A 46 -5.54 13.08 3.97
CA ASP A 46 -5.68 12.64 5.35
C ASP A 46 -6.22 11.21 5.33
N VAL A 47 -5.74 10.41 6.28
CA VAL A 47 -6.25 9.07 6.55
C VAL A 47 -6.28 8.91 8.07
N LEU A 48 -7.32 8.26 8.57
CA LEU A 48 -7.45 8.00 9.99
C LEU A 48 -6.57 6.85 10.44
N GLY A 49 -6.11 6.90 11.69
CA GLY A 49 -5.20 5.92 12.27
C GLY A 49 -5.67 4.50 12.10
N LYS A 50 -6.98 4.24 12.26
CA LYS A 50 -7.49 2.89 12.07
C LYS A 50 -7.17 2.35 10.67
N ASP A 51 -7.09 3.22 9.66
CA ASP A 51 -6.92 2.87 8.25
C ASP A 51 -5.47 3.01 7.76
N ILE A 52 -4.47 2.94 8.66
CA ILE A 52 -3.06 3.01 8.29
C ILE A 52 -2.43 1.76 8.90
N LEU A 53 -1.66 1.00 8.12
CA LEU A 53 -1.05 -0.28 8.45
C LEU A 53 0.45 0.00 8.47
N LEU A 54 1.11 -0.02 9.64
CA LEU A 54 2.49 0.46 9.75
C LEU A 54 3.58 -0.59 9.90
N CYS A 55 3.20 -1.86 9.98
CA CYS A 55 4.13 -2.96 10.18
C CYS A 55 3.77 -4.02 9.15
N ASP A 56 3.71 -3.56 7.89
CA ASP A 56 3.15 -4.31 6.78
C ASP A 56 4.10 -4.66 5.61
N PRO A 57 5.22 -5.38 5.86
CA PRO A 57 5.94 -5.98 4.75
C PRO A 57 4.96 -7.09 4.35
N ILE A 58 4.48 -7.12 3.11
CA ILE A 58 3.34 -8.00 2.76
C ILE A 58 3.72 -9.45 3.06
N PRO A 59 2.99 -10.17 3.92
CA PRO A 59 3.30 -11.55 4.25
C PRO A 59 3.21 -12.43 3.01
N LEU A 60 4.10 -13.42 2.91
CA LEU A 60 3.98 -14.44 1.89
C LEU A 60 2.62 -15.15 2.07
N ASP A 61 2.04 -15.59 0.96
CA ASP A 61 0.71 -16.22 0.85
C ASP A 61 -0.44 -15.22 0.99
N THR A 62 -0.19 -13.95 1.28
CA THR A 62 -1.20 -12.91 1.21
C THR A 62 -1.58 -12.71 -0.25
N GLU A 63 -2.89 -12.62 -0.52
CA GLU A 63 -3.42 -12.25 -1.81
C GLU A 63 -3.40 -10.73 -1.89
N VAL A 64 -2.95 -10.21 -3.02
CA VAL A 64 -2.69 -8.79 -3.24
C VAL A 64 -2.96 -8.43 -4.68
N THR A 65 -3.10 -7.15 -4.93
CA THR A 65 -3.15 -6.59 -6.27
C THR A 65 -1.69 -6.33 -6.65
N ALA A 66 -1.36 -6.63 -7.91
CA ALA A 66 -0.10 -6.31 -8.54
C ALA A 66 -0.39 -5.18 -9.53
N LEU A 67 0.48 -4.18 -9.58
CA LEU A 67 0.24 -2.94 -10.30
C LEU A 67 1.50 -2.52 -11.04
N SER A 68 1.55 -2.79 -12.34
CA SER A 68 2.61 -2.22 -13.16
C SER A 68 2.40 -0.70 -13.04
N GLU A 69 3.43 0.02 -12.56
CA GLU A 69 3.38 1.43 -12.15
C GLU A 69 2.62 2.37 -13.08
N ASP A 70 2.59 2.10 -14.39
CA ASP A 70 1.90 2.97 -15.33
C ASP A 70 0.38 2.91 -15.13
N GLU A 71 -0.20 1.70 -15.04
CA GLU A 71 -1.61 1.46 -14.72
C GLU A 71 -2.04 -0.02 -14.69
N TYR A 72 -1.35 -0.92 -15.40
CA TYR A 72 -1.82 -2.29 -15.61
C TYR A 72 -2.09 -3.00 -14.29
N PHE A 73 -3.34 -3.46 -14.14
CA PHE A 73 -3.90 -3.95 -12.88
C PHE A 73 -4.27 -5.42 -13.00
N SER A 74 -3.80 -6.22 -12.03
CA SER A 74 -4.19 -7.60 -11.82
C SER A 74 -4.04 -7.97 -10.33
N ALA A 75 -4.39 -9.19 -9.91
CA ALA A 75 -4.13 -9.66 -8.54
C ALA A 75 -3.59 -11.09 -8.55
N GLY A 76 -2.90 -11.46 -7.48
CA GLY A 76 -2.12 -12.69 -7.32
C GLY A 76 -1.68 -12.81 -5.86
N VAL A 77 -0.67 -13.62 -5.57
CA VAL A 77 -0.26 -13.91 -4.19
C VAL A 77 1.24 -13.72 -4.05
N VAL A 78 1.69 -13.18 -2.92
CA VAL A 78 3.12 -13.11 -2.62
C VAL A 78 3.64 -14.53 -2.45
N LYS A 79 4.69 -14.93 -3.17
CA LYS A 79 5.39 -16.20 -2.91
C LYS A 79 6.92 -16.00 -2.83
N GLY A 80 7.37 -14.76 -2.59
CA GLY A 80 8.77 -14.49 -2.31
C GLY A 80 9.03 -13.00 -2.13
N HIS A 81 10.30 -12.66 -1.84
CA HIS A 81 10.76 -11.33 -1.45
C HIS A 81 12.13 -11.03 -2.06
N ARG A 82 12.44 -9.73 -2.21
CA ARG A 82 13.76 -9.22 -2.59
C ARG A 82 13.91 -7.84 -1.97
N LYS A 83 15.13 -7.36 -1.84
CA LYS A 83 15.45 -5.98 -1.48
C LYS A 83 16.45 -5.49 -2.51
N GLU A 84 16.16 -4.35 -3.15
CA GLU A 84 16.94 -3.81 -4.25
C GLU A 84 16.79 -2.29 -4.23
N SER A 85 17.88 -1.55 -4.46
CA SER A 85 17.88 -0.09 -4.49
C SER A 85 17.22 0.57 -3.26
N GLY A 86 17.27 -0.09 -2.09
CA GLY A 86 16.64 0.40 -0.87
C GLY A 86 15.12 0.40 -0.96
N GLU A 87 14.52 -0.55 -1.68
CA GLU A 87 13.09 -0.68 -1.87
C GLU A 87 12.77 -2.17 -1.79
N LEU A 88 11.57 -2.48 -1.32
CA LEU A 88 11.14 -3.83 -1.00
C LEU A 88 10.37 -4.39 -2.18
N TYR A 89 10.66 -5.63 -2.54
CA TYR A 89 10.14 -6.32 -3.72
C TYR A 89 9.56 -7.66 -3.31
N TYR A 90 8.68 -8.16 -4.16
CA TYR A 90 7.88 -9.34 -3.91
C TYR A 90 7.79 -10.09 -5.22
N SER A 91 8.09 -11.39 -5.23
CA SER A 91 7.83 -12.23 -6.37
C SER A 91 6.40 -12.72 -6.18
N ILE A 92 5.47 -12.04 -6.87
CA ILE A 92 4.07 -12.37 -6.83
C ILE A 92 3.88 -13.56 -7.79
N GLU A 93 3.25 -14.64 -7.35
CA GLU A 93 2.82 -15.68 -8.26
C GLU A 93 1.46 -15.20 -8.76
N LYS A 94 1.34 -15.11 -10.08
CA LYS A 94 0.19 -14.55 -10.77
C LYS A 94 0.05 -15.40 -12.01
N GLU A 95 -1.17 -15.82 -12.36
CA GLU A 95 -1.43 -16.73 -13.48
C GLU A 95 -0.58 -18.02 -13.41
N GLY A 96 -0.20 -18.44 -12.19
CA GLY A 96 0.53 -19.68 -11.96
C GLY A 96 2.02 -19.59 -12.33
N GLN A 97 2.56 -18.38 -12.46
CA GLN A 97 3.98 -18.12 -12.74
C GLN A 97 4.42 -16.92 -11.90
N ARG A 98 5.72 -16.71 -11.71
CA ARG A 98 6.21 -15.71 -10.76
C ARG A 98 6.65 -14.44 -11.50
N LYS A 99 6.40 -13.29 -10.89
CA LYS A 99 6.61 -11.97 -11.48
C LYS A 99 7.07 -11.06 -10.35
N TRP A 100 8.14 -10.29 -10.53
CA TRP A 100 8.60 -9.35 -9.53
C TRP A 100 7.76 -8.06 -9.59
N TYR A 101 7.26 -7.60 -8.45
CA TYR A 101 6.63 -6.30 -8.28
C TYR A 101 7.22 -5.66 -7.01
N LYS A 102 7.11 -4.34 -6.90
CA LYS A 102 7.68 -3.54 -5.79
C LYS A 102 6.59 -3.18 -4.79
N ARG A 103 6.92 -2.74 -3.58
CA ARG A 103 5.96 -2.35 -2.54
C ARG A 103 4.79 -1.52 -3.06
N MET A 104 4.99 -0.39 -3.76
CA MET A 104 3.84 0.42 -4.22
C MET A 104 3.04 -0.23 -5.37
N ALA A 105 3.57 -1.28 -5.99
CA ALA A 105 2.88 -2.10 -6.97
C ALA A 105 2.16 -3.27 -6.27
N VAL A 106 2.50 -3.61 -5.03
CA VAL A 106 1.97 -4.74 -4.30
C VAL A 106 1.07 -4.12 -3.24
N ILE A 107 -0.18 -3.96 -3.61
CA ILE A 107 -1.13 -3.18 -2.84
C ILE A 107 -2.25 -4.12 -2.40
N LEU A 108 -2.95 -3.77 -1.33
CA LEU A 108 -3.88 -4.66 -0.70
C LEU A 108 -5.27 -4.17 -1.06
N SER A 109 -6.03 -5.01 -1.76
CA SER A 109 -7.44 -4.80 -1.99
C SER A 109 -8.09 -4.62 -0.61
N LEU A 110 -9.12 -3.78 -0.47
CA LEU A 110 -9.63 -3.39 0.87
C LEU A 110 -9.99 -4.59 1.75
N GLU A 111 -10.52 -5.67 1.16
CA GLU A 111 -10.90 -6.87 1.92
C GLU A 111 -9.64 -7.56 2.47
N GLN A 112 -8.56 -7.59 1.68
CA GLN A 112 -7.27 -8.11 2.10
C GLN A 112 -6.76 -7.22 3.25
N GLY A 113 -6.73 -5.91 3.03
CA GLY A 113 -6.21 -4.93 3.98
C GLY A 113 -6.94 -4.97 5.31
N ASN A 114 -8.24 -5.27 5.31
CA ASN A 114 -9.02 -5.40 6.54
C ASN A 114 -8.43 -6.46 7.46
N ARG A 115 -8.07 -7.63 6.90
CA ARG A 115 -7.49 -8.74 7.68
C ARG A 115 -6.15 -8.37 8.33
N LEU A 116 -5.48 -7.33 7.85
CA LEU A 116 -4.27 -6.78 8.45
C LEU A 116 -4.61 -5.63 9.40
N ARG A 117 -5.69 -4.88 9.16
CA ARG A 117 -6.08 -3.70 9.93
C ARG A 117 -6.25 -4.02 11.41
N GLU A 118 -6.80 -5.19 11.72
CA GLU A 118 -6.98 -5.65 13.09
C GLU A 118 -5.66 -5.76 13.87
N GLN A 119 -4.49 -5.87 13.22
CA GLN A 119 -3.21 -5.99 13.89
C GLN A 119 -2.31 -4.78 13.63
N TYR A 120 -2.19 -4.37 12.37
CA TYR A 120 -1.22 -3.36 11.93
C TYR A 120 -1.81 -1.94 11.97
N GLY A 121 -3.13 -1.84 12.18
CA GLY A 121 -3.86 -0.59 12.31
C GLY A 121 -3.23 0.27 13.42
N LEU A 122 -2.98 1.56 13.14
CA LEU A 122 -2.49 2.47 14.18
C LEU A 122 -3.57 2.63 15.26
N GLY A 123 -4.82 2.78 14.80
CA GLY A 123 -5.95 3.08 15.66
C GLY A 123 -6.36 1.82 16.41
N ARG B 1 4.04 18.37 -12.15
CA ARG B 1 3.94 16.98 -12.65
C ARG B 1 2.93 16.15 -11.82
N ALA B 2 2.24 15.23 -12.49
CA ALA B 2 1.41 14.19 -11.87
C ALA B 2 1.82 12.89 -12.55
N HIS B 3 1.86 11.80 -11.78
CA HIS B 3 2.22 10.47 -12.28
C HIS B 3 1.13 9.92 -13.21
N SER B 4 1.41 8.80 -13.89
CA SER B 4 0.44 8.03 -14.66
C SER B 4 -0.78 7.63 -13.81
N SER B 5 -1.83 7.12 -14.46
CA SER B 5 -3.11 6.80 -13.85
C SER B 5 -3.01 5.80 -12.68
N HIS B 6 -1.99 4.92 -12.68
CA HIS B 6 -1.82 3.84 -11.70
C HIS B 6 -3.15 3.11 -11.50
N LEU B 7 -3.77 3.23 -10.32
CA LEU B 7 -5.01 2.60 -9.96
C LEU B 7 -5.74 3.57 -9.06
N SER B 9 -9.02 2.55 -7.52
CA SER B 9 -9.85 1.36 -7.28
C SER B 9 -11.37 1.54 -7.50
N LYS B 10 -11.98 2.53 -6.84
CA LYS B 10 -13.43 2.79 -6.95
C LYS B 10 -13.75 4.28 -7.18
N LYS B 11 -12.73 5.13 -7.44
CA LYS B 11 -12.97 6.53 -7.79
C LYS B 11 -13.69 6.61 -9.15
N GLY B 12 -13.25 5.81 -10.12
CA GLY B 12 -13.81 5.79 -11.47
C GLY B 12 -13.29 4.63 -12.31
N GLN B 13 -12.97 3.48 -11.69
CA GLN B 13 -12.41 2.30 -12.35
C GLN B 13 -13.13 1.02 -11.89
N SER B 14 -14.35 1.16 -11.34
CA SER B 14 -15.12 0.07 -10.74
C SER B 14 -15.58 -0.97 -11.77
N THR B 15 -15.58 -0.62 -13.06
CA THR B 15 -16.07 -1.44 -14.16
C THR B 15 -15.11 -1.22 -15.33
N GLY A 1 19.86 9.04 10.13
CA GLY A 1 18.42 8.72 10.16
C GLY A 1 18.04 7.87 11.37
N HIS A 2 16.82 8.05 11.89
CA HIS A 2 16.26 7.30 13.02
C HIS A 2 14.73 7.24 12.87
N MET A 3 14.09 6.37 13.66
CA MET A 3 12.64 6.30 13.76
C MET A 3 12.06 7.61 14.31
N ASN A 4 10.77 7.84 14.06
CA ASN A 4 10.00 8.99 14.55
C ASN A 4 8.55 8.56 14.74
N SER A 5 7.81 9.30 15.57
CA SER A 5 6.39 9.07 15.80
C SER A 5 5.60 9.32 14.51
N PHE A 6 5.32 8.25 13.75
CA PHE A 6 4.45 8.19 12.57
C PHE A 6 4.99 8.96 11.37
N VAL A 7 5.09 10.28 11.46
CA VAL A 7 5.49 11.18 10.41
C VAL A 7 6.88 10.77 9.92
N GLY A 8 6.95 10.33 8.66
CA GLY A 8 8.18 9.89 7.99
C GLY A 8 8.15 8.40 7.63
N LEU A 9 7.32 7.58 8.30
CA LEU A 9 7.30 6.13 8.10
C LEU A 9 6.63 5.77 6.78
N ARG A 10 7.19 4.77 6.10
CA ARG A 10 6.55 4.14 4.95
C ARG A 10 5.57 3.13 5.53
N VAL A 11 4.31 3.21 5.12
CA VAL A 11 3.20 2.42 5.64
C VAL A 11 2.26 2.09 4.47
N VAL A 12 1.12 1.45 4.74
CA VAL A 12 0.05 1.27 3.76
C VAL A 12 -1.19 1.92 4.38
N ALA A 13 -2.07 2.53 3.57
CA ALA A 13 -3.17 3.36 4.04
C ALA A 13 -4.35 3.23 3.11
N LYS A 14 -5.57 3.42 3.59
CA LYS A 14 -6.77 3.29 2.76
C LYS A 14 -6.97 4.61 2.04
N TRP A 15 -7.16 4.55 0.73
CA TRP A 15 -7.57 5.72 -0.03
C TRP A 15 -9.06 5.97 0.24
N SER A 16 -9.43 7.23 0.43
CA SER A 16 -10.72 7.69 0.93
C SER A 16 -11.98 7.34 0.11
N SER A 17 -11.90 7.07 -1.20
CA SER A 17 -13.07 6.72 -2.03
C SER A 17 -13.52 5.25 -1.80
N ASN A 18 -13.58 4.83 -0.54
CA ASN A 18 -13.77 3.43 -0.10
C ASN A 18 -12.82 2.49 -0.85
N GLY A 19 -11.56 2.93 -0.99
CA GLY A 19 -10.58 2.29 -1.85
C GLY A 19 -9.78 1.20 -1.17
N TYR A 20 -8.88 0.62 -1.95
CA TYR A 20 -7.84 -0.31 -1.52
C TYR A 20 -6.81 0.42 -0.67
N PHE A 21 -5.95 -0.37 -0.02
CA PHE A 21 -4.95 0.14 0.88
C PHE A 21 -3.68 0.26 0.03
N TYR A 22 -3.28 1.49 -0.30
CA TYR A 22 -2.14 1.80 -1.15
C TYR A 22 -0.94 2.11 -0.25
N SER A 23 0.27 1.81 -0.71
CA SER A 23 1.50 2.12 0.01
C SER A 23 1.73 3.64 -0.01
N GLY A 24 2.36 4.19 1.03
CA GLY A 24 2.58 5.63 1.15
C GLY A 24 3.46 5.98 2.34
N LYS A 25 3.62 7.29 2.58
CA LYS A 25 4.52 7.87 3.56
C LYS A 25 3.71 8.85 4.38
N ILE A 26 3.78 8.76 5.71
CA ILE A 26 3.04 9.68 6.57
C ILE A 26 3.76 11.03 6.48
N THR A 27 3.02 12.11 6.25
CA THR A 27 3.60 13.42 5.95
C THR A 27 3.41 14.37 7.13
N ARG A 28 2.27 14.23 7.82
CA ARG A 28 1.96 14.99 9.04
C ARG A 28 0.73 14.42 9.75
N ASP A 29 0.76 14.40 11.08
CA ASP A 29 -0.40 14.10 11.94
C ASP A 29 -1.36 15.28 11.82
N VAL A 30 -2.45 15.11 11.06
CA VAL A 30 -3.41 16.17 10.78
C VAL A 30 -4.11 16.55 12.09
N GLY A 31 -4.63 15.56 12.83
CA GLY A 31 -5.29 15.78 14.11
C GLY A 31 -6.37 14.73 14.32
N ALA A 32 -6.84 14.55 15.55
CA ALA A 32 -7.92 13.63 15.90
C ALA A 32 -7.68 12.15 15.51
N GLY A 33 -6.46 11.80 15.08
CA GLY A 33 -6.09 10.48 14.59
C GLY A 33 -5.97 10.45 13.08
N LYS A 34 -6.30 11.53 12.36
CA LYS A 34 -6.01 11.66 10.94
C LYS A 34 -4.53 11.95 10.82
N TYR A 35 -3.88 11.27 9.89
CA TYR A 35 -2.52 11.50 9.45
C TYR A 35 -2.62 11.66 7.93
N LYS A 36 -1.92 12.65 7.37
CA LYS A 36 -1.89 12.86 5.94
C LYS A 36 -0.85 11.92 5.37
N LEU A 37 -1.18 11.32 4.24
CA LEU A 37 -0.44 10.24 3.62
C LEU A 37 -0.11 10.64 2.20
N LEU A 38 1.18 10.73 1.92
CA LEU A 38 1.72 10.87 0.58
C LEU A 38 1.79 9.44 0.06
N PHE A 39 0.75 9.03 -0.65
CA PHE A 39 0.74 7.76 -1.35
C PHE A 39 1.93 7.71 -2.31
N ASP A 40 2.47 6.51 -2.50
CA ASP A 40 3.73 6.34 -3.24
C ASP A 40 3.57 6.69 -4.72
N ASP A 41 2.33 6.69 -5.24
CA ASP A 41 1.98 7.17 -6.58
C ASP A 41 1.87 8.70 -6.68
N GLY A 42 2.15 9.43 -5.59
CA GLY A 42 2.32 10.87 -5.56
C GLY A 42 1.16 11.66 -4.95
N TYR A 43 0.06 10.98 -4.60
CA TYR A 43 -1.18 11.62 -4.15
C TYR A 43 -1.12 11.90 -2.66
N GLU A 44 -1.91 12.85 -2.17
CA GLU A 44 -1.87 13.30 -0.77
C GLU A 44 -3.31 13.52 -0.30
N CYS A 45 -3.73 12.74 0.71
CA CYS A 45 -5.03 12.84 1.36
C CYS A 45 -4.85 12.55 2.85
N ASP A 46 -5.81 12.96 3.68
CA ASP A 46 -5.86 12.60 5.10
C ASP A 46 -6.52 11.24 5.25
N VAL A 47 -5.99 10.44 6.19
CA VAL A 47 -6.46 9.09 6.48
C VAL A 47 -6.39 8.90 7.98
N LEU A 48 -7.42 8.28 8.56
CA LEU A 48 -7.48 8.02 9.99
C LEU A 48 -6.57 6.88 10.40
N GLY A 49 -6.11 6.90 11.65
CA GLY A 49 -5.15 5.93 12.19
C GLY A 49 -5.66 4.50 12.08
N LYS A 50 -6.97 4.27 12.29
CA LYS A 50 -7.54 2.94 12.12
C LYS A 50 -7.38 2.42 10.68
N ASP A 51 -7.15 3.30 9.72
CA ASP A 51 -7.07 2.98 8.29
C ASP A 51 -5.62 2.99 7.78
N ILE A 52 -4.61 2.84 8.66
CA ILE A 52 -3.19 2.85 8.25
C ILE A 52 -2.54 1.64 8.92
N LEU A 53 -1.69 0.93 8.18
CA LEU A 53 -1.00 -0.29 8.57
C LEU A 53 0.48 0.06 8.51
N LEU A 54 1.21 0.05 9.63
CA LEU A 54 2.57 0.61 9.67
C LEU A 54 3.71 -0.39 9.83
N CYS A 55 3.40 -1.66 10.02
CA CYS A 55 4.39 -2.71 10.24
C CYS A 55 4.02 -3.84 9.30
N ASP A 56 3.86 -3.48 8.01
CA ASP A 56 3.27 -4.34 6.99
C ASP A 56 4.20 -4.75 5.84
N PRO A 57 5.26 -5.53 6.09
CA PRO A 57 5.97 -6.19 5.01
C PRO A 57 4.94 -7.28 4.60
N ILE A 58 4.45 -7.28 3.36
CA ILE A 58 3.31 -8.12 2.99
C ILE A 58 3.66 -9.60 3.25
N PRO A 59 2.91 -10.31 4.11
CA PRO A 59 3.20 -11.70 4.39
C PRO A 59 3.08 -12.54 3.13
N LEU A 60 3.94 -13.55 2.99
CA LEU A 60 3.78 -14.55 1.95
C LEU A 60 2.43 -15.24 2.14
N ASP A 61 1.82 -15.66 1.03
CA ASP A 61 0.48 -16.26 0.93
C ASP A 61 -0.66 -15.24 1.11
N THR A 62 -0.38 -13.96 1.40
CA THR A 62 -1.39 -12.91 1.36
C THR A 62 -1.77 -12.66 -0.09
N GLU A 63 -3.07 -12.56 -0.36
CA GLU A 63 -3.60 -12.12 -1.64
C GLU A 63 -3.45 -10.60 -1.69
N VAL A 64 -2.99 -10.09 -2.83
CA VAL A 64 -2.70 -8.68 -3.05
C VAL A 64 -2.97 -8.32 -4.51
N THR A 65 -3.08 -7.03 -4.76
CA THR A 65 -3.11 -6.47 -6.10
C THR A 65 -1.66 -6.23 -6.50
N ALA A 66 -1.37 -6.44 -7.77
CA ALA A 66 -0.08 -6.19 -8.39
C ALA A 66 -0.30 -5.17 -9.49
N LEU A 67 0.64 -4.23 -9.63
CA LEU A 67 0.51 -3.05 -10.46
C LEU A 67 1.81 -2.79 -11.21
N SER A 68 1.79 -2.85 -12.52
CA SER A 68 2.91 -2.37 -13.31
C SER A 68 3.00 -0.84 -13.08
N GLU A 69 4.19 -0.27 -13.17
CA GLU A 69 4.53 1.11 -12.77
C GLU A 69 3.88 2.21 -13.65
N ASP A 70 2.87 1.89 -14.47
CA ASP A 70 2.17 2.85 -15.31
C ASP A 70 0.66 2.85 -15.02
N GLU A 71 -0.01 1.70 -15.14
CA GLU A 71 -1.40 1.53 -14.69
C GLU A 71 -1.89 0.08 -14.64
N TYR A 72 -1.26 -0.85 -15.38
CA TYR A 72 -1.77 -2.21 -15.57
C TYR A 72 -1.99 -2.88 -14.22
N PHE A 73 -3.23 -3.31 -13.97
CA PHE A 73 -3.73 -3.78 -12.68
C PHE A 73 -4.22 -5.22 -12.79
N SER A 74 -3.78 -6.05 -11.84
CA SER A 74 -4.22 -7.43 -11.66
C SER A 74 -4.08 -7.82 -10.18
N ALA A 75 -4.47 -9.03 -9.76
CA ALA A 75 -4.23 -9.52 -8.41
C ALA A 75 -3.70 -10.96 -8.42
N GLY A 76 -3.02 -11.34 -7.34
CA GLY A 76 -2.30 -12.58 -7.17
C GLY A 76 -1.89 -12.72 -5.70
N VAL A 77 -0.89 -13.55 -5.40
CA VAL A 77 -0.49 -13.86 -4.02
C VAL A 77 1.02 -13.70 -3.87
N VAL A 78 1.50 -13.21 -2.74
CA VAL A 78 2.94 -13.15 -2.46
C VAL A 78 3.47 -14.57 -2.34
N LYS A 79 4.53 -14.93 -3.09
CA LYS A 79 5.21 -16.23 -2.96
C LYS A 79 6.74 -16.06 -2.90
N GLY A 80 7.23 -14.87 -2.56
CA GLY A 80 8.63 -14.65 -2.26
C GLY A 80 8.92 -13.18 -2.05
N HIS A 81 10.18 -12.86 -1.76
CA HIS A 81 10.68 -11.53 -1.42
C HIS A 81 12.05 -11.28 -2.04
N ARG A 82 12.39 -10.01 -2.24
CA ARG A 82 13.71 -9.53 -2.66
C ARG A 82 13.89 -8.13 -2.08
N LYS A 83 15.13 -7.66 -2.01
CA LYS A 83 15.46 -6.28 -1.68
C LYS A 83 16.45 -5.81 -2.74
N GLU A 84 16.14 -4.71 -3.43
CA GLU A 84 16.91 -4.22 -4.57
C GLU A 84 16.75 -2.71 -4.62
N SER A 85 17.84 -1.99 -4.94
CA SER A 85 17.86 -0.54 -5.05
C SER A 85 17.26 0.19 -3.83
N GLY A 86 17.35 -0.42 -2.64
CA GLY A 86 16.78 0.14 -1.41
C GLY A 86 15.25 0.17 -1.45
N GLU A 87 14.61 -0.83 -2.08
CA GLU A 87 13.17 -0.96 -2.15
C GLU A 87 12.87 -2.45 -2.01
N LEU A 88 11.68 -2.74 -1.48
CA LEU A 88 11.24 -4.07 -1.11
C LEU A 88 10.43 -4.64 -2.27
N TYR A 89 10.70 -5.90 -2.60
CA TYR A 89 10.14 -6.59 -3.76
C TYR A 89 9.53 -7.90 -3.31
N TYR A 90 8.61 -8.40 -4.14
CA TYR A 90 7.74 -9.53 -3.85
C TYR A 90 7.61 -10.28 -5.16
N SER A 91 7.91 -11.56 -5.17
CA SER A 91 7.65 -12.41 -6.30
C SER A 91 6.21 -12.88 -6.12
N ILE A 92 5.28 -12.13 -6.71
CA ILE A 92 3.86 -12.43 -6.67
C ILE A 92 3.64 -13.61 -7.62
N GLU A 93 2.97 -14.67 -7.17
CA GLU A 93 2.51 -15.72 -8.07
C GLU A 93 1.21 -15.17 -8.63
N LYS A 94 1.16 -15.06 -9.95
CA LYS A 94 0.04 -14.50 -10.69
C LYS A 94 -0.04 -15.33 -11.95
N GLU A 95 -1.24 -15.69 -12.39
CA GLU A 95 -1.45 -16.59 -13.53
C GLU A 95 -0.67 -17.92 -13.38
N GLY A 96 -0.42 -18.35 -12.14
CA GLY A 96 0.21 -19.65 -11.85
C GLY A 96 1.73 -19.63 -11.97
N GLN A 97 2.36 -18.45 -12.07
CA GLN A 97 3.81 -18.29 -12.24
C GLN A 97 4.27 -17.06 -11.46
N ARG A 98 5.54 -17.00 -11.04
CA ARG A 98 6.02 -15.88 -10.21
C ARG A 98 6.43 -14.71 -11.10
N LYS A 99 6.19 -13.49 -10.60
CA LYS A 99 6.43 -12.21 -11.28
C LYS A 99 6.90 -11.26 -10.19
N TRP A 100 7.99 -10.53 -10.42
CA TRP A 100 8.49 -9.57 -9.44
C TRP A 100 7.69 -8.27 -9.53
N TYR A 101 7.22 -7.78 -8.38
CA TYR A 101 6.61 -6.45 -8.20
C TYR A 101 7.25 -5.82 -6.95
N LYS A 102 7.12 -4.51 -6.79
CA LYS A 102 7.76 -3.72 -5.71
C LYS A 102 6.72 -3.23 -4.71
N ARG A 103 7.11 -2.73 -3.55
CA ARG A 103 6.16 -2.35 -2.47
C ARG A 103 5.04 -1.42 -2.92
N MET A 104 5.29 -0.36 -3.71
CA MET A 104 4.19 0.48 -4.17
C MET A 104 3.32 -0.20 -5.24
N ALA A 105 3.86 -1.23 -5.90
CA ALA A 105 3.13 -2.03 -6.88
C ALA A 105 2.35 -3.15 -6.20
N VAL A 106 2.59 -3.45 -4.92
CA VAL A 106 1.98 -4.54 -4.21
C VAL A 106 1.08 -3.92 -3.14
N ILE A 107 -0.17 -3.71 -3.51
CA ILE A 107 -1.15 -3.01 -2.68
C ILE A 107 -2.16 -4.05 -2.18
N LEU A 108 -2.91 -3.72 -1.13
CA LEU A 108 -3.78 -4.66 -0.47
C LEU A 108 -5.22 -4.30 -0.78
N SER A 109 -5.96 -5.25 -1.34
CA SER A 109 -7.39 -5.14 -1.50
C SER A 109 -7.96 -5.00 -0.08
N LEU A 110 -8.94 -4.10 0.14
CA LEU A 110 -9.39 -3.72 1.48
C LEU A 110 -9.80 -4.91 2.33
N GLU A 111 -10.41 -5.93 1.72
CA GLU A 111 -10.86 -7.14 2.43
C GLU A 111 -9.66 -7.87 3.03
N GLN A 112 -8.55 -7.91 2.28
CA GLN A 112 -7.32 -8.58 2.69
C GLN A 112 -6.62 -7.71 3.73
N GLY A 113 -6.51 -6.40 3.48
CA GLY A 113 -5.87 -5.44 4.38
C GLY A 113 -6.57 -5.41 5.75
N ASN A 114 -7.88 -5.67 5.80
CA ASN A 114 -8.61 -5.79 7.06
C ASN A 114 -8.02 -6.87 7.97
N ARG A 115 -7.60 -8.02 7.42
CA ARG A 115 -6.99 -9.09 8.22
C ARG A 115 -5.70 -8.62 8.91
N LEU A 116 -5.08 -7.55 8.40
CA LEU A 116 -3.88 -6.95 8.96
C LEU A 116 -4.23 -5.76 9.86
N ARG A 117 -5.37 -5.08 9.65
CA ARG A 117 -5.77 -3.89 10.42
C ARG A 117 -5.84 -4.20 11.91
N GLU A 118 -6.33 -5.38 12.26
CA GLU A 118 -6.44 -5.83 13.65
C GLU A 118 -5.08 -5.87 14.38
N GLN A 119 -3.94 -5.93 13.67
CA GLN A 119 -2.62 -5.97 14.28
C GLN A 119 -1.81 -4.71 13.96
N TYR A 120 -1.75 -4.33 12.68
CA TYR A 120 -0.86 -3.28 12.16
C TYR A 120 -1.51 -1.90 12.17
N GLY A 121 -2.81 -1.86 12.45
CA GLY A 121 -3.61 -0.65 12.56
C GLY A 121 -3.00 0.32 13.56
N LEU A 122 -2.84 1.60 13.21
CA LEU A 122 -2.37 2.59 14.17
C LEU A 122 -3.42 2.78 15.26
N GLY A 123 -4.67 2.90 14.83
CA GLY A 123 -5.80 3.21 15.69
C GLY A 123 -6.17 2.00 16.53
N ARG B 1 5.08 15.89 -14.34
CA ARG B 1 4.74 14.43 -14.35
C ARG B 1 5.39 13.74 -13.15
N ALA B 2 4.70 13.70 -12.00
CA ALA B 2 5.21 13.04 -10.78
C ALA B 2 5.23 11.51 -10.98
N HIS B 3 4.13 10.98 -11.52
CA HIS B 3 3.93 9.58 -11.85
C HIS B 3 2.77 9.48 -12.85
N SER B 4 2.56 8.32 -13.47
CA SER B 4 1.37 8.04 -14.26
C SER B 4 0.11 7.96 -13.36
N SER B 5 -1.05 7.71 -13.97
CA SER B 5 -2.33 7.57 -13.28
C SER B 5 -2.33 6.49 -12.18
N HIS B 6 -1.45 5.48 -12.31
CA HIS B 6 -1.41 4.25 -11.52
C HIS B 6 -2.79 3.60 -11.46
N LEU B 7 -3.57 3.83 -10.41
CA LEU B 7 -4.79 3.10 -10.14
C LEU B 7 -5.66 3.89 -9.19
N SER B 9 -9.40 2.72 -7.02
CA SER B 9 -10.15 1.51 -6.67
C SER B 9 -11.66 1.80 -6.52
N LYS B 10 -12.08 2.92 -7.13
CA LYS B 10 -13.50 3.27 -7.32
C LYS B 10 -14.15 2.15 -8.15
N LYS B 11 -15.48 2.01 -8.10
CA LYS B 11 -16.20 0.91 -8.78
C LYS B 11 -15.85 0.81 -10.28
N GLY B 12 -15.71 1.95 -10.95
CA GLY B 12 -15.42 2.00 -12.39
C GLY B 12 -13.92 2.01 -12.71
N GLN B 13 -13.06 2.12 -11.69
CA GLN B 13 -11.61 2.35 -11.81
C GLN B 13 -11.30 3.51 -12.79
N SER B 14 -12.10 4.58 -12.71
CA SER B 14 -12.02 5.74 -13.59
C SER B 14 -12.48 7.00 -12.85
N THR B 15 -12.24 8.17 -13.46
CA THR B 15 -12.68 9.49 -13.01
C THR B 15 -13.11 10.23 -14.29
N GLY A 1 18.72 2.79 18.22
CA GLY A 1 17.59 3.67 18.61
C GLY A 1 16.23 3.00 18.33
N HIS A 2 15.27 3.78 17.82
CA HIS A 2 13.93 3.31 17.47
C HIS A 2 13.40 4.16 16.30
N MET A 3 12.31 3.72 15.67
CA MET A 3 11.60 4.46 14.64
C MET A 3 11.02 5.75 15.24
N ASN A 4 10.84 6.79 14.41
CA ASN A 4 10.14 8.01 14.82
C ASN A 4 8.67 7.72 15.06
N SER A 5 7.99 8.58 15.83
CA SER A 5 6.56 8.53 16.09
C SER A 5 5.79 8.85 14.80
N PHE A 6 5.54 7.82 13.97
CA PHE A 6 4.68 7.81 12.78
C PHE A 6 5.21 8.63 11.62
N VAL A 7 5.38 9.93 11.79
CA VAL A 7 5.76 10.86 10.74
C VAL A 7 7.12 10.43 10.17
N GLY A 8 7.12 10.06 8.88
CA GLY A 8 8.29 9.63 8.13
C GLY A 8 8.25 8.15 7.76
N LEU A 9 7.42 7.33 8.43
CA LEU A 9 7.42 5.88 8.25
C LEU A 9 6.74 5.51 6.94
N ARG A 10 7.32 4.56 6.18
CA ARG A 10 6.67 3.92 5.04
C ARG A 10 5.67 2.92 5.60
N VAL A 11 4.42 3.00 5.20
CA VAL A 11 3.29 2.23 5.73
C VAL A 11 2.30 1.97 4.58
N VAL A 12 1.16 1.36 4.86
CA VAL A 12 0.06 1.21 3.90
C VAL A 12 -1.16 1.88 4.56
N ALA A 13 -2.02 2.53 3.79
CA ALA A 13 -3.10 3.38 4.30
C ALA A 13 -4.29 3.29 3.35
N LYS A 14 -5.50 3.50 3.84
CA LYS A 14 -6.69 3.44 2.99
C LYS A 14 -6.84 4.79 2.32
N TRP A 15 -7.01 4.79 1.00
CA TRP A 15 -7.38 6.01 0.31
C TRP A 15 -8.85 6.30 0.62
N SER A 16 -9.15 7.58 0.87
CA SER A 16 -10.42 8.06 1.41
C SER A 16 -11.69 7.85 0.57
N SER A 17 -11.63 7.64 -0.75
CA SER A 17 -12.82 7.38 -1.59
C SER A 17 -13.31 5.92 -1.43
N ASN A 18 -13.44 5.46 -0.18
CA ASN A 18 -13.69 4.06 0.21
C ASN A 18 -12.79 3.09 -0.59
N GLY A 19 -11.51 3.45 -0.71
CA GLY A 19 -10.57 2.77 -1.60
C GLY A 19 -9.85 1.60 -0.96
N TYR A 20 -8.97 1.00 -1.75
CA TYR A 20 -8.01 -0.01 -1.33
C TYR A 20 -6.89 0.67 -0.53
N PHE A 21 -6.06 -0.16 0.12
CA PHE A 21 -5.04 0.29 1.02
C PHE A 21 -3.77 0.40 0.16
N TYR A 22 -3.34 1.63 -0.12
CA TYR A 22 -2.19 1.92 -0.97
C TYR A 22 -0.97 2.19 -0.08
N SER A 23 0.23 2.00 -0.59
CA SER A 23 1.46 2.27 0.16
C SER A 23 1.76 3.77 0.15
N GLY A 24 2.39 4.28 1.22
CA GLY A 24 2.73 5.69 1.33
C GLY A 24 3.63 5.96 2.53
N LYS A 25 3.99 7.24 2.73
CA LYS A 25 4.80 7.70 3.85
C LYS A 25 3.92 8.61 4.67
N ILE A 26 3.96 8.51 6.00
CA ILE A 26 3.24 9.45 6.85
C ILE A 26 4.00 10.78 6.76
N THR A 27 3.29 11.91 6.59
CA THR A 27 3.91 13.20 6.29
C THR A 27 3.77 14.14 7.47
N ARG A 28 2.63 14.08 8.16
CA ARG A 28 2.36 14.84 9.38
C ARG A 28 1.13 14.29 10.12
N ASP A 29 1.18 14.26 11.45
CA ASP A 29 0.03 13.98 12.32
C ASP A 29 -0.93 15.16 12.23
N VAL A 30 -2.01 15.00 11.48
CA VAL A 30 -2.97 16.08 11.22
C VAL A 30 -3.66 16.46 12.54
N GLY A 31 -4.17 15.46 13.28
CA GLY A 31 -4.81 15.65 14.58
C GLY A 31 -5.93 14.64 14.76
N ALA A 32 -6.42 14.46 15.97
CA ALA A 32 -7.52 13.57 16.32
C ALA A 32 -7.29 12.08 15.96
N GLY A 33 -6.09 11.70 15.53
CA GLY A 33 -5.77 10.37 15.04
C GLY A 33 -5.63 10.35 13.52
N LYS A 34 -5.94 11.44 12.81
CA LYS A 34 -5.62 11.57 11.40
C LYS A 34 -4.13 11.84 11.28
N TYR A 35 -3.51 11.18 10.33
CA TYR A 35 -2.15 11.43 9.87
C TYR A 35 -2.27 11.59 8.37
N LYS A 36 -1.55 12.52 7.78
CA LYS A 36 -1.57 12.74 6.34
C LYS A 36 -0.56 11.81 5.72
N LEU A 37 -0.90 11.25 4.58
CA LEU A 37 -0.16 10.17 3.95
C LEU A 37 0.20 10.60 2.54
N LEU A 38 1.50 10.68 2.27
CA LEU A 38 2.04 10.87 0.94
C LEU A 38 2.03 9.47 0.34
N PHE A 39 0.96 9.13 -0.35
CA PHE A 39 0.92 7.92 -1.13
C PHE A 39 2.08 7.96 -2.12
N ASP A 40 2.66 6.80 -2.42
CA ASP A 40 3.91 6.71 -3.19
C ASP A 40 3.75 7.22 -4.62
N ASP A 41 2.52 7.30 -5.15
CA ASP A 41 2.19 7.90 -6.44
C ASP A 41 2.13 9.44 -6.41
N GLY A 42 2.35 10.05 -5.24
CA GLY A 42 2.55 11.49 -5.08
C GLY A 42 1.39 12.22 -4.40
N TYR A 43 0.28 11.51 -4.13
CA TYR A 43 -0.94 12.09 -3.60
C TYR A 43 -0.82 12.29 -2.08
N GLU A 44 -1.59 13.22 -1.50
CA GLU A 44 -1.64 13.48 -0.06
C GLU A 44 -3.08 13.75 0.35
N CYS A 45 -3.58 12.94 1.28
CA CYS A 45 -4.85 13.13 1.98
C CYS A 45 -4.64 12.72 3.43
N ASP A 46 -5.55 13.15 4.30
CA ASP A 46 -5.61 12.68 5.68
C ASP A 46 -6.16 11.26 5.69
N VAL A 47 -5.63 10.42 6.58
CA VAL A 47 -6.11 9.09 6.85
C VAL A 47 -6.05 8.89 8.36
N LEU A 48 -7.10 8.32 8.93
CA LEU A 48 -7.18 8.02 10.35
C LEU A 48 -6.29 6.85 10.72
N GLY A 49 -5.77 6.82 11.94
CA GLY A 49 -4.90 5.74 12.42
C GLY A 49 -5.55 4.37 12.35
N LYS A 50 -6.86 4.27 12.57
CA LYS A 50 -7.60 3.00 12.36
C LYS A 50 -7.75 2.63 10.88
N ASP A 51 -7.08 3.35 9.98
CA ASP A 51 -7.02 3.10 8.55
C ASP A 51 -5.56 3.11 8.03
N ILE A 52 -4.54 2.87 8.89
CA ILE A 52 -3.14 2.78 8.48
C ILE A 52 -2.53 1.52 9.11
N LEU A 53 -1.68 0.82 8.36
CA LEU A 53 -1.00 -0.42 8.69
C LEU A 53 0.48 -0.09 8.61
N LEU A 54 1.25 -0.18 9.69
CA LEU A 54 2.63 0.35 9.71
C LEU A 54 3.76 -0.67 9.82
N CYS A 55 3.43 -1.95 9.98
CA CYS A 55 4.40 -3.02 10.15
C CYS A 55 3.96 -4.12 9.18
N ASP A 56 3.77 -3.70 7.92
CA ASP A 56 3.14 -4.48 6.87
C ASP A 56 4.01 -4.83 5.66
N PRO A 57 5.14 -5.54 5.82
CA PRO A 57 5.79 -6.15 4.68
C PRO A 57 4.79 -7.27 4.34
N ILE A 58 4.22 -7.29 3.13
CA ILE A 58 3.09 -8.17 2.86
C ILE A 58 3.49 -9.63 3.10
N PRO A 59 2.79 -10.37 3.97
CA PRO A 59 3.10 -11.76 4.21
C PRO A 59 2.97 -12.57 2.92
N LEU A 60 3.83 -13.56 2.74
CA LEU A 60 3.68 -14.52 1.66
C LEU A 60 2.33 -15.23 1.85
N ASP A 61 1.70 -15.61 0.73
CA ASP A 61 0.38 -16.23 0.63
C ASP A 61 -0.78 -15.24 0.81
N THR A 62 -0.50 -13.97 1.18
CA THR A 62 -1.52 -12.92 1.17
C THR A 62 -1.90 -12.63 -0.29
N GLU A 63 -3.20 -12.50 -0.54
CA GLU A 63 -3.72 -12.03 -1.82
C GLU A 63 -3.58 -10.52 -1.85
N VAL A 64 -3.17 -9.99 -3.00
CA VAL A 64 -2.89 -8.59 -3.21
C VAL A 64 -3.25 -8.19 -4.64
N THR A 65 -3.43 -6.90 -4.82
CA THR A 65 -3.56 -6.30 -6.14
C THR A 65 -2.14 -5.95 -6.57
N ALA A 66 -1.79 -6.31 -7.80
CA ALA A 66 -0.58 -5.88 -8.47
C ALA A 66 -0.96 -4.76 -9.42
N LEU A 67 -0.06 -3.79 -9.61
CA LEU A 67 -0.25 -2.64 -10.47
C LEU A 67 1.04 -2.41 -11.22
N SER A 68 1.13 -2.80 -12.49
CA SER A 68 2.28 -2.35 -13.27
C SER A 68 2.18 -0.81 -13.29
N GLU A 69 3.34 -0.18 -13.15
CA GLU A 69 3.65 1.23 -12.90
C GLU A 69 3.01 2.32 -13.77
N ASP A 70 1.95 2.02 -14.53
CA ASP A 70 1.16 3.03 -15.26
C ASP A 70 -0.30 2.96 -14.77
N GLU A 71 -1.04 1.90 -15.10
CA GLU A 71 -2.37 1.64 -14.53
C GLU A 71 -2.85 0.19 -14.72
N TYR A 72 -1.93 -0.76 -14.87
CA TYR A 72 -2.28 -2.16 -15.17
C TYR A 72 -2.63 -2.90 -13.87
N PHE A 73 -3.79 -2.58 -13.32
CA PHE A 73 -4.42 -3.26 -12.20
C PHE A 73 -4.68 -4.73 -12.54
N SER A 74 -4.24 -5.63 -11.67
CA SER A 74 -4.55 -7.05 -11.66
C SER A 74 -4.44 -7.55 -10.21
N ALA A 75 -4.72 -8.83 -9.91
CA ALA A 75 -4.50 -9.37 -8.56
C ALA A 75 -3.93 -10.80 -8.61
N GLY A 76 -3.26 -11.19 -7.52
CA GLY A 76 -2.51 -12.43 -7.38
C GLY A 76 -2.06 -12.57 -5.93
N VAL A 77 -1.05 -13.38 -5.64
CA VAL A 77 -0.64 -13.68 -4.27
C VAL A 77 0.86 -13.50 -4.16
N VAL A 78 1.33 -12.99 -3.03
CA VAL A 78 2.76 -12.92 -2.74
C VAL A 78 3.29 -14.35 -2.64
N LYS A 79 4.33 -14.73 -3.41
CA LYS A 79 5.03 -16.00 -3.22
C LYS A 79 6.56 -15.81 -3.16
N GLY A 80 7.02 -14.59 -2.86
CA GLY A 80 8.43 -14.33 -2.60
C GLY A 80 8.70 -12.84 -2.37
N HIS A 81 9.96 -12.51 -2.10
CA HIS A 81 10.44 -11.19 -1.67
C HIS A 81 11.79 -10.87 -2.30
N ARG A 82 12.08 -9.57 -2.44
CA ARG A 82 13.39 -9.03 -2.82
C ARG A 82 13.52 -7.66 -2.15
N LYS A 83 14.75 -7.14 -2.06
CA LYS A 83 15.03 -5.78 -1.64
C LYS A 83 15.97 -5.20 -2.70
N GLU A 84 15.63 -4.03 -3.25
CA GLU A 84 16.38 -3.41 -4.33
C GLU A 84 16.21 -1.91 -4.22
N SER A 85 17.28 -1.13 -4.49
CA SER A 85 17.27 0.33 -4.41
C SER A 85 16.72 0.87 -3.07
N GLY A 86 16.90 0.12 -1.98
CA GLY A 86 16.39 0.49 -0.66
C GLY A 86 14.86 0.45 -0.61
N GLU A 87 14.20 -0.44 -1.35
CA GLU A 87 12.75 -0.55 -1.40
C GLU A 87 12.41 -2.03 -1.54
N LEU A 88 11.21 -2.38 -1.09
CA LEU A 88 10.78 -3.76 -0.93
C LEU A 88 10.04 -4.22 -2.18
N TYR A 89 10.30 -5.47 -2.57
CA TYR A 89 9.76 -6.10 -3.77
C TYR A 89 9.16 -7.44 -3.39
N TYR A 90 8.26 -7.92 -4.24
CA TYR A 90 7.49 -9.12 -4.01
C TYR A 90 7.38 -9.83 -5.35
N SER A 91 7.68 -11.13 -5.39
CA SER A 91 7.41 -11.95 -6.55
C SER A 91 5.98 -12.43 -6.37
N ILE A 92 5.05 -11.71 -6.98
CA ILE A 92 3.63 -12.04 -6.95
C ILE A 92 3.43 -13.18 -7.94
N GLU A 93 2.81 -14.28 -7.54
CA GLU A 93 2.36 -15.27 -8.50
C GLU A 93 1.02 -14.75 -8.97
N LYS A 94 0.90 -14.48 -10.26
CA LYS A 94 -0.22 -13.81 -10.87
C LYS A 94 -0.42 -14.51 -12.19
N GLU A 95 -1.66 -14.87 -12.53
CA GLU A 95 -1.98 -15.65 -13.72
C GLU A 95 -1.14 -16.95 -13.84
N GLY A 96 -0.71 -17.51 -12.70
CA GLY A 96 0.03 -18.77 -12.66
C GLY A 96 1.51 -18.61 -13.05
N GLN A 97 2.06 -17.40 -12.99
CA GLN A 97 3.48 -17.12 -13.23
C GLN A 97 3.98 -16.16 -12.16
N ARG A 98 5.25 -16.27 -11.75
CA ARG A 98 5.82 -15.32 -10.79
C ARG A 98 6.25 -14.07 -11.54
N LYS A 99 5.98 -12.89 -10.95
CA LYS A 99 6.19 -11.58 -11.56
C LYS A 99 6.67 -10.68 -10.43
N TRP A 100 7.75 -9.93 -10.63
CA TRP A 100 8.25 -9.01 -9.63
C TRP A 100 7.43 -7.72 -9.67
N TYR A 101 6.94 -7.27 -8.52
CA TYR A 101 6.32 -5.97 -8.31
C TYR A 101 6.95 -5.34 -7.06
N LYS A 102 6.82 -4.02 -6.90
CA LYS A 102 7.41 -3.25 -5.80
C LYS A 102 6.33 -2.87 -4.78
N ARG A 103 6.69 -2.40 -3.59
CA ARG A 103 5.71 -2.07 -2.53
C ARG A 103 4.57 -1.17 -2.99
N MET A 104 4.79 -0.08 -3.75
CA MET A 104 3.63 0.73 -4.21
C MET A 104 2.83 0.07 -5.34
N ALA A 105 3.42 -0.92 -6.00
CA ALA A 105 2.75 -1.72 -7.01
C ALA A 105 2.03 -2.91 -6.38
N VAL A 106 2.21 -3.18 -5.08
CA VAL A 106 1.61 -4.31 -4.38
C VAL A 106 0.75 -3.74 -3.28
N ILE A 107 -0.55 -3.64 -3.56
CA ILE A 107 -1.50 -2.99 -2.66
C ILE A 107 -2.47 -4.04 -2.14
N LEU A 108 -3.20 -3.70 -1.08
CA LEU A 108 -4.10 -4.63 -0.42
C LEU A 108 -5.52 -4.18 -0.70
N SER A 109 -6.32 -5.09 -1.25
CA SER A 109 -7.76 -4.91 -1.37
C SER A 109 -8.29 -4.68 0.05
N LEU A 110 -9.30 -3.82 0.23
CA LEU A 110 -9.72 -3.39 1.57
C LEU A 110 -10.09 -4.55 2.48
N GLU A 111 -10.67 -5.61 1.92
CA GLU A 111 -11.04 -6.80 2.69
C GLU A 111 -9.79 -7.52 3.21
N GLN A 112 -8.71 -7.53 2.42
CA GLN A 112 -7.43 -8.11 2.84
C GLN A 112 -6.83 -7.20 3.91
N GLY A 113 -6.77 -5.89 3.67
CA GLY A 113 -6.23 -4.90 4.60
C GLY A 113 -6.94 -4.93 5.95
N ASN A 114 -8.23 -5.24 5.98
CA ASN A 114 -9.00 -5.39 7.22
C ASN A 114 -8.41 -6.48 8.10
N ARG A 115 -8.05 -7.62 7.50
CA ARG A 115 -7.48 -8.77 8.21
C ARG A 115 -6.11 -8.43 8.81
N LEU A 116 -5.51 -7.29 8.44
CA LEU A 116 -4.24 -6.80 8.97
C LEU A 116 -4.48 -5.65 9.96
N ARG A 117 -5.59 -4.89 9.90
CA ARG A 117 -5.85 -3.79 10.86
C ARG A 117 -5.79 -4.28 12.29
N GLU A 118 -6.31 -5.49 12.53
CA GLU A 118 -6.35 -6.11 13.84
C GLU A 118 -4.96 -6.26 14.49
N GLN A 119 -3.86 -6.28 13.72
CA GLN A 119 -2.51 -6.36 14.27
C GLN A 119 -1.67 -5.11 13.97
N TYR A 120 -1.66 -4.67 12.70
CA TYR A 120 -0.76 -3.63 12.19
C TYR A 120 -1.38 -2.24 12.27
N GLY A 121 -2.67 -2.18 12.61
CA GLY A 121 -3.44 -0.95 12.73
C GLY A 121 -2.79 -0.02 13.75
N LEU A 122 -2.60 1.26 13.39
CA LEU A 122 -2.11 2.23 14.38
C LEU A 122 -3.19 2.40 15.45
N GLY A 123 -4.41 2.61 14.95
CA GLY A 123 -5.56 3.01 15.73
C GLY A 123 -5.21 4.22 16.59
N ARG B 1 3.77 15.72 -14.44
CA ARG B 1 3.57 15.56 -12.96
C ARG B 1 4.29 14.29 -12.45
N ALA B 2 4.30 14.07 -11.12
CA ALA B 2 4.75 12.82 -10.52
C ALA B 2 3.74 11.70 -10.86
N HIS B 3 4.26 10.59 -11.40
CA HIS B 3 3.56 9.32 -11.67
C HIS B 3 2.34 9.40 -12.61
N SER B 4 1.88 8.23 -13.06
CA SER B 4 0.62 8.05 -13.78
C SER B 4 -0.57 8.18 -12.82
N SER B 5 -1.79 7.88 -13.29
CA SER B 5 -2.98 7.80 -12.43
C SER B 5 -2.89 6.68 -11.40
N HIS B 6 -2.07 5.65 -11.68
CA HIS B 6 -1.95 4.39 -10.98
C HIS B 6 -3.28 3.63 -10.95
N LEU B 7 -4.27 4.06 -10.15
CA LEU B 7 -5.47 3.28 -9.92
C LEU B 7 -6.56 4.15 -9.30
N SER B 9 -8.87 3.45 -7.50
CA SER B 9 -9.99 2.52 -7.32
C SER B 9 -11.39 3.18 -7.32
N LYS B 10 -11.50 4.44 -7.74
CA LYS B 10 -12.76 5.19 -7.73
C LYS B 10 -13.79 4.59 -8.70
N LYS B 11 -13.34 3.96 -9.78
CA LYS B 11 -14.20 3.33 -10.79
C LYS B 11 -13.64 1.97 -11.24
N GLY B 12 -12.79 1.34 -10.42
CA GLY B 12 -12.06 0.13 -10.80
C GLY B 12 -11.14 0.40 -11.99
N GLN B 13 -10.88 -0.65 -12.79
CA GLN B 13 -10.15 -0.60 -14.05
C GLN B 13 -10.78 -1.64 -14.98
N SER B 14 -10.73 -1.39 -16.29
CA SER B 14 -11.27 -2.28 -17.31
C SER B 14 -10.57 -3.65 -17.30
N THR B 15 -11.29 -4.69 -17.73
CA THR B 15 -10.77 -6.03 -17.94
C THR B 15 -9.58 -5.97 -18.92
N GLY A 1 19.18 9.02 14.52
CA GLY A 1 18.02 8.14 14.26
C GLY A 1 16.92 8.87 13.48
N HIS A 2 16.61 8.40 12.27
CA HIS A 2 15.64 9.04 11.39
C HIS A 2 14.18 8.73 11.77
N MET A 3 13.95 7.66 12.54
CA MET A 3 12.61 7.29 13.00
C MET A 3 12.02 8.39 13.90
N ASN A 4 10.71 8.58 13.80
CA ASN A 4 9.92 9.54 14.59
C ASN A 4 8.50 9.00 14.69
N SER A 5 7.73 9.46 15.68
CA SER A 5 6.36 9.05 15.91
C SER A 5 5.50 9.29 14.66
N PHE A 6 5.24 8.21 13.90
CA PHE A 6 4.41 8.14 12.70
C PHE A 6 4.96 8.93 11.51
N VAL A 7 5.08 10.24 11.65
CA VAL A 7 5.51 11.15 10.60
C VAL A 7 6.88 10.71 10.08
N GLY A 8 6.93 10.32 8.80
CA GLY A 8 8.14 9.88 8.10
C GLY A 8 8.10 8.41 7.70
N LEU A 9 7.30 7.57 8.38
CA LEU A 9 7.31 6.12 8.19
C LEU A 9 6.62 5.74 6.89
N ARG A 10 7.21 4.79 6.15
CA ARG A 10 6.53 4.15 5.03
C ARG A 10 5.56 3.14 5.64
N VAL A 11 4.30 3.22 5.24
CA VAL A 11 3.20 2.42 5.76
C VAL A 11 2.27 2.11 4.57
N VAL A 12 1.13 1.46 4.84
CA VAL A 12 0.06 1.29 3.85
C VAL A 12 -1.16 1.97 4.50
N ALA A 13 -2.02 2.61 3.71
CA ALA A 13 -3.09 3.47 4.20
C ALA A 13 -4.29 3.33 3.28
N LYS A 14 -5.50 3.53 3.79
CA LYS A 14 -6.69 3.39 2.95
C LYS A 14 -6.88 4.70 2.22
N TRP A 15 -7.03 4.63 0.90
CA TRP A 15 -7.43 5.80 0.14
C TRP A 15 -8.91 6.07 0.46
N SER A 16 -9.22 7.33 0.74
CA SER A 16 -10.48 7.80 1.28
C SER A 16 -11.76 7.57 0.47
N SER A 17 -11.71 7.30 -0.84
CA SER A 17 -12.90 7.00 -1.65
C SER A 17 -13.39 5.55 -1.42
N ASN A 18 -13.47 5.12 -0.16
CA ASN A 18 -13.70 3.74 0.27
C ASN A 18 -12.84 2.75 -0.52
N GLY A 19 -11.56 3.10 -0.70
CA GLY A 19 -10.64 2.40 -1.59
C GLY A 19 -9.81 1.33 -0.89
N TYR A 20 -8.86 0.78 -1.63
CA TYR A 20 -7.87 -0.18 -1.17
C TYR A 20 -6.83 0.50 -0.29
N PHE A 21 -6.01 -0.30 0.38
CA PHE A 21 -4.88 0.17 1.14
C PHE A 21 -3.69 0.29 0.19
N TYR A 22 -3.28 1.54 -0.10
CA TYR A 22 -2.15 1.85 -0.97
C TYR A 22 -0.95 2.19 -0.10
N SER A 23 0.26 1.93 -0.58
CA SER A 23 1.49 2.23 0.13
C SER A 23 1.74 3.76 0.11
N GLY A 24 2.29 4.30 1.20
CA GLY A 24 2.51 5.74 1.33
C GLY A 24 3.37 6.07 2.53
N LYS A 25 3.59 7.37 2.75
CA LYS A 25 4.52 7.92 3.73
C LYS A 25 3.72 8.90 4.57
N ILE A 26 3.77 8.80 5.88
CA ILE A 26 3.03 9.71 6.75
C ILE A 26 3.73 11.06 6.69
N THR A 27 3.00 12.14 6.43
CA THR A 27 3.58 13.45 6.16
C THR A 27 3.41 14.36 7.37
N ARG A 28 2.27 14.23 8.06
CA ARG A 28 1.96 14.95 9.29
C ARG A 28 0.73 14.37 10.00
N ASP A 29 0.75 14.32 11.32
CA ASP A 29 -0.41 14.02 12.17
C ASP A 29 -1.37 15.21 12.07
N VAL A 30 -2.45 15.06 11.31
CA VAL A 30 -3.41 16.12 11.06
C VAL A 30 -4.11 16.49 12.38
N GLY A 31 -4.64 15.48 13.10
CA GLY A 31 -5.31 15.69 14.37
C GLY A 31 -6.40 14.65 14.56
N ALA A 32 -6.88 14.47 15.78
CA ALA A 32 -7.96 13.54 16.12
C ALA A 32 -7.72 12.08 15.71
N GLY A 33 -6.51 11.72 15.29
CA GLY A 33 -6.14 10.40 14.81
C GLY A 33 -6.00 10.39 13.29
N LYS A 34 -6.33 11.46 12.57
CA LYS A 34 -6.04 11.61 11.16
C LYS A 34 -4.55 11.90 11.03
N TYR A 35 -3.91 11.24 10.08
CA TYR A 35 -2.55 11.50 9.63
C TYR A 35 -2.65 11.69 8.13
N LYS A 36 -1.94 12.67 7.58
CA LYS A 36 -1.90 12.90 6.15
C LYS A 36 -0.86 11.98 5.56
N LEU A 37 -1.18 11.38 4.43
CA LEU A 37 -0.43 10.31 3.81
C LEU A 37 -0.10 10.71 2.38
N LEU A 38 1.20 10.82 2.11
CA LEU A 38 1.74 10.97 0.77
C LEU A 38 1.83 9.57 0.22
N PHE A 39 0.81 9.15 -0.52
CA PHE A 39 0.83 7.90 -1.26
C PHE A 39 2.02 7.92 -2.22
N ASP A 40 2.59 6.74 -2.49
CA ASP A 40 3.86 6.63 -3.23
C ASP A 40 3.73 7.13 -4.68
N ASP A 41 2.52 7.16 -5.22
CA ASP A 41 2.20 7.71 -6.54
C ASP A 41 2.08 9.25 -6.54
N GLY A 42 2.24 9.89 -5.39
CA GLY A 42 2.38 11.34 -5.23
C GLY A 42 1.14 12.02 -4.65
N TYR A 43 0.06 11.27 -4.40
CA TYR A 43 -1.21 11.81 -3.94
C TYR A 43 -1.13 12.08 -2.43
N GLU A 44 -1.95 13.00 -1.93
CA GLU A 44 -1.93 13.42 -0.53
C GLU A 44 -3.37 13.63 -0.07
N CYS A 45 -3.81 12.84 0.91
CA CYS A 45 -5.10 12.96 1.58
C CYS A 45 -4.89 12.62 3.06
N ASP A 46 -5.86 12.99 3.90
CA ASP A 46 -5.88 12.62 5.31
C ASP A 46 -6.55 11.26 5.45
N VAL A 47 -6.03 10.46 6.39
CA VAL A 47 -6.48 9.11 6.66
C VAL A 47 -6.42 8.90 8.15
N LEU A 48 -7.45 8.27 8.72
CA LEU A 48 -7.52 7.99 10.15
C LEU A 48 -6.60 6.85 10.53
N GLY A 49 -6.11 6.85 11.78
CA GLY A 49 -5.15 5.87 12.29
C GLY A 49 -5.67 4.44 12.19
N LYS A 50 -6.97 4.23 12.41
CA LYS A 50 -7.55 2.90 12.24
C LYS A 50 -7.40 2.38 10.80
N ASP A 51 -7.17 3.24 9.83
CA ASP A 51 -7.10 2.93 8.40
C ASP A 51 -5.65 2.91 7.89
N ILE A 52 -4.64 2.77 8.76
CA ILE A 52 -3.23 2.79 8.36
C ILE A 52 -2.56 1.59 9.02
N LEU A 53 -1.73 0.88 8.25
CA LEU A 53 -1.07 -0.37 8.56
C LEU A 53 0.42 -0.03 8.53
N LEU A 54 1.12 -0.03 9.67
CA LEU A 54 2.49 0.51 9.72
C LEU A 54 3.62 -0.51 9.86
N CYS A 55 3.28 -1.78 10.04
CA CYS A 55 4.25 -2.85 10.24
C CYS A 55 3.87 -3.94 9.24
N ASP A 56 3.75 -3.51 7.97
CA ASP A 56 3.16 -4.28 6.90
C ASP A 56 4.09 -4.59 5.71
N PRO A 57 5.21 -5.31 5.91
CA PRO A 57 5.93 -5.88 4.77
C PRO A 57 4.97 -7.02 4.38
N ILE A 58 4.50 -7.08 3.14
CA ILE A 58 3.39 -7.98 2.80
C ILE A 58 3.79 -9.44 3.09
N PRO A 59 3.08 -10.17 3.98
CA PRO A 59 3.42 -11.54 4.29
C PRO A 59 3.29 -12.42 3.06
N LEU A 60 4.19 -13.41 2.91
CA LEU A 60 4.04 -14.44 1.90
C LEU A 60 2.69 -15.15 2.11
N ASP A 61 2.08 -15.57 1.00
CA ASP A 61 0.78 -16.22 0.91
C ASP A 61 -0.41 -15.27 1.10
N THR A 62 -0.16 -13.99 1.39
CA THR A 62 -1.21 -12.96 1.39
C THR A 62 -1.63 -12.73 -0.07
N GLU A 63 -2.93 -12.64 -0.29
CA GLU A 63 -3.49 -12.25 -1.58
C GLU A 63 -3.47 -10.73 -1.65
N VAL A 64 -3.05 -10.20 -2.79
CA VAL A 64 -2.81 -8.78 -2.99
C VAL A 64 -3.15 -8.41 -4.42
N THR A 65 -3.31 -7.11 -4.64
CA THR A 65 -3.43 -6.54 -5.97
C THR A 65 -2.01 -6.22 -6.41
N ALA A 66 -1.68 -6.58 -7.65
CA ALA A 66 -0.43 -6.25 -8.33
C ALA A 66 -0.75 -5.13 -9.33
N LEU A 67 0.16 -4.17 -9.45
CA LEU A 67 -0.04 -2.94 -10.18
C LEU A 67 1.21 -2.62 -10.98
N SER A 68 1.19 -2.88 -12.27
CA SER A 68 2.26 -2.40 -13.15
C SER A 68 2.25 -0.88 -13.03
N GLU A 69 3.43 -0.28 -12.84
CA GLU A 69 3.64 1.12 -12.47
C GLU A 69 2.76 2.13 -13.23
N ASP A 70 2.50 1.91 -14.51
CA ASP A 70 1.70 2.86 -15.29
C ASP A 70 0.22 2.85 -14.89
N GLU A 71 -0.42 1.65 -14.87
CA GLU A 71 -1.80 1.48 -14.41
C GLU A 71 -2.31 0.03 -14.41
N TYR A 72 -1.69 -0.89 -15.17
CA TYR A 72 -2.25 -2.23 -15.40
C TYR A 72 -2.47 -2.96 -14.07
N PHE A 73 -3.72 -3.36 -13.83
CA PHE A 73 -4.21 -3.86 -12.55
C PHE A 73 -4.57 -5.34 -12.65
N SER A 74 -4.12 -6.14 -11.67
CA SER A 74 -4.47 -7.54 -11.49
C SER A 74 -4.39 -7.91 -10.01
N ALA A 75 -4.72 -9.15 -9.61
CA ALA A 75 -4.45 -9.64 -8.26
C ALA A 75 -3.88 -11.06 -8.32
N GLY A 76 -3.16 -11.44 -7.27
CA GLY A 76 -2.38 -12.67 -7.14
C GLY A 76 -1.91 -12.79 -5.70
N VAL A 77 -0.89 -13.60 -5.43
CA VAL A 77 -0.44 -13.88 -4.06
C VAL A 77 1.07 -13.68 -3.95
N VAL A 78 1.55 -13.17 -2.82
CA VAL A 78 2.98 -13.10 -2.56
C VAL A 78 3.55 -14.52 -2.45
N LYS A 79 4.57 -14.89 -3.21
CA LYS A 79 5.30 -16.16 -3.04
C LYS A 79 6.82 -15.95 -2.99
N GLY A 80 7.31 -14.71 -2.84
CA GLY A 80 8.73 -14.45 -2.64
C GLY A 80 9.00 -12.99 -2.35
N HIS A 81 10.23 -12.66 -1.97
CA HIS A 81 10.71 -11.32 -1.64
C HIS A 81 12.05 -11.09 -2.33
N ARG A 82 12.37 -9.82 -2.58
CA ARG A 82 13.68 -9.37 -3.04
C ARG A 82 13.93 -7.98 -2.46
N LYS A 83 15.19 -7.59 -2.40
CA LYS A 83 15.62 -6.23 -2.08
C LYS A 83 16.58 -5.84 -3.20
N GLU A 84 16.36 -4.68 -3.81
CA GLU A 84 17.16 -4.18 -4.92
C GLU A 84 17.20 -2.66 -4.80
N SER A 85 18.41 -2.08 -4.91
CA SER A 85 18.64 -0.63 -4.84
C SER A 85 17.96 0.05 -3.62
N GLY A 86 17.87 -0.67 -2.50
CA GLY A 86 17.25 -0.18 -1.28
C GLY A 86 15.73 -0.02 -1.42
N GLU A 87 15.07 -0.90 -2.20
CA GLU A 87 13.64 -0.93 -2.38
C GLU A 87 13.20 -2.39 -2.28
N LEU A 88 11.96 -2.59 -1.84
CA LEU A 88 11.39 -3.86 -1.45
C LEU A 88 10.50 -4.40 -2.57
N TYR A 89 10.71 -5.66 -2.90
CA TYR A 89 10.11 -6.35 -4.02
C TYR A 89 9.47 -7.64 -3.54
N TYR A 90 8.49 -8.11 -4.31
CA TYR A 90 7.67 -9.27 -4.03
C TYR A 90 7.52 -10.02 -5.34
N SER A 91 7.76 -11.32 -5.34
CA SER A 91 7.41 -12.16 -6.47
C SER A 91 5.97 -12.50 -6.21
N ILE A 92 5.06 -11.82 -6.89
CA ILE A 92 3.66 -12.18 -6.85
C ILE A 92 3.52 -13.38 -7.78
N GLU A 93 2.99 -14.49 -7.30
CA GLU A 93 2.61 -15.59 -8.16
C GLU A 93 1.23 -15.21 -8.67
N LYS A 94 1.11 -15.17 -9.99
CA LYS A 94 -0.08 -14.75 -10.70
C LYS A 94 -0.13 -15.62 -11.96
N GLU A 95 -1.29 -16.13 -12.36
CA GLU A 95 -1.42 -17.10 -13.44
C GLU A 95 -0.48 -18.31 -13.25
N GLY A 96 -0.22 -18.69 -11.99
CA GLY A 96 0.59 -19.85 -11.64
C GLY A 96 2.10 -19.66 -11.89
N GLN A 97 2.58 -18.42 -12.06
CA GLN A 97 3.99 -18.13 -12.31
C GLN A 97 4.39 -16.84 -11.57
N ARG A 98 5.68 -16.68 -11.23
CA ARG A 98 6.14 -15.52 -10.45
C ARG A 98 6.30 -14.32 -11.37
N LYS A 99 5.99 -13.13 -10.86
CA LYS A 99 6.20 -11.84 -11.50
C LYS A 99 6.68 -10.91 -10.39
N TRP A 100 7.77 -10.20 -10.58
CA TRP A 100 8.29 -9.27 -9.57
C TRP A 100 7.49 -7.97 -9.65
N TYR A 101 7.01 -7.49 -8.50
CA TYR A 101 6.42 -6.17 -8.31
C TYR A 101 7.06 -5.55 -7.06
N LYS A 102 6.89 -4.25 -6.83
CA LYS A 102 7.51 -3.51 -5.70
C LYS A 102 6.44 -2.99 -4.76
N ARG A 103 6.78 -2.53 -3.56
CA ARG A 103 5.79 -2.21 -2.52
C ARG A 103 4.63 -1.31 -2.97
N MET A 104 4.84 -0.25 -3.76
CA MET A 104 3.70 0.58 -4.21
C MET A 104 2.86 -0.09 -5.31
N ALA A 105 3.44 -1.10 -5.97
CA ALA A 105 2.80 -1.94 -6.95
C ALA A 105 2.18 -3.17 -6.28
N VAL A 106 2.36 -3.41 -4.98
CA VAL A 106 1.81 -4.54 -4.27
C VAL A 106 0.93 -3.97 -3.17
N ILE A 107 -0.34 -3.82 -3.48
CA ILE A 107 -1.30 -3.13 -2.63
C ILE A 107 -2.29 -4.16 -2.10
N LEU A 108 -3.02 -3.81 -1.06
CA LEU A 108 -3.94 -4.73 -0.41
C LEU A 108 -5.34 -4.24 -0.72
N SER A 109 -6.10 -5.05 -1.46
CA SER A 109 -7.52 -4.86 -1.68
C SER A 109 -8.18 -4.73 -0.30
N LEU A 110 -9.26 -3.97 -0.16
CA LEU A 110 -9.79 -3.61 1.16
C LEU A 110 -10.11 -4.82 2.04
N GLU A 111 -10.61 -5.91 1.46
CA GLU A 111 -10.92 -7.14 2.20
C GLU A 111 -9.63 -7.77 2.74
N GLN A 112 -8.55 -7.71 1.96
CA GLN A 112 -7.24 -8.24 2.35
C GLN A 112 -6.71 -7.42 3.52
N GLY A 113 -6.69 -6.10 3.37
CA GLY A 113 -6.08 -5.20 4.33
C GLY A 113 -6.83 -5.20 5.66
N ASN A 114 -8.13 -5.52 5.67
CA ASN A 114 -8.88 -5.69 6.91
C ASN A 114 -8.24 -6.75 7.81
N ARG A 115 -7.84 -7.90 7.25
CA ARG A 115 -7.20 -8.98 8.01
C ARG A 115 -5.87 -8.53 8.66
N LEU A 116 -5.28 -7.43 8.19
CA LEU A 116 -4.06 -6.85 8.74
C LEU A 116 -4.41 -5.71 9.70
N ARG A 117 -5.53 -5.01 9.50
CA ARG A 117 -5.93 -3.85 10.32
C ARG A 117 -6.01 -4.21 11.79
N GLU A 118 -6.51 -5.40 12.11
CA GLU A 118 -6.62 -5.90 13.47
C GLU A 118 -5.27 -5.96 14.20
N GLN A 119 -4.12 -6.01 13.49
CA GLN A 119 -2.79 -6.10 14.11
C GLN A 119 -1.96 -4.85 13.83
N TYR A 120 -1.92 -4.41 12.58
CA TYR A 120 -1.02 -3.37 12.10
C TYR A 120 -1.65 -1.98 12.15
N GLY A 121 -2.96 -1.93 12.42
CA GLY A 121 -3.75 -0.71 12.58
C GLY A 121 -3.10 0.21 13.61
N LEU A 122 -2.89 1.49 13.27
CA LEU A 122 -2.42 2.46 14.25
C LEU A 122 -3.48 2.64 15.35
N GLY A 123 -4.73 2.78 14.89
CA GLY A 123 -5.86 3.05 15.75
C GLY A 123 -6.28 1.75 16.45
N ARG B 1 2.16 16.80 -14.78
CA ARG B 1 1.66 15.43 -14.47
C ARG B 1 2.63 14.74 -13.49
N ALA B 2 2.23 14.58 -12.22
CA ALA B 2 3.10 13.99 -11.19
C ALA B 2 3.39 12.51 -11.49
N HIS B 3 2.34 11.75 -11.82
CA HIS B 3 2.42 10.35 -12.25
C HIS B 3 1.16 10.01 -13.05
N SER B 4 1.13 8.84 -13.69
CA SER B 4 -0.07 8.28 -14.30
C SER B 4 -1.14 8.02 -13.22
N SER B 5 -2.35 7.66 -13.64
CA SER B 5 -3.52 7.46 -12.77
C SER B 5 -3.33 6.40 -11.68
N HIS B 6 -2.36 5.48 -11.87
CA HIS B 6 -2.13 4.26 -11.10
C HIS B 6 -3.38 3.37 -11.10
N LEU B 7 -4.40 3.67 -10.29
CA LEU B 7 -5.51 2.75 -10.09
C LEU B 7 -6.75 3.51 -9.63
N SER B 9 -9.18 2.63 -6.83
CA SER B 9 -10.04 1.44 -6.75
C SER B 9 -11.54 1.68 -7.01
N LYS B 10 -12.04 2.91 -6.79
CA LYS B 10 -13.45 3.27 -7.05
C LYS B 10 -13.59 4.56 -7.88
N LYS B 11 -12.55 4.92 -8.64
CA LYS B 11 -12.57 6.09 -9.54
C LYS B 11 -12.09 5.74 -10.96
N GLY B 12 -11.15 4.79 -11.12
CA GLY B 12 -10.58 4.44 -12.42
C GLY B 12 -10.14 2.98 -12.56
N GLN B 13 -10.60 2.08 -11.67
CA GLN B 13 -10.33 0.64 -11.81
C GLN B 13 -11.03 0.08 -13.07
N SER B 14 -12.18 0.65 -13.45
CA SER B 14 -12.98 0.27 -14.61
C SER B 14 -13.63 1.53 -15.20
N THR B 15 -14.15 1.42 -16.42
CA THR B 15 -14.91 2.48 -17.10
C THR B 15 -16.08 2.91 -16.21
N GLY A 1 17.81 8.53 15.86
CA GLY A 1 16.60 7.72 16.13
C GLY A 1 16.26 6.80 14.96
N HIS A 2 16.23 5.48 15.20
CA HIS A 2 15.90 4.48 14.18
C HIS A 2 14.45 4.60 13.70
N MET A 3 13.55 5.03 14.60
CA MET A 3 12.13 5.26 14.34
C MET A 3 11.71 6.59 14.97
N ASN A 4 10.49 7.04 14.66
CA ASN A 4 9.87 8.27 15.16
C ASN A 4 8.38 8.02 15.33
N SER A 5 7.69 8.86 16.09
CA SER A 5 6.25 8.83 16.31
C SER A 5 5.50 9.11 14.98
N PHE A 6 5.30 8.06 14.17
CA PHE A 6 4.50 8.01 12.94
C PHE A 6 5.09 8.79 11.78
N VAL A 7 5.26 10.10 11.94
CA VAL A 7 5.72 11.00 10.90
C VAL A 7 7.10 10.56 10.42
N GLY A 8 7.18 10.14 9.15
CA GLY A 8 8.40 9.66 8.50
C GLY A 8 8.33 8.20 8.08
N LEU A 9 7.46 7.39 8.72
CA LEU A 9 7.44 5.95 8.51
C LEU A 9 6.79 5.60 7.17
N ARG A 10 7.36 4.61 6.47
CA ARG A 10 6.74 3.99 5.29
C ARG A 10 5.70 3.02 5.84
N VAL A 11 4.47 3.11 5.37
CA VAL A 11 3.32 2.36 5.86
C VAL A 11 2.40 2.07 4.68
N VAL A 12 1.21 1.51 4.92
CA VAL A 12 0.15 1.37 3.94
C VAL A 12 -1.05 2.12 4.52
N ALA A 13 -1.89 2.72 3.69
CA ALA A 13 -2.96 3.62 4.11
C ALA A 13 -4.13 3.46 3.16
N LYS A 14 -5.36 3.68 3.63
CA LYS A 14 -6.52 3.60 2.75
C LYS A 14 -6.66 4.92 2.03
N TRP A 15 -6.88 4.86 0.72
CA TRP A 15 -7.25 6.06 -0.01
C TRP A 15 -8.75 6.32 0.20
N SER A 16 -9.09 7.59 0.40
CA SER A 16 -10.39 8.06 0.86
C SER A 16 -11.61 7.79 -0.04
N SER A 17 -11.48 7.52 -1.35
CA SER A 17 -12.60 7.21 -2.23
C SER A 17 -13.10 5.76 -2.03
N ASN A 18 -13.27 5.35 -0.76
CA ASN A 18 -13.51 3.96 -0.33
C ASN A 18 -12.55 3.00 -1.04
N GLY A 19 -11.29 3.41 -1.12
CA GLY A 19 -10.27 2.77 -1.94
C GLY A 19 -9.55 1.63 -1.23
N TYR A 20 -8.58 1.07 -1.96
CA TYR A 20 -7.65 0.06 -1.48
C TYR A 20 -6.62 0.68 -0.54
N PHE A 21 -5.87 -0.17 0.15
CA PHE A 21 -4.76 0.25 0.98
C PHE A 21 -3.54 0.36 0.06
N TYR A 22 -3.11 1.59 -0.24
CA TYR A 22 -1.94 1.88 -1.08
C TYR A 22 -0.76 2.19 -0.15
N SER A 23 0.47 1.97 -0.59
CA SER A 23 1.66 2.32 0.16
C SER A 23 1.80 3.84 0.27
N GLY A 24 2.36 4.33 1.38
CA GLY A 24 2.61 5.75 1.57
C GLY A 24 3.55 6.01 2.72
N LYS A 25 3.80 7.28 2.99
CA LYS A 25 4.76 7.78 3.96
C LYS A 25 4.05 8.83 4.78
N ILE A 26 4.05 8.71 6.11
CA ILE A 26 3.31 9.66 6.96
C ILE A 26 4.08 10.98 6.90
N THR A 27 3.37 12.10 6.71
CA THR A 27 3.99 13.40 6.49
C THR A 27 3.74 14.28 7.71
N ARG A 28 2.60 14.05 8.39
CA ARG A 28 2.22 14.80 9.58
C ARG A 28 1.06 14.16 10.31
N ASP A 29 1.00 14.33 11.62
CA ASP A 29 -0.18 14.02 12.43
C ASP A 29 -1.08 15.22 12.21
N VAL A 30 -2.20 15.05 11.50
CA VAL A 30 -3.12 16.13 11.23
C VAL A 30 -3.85 16.50 12.52
N GLY A 31 -4.41 15.50 13.22
CA GLY A 31 -5.12 15.69 14.49
C GLY A 31 -6.25 14.69 14.59
N ALA A 32 -6.79 14.48 15.79
CA ALA A 32 -7.91 13.58 16.07
C ALA A 32 -7.67 12.10 15.69
N GLY A 33 -6.45 11.72 15.32
CA GLY A 33 -6.11 10.39 14.82
C GLY A 33 -5.91 10.40 13.31
N LYS A 34 -6.17 11.51 12.60
CA LYS A 34 -5.80 11.65 11.21
C LYS A 34 -4.31 11.90 11.15
N TYR A 35 -3.66 11.27 10.19
CA TYR A 35 -2.29 11.50 9.79
C TYR A 35 -2.34 11.72 8.28
N LYS A 36 -1.60 12.69 7.76
CA LYS A 36 -1.53 12.95 6.33
C LYS A 36 -0.49 12.03 5.75
N LEU A 37 -0.81 11.44 4.60
CA LEU A 37 -0.06 10.38 3.97
C LEU A 37 0.31 10.80 2.57
N LEU A 38 1.61 10.84 2.33
CA LEU A 38 2.19 11.01 1.00
C LEU A 38 2.22 9.60 0.44
N PHE A 39 1.20 9.23 -0.33
CA PHE A 39 1.19 7.98 -1.06
C PHE A 39 2.40 7.95 -1.99
N ASP A 40 2.93 6.75 -2.24
CA ASP A 40 4.20 6.61 -2.95
C ASP A 40 4.09 7.03 -4.42
N ASP A 41 2.88 7.08 -4.97
CA ASP A 41 2.58 7.63 -6.29
C ASP A 41 2.55 9.18 -6.31
N GLY A 42 2.74 9.82 -5.16
CA GLY A 42 2.97 11.26 -5.03
C GLY A 42 1.75 12.01 -4.47
N TYR A 43 0.63 11.33 -4.27
CA TYR A 43 -0.61 11.93 -3.81
C TYR A 43 -0.54 12.20 -2.30
N GLU A 44 -1.36 13.13 -1.80
CA GLU A 44 -1.37 13.54 -0.41
C GLU A 44 -2.82 13.79 0.01
N CYS A 45 -3.29 13.06 1.03
CA CYS A 45 -4.59 13.26 1.68
C CYS A 45 -4.42 12.89 3.15
N ASP A 46 -5.41 13.25 3.98
CA ASP A 46 -5.51 12.81 5.36
C ASP A 46 -6.09 11.40 5.37
N VAL A 47 -5.63 10.59 6.31
CA VAL A 47 -6.14 9.24 6.56
C VAL A 47 -6.17 9.03 8.06
N LEU A 48 -7.22 8.41 8.57
CA LEU A 48 -7.37 8.10 9.99
C LEU A 48 -6.50 6.93 10.41
N GLY A 49 -6.06 6.92 11.66
CA GLY A 49 -5.17 5.90 12.19
C GLY A 49 -5.73 4.48 12.07
N LYS A 50 -7.05 4.32 12.21
CA LYS A 50 -7.69 3.01 12.00
C LYS A 50 -7.56 2.53 10.55
N ASP A 51 -7.14 3.37 9.64
CA ASP A 51 -7.00 3.10 8.21
C ASP A 51 -5.53 3.16 7.74
N ILE A 52 -4.55 3.02 8.65
CA ILE A 52 -3.12 3.03 8.30
C ILE A 52 -2.50 1.81 8.97
N LEU A 53 -1.71 1.03 8.24
CA LEU A 53 -1.10 -0.23 8.65
C LEU A 53 0.39 0.04 8.59
N LEU A 54 1.13 -0.08 9.70
CA LEU A 54 2.52 0.40 9.75
C LEU A 54 3.61 -0.65 9.92
N CYS A 55 3.24 -1.92 10.03
CA CYS A 55 4.18 -3.01 10.24
C CYS A 55 3.80 -4.11 9.23
N ASP A 56 3.67 -3.69 7.97
CA ASP A 56 3.09 -4.49 6.90
C ASP A 56 4.02 -4.83 5.71
N PRO A 57 5.14 -5.56 5.91
CA PRO A 57 5.86 -6.14 4.80
C PRO A 57 4.89 -7.28 4.39
N ILE A 58 4.42 -7.35 3.14
CA ILE A 58 3.31 -8.26 2.80
C ILE A 58 3.75 -9.71 3.09
N PRO A 59 3.01 -10.46 3.92
CA PRO A 59 3.34 -11.86 4.18
C PRO A 59 3.22 -12.67 2.89
N LEU A 60 4.07 -13.68 2.71
CA LEU A 60 3.91 -14.64 1.63
C LEU A 60 2.55 -15.33 1.78
N ASP A 61 1.98 -15.74 0.64
CA ASP A 61 0.65 -16.35 0.52
C ASP A 61 -0.51 -15.34 0.70
N THR A 62 -0.23 -14.09 1.07
CA THR A 62 -1.25 -13.03 1.06
C THR A 62 -1.61 -12.76 -0.40
N GLU A 63 -2.91 -12.63 -0.67
CA GLU A 63 -3.43 -12.20 -1.95
C GLU A 63 -3.40 -10.69 -1.98
N VAL A 64 -2.95 -10.12 -3.09
CA VAL A 64 -2.66 -8.71 -3.26
C VAL A 64 -2.99 -8.30 -4.67
N THR A 65 -3.13 -7.00 -4.88
CA THR A 65 -3.22 -6.41 -6.20
C THR A 65 -1.77 -6.14 -6.61
N ALA A 66 -1.44 -6.47 -7.86
CA ALA A 66 -0.17 -6.20 -8.48
C ALA A 66 -0.40 -5.13 -9.56
N LEU A 67 0.51 -4.17 -9.65
CA LEU A 67 0.32 -2.98 -10.46
C LEU A 67 1.60 -2.61 -11.19
N SER A 68 1.60 -2.78 -12.51
CA SER A 68 2.65 -2.22 -13.32
C SER A 68 2.45 -0.71 -13.16
N GLU A 69 3.47 -0.03 -12.68
CA GLU A 69 3.46 1.35 -12.20
C GLU A 69 2.76 2.36 -13.12
N ASP A 70 2.75 2.13 -14.44
CA ASP A 70 2.09 3.04 -15.35
C ASP A 70 0.58 3.10 -15.09
N GLU A 71 -0.07 1.93 -14.94
CA GLU A 71 -1.48 1.78 -14.57
C GLU A 71 -1.98 0.32 -14.60
N TYR A 72 -1.33 -0.59 -15.34
CA TYR A 72 -1.86 -1.94 -15.59
C TYR A 72 -2.07 -2.65 -14.26
N PHE A 73 -3.31 -3.11 -14.04
CA PHE A 73 -3.79 -3.63 -12.77
C PHE A 73 -4.26 -5.07 -12.91
N SER A 74 -3.83 -5.93 -11.97
CA SER A 74 -4.29 -7.30 -11.80
C SER A 74 -4.14 -7.71 -10.32
N ALA A 75 -4.52 -8.92 -9.92
CA ALA A 75 -4.26 -9.44 -8.58
C ALA A 75 -3.68 -10.86 -8.64
N GLY A 76 -2.97 -11.25 -7.58
CA GLY A 76 -2.17 -12.47 -7.47
C GLY A 76 -1.72 -12.64 -6.02
N VAL A 77 -0.72 -13.48 -5.76
CA VAL A 77 -0.32 -13.82 -4.39
C VAL A 77 1.19 -13.65 -4.25
N VAL A 78 1.65 -13.18 -3.09
CA VAL A 78 3.08 -13.11 -2.79
C VAL A 78 3.62 -14.55 -2.71
N LYS A 79 4.66 -14.88 -3.48
CA LYS A 79 5.37 -16.16 -3.39
C LYS A 79 6.88 -15.95 -3.28
N GLY A 80 7.34 -14.75 -2.91
CA GLY A 80 8.74 -14.50 -2.60
C GLY A 80 8.99 -13.03 -2.34
N HIS A 81 10.24 -12.71 -2.02
CA HIS A 81 10.70 -11.39 -1.55
C HIS A 81 12.07 -11.05 -2.12
N ARG A 82 12.37 -9.75 -2.24
CA ARG A 82 13.69 -9.22 -2.59
C ARG A 82 13.83 -7.87 -1.88
N LYS A 83 15.05 -7.42 -1.68
CA LYS A 83 15.36 -6.10 -1.14
C LYS A 83 16.47 -5.53 -2.02
N GLU A 84 16.24 -4.35 -2.59
CA GLU A 84 17.12 -3.73 -3.56
C GLU A 84 16.98 -2.22 -3.41
N SER A 85 18.09 -1.48 -3.47
CA SER A 85 18.11 -0.01 -3.38
C SER A 85 17.32 0.56 -2.19
N GLY A 86 17.27 -0.20 -1.08
CA GLY A 86 16.56 0.19 0.13
C GLY A 86 15.04 0.18 -0.05
N GLU A 87 14.51 -0.68 -0.92
CA GLU A 87 13.08 -0.77 -1.24
C GLU A 87 12.74 -2.26 -1.32
N LEU A 88 11.50 -2.57 -0.96
CA LEU A 88 11.04 -3.93 -0.75
C LEU A 88 10.29 -4.42 -1.98
N TYR A 89 10.60 -5.65 -2.40
CA TYR A 89 10.10 -6.29 -3.62
C TYR A 89 9.48 -7.62 -3.26
N TYR A 90 8.61 -8.09 -4.15
CA TYR A 90 7.81 -9.28 -3.97
C TYR A 90 7.73 -9.97 -5.31
N SER A 91 8.01 -11.26 -5.36
CA SER A 91 7.76 -12.06 -6.53
C SER A 91 6.32 -12.56 -6.37
N ILE A 92 5.40 -11.85 -7.02
CA ILE A 92 3.98 -12.20 -7.00
C ILE A 92 3.80 -13.31 -8.01
N GLU A 93 3.14 -14.41 -7.63
CA GLU A 93 2.70 -15.41 -8.58
C GLU A 93 1.37 -14.86 -9.08
N LYS A 94 1.30 -14.58 -10.37
CA LYS A 94 0.21 -13.86 -11.02
C LYS A 94 0.04 -14.53 -12.38
N GLU A 95 -1.18 -14.84 -12.79
CA GLU A 95 -1.45 -15.67 -13.99
C GLU A 95 -0.67 -17.00 -13.95
N GLY A 96 -0.49 -17.55 -12.74
CA GLY A 96 0.15 -18.86 -12.53
C GLY A 96 1.66 -18.86 -12.79
N GLN A 97 2.32 -17.70 -12.80
CA GLN A 97 3.75 -17.56 -13.04
C GLN A 97 4.31 -16.42 -12.20
N ARG A 98 5.60 -16.45 -11.88
CA ARG A 98 6.21 -15.48 -10.95
C ARG A 98 6.54 -14.20 -11.72
N LYS A 99 6.32 -13.05 -11.07
CA LYS A 99 6.51 -11.71 -11.63
C LYS A 99 6.99 -10.83 -10.50
N TRP A 100 8.07 -10.07 -10.67
CA TRP A 100 8.54 -9.16 -9.64
C TRP A 100 7.73 -7.86 -9.68
N TYR A 101 7.25 -7.42 -8.52
CA TYR A 101 6.64 -6.11 -8.29
C TYR A 101 7.25 -5.55 -7.01
N LYS A 102 7.10 -4.25 -6.74
CA LYS A 102 7.66 -3.58 -5.55
C LYS A 102 6.56 -3.12 -4.61
N ARG A 103 6.88 -2.71 -3.39
CA ARG A 103 5.90 -2.33 -2.35
C ARG A 103 4.73 -1.47 -2.88
N MET A 104 4.96 -0.32 -3.53
CA MET A 104 3.82 0.48 -3.99
C MET A 104 3.07 -0.14 -5.19
N ALA A 105 3.70 -1.08 -5.88
CA ALA A 105 3.09 -1.89 -6.92
C ALA A 105 2.41 -3.14 -6.35
N VAL A 106 2.55 -3.43 -5.06
CA VAL A 106 1.96 -4.58 -4.38
C VAL A 106 1.08 -4.00 -3.28
N ILE A 107 -0.18 -3.78 -3.62
CA ILE A 107 -1.11 -3.09 -2.75
C ILE A 107 -2.13 -4.11 -2.24
N LEU A 108 -2.85 -3.76 -1.19
CA LEU A 108 -3.81 -4.65 -0.58
C LEU A 108 -5.18 -4.13 -0.95
N SER A 109 -5.92 -4.90 -1.74
CA SER A 109 -7.32 -4.68 -2.02
C SER A 109 -8.03 -4.55 -0.68
N LEU A 110 -9.08 -3.73 -0.55
CA LEU A 110 -9.64 -3.39 0.76
C LEU A 110 -10.00 -4.60 1.62
N GLU A 111 -10.53 -5.66 1.01
CA GLU A 111 -10.94 -6.85 1.75
C GLU A 111 -9.72 -7.61 2.26
N GLN A 112 -8.62 -7.61 1.49
CA GLN A 112 -7.34 -8.18 1.90
C GLN A 112 -6.80 -7.39 3.09
N GLY A 113 -6.75 -6.06 2.95
CA GLY A 113 -6.11 -5.19 3.94
C GLY A 113 -6.85 -5.18 5.26
N ASN A 114 -8.17 -5.42 5.24
CA ASN A 114 -8.94 -5.51 6.49
C ASN A 114 -8.38 -6.60 7.41
N ARG A 115 -8.02 -7.76 6.86
CA ARG A 115 -7.46 -8.88 7.63
C ARG A 115 -6.13 -8.51 8.32
N LEU A 116 -5.45 -7.45 7.85
CA LEU A 116 -4.22 -6.97 8.44
C LEU A 116 -4.49 -5.76 9.34
N ARG A 117 -5.56 -5.00 9.09
CA ARG A 117 -5.87 -3.76 9.81
C ARG A 117 -6.09 -4.05 11.28
N GLU A 118 -6.70 -5.20 11.60
CA GLU A 118 -6.94 -5.63 12.97
C GLU A 118 -5.65 -5.77 13.80
N GLN A 119 -4.47 -5.93 13.18
CA GLN A 119 -3.21 -6.04 13.90
C GLN A 119 -2.29 -4.84 13.64
N TYR A 120 -2.14 -4.44 12.38
CA TYR A 120 -1.15 -3.46 11.93
C TYR A 120 -1.71 -2.03 11.96
N GLY A 121 -3.03 -1.90 12.00
CA GLY A 121 -3.75 -0.66 12.23
C GLY A 121 -3.15 0.17 13.36
N LEU A 122 -2.88 1.46 13.13
CA LEU A 122 -2.41 2.35 14.20
C LEU A 122 -3.50 2.50 15.25
N GLY A 123 -4.71 2.72 14.72
CA GLY A 123 -5.89 3.12 15.46
C GLY A 123 -5.57 4.29 16.39
N ARG B 1 4.48 14.94 -15.00
CA ARG B 1 4.09 14.78 -13.56
C ARG B 1 4.93 13.70 -12.86
N ALA B 2 4.89 13.65 -11.53
CA ALA B 2 5.45 12.55 -10.74
C ALA B 2 4.64 11.27 -11.00
N HIS B 3 5.30 10.12 -10.89
CA HIS B 3 4.74 8.79 -11.14
C HIS B 3 3.91 8.76 -12.45
N SER B 4 2.86 7.95 -12.48
CA SER B 4 1.94 7.73 -13.58
C SER B 4 0.53 7.53 -12.98
N SER B 5 -0.47 7.23 -13.81
CA SER B 5 -1.87 7.16 -13.38
C SER B 5 -2.16 6.05 -12.36
N HIS B 6 -1.31 5.00 -12.28
CA HIS B 6 -1.41 3.88 -11.35
C HIS B 6 -2.85 3.36 -11.24
N LEU B 7 -3.49 3.50 -10.08
CA LEU B 7 -4.79 2.99 -9.72
C LEU B 7 -5.26 3.88 -8.57
N SER B 9 -8.73 3.19 -7.19
CA SER B 9 -9.88 2.37 -6.75
C SER B 9 -11.25 3.09 -6.76
N LYS B 10 -11.38 4.14 -7.57
CA LYS B 10 -12.64 4.86 -7.76
C LYS B 10 -13.66 3.95 -8.47
N LYS B 11 -14.94 4.32 -8.40
CA LYS B 11 -15.98 3.67 -9.20
C LYS B 11 -15.61 3.79 -10.67
N GLY B 12 -15.81 2.70 -11.43
CA GLY B 12 -15.44 2.60 -12.83
C GLY B 12 -14.36 1.53 -13.06
N GLN B 13 -13.59 1.17 -12.02
CA GLN B 13 -12.64 0.07 -12.09
C GLN B 13 -13.41 -1.25 -12.34
N SER B 14 -14.44 -1.50 -11.54
CA SER B 14 -15.25 -2.71 -11.63
C SER B 14 -16.01 -2.78 -12.97
N THR B 15 -16.29 -4.01 -13.43
CA THR B 15 -17.13 -4.28 -14.59
C THR B 15 -18.51 -3.63 -14.39
N GLY A 1 18.05 0.59 18.19
CA GLY A 1 17.02 0.89 17.17
C GLY A 1 16.02 1.93 17.68
N HIS A 2 15.70 2.93 16.85
CA HIS A 2 14.74 3.98 17.15
C HIS A 2 14.11 4.48 15.85
N MET A 3 12.91 5.06 15.91
CA MET A 3 12.20 5.67 14.79
C MET A 3 11.41 6.88 15.32
N ASN A 4 11.17 7.86 14.45
CA ASN A 4 10.32 9.01 14.79
C ASN A 4 8.87 8.56 14.99
N SER A 5 8.11 9.31 15.78
CA SER A 5 6.69 9.08 16.00
C SER A 5 5.90 9.32 14.71
N PHE A 6 5.65 8.24 13.95
CA PHE A 6 4.79 8.14 12.76
C PHE A 6 5.31 8.92 11.54
N VAL A 7 5.46 10.24 11.66
CA VAL A 7 5.80 11.14 10.57
C VAL A 7 7.17 10.73 10.00
N GLY A 8 7.17 10.25 8.76
CA GLY A 8 8.36 9.82 8.02
C GLY A 8 8.31 8.33 7.67
N LEU A 9 7.53 7.52 8.40
CA LEU A 9 7.53 6.07 8.23
C LEU A 9 6.82 5.69 6.94
N ARG A 10 7.40 4.76 6.18
CA ARG A 10 6.74 4.11 5.04
C ARG A 10 5.75 3.13 5.65
N VAL A 11 4.49 3.21 5.20
CA VAL A 11 3.38 2.43 5.73
C VAL A 11 2.41 2.16 4.57
N VAL A 12 1.26 1.54 4.84
CA VAL A 12 0.16 1.41 3.90
C VAL A 12 -1.03 2.10 4.57
N ALA A 13 -1.92 2.70 3.81
CA ALA A 13 -3.02 3.51 4.32
C ALA A 13 -4.23 3.30 3.44
N LYS A 14 -5.43 3.45 3.95
CA LYS A 14 -6.62 3.31 3.13
C LYS A 14 -6.81 4.63 2.42
N TRP A 15 -7.16 4.57 1.15
CA TRP A 15 -7.60 5.76 0.44
C TRP A 15 -9.08 5.91 0.77
N SER A 16 -9.38 6.51 1.93
CA SER A 16 -10.72 6.55 2.50
C SER A 16 -11.78 7.18 1.58
N SER A 17 -11.35 8.04 0.65
CA SER A 17 -12.22 8.69 -0.32
C SER A 17 -12.85 7.71 -1.33
N ASN A 18 -12.37 6.46 -1.44
CA ASN A 18 -13.03 5.44 -2.27
C ASN A 18 -12.86 4.01 -1.73
N GLY A 19 -11.65 3.60 -1.36
CA GLY A 19 -11.37 2.26 -0.84
C GLY A 19 -9.95 1.80 -1.16
N TYR A 20 -9.57 0.62 -0.63
CA TYR A 20 -8.30 -0.11 -0.81
C TYR A 20 -7.16 0.57 -0.06
N PHE A 21 -6.08 -0.19 0.19
CA PHE A 21 -4.94 0.22 0.97
C PHE A 21 -3.75 0.34 0.03
N TYR A 22 -3.18 1.54 -0.09
CA TYR A 22 -2.08 1.86 -0.99
C TYR A 22 -0.87 2.24 -0.15
N SER A 23 0.35 2.03 -0.65
CA SER A 23 1.58 2.40 0.04
C SER A 23 1.74 3.91 0.09
N GLY A 24 2.38 4.42 1.15
CA GLY A 24 2.69 5.83 1.28
C GLY A 24 3.63 6.08 2.45
N LYS A 25 3.94 7.35 2.73
CA LYS A 25 4.71 7.73 3.91
C LYS A 25 3.86 8.72 4.69
N ILE A 26 3.88 8.66 6.02
CA ILE A 26 3.18 9.64 6.83
C ILE A 26 3.94 10.96 6.70
N THR A 27 3.22 12.06 6.49
CA THR A 27 3.83 13.36 6.20
C THR A 27 3.62 14.28 7.39
N ARG A 28 2.52 14.07 8.11
CA ARG A 28 2.18 14.85 9.30
C ARG A 28 1.09 14.20 10.12
N ASP A 29 1.08 14.44 11.42
CA ASP A 29 -0.03 14.12 12.30
C ASP A 29 -0.98 15.29 12.09
N VAL A 30 -2.12 15.06 11.45
CA VAL A 30 -3.08 16.13 11.19
C VAL A 30 -3.74 16.52 12.52
N GLY A 31 -4.23 15.54 13.28
CA GLY A 31 -4.84 15.74 14.58
C GLY A 31 -5.92 14.71 14.81
N ALA A 32 -6.37 14.53 16.06
CA ALA A 32 -7.45 13.62 16.45
C ALA A 32 -7.22 12.13 16.13
N GLY A 33 -6.05 11.75 15.61
CA GLY A 33 -5.75 10.42 15.12
C GLY A 33 -5.63 10.40 13.60
N LYS A 34 -5.96 11.48 12.89
CA LYS A 34 -5.67 11.60 11.47
C LYS A 34 -4.19 11.87 11.32
N TYR A 35 -3.60 11.23 10.33
CA TYR A 35 -2.24 11.46 9.85
C TYR A 35 -2.38 11.64 8.34
N LYS A 36 -1.69 12.61 7.76
CA LYS A 36 -1.69 12.84 6.33
C LYS A 36 -0.66 11.92 5.71
N LEU A 37 -1.02 11.33 4.58
CA LEU A 37 -0.29 10.26 3.93
C LEU A 37 0.02 10.67 2.49
N LEU A 38 1.32 10.75 2.19
CA LEU A 38 1.82 10.90 0.82
C LEU A 38 1.86 9.50 0.25
N PHE A 39 0.82 9.14 -0.50
CA PHE A 39 0.80 7.89 -1.24
C PHE A 39 1.91 7.92 -2.28
N ASP A 40 2.46 6.76 -2.61
CA ASP A 40 3.65 6.66 -3.47
C ASP A 40 3.37 7.09 -4.91
N ASP A 41 2.10 7.04 -5.33
CA ASP A 41 1.65 7.58 -6.62
C ASP A 41 1.54 9.12 -6.63
N GLY A 42 1.86 9.78 -5.51
CA GLY A 42 2.03 11.22 -5.38
C GLY A 42 0.88 11.93 -4.69
N TYR A 43 -0.19 11.21 -4.36
CA TYR A 43 -1.41 11.79 -3.80
C TYR A 43 -1.21 12.07 -2.30
N GLU A 44 -1.98 13.01 -1.75
CA GLU A 44 -1.90 13.39 -0.34
C GLU A 44 -3.34 13.63 0.15
N CYS A 45 -3.76 12.89 1.17
CA CYS A 45 -5.01 13.07 1.90
C CYS A 45 -4.77 12.70 3.36
N ASP A 46 -5.71 13.05 4.23
CA ASP A 46 -5.73 12.64 5.62
C ASP A 46 -6.33 11.24 5.70
N VAL A 47 -5.80 10.44 6.62
CA VAL A 47 -6.26 9.09 6.90
C VAL A 47 -6.18 8.91 8.42
N LEU A 48 -7.19 8.28 9.01
CA LEU A 48 -7.22 8.02 10.44
C LEU A 48 -6.30 6.87 10.80
N GLY A 49 -5.77 6.86 12.02
CA GLY A 49 -4.87 5.83 12.52
C GLY A 49 -5.44 4.42 12.39
N LYS A 50 -6.76 4.27 12.56
CA LYS A 50 -7.43 2.98 12.39
C LYS A 50 -7.23 2.42 10.99
N ASP A 51 -6.94 3.29 10.02
CA ASP A 51 -6.88 2.99 8.59
C ASP A 51 -5.44 3.05 8.06
N ILE A 52 -4.42 2.94 8.93
CA ILE A 52 -3.01 2.95 8.50
C ILE A 52 -2.36 1.72 9.13
N LEU A 53 -1.54 1.04 8.34
CA LEU A 53 -0.93 -0.24 8.63
C LEU A 53 0.57 0.02 8.54
N LEU A 54 1.32 -0.05 9.65
CA LEU A 54 2.71 0.44 9.68
C LEU A 54 3.80 -0.63 9.81
N CYS A 55 3.42 -1.89 9.92
CA CYS A 55 4.35 -3.02 10.05
C CYS A 55 3.91 -4.07 9.02
N ASP A 56 3.76 -3.54 7.80
CA ASP A 56 3.19 -4.04 6.57
C ASP A 56 4.05 -4.79 5.53
N PRO A 57 5.31 -5.24 5.71
CA PRO A 57 5.93 -6.14 4.73
C PRO A 57 4.96 -7.32 4.55
N ILE A 58 4.39 -7.48 3.35
CA ILE A 58 3.29 -8.41 3.12
C ILE A 58 3.79 -9.83 3.44
N PRO A 59 3.15 -10.56 4.37
CA PRO A 59 3.53 -11.94 4.64
C PRO A 59 3.25 -12.81 3.42
N LEU A 60 4.13 -13.77 3.15
CA LEU A 60 3.95 -14.70 2.05
C LEU A 60 2.63 -15.47 2.24
N ASP A 61 1.99 -15.84 1.13
CA ASP A 61 0.67 -16.47 1.03
C ASP A 61 -0.50 -15.49 1.19
N THR A 62 -0.24 -14.23 1.56
CA THR A 62 -1.27 -13.18 1.56
C THR A 62 -1.64 -12.86 0.11
N GLU A 63 -2.94 -12.66 -0.12
CA GLU A 63 -3.48 -12.24 -1.40
C GLU A 63 -3.30 -10.73 -1.49
N VAL A 64 -2.93 -10.24 -2.66
CA VAL A 64 -2.63 -8.84 -2.92
C VAL A 64 -3.06 -8.49 -4.33
N THR A 65 -3.25 -7.19 -4.57
CA THR A 65 -3.43 -6.65 -5.90
C THR A 65 -2.01 -6.34 -6.39
N ALA A 66 -1.71 -6.74 -7.62
CA ALA A 66 -0.47 -6.44 -8.30
C ALA A 66 -0.75 -5.39 -9.36
N LEU A 67 0.16 -4.43 -9.50
CA LEU A 67 -0.06 -3.24 -10.30
C LEU A 67 1.19 -2.88 -11.07
N SER A 68 1.19 -3.08 -12.38
CA SER A 68 2.26 -2.53 -13.21
C SER A 68 2.14 -1.01 -13.04
N GLU A 69 3.27 -0.34 -12.80
CA GLU A 69 3.36 1.06 -12.38
C GLU A 69 2.56 2.06 -13.21
N ASP A 70 2.27 1.77 -14.48
CA ASP A 70 1.50 2.71 -15.29
C ASP A 70 0.02 2.70 -14.94
N GLU A 71 -0.59 1.50 -14.82
CA GLU A 71 -2.00 1.31 -14.44
C GLU A 71 -2.48 -0.14 -14.41
N TYR A 72 -1.84 -1.05 -15.16
CA TYR A 72 -2.36 -2.41 -15.37
C TYR A 72 -2.55 -3.10 -14.02
N PHE A 73 -3.80 -3.51 -13.75
CA PHE A 73 -4.27 -3.98 -12.45
C PHE A 73 -4.71 -5.44 -12.56
N SER A 74 -4.23 -6.27 -11.62
CA SER A 74 -4.58 -7.67 -11.45
C SER A 74 -4.41 -8.06 -9.97
N ALA A 75 -4.71 -9.29 -9.56
CA ALA A 75 -4.43 -9.76 -8.20
C ALA A 75 -3.85 -11.18 -8.21
N GLY A 76 -3.13 -11.53 -7.13
CA GLY A 76 -2.35 -12.75 -6.98
C GLY A 76 -1.92 -12.89 -5.52
N VAL A 77 -0.90 -13.70 -5.24
CA VAL A 77 -0.46 -13.98 -3.87
C VAL A 77 1.04 -13.78 -3.77
N VAL A 78 1.53 -13.26 -2.65
CA VAL A 78 2.97 -13.16 -2.41
C VAL A 78 3.54 -14.57 -2.28
N LYS A 79 4.57 -14.92 -3.05
CA LYS A 79 5.33 -16.17 -2.85
C LYS A 79 6.84 -15.92 -2.87
N GLY A 80 7.29 -14.70 -2.58
CA GLY A 80 8.70 -14.41 -2.35
C GLY A 80 8.94 -12.91 -2.13
N HIS A 81 10.20 -12.56 -1.89
CA HIS A 81 10.66 -11.22 -1.48
C HIS A 81 12.00 -10.86 -2.13
N ARG A 82 12.26 -9.57 -2.31
CA ARG A 82 13.54 -9.02 -2.74
C ARG A 82 13.67 -7.64 -2.09
N LYS A 83 14.88 -7.10 -2.04
CA LYS A 83 15.15 -5.72 -1.65
C LYS A 83 16.04 -5.13 -2.74
N GLU A 84 15.65 -3.97 -3.28
CA GLU A 84 16.37 -3.33 -4.39
C GLU A 84 16.17 -1.83 -4.26
N SER A 85 17.21 -1.04 -4.58
CA SER A 85 17.17 0.42 -4.49
C SER A 85 16.67 0.94 -3.12
N GLY A 86 16.90 0.18 -2.04
CA GLY A 86 16.44 0.52 -0.71
C GLY A 86 14.92 0.46 -0.58
N GLU A 87 14.24 -0.43 -1.32
CA GLU A 87 12.79 -0.56 -1.30
C GLU A 87 12.46 -2.05 -1.45
N LEU A 88 11.27 -2.42 -1.00
CA LEU A 88 10.85 -3.80 -0.85
C LEU A 88 10.13 -4.27 -2.10
N TYR A 89 10.40 -5.50 -2.49
CA TYR A 89 9.87 -6.17 -3.67
C TYR A 89 9.31 -7.52 -3.25
N TYR A 90 8.44 -8.06 -4.09
CA TYR A 90 7.70 -9.28 -3.85
C TYR A 90 7.63 -10.03 -5.16
N SER A 91 7.83 -11.34 -5.14
CA SER A 91 7.55 -12.17 -6.30
C SER A 91 6.12 -12.66 -6.07
N ILE A 92 5.18 -11.99 -6.72
CA ILE A 92 3.77 -12.36 -6.65
C ILE A 92 3.57 -13.53 -7.60
N GLU A 93 2.97 -14.63 -7.14
CA GLU A 93 2.53 -15.67 -8.05
C GLU A 93 1.17 -15.17 -8.51
N LYS A 94 1.04 -14.99 -9.82
CA LYS A 94 -0.11 -14.36 -10.44
C LYS A 94 -0.33 -15.13 -11.72
N GLU A 95 -1.57 -15.48 -12.03
CA GLU A 95 -1.89 -16.35 -13.16
C GLU A 95 -1.14 -17.68 -13.13
N GLY A 96 -0.73 -18.13 -11.92
CA GLY A 96 -0.07 -19.41 -11.71
C GLY A 96 1.42 -19.40 -12.03
N GLN A 97 2.03 -18.21 -12.17
CA GLN A 97 3.46 -18.04 -12.46
C GLN A 97 4.02 -16.86 -11.68
N ARG A 98 5.33 -16.85 -11.41
CA ARG A 98 5.96 -15.81 -10.56
C ARG A 98 6.19 -14.55 -11.39
N LYS A 99 5.99 -13.38 -10.77
CA LYS A 99 6.16 -12.06 -11.37
C LYS A 99 6.68 -11.13 -10.28
N TRP A 100 7.74 -10.38 -10.52
CA TRP A 100 8.25 -9.42 -9.54
C TRP A 100 7.45 -8.12 -9.61
N TYR A 101 7.03 -7.62 -8.45
CA TYR A 101 6.43 -6.29 -8.27
C TYR A 101 7.08 -5.63 -7.04
N LYS A 102 6.93 -4.31 -6.90
CA LYS A 102 7.49 -3.50 -5.79
C LYS A 102 6.41 -3.15 -4.79
N ARG A 103 6.74 -2.62 -3.60
CA ARG A 103 5.73 -2.29 -2.58
C ARG A 103 4.55 -1.47 -3.11
N MET A 104 4.74 -0.33 -3.78
CA MET A 104 3.57 0.45 -4.26
C MET A 104 2.82 -0.24 -5.41
N ALA A 105 3.44 -1.26 -6.03
CA ALA A 105 2.83 -2.13 -7.03
C ALA A 105 2.21 -3.37 -6.39
N VAL A 106 2.36 -3.58 -5.08
CA VAL A 106 1.76 -4.67 -4.32
C VAL A 106 0.91 -4.01 -3.25
N ILE A 107 -0.35 -3.79 -3.60
CA ILE A 107 -1.28 -3.11 -2.74
C ILE A 107 -2.25 -4.18 -2.21
N LEU A 108 -3.15 -3.76 -1.31
CA LEU A 108 -4.07 -4.66 -0.65
C LEU A 108 -5.48 -4.16 -0.89
N SER A 109 -6.30 -5.01 -1.48
CA SER A 109 -7.73 -4.79 -1.58
C SER A 109 -8.29 -4.66 -0.16
N LEU A 110 -9.45 -4.04 0.02
CA LEU A 110 -9.92 -3.66 1.36
C LEU A 110 -9.97 -4.84 2.32
N GLU A 111 -10.47 -6.00 1.89
CA GLU A 111 -10.58 -7.16 2.78
C GLU A 111 -9.18 -7.66 3.15
N GLN A 112 -8.28 -7.70 2.16
CA GLN A 112 -6.91 -8.17 2.34
C GLN A 112 -6.18 -7.30 3.37
N GLY A 113 -6.40 -5.98 3.32
CA GLY A 113 -5.79 -5.04 4.28
C GLY A 113 -6.39 -5.17 5.68
N ASN A 114 -7.68 -5.50 5.76
CA ASN A 114 -8.42 -5.64 7.02
C ASN A 114 -7.87 -6.80 7.86
N ARG A 115 -7.50 -7.93 7.23
CA ARG A 115 -6.84 -9.06 7.93
C ARG A 115 -5.60 -8.62 8.71
N LEU A 116 -5.00 -7.50 8.30
CA LEU A 116 -3.79 -6.93 8.89
C LEU A 116 -4.14 -5.86 9.93
N ARG A 117 -5.24 -5.13 9.77
CA ARG A 117 -5.57 -3.96 10.59
C ARG A 117 -5.63 -4.30 12.07
N GLU A 118 -6.15 -5.49 12.39
CA GLU A 118 -6.24 -6.00 13.75
C GLU A 118 -4.87 -6.06 14.46
N GLN A 119 -3.74 -6.10 13.73
CA GLN A 119 -2.41 -6.12 14.32
C GLN A 119 -1.59 -4.86 13.96
N TYR A 120 -1.62 -4.44 12.69
CA TYR A 120 -0.74 -3.41 12.16
C TYR A 120 -1.36 -2.01 12.22
N GLY A 121 -2.65 -1.94 12.54
CA GLY A 121 -3.42 -0.72 12.71
C GLY A 121 -2.74 0.19 13.73
N LEU A 122 -2.54 1.48 13.40
CA LEU A 122 -2.04 2.43 14.38
C LEU A 122 -3.08 2.61 15.49
N GLY A 123 -4.33 2.75 15.06
CA GLY A 123 -5.46 3.00 15.93
C GLY A 123 -6.01 1.67 16.43
N ARG B 1 3.16 16.20 -14.12
CA ARG B 1 2.51 14.89 -13.88
C ARG B 1 3.44 14.01 -13.01
N ALA B 2 3.13 13.84 -11.71
CA ALA B 2 4.01 13.16 -10.76
C ALA B 2 4.13 11.66 -11.02
N HIS B 3 3.04 11.01 -11.47
CA HIS B 3 2.98 9.58 -11.73
C HIS B 3 1.87 9.32 -12.76
N SER B 4 1.84 8.12 -13.33
CA SER B 4 0.74 7.66 -14.18
C SER B 4 -0.56 7.48 -13.38
N SER B 5 -1.63 7.05 -14.05
CA SER B 5 -2.95 6.86 -13.44
C SER B 5 -2.94 5.84 -12.29
N HIS B 6 -2.01 4.87 -12.29
CA HIS B 6 -1.96 3.73 -11.38
C HIS B 6 -3.36 3.13 -11.21
N LEU B 7 -3.98 3.31 -10.06
CA LEU B 7 -5.26 2.75 -9.66
C LEU B 7 -5.77 3.69 -8.58
N SER B 9 -9.08 2.66 -7.34
CA SER B 9 -10.13 1.66 -7.04
C SER B 9 -11.52 2.00 -7.61
N LYS B 10 -11.58 2.86 -8.64
CA LYS B 10 -12.83 3.33 -9.23
C LYS B 10 -13.59 2.17 -9.89
N LYS B 11 -14.92 2.29 -9.98
CA LYS B 11 -15.74 1.34 -10.73
C LYS B 11 -15.46 1.43 -12.23
N GLY B 12 -15.18 2.64 -12.73
CA GLY B 12 -14.89 2.93 -14.13
C GLY B 12 -13.42 3.31 -14.29
N GLN B 13 -12.53 2.46 -13.77
CA GLN B 13 -11.09 2.70 -13.71
C GLN B 13 -10.47 2.89 -15.10
N SER B 14 -11.03 2.25 -16.13
CA SER B 14 -10.47 2.19 -17.48
C SER B 14 -11.60 2.28 -18.52
N THR B 15 -11.22 2.59 -19.76
CA THR B 15 -12.11 2.60 -20.93
C THR B 15 -12.77 1.22 -21.07
N GLY A 1 17.80 11.06 8.04
CA GLY A 1 16.64 11.46 8.86
C GLY A 1 16.34 10.42 9.94
N HIS A 2 16.25 10.85 11.22
CA HIS A 2 15.91 9.97 12.33
C HIS A 2 14.46 9.50 12.23
N MET A 3 14.15 8.34 12.83
CA MET A 3 12.79 7.85 12.95
C MET A 3 12.00 8.79 13.88
N ASN A 4 10.68 8.91 13.66
CA ASN A 4 9.80 9.77 14.47
C ASN A 4 8.40 9.18 14.50
N SER A 5 7.61 9.50 15.52
CA SER A 5 6.25 9.02 15.73
C SER A 5 5.39 9.27 14.49
N PHE A 6 5.07 8.19 13.76
CA PHE A 6 4.23 8.14 12.55
C PHE A 6 4.79 8.93 11.37
N VAL A 7 4.92 10.24 11.50
CA VAL A 7 5.39 11.15 10.48
C VAL A 7 6.78 10.70 10.02
N GLY A 8 6.86 10.24 8.76
CA GLY A 8 8.08 9.78 8.11
C GLY A 8 8.06 8.29 7.77
N LEU A 9 7.22 7.49 8.45
CA LEU A 9 7.18 6.03 8.25
C LEU A 9 6.55 5.70 6.91
N ARG A 10 7.12 4.69 6.22
CA ARG A 10 6.50 4.08 5.05
C ARG A 10 5.49 3.08 5.60
N VAL A 11 4.25 3.18 5.16
CA VAL A 11 3.12 2.40 5.66
C VAL A 11 2.19 2.08 4.47
N VAL A 12 1.04 1.46 4.72
CA VAL A 12 0.00 1.27 3.72
C VAL A 12 -1.25 1.93 4.31
N ALA A 13 -2.09 2.56 3.49
CA ALA A 13 -3.19 3.40 3.93
C ALA A 13 -4.34 3.28 2.94
N LYS A 14 -5.59 3.48 3.38
CA LYS A 14 -6.74 3.38 2.49
C LYS A 14 -6.88 4.71 1.77
N TRP A 15 -7.06 4.67 0.45
CA TRP A 15 -7.43 5.86 -0.28
C TRP A 15 -8.94 6.11 -0.09
N SER A 16 -9.31 7.37 0.10
CA SER A 16 -10.63 7.83 0.54
C SER A 16 -11.84 7.49 -0.36
N SER A 17 -11.68 7.24 -1.67
CA SER A 17 -12.80 6.84 -2.57
C SER A 17 -13.25 5.39 -2.33
N ASN A 18 -13.42 4.97 -1.06
CA ASN A 18 -13.64 3.60 -0.62
C ASN A 18 -12.65 2.62 -1.28
N GLY A 19 -11.40 3.06 -1.47
CA GLY A 19 -10.42 2.37 -2.28
C GLY A 19 -9.67 1.28 -1.51
N TYR A 20 -8.74 0.66 -2.25
CA TYR A 20 -7.73 -0.27 -1.74
C TYR A 20 -6.74 0.46 -0.86
N PHE A 21 -5.90 -0.31 -0.16
CA PHE A 21 -4.91 0.21 0.75
C PHE A 21 -3.63 0.30 -0.06
N TYR A 22 -3.20 1.52 -0.38
CA TYR A 22 -2.05 1.82 -1.23
C TYR A 22 -0.86 2.13 -0.30
N SER A 23 0.36 1.87 -0.76
CA SER A 23 1.58 2.21 -0.04
C SER A 23 1.77 3.73 0.01
N GLY A 24 2.37 4.25 1.07
CA GLY A 24 2.62 5.69 1.20
C GLY A 24 3.47 6.02 2.41
N LYS A 25 3.69 7.31 2.62
CA LYS A 25 4.57 7.87 3.64
C LYS A 25 3.74 8.85 4.44
N ILE A 26 3.74 8.74 5.76
CA ILE A 26 2.98 9.68 6.59
C ILE A 26 3.70 11.02 6.55
N THR A 27 3.00 12.09 6.23
CA THR A 27 3.59 13.40 5.96
C THR A 27 3.42 14.32 7.16
N ARG A 28 2.25 14.19 7.83
CA ARG A 28 1.93 14.93 9.05
C ARG A 28 0.68 14.35 9.73
N ASP A 29 0.67 14.31 11.06
CA ASP A 29 -0.51 14.01 11.87
C ASP A 29 -1.46 15.21 11.75
N VAL A 30 -2.52 15.07 10.96
CA VAL A 30 -3.45 16.15 10.68
C VAL A 30 -4.17 16.53 11.98
N GLY A 31 -4.72 15.55 12.69
CA GLY A 31 -5.40 15.76 13.96
C GLY A 31 -6.51 14.74 14.13
N ALA A 32 -7.02 14.56 15.35
CA ALA A 32 -8.13 13.66 15.67
C ALA A 32 -7.91 12.18 15.27
N GLY A 33 -6.70 11.81 14.86
CA GLY A 33 -6.35 10.47 14.39
C GLY A 33 -6.18 10.45 12.88
N LYS A 34 -6.48 11.53 12.16
CA LYS A 34 -6.15 11.68 10.75
C LYS A 34 -4.66 11.93 10.66
N TYR A 35 -4.02 11.25 9.73
CA TYR A 35 -2.64 11.48 9.31
C TYR A 35 -2.70 11.67 7.79
N LYS A 36 -1.97 12.64 7.26
CA LYS A 36 -1.89 12.86 5.84
C LYS A 36 -0.84 11.93 5.28
N LEU A 37 -1.13 11.34 4.13
CA LEU A 37 -0.37 10.26 3.53
C LEU A 37 0.00 10.68 2.13
N LEU A 38 1.31 10.77 1.89
CA LEU A 38 1.88 10.91 0.57
C LEU A 38 1.96 9.50 0.04
N PHE A 39 0.94 9.08 -0.68
CA PHE A 39 0.94 7.82 -1.38
C PHE A 39 2.16 7.76 -2.29
N ASP A 40 2.70 6.56 -2.47
CA ASP A 40 4.00 6.37 -3.14
C ASP A 40 3.93 6.72 -4.62
N ASP A 41 2.73 6.80 -5.20
CA ASP A 41 2.46 7.28 -6.56
C ASP A 41 2.34 8.81 -6.63
N GLY A 42 2.57 9.52 -5.52
CA GLY A 42 2.72 10.97 -5.47
C GLY A 42 1.48 11.72 -4.95
N TYR A 43 0.38 11.02 -4.67
CA TYR A 43 -0.88 11.62 -4.27
C TYR A 43 -0.87 11.92 -2.77
N GLU A 44 -1.69 12.87 -2.31
CA GLU A 44 -1.72 13.32 -0.91
C GLU A 44 -3.18 13.55 -0.50
N CYS A 45 -3.64 12.79 0.49
CA CYS A 45 -4.95 12.91 1.13
C CYS A 45 -4.77 12.58 2.63
N ASP A 46 -5.78 12.89 3.44
CA ASP A 46 -5.81 12.55 4.85
C ASP A 46 -6.55 11.23 5.05
N VAL A 47 -6.08 10.46 6.03
CA VAL A 47 -6.56 9.11 6.31
C VAL A 47 -6.53 8.91 7.82
N LEU A 48 -7.57 8.30 8.37
CA LEU A 48 -7.66 8.03 9.79
C LEU A 48 -6.75 6.88 10.18
N GLY A 49 -6.25 6.88 11.42
CA GLY A 49 -5.35 5.87 11.95
C GLY A 49 -5.90 4.45 11.84
N LYS A 50 -7.22 4.29 11.97
CA LYS A 50 -7.87 2.98 11.81
C LYS A 50 -7.52 2.38 10.44
N ASP A 51 -7.36 3.25 9.45
CA ASP A 51 -7.22 2.90 8.04
C ASP A 51 -5.76 2.93 7.59
N ILE A 52 -4.77 2.79 8.49
CA ILE A 52 -3.35 2.79 8.13
C ILE A 52 -2.70 1.59 8.82
N LEU A 53 -1.85 0.87 8.09
CA LEU A 53 -1.15 -0.34 8.48
C LEU A 53 0.32 0.02 8.46
N LEU A 54 1.02 0.01 9.60
CA LEU A 54 2.38 0.58 9.66
C LEU A 54 3.53 -0.42 9.84
N CYS A 55 3.21 -1.70 10.00
CA CYS A 55 4.20 -2.74 10.24
C CYS A 55 3.86 -3.89 9.29
N ASP A 56 3.73 -3.53 8.00
CA ASP A 56 3.18 -4.40 6.97
C ASP A 56 4.12 -4.85 5.84
N PRO A 57 5.19 -5.61 6.12
CA PRO A 57 5.92 -6.29 5.06
C PRO A 57 4.93 -7.41 4.70
N ILE A 58 4.43 -7.48 3.46
CA ILE A 58 3.30 -8.36 3.14
C ILE A 58 3.69 -9.83 3.44
N PRO A 59 2.93 -10.54 4.30
CA PRO A 59 3.22 -11.95 4.56
C PRO A 59 2.99 -12.77 3.30
N LEU A 60 3.83 -13.78 3.09
CA LEU A 60 3.67 -14.73 1.99
C LEU A 60 2.30 -15.39 2.10
N ASP A 61 1.72 -15.70 0.94
CA ASP A 61 0.40 -16.29 0.73
C ASP A 61 -0.75 -15.28 0.88
N THR A 62 -0.48 -14.02 1.25
CA THR A 62 -1.49 -12.97 1.23
C THR A 62 -1.82 -12.64 -0.22
N GLU A 63 -3.11 -12.48 -0.51
CA GLU A 63 -3.59 -11.97 -1.78
C GLU A 63 -3.35 -10.46 -1.81
N VAL A 64 -2.86 -9.97 -2.94
CA VAL A 64 -2.50 -8.57 -3.14
C VAL A 64 -2.80 -8.18 -4.58
N THR A 65 -2.93 -6.88 -4.81
CA THR A 65 -2.99 -6.30 -6.13
C THR A 65 -1.55 -5.99 -6.53
N ALA A 66 -1.23 -6.19 -7.81
CA ALA A 66 0.06 -5.97 -8.41
C ALA A 66 -0.10 -4.91 -9.51
N LEU A 67 0.89 -4.02 -9.63
CA LEU A 67 0.80 -2.83 -10.46
C LEU A 67 2.11 -2.59 -11.21
N SER A 68 2.06 -2.53 -12.53
CA SER A 68 3.21 -2.06 -13.29
C SER A 68 3.29 -0.54 -13.09
N GLU A 69 4.44 0.07 -13.38
CA GLU A 69 4.69 1.50 -13.14
C GLU A 69 3.96 2.42 -14.15
N ASP A 70 3.01 1.87 -14.93
CA ASP A 70 2.24 2.56 -15.96
C ASP A 70 0.83 1.95 -16.03
N GLU A 71 0.12 2.05 -14.90
CA GLU A 71 -1.30 1.75 -14.69
C GLU A 71 -1.81 0.32 -14.98
N TYR A 72 -1.03 -0.61 -15.56
CA TYR A 72 -1.45 -2.01 -15.67
C TYR A 72 -1.70 -2.56 -14.26
N PHE A 73 -2.87 -3.16 -14.06
CA PHE A 73 -3.38 -3.55 -12.75
C PHE A 73 -4.00 -4.94 -12.83
N SER A 74 -3.59 -5.82 -11.90
CA SER A 74 -4.13 -7.16 -11.72
C SER A 74 -3.97 -7.57 -10.25
N ALA A 75 -4.43 -8.77 -9.84
CA ALA A 75 -4.22 -9.29 -8.49
C ALA A 75 -3.70 -10.73 -8.52
N GLY A 76 -3.03 -11.14 -7.45
CA GLY A 76 -2.28 -12.38 -7.31
C GLY A 76 -1.88 -12.57 -5.85
N VAL A 77 -0.88 -13.39 -5.55
CA VAL A 77 -0.50 -13.73 -4.18
C VAL A 77 1.01 -13.62 -4.02
N VAL A 78 1.47 -13.14 -2.86
CA VAL A 78 2.90 -13.15 -2.53
C VAL A 78 3.36 -14.60 -2.41
N LYS A 79 4.44 -14.97 -3.07
CA LYS A 79 5.13 -16.27 -2.92
C LYS A 79 6.65 -16.09 -2.78
N GLY A 80 7.16 -14.87 -2.54
CA GLY A 80 8.58 -14.63 -2.26
C GLY A 80 8.89 -13.19 -1.96
N HIS A 81 10.14 -12.89 -1.57
CA HIS A 81 10.64 -11.58 -1.19
C HIS A 81 12.01 -11.33 -1.84
N ARG A 82 12.36 -10.06 -2.05
CA ARG A 82 13.67 -9.61 -2.51
C ARG A 82 13.90 -8.23 -1.92
N LYS A 83 15.16 -7.80 -1.88
CA LYS A 83 15.56 -6.43 -1.54
C LYS A 83 16.54 -6.00 -2.62
N GLU A 84 16.26 -4.87 -3.27
CA GLU A 84 17.02 -4.38 -4.42
C GLU A 84 16.94 -2.86 -4.43
N SER A 85 18.05 -2.19 -4.74
CA SER A 85 18.13 -0.73 -4.82
C SER A 85 17.54 0.01 -3.61
N GLY A 86 17.62 -0.61 -2.42
CA GLY A 86 17.06 -0.05 -1.19
C GLY A 86 15.53 0.02 -1.22
N GLU A 87 14.86 -0.95 -1.84
CA GLU A 87 13.40 -1.05 -1.89
C GLU A 87 13.08 -2.53 -1.75
N LEU A 88 11.90 -2.80 -1.19
CA LEU A 88 11.43 -4.12 -0.86
C LEU A 88 10.61 -4.63 -2.04
N TYR A 89 10.77 -5.90 -2.37
CA TYR A 89 10.18 -6.53 -3.54
C TYR A 89 9.52 -7.81 -3.11
N TYR A 90 8.54 -8.25 -3.91
CA TYR A 90 7.74 -9.43 -3.66
C TYR A 90 7.62 -10.17 -4.97
N SER A 91 7.82 -11.48 -4.93
CA SER A 91 7.48 -12.33 -6.06
C SER A 91 5.99 -12.55 -5.87
N ILE A 92 5.21 -11.92 -6.72
CA ILE A 92 3.78 -12.18 -6.76
C ILE A 92 3.61 -13.30 -7.77
N GLU A 93 2.99 -14.40 -7.37
CA GLU A 93 2.57 -15.42 -8.32
C GLU A 93 1.23 -14.92 -8.83
N LYS A 94 1.19 -14.59 -10.11
CA LYS A 94 0.10 -13.89 -10.77
C LYS A 94 0.01 -14.48 -12.17
N GLU A 95 -1.20 -14.76 -12.67
CA GLU A 95 -1.41 -15.52 -13.91
C GLU A 95 -0.64 -16.86 -13.90
N GLY A 96 -0.47 -17.47 -12.71
CA GLY A 96 0.21 -18.75 -12.55
C GLY A 96 1.71 -18.68 -12.85
N GLN A 97 2.33 -17.50 -12.73
CA GLN A 97 3.76 -17.29 -12.94
C GLN A 97 4.30 -16.34 -11.87
N ARG A 98 5.54 -16.56 -11.44
CA ARG A 98 6.19 -15.75 -10.40
C ARG A 98 6.78 -14.52 -11.07
N LYS A 99 6.43 -13.33 -10.58
CA LYS A 99 6.72 -12.05 -11.21
C LYS A 99 7.10 -11.09 -10.10
N TRP A 100 8.20 -10.35 -10.25
CA TRP A 100 8.65 -9.40 -9.25
C TRP A 100 7.86 -8.10 -9.37
N TYR A 101 7.26 -7.66 -8.26
CA TYR A 101 6.65 -6.34 -8.12
C TYR A 101 7.25 -5.72 -6.85
N LYS A 102 7.42 -4.41 -6.85
CA LYS A 102 8.05 -3.65 -5.75
C LYS A 102 7.00 -3.27 -4.71
N ARG A 103 7.39 -2.86 -3.50
CA ARG A 103 6.46 -2.54 -2.42
C ARG A 103 5.32 -1.63 -2.86
N MET A 104 5.57 -0.49 -3.50
CA MET A 104 4.47 0.39 -3.91
C MET A 104 3.58 -0.23 -5.00
N ALA A 105 4.12 -1.20 -5.75
CA ALA A 105 3.35 -1.93 -6.76
C ALA A 105 2.52 -3.05 -6.13
N VAL A 106 2.74 -3.39 -4.86
CA VAL A 106 2.10 -4.49 -4.18
C VAL A 106 1.21 -3.85 -3.12
N ILE A 107 -0.04 -3.60 -3.51
CA ILE A 107 -1.01 -2.93 -2.66
C ILE A 107 -1.99 -4.00 -2.16
N LEU A 108 -2.78 -3.68 -1.14
CA LEU A 108 -3.69 -4.64 -0.53
C LEU A 108 -5.09 -4.26 -0.92
N SER A 109 -5.80 -5.18 -1.55
CA SER A 109 -7.23 -5.06 -1.79
C SER A 109 -7.87 -4.86 -0.41
N LEU A 110 -8.89 -3.99 -0.29
CA LEU A 110 -9.41 -3.56 1.02
C LEU A 110 -9.76 -4.71 1.97
N GLU A 111 -10.31 -5.82 1.47
CA GLU A 111 -10.64 -6.96 2.34
C GLU A 111 -9.36 -7.60 2.86
N GLN A 112 -8.35 -7.73 2.00
CA GLN A 112 -7.08 -8.33 2.36
C GLN A 112 -6.36 -7.43 3.37
N GLY A 113 -6.40 -6.10 3.19
CA GLY A 113 -5.85 -5.15 4.16
C GLY A 113 -6.58 -5.21 5.49
N ASN A 114 -7.88 -5.51 5.50
CA ASN A 114 -8.66 -5.61 6.74
C ASN A 114 -8.17 -6.76 7.59
N ARG A 115 -7.77 -7.89 6.99
CA ARG A 115 -7.22 -9.02 7.74
C ARG A 115 -6.01 -8.60 8.59
N LEU A 116 -5.32 -7.52 8.20
CA LEU A 116 -4.13 -6.98 8.86
C LEU A 116 -4.49 -5.81 9.76
N ARG A 117 -5.59 -5.08 9.53
CA ARG A 117 -5.99 -3.90 10.30
C ARG A 117 -6.08 -4.20 11.78
N GLU A 118 -6.58 -5.38 12.12
CA GLU A 118 -6.70 -5.84 13.50
C GLU A 118 -5.35 -5.90 14.25
N GLN A 119 -4.20 -5.96 13.55
CA GLN A 119 -2.89 -5.99 14.18
C GLN A 119 -2.06 -4.74 13.88
N TYR A 120 -1.99 -4.36 12.60
CA TYR A 120 -1.09 -3.32 12.11
C TYR A 120 -1.74 -1.93 12.11
N GLY A 121 -3.05 -1.89 12.36
CA GLY A 121 -3.84 -0.68 12.45
C GLY A 121 -3.23 0.30 13.46
N LEU A 122 -3.06 1.57 13.10
CA LEU A 122 -2.63 2.57 14.07
C LEU A 122 -3.72 2.76 15.13
N GLY A 123 -4.97 2.85 14.64
CA GLY A 123 -6.14 3.15 15.45
C GLY A 123 -6.41 1.98 16.39
N ARG B 1 0.96 16.71 -15.35
CA ARG B 1 0.96 15.31 -14.86
C ARG B 1 2.00 15.15 -13.74
N ALA B 2 1.68 14.34 -12.70
CA ALA B 2 2.62 14.02 -11.62
C ALA B 2 3.10 12.56 -11.65
N HIS B 3 2.28 11.60 -12.11
CA HIS B 3 2.65 10.19 -12.25
C HIS B 3 1.82 9.57 -13.37
N SER B 4 2.17 8.35 -13.79
CA SER B 4 1.55 7.58 -14.86
C SER B 4 0.17 7.00 -14.49
N SER B 5 -0.70 7.81 -13.86
CA SER B 5 -2.11 7.54 -13.48
C SER B 5 -2.30 6.53 -12.35
N HIS B 6 -1.37 5.58 -12.22
CA HIS B 6 -1.40 4.40 -11.38
C HIS B 6 -2.77 3.74 -11.29
N LEU B 7 -3.54 3.90 -10.21
CA LEU B 7 -4.73 3.11 -9.97
C LEU B 7 -5.62 3.77 -8.92
N SER B 9 -8.58 1.68 -7.97
CA SER B 9 -9.22 0.40 -7.60
C SER B 9 -10.70 0.29 -8.02
N LYS B 10 -11.28 -0.92 -7.99
CA LYS B 10 -12.60 -1.18 -8.57
C LYS B 10 -13.69 -0.26 -8.01
N LYS B 11 -13.56 0.15 -6.74
CA LYS B 11 -14.54 1.00 -6.07
C LYS B 11 -14.47 2.47 -6.49
N GLY B 12 -13.39 2.93 -7.14
CA GLY B 12 -13.16 4.35 -7.41
C GLY B 12 -12.59 4.68 -8.79
N GLN B 13 -12.07 3.69 -9.52
CA GLN B 13 -11.49 3.88 -10.85
C GLN B 13 -12.55 4.32 -11.87
N SER B 14 -13.81 3.97 -11.65
CA SER B 14 -14.96 4.33 -12.48
C SER B 14 -16.18 4.54 -11.57
N THR B 15 -17.21 5.21 -12.08
CA THR B 15 -18.51 5.31 -11.44
C THR B 15 -19.14 3.91 -11.29
N GLY A 1 19.24 3.90 13.87
CA GLY A 1 17.93 4.12 14.54
C GLY A 1 17.24 5.37 13.99
N HIS A 2 16.20 5.19 13.16
CA HIS A 2 15.58 6.28 12.40
C HIS A 2 14.05 6.25 12.50
N MET A 3 13.48 5.43 13.40
CA MET A 3 12.05 5.40 13.66
C MET A 3 11.62 6.74 14.27
N ASN A 4 10.37 7.15 14.02
CA ASN A 4 9.75 8.35 14.57
C ASN A 4 8.26 8.09 14.76
N SER A 5 7.61 8.88 15.60
CA SER A 5 6.17 8.80 15.89
C SER A 5 5.35 9.12 14.63
N PHE A 6 5.07 8.08 13.83
CA PHE A 6 4.24 8.06 12.63
C PHE A 6 4.80 8.86 11.47
N VAL A 7 4.99 10.17 11.63
CA VAL A 7 5.42 11.07 10.57
C VAL A 7 6.81 10.63 10.09
N GLY A 8 6.92 10.29 8.80
CA GLY A 8 8.13 9.81 8.16
C GLY A 8 8.04 8.33 7.76
N LEU A 9 7.24 7.52 8.47
CA LEU A 9 7.17 6.07 8.24
C LEU A 9 6.52 5.73 6.91
N ARG A 10 7.09 4.74 6.20
CA ARG A 10 6.46 4.14 5.04
C ARG A 10 5.48 3.12 5.59
N VAL A 11 4.22 3.17 5.14
CA VAL A 11 3.12 2.38 5.65
C VAL A 11 2.19 2.07 4.47
N VAL A 12 1.06 1.41 4.72
CA VAL A 12 0.00 1.23 3.73
C VAL A 12 -1.24 1.90 4.34
N ALA A 13 -2.07 2.55 3.54
CA ALA A 13 -3.16 3.41 4.00
C ALA A 13 -4.33 3.34 3.05
N LYS A 14 -5.56 3.58 3.50
CA LYS A 14 -6.74 3.51 2.63
C LYS A 14 -6.86 4.83 1.89
N TRP A 15 -7.03 4.76 0.58
CA TRP A 15 -7.38 5.94 -0.19
C TRP A 15 -8.86 6.28 0.06
N SER A 16 -9.17 7.57 0.15
CA SER A 16 -10.44 8.11 0.61
C SER A 16 -11.70 7.77 -0.23
N SER A 17 -11.60 7.46 -1.53
CA SER A 17 -12.76 7.09 -2.36
C SER A 17 -13.24 5.66 -2.09
N ASN A 18 -13.40 5.29 -0.81
CA ASN A 18 -13.67 3.93 -0.33
C ASN A 18 -12.75 2.89 -1.01
N GLY A 19 -11.47 3.24 -1.17
CA GLY A 19 -10.52 2.48 -1.98
C GLY A 19 -9.79 1.39 -1.21
N TYR A 20 -8.89 0.74 -1.93
CA TYR A 20 -7.89 -0.20 -1.44
C TYR A 20 -6.85 0.53 -0.60
N PHE A 21 -6.02 -0.27 0.09
CA PHE A 21 -4.97 0.24 0.94
C PHE A 21 -3.73 0.33 0.05
N TYR A 22 -3.31 1.56 -0.29
CA TYR A 22 -2.16 1.84 -1.16
C TYR A 22 -0.97 2.17 -0.26
N SER A 23 0.24 1.91 -0.73
CA SER A 23 1.47 2.22 0.00
C SER A 23 1.72 3.73 0.00
N GLY A 24 2.36 4.26 1.04
CA GLY A 24 2.61 5.69 1.17
C GLY A 24 3.47 6.01 2.38
N LYS A 25 3.68 7.30 2.61
CA LYS A 25 4.56 7.88 3.63
C LYS A 25 3.72 8.83 4.45
N ILE A 26 3.74 8.72 5.77
CA ILE A 26 2.99 9.65 6.61
C ILE A 26 3.73 10.98 6.57
N THR A 27 3.01 12.08 6.38
CA THR A 27 3.61 13.39 6.15
C THR A 27 3.37 14.28 7.37
N ARG A 28 2.24 14.04 8.05
CA ARG A 28 1.86 14.79 9.25
C ARG A 28 0.71 14.14 9.99
N ASP A 29 0.67 14.30 11.31
CA ASP A 29 -0.49 13.97 12.13
C ASP A 29 -1.42 15.16 11.92
N VAL A 30 -2.54 14.96 11.23
CA VAL A 30 -3.49 16.03 10.95
C VAL A 30 -4.22 16.38 12.25
N GLY A 31 -4.74 15.37 12.96
CA GLY A 31 -5.42 15.54 14.24
C GLY A 31 -6.51 14.49 14.38
N ALA A 32 -7.02 14.28 15.59
CA ALA A 32 -8.11 13.35 15.90
C ALA A 32 -7.84 11.88 15.55
N GLY A 33 -6.63 11.54 15.09
CA GLY A 33 -6.28 10.21 14.60
C GLY A 33 -6.11 10.23 13.08
N LYS A 34 -6.42 11.33 12.39
CA LYS A 34 -6.07 11.48 10.98
C LYS A 34 -4.58 11.76 10.89
N TYR A 35 -3.93 11.13 9.93
CA TYR A 35 -2.57 11.40 9.51
C TYR A 35 -2.66 11.61 7.99
N LYS A 36 -1.95 12.60 7.47
CA LYS A 36 -1.90 12.85 6.04
C LYS A 36 -0.86 11.94 5.45
N LEU A 37 -1.18 11.37 4.30
CA LEU A 37 -0.42 10.31 3.66
C LEU A 37 -0.07 10.74 2.25
N LEU A 38 1.23 10.82 2.00
CA LEU A 38 1.80 10.99 0.68
C LEU A 38 1.86 9.57 0.14
N PHE A 39 0.83 9.15 -0.57
CA PHE A 39 0.84 7.90 -1.29
C PHE A 39 2.06 7.86 -2.21
N ASP A 40 2.61 6.66 -2.43
CA ASP A 40 3.89 6.50 -3.10
C ASP A 40 3.82 6.90 -4.59
N ASP A 41 2.61 6.94 -5.17
CA ASP A 41 2.33 7.46 -6.51
C ASP A 41 2.24 9.00 -6.56
N GLY A 42 2.42 9.69 -5.42
CA GLY A 42 2.59 11.13 -5.32
C GLY A 42 1.36 11.87 -4.78
N TYR A 43 0.26 11.16 -4.53
CA TYR A 43 -1.01 11.75 -4.12
C TYR A 43 -1.00 12.03 -2.61
N GLU A 44 -1.84 12.95 -2.14
CA GLU A 44 -1.85 13.39 -0.73
C GLU A 44 -3.29 13.60 -0.28
N CYS A 45 -3.72 12.84 0.73
CA CYS A 45 -5.01 12.95 1.39
C CYS A 45 -4.83 12.64 2.88
N ASP A 46 -5.83 13.00 3.70
CA ASP A 46 -5.89 12.59 5.09
C ASP A 46 -6.45 11.18 5.16
N VAL A 47 -5.96 10.40 6.12
CA VAL A 47 -6.42 9.03 6.37
C VAL A 47 -6.41 8.83 7.88
N LEU A 48 -7.43 8.16 8.41
CA LEU A 48 -7.55 7.88 9.84
C LEU A 48 -6.68 6.71 10.26
N GLY A 49 -6.26 6.69 11.52
CA GLY A 49 -5.43 5.66 12.09
C GLY A 49 -5.97 4.25 11.91
N LYS A 50 -7.30 4.06 12.05
CA LYS A 50 -7.87 2.71 11.83
C LYS A 50 -7.74 2.23 10.38
N ASP A 51 -7.33 3.10 9.46
CA ASP A 51 -7.20 2.84 8.03
C ASP A 51 -5.72 2.87 7.60
N ILE A 52 -4.74 2.69 8.51
CA ILE A 52 -3.31 2.71 8.16
C ILE A 52 -2.65 1.50 8.85
N LEU A 53 -1.75 0.83 8.13
CA LEU A 53 -1.04 -0.39 8.55
C LEU A 53 0.43 0.00 8.49
N LEU A 54 1.16 0.01 9.62
CA LEU A 54 2.51 0.60 9.65
C LEU A 54 3.68 -0.37 9.78
N CYS A 55 3.42 -1.66 9.92
CA CYS A 55 4.45 -2.67 10.11
C CYS A 55 4.09 -3.82 9.17
N ASP A 56 3.91 -3.46 7.89
CA ASP A 56 3.33 -4.34 6.89
C ASP A 56 4.23 -4.74 5.70
N PRO A 57 5.32 -5.48 5.92
CA PRO A 57 6.02 -6.13 4.81
C PRO A 57 5.02 -7.25 4.46
N ILE A 58 4.49 -7.29 3.23
CA ILE A 58 3.36 -8.18 2.92
C ILE A 58 3.75 -9.64 3.19
N PRO A 59 3.00 -10.38 4.04
CA PRO A 59 3.26 -11.79 4.26
C PRO A 59 3.10 -12.58 2.97
N LEU A 60 3.95 -13.61 2.78
CA LEU A 60 3.75 -14.56 1.70
C LEU A 60 2.40 -15.23 1.89
N ASP A 61 1.77 -15.62 0.77
CA ASP A 61 0.43 -16.20 0.67
C ASP A 61 -0.70 -15.18 0.86
N THR A 62 -0.40 -13.92 1.19
CA THR A 62 -1.40 -12.86 1.21
C THR A 62 -1.81 -12.54 -0.23
N GLU A 63 -3.11 -12.45 -0.48
CA GLU A 63 -3.66 -11.96 -1.74
C GLU A 63 -3.46 -10.44 -1.77
N VAL A 64 -3.03 -9.93 -2.92
CA VAL A 64 -2.71 -8.53 -3.12
C VAL A 64 -3.05 -8.13 -4.54
N THR A 65 -3.19 -6.83 -4.74
CA THR A 65 -3.30 -6.22 -6.04
C THR A 65 -1.86 -5.89 -6.47
N ALA A 66 -1.59 -6.06 -7.76
CA ALA A 66 -0.31 -5.82 -8.40
C ALA A 66 -0.53 -4.78 -9.49
N LEU A 67 0.45 -3.90 -9.67
CA LEU A 67 0.34 -2.71 -10.51
C LEU A 67 1.62 -2.54 -11.30
N SER A 68 1.56 -2.55 -12.62
CA SER A 68 2.71 -2.13 -13.42
C SER A 68 2.83 -0.61 -13.25
N GLU A 69 4.01 -0.05 -13.51
CA GLU A 69 4.32 1.35 -13.21
C GLU A 69 3.64 2.34 -14.20
N ASP A 70 2.68 1.86 -14.99
CA ASP A 70 1.89 2.65 -15.93
C ASP A 70 0.45 2.12 -15.96
N GLU A 71 -0.17 2.12 -14.78
CA GLU A 71 -1.59 1.87 -14.50
C GLU A 71 -2.22 0.51 -14.91
N TYR A 72 -1.45 -0.44 -15.46
CA TYR A 72 -1.98 -1.80 -15.65
C TYR A 72 -2.20 -2.40 -14.25
N PHE A 73 -3.38 -2.99 -14.03
CA PHE A 73 -3.85 -3.41 -12.71
C PHE A 73 -4.44 -4.82 -12.79
N SER A 74 -4.00 -5.69 -11.87
CA SER A 74 -4.51 -7.04 -11.67
C SER A 74 -4.30 -7.46 -10.20
N ALA A 75 -4.73 -8.66 -9.79
CA ALA A 75 -4.46 -9.19 -8.45
C ALA A 75 -3.91 -10.62 -8.52
N GLY A 76 -3.24 -11.04 -7.45
CA GLY A 76 -2.50 -12.29 -7.33
C GLY A 76 -2.07 -12.50 -5.87
N VAL A 77 -1.06 -13.32 -5.61
CA VAL A 77 -0.64 -13.65 -4.24
C VAL A 77 0.87 -13.48 -4.12
N VAL A 78 1.36 -12.98 -2.99
CA VAL A 78 2.79 -12.96 -2.72
C VAL A 78 3.29 -14.40 -2.62
N LYS A 79 4.33 -14.79 -3.38
CA LYS A 79 5.01 -16.08 -3.21
C LYS A 79 6.53 -15.92 -3.18
N GLY A 80 7.04 -14.72 -2.89
CA GLY A 80 8.45 -14.50 -2.61
C GLY A 80 8.77 -13.03 -2.39
N HIS A 81 10.05 -12.75 -2.11
CA HIS A 81 10.56 -11.44 -1.71
C HIS A 81 11.93 -11.17 -2.35
N ARG A 82 12.30 -9.90 -2.46
CA ARG A 82 13.64 -9.41 -2.84
C ARG A 82 13.83 -8.06 -2.17
N LYS A 83 15.08 -7.64 -1.99
CA LYS A 83 15.48 -6.33 -1.49
C LYS A 83 16.57 -5.84 -2.41
N GLU A 84 16.36 -4.70 -3.05
CA GLU A 84 17.27 -4.17 -4.06
C GLU A 84 17.14 -2.65 -4.08
N SER A 85 18.26 -1.94 -4.24
CA SER A 85 18.31 -0.47 -4.31
C SER A 85 17.56 0.22 -3.17
N GLY A 86 17.52 -0.42 -1.98
CA GLY A 86 16.82 0.11 -0.81
C GLY A 86 15.31 0.12 -0.99
N GLU A 87 14.74 -0.83 -1.74
CA GLU A 87 13.31 -0.97 -1.93
C GLU A 87 12.97 -2.45 -1.83
N LEU A 88 11.73 -2.74 -1.48
CA LEU A 88 11.21 -4.04 -1.16
C LEU A 88 10.40 -4.53 -2.35
N TYR A 89 10.65 -5.76 -2.75
CA TYR A 89 10.08 -6.39 -3.92
C TYR A 89 9.41 -7.68 -3.50
N TYR A 90 8.44 -8.09 -4.30
CA TYR A 90 7.61 -9.26 -4.06
C TYR A 90 7.47 -9.97 -5.39
N SER A 91 7.75 -11.26 -5.43
CA SER A 91 7.45 -12.08 -6.58
C SER A 91 6.01 -12.54 -6.36
N ILE A 92 5.08 -11.81 -6.97
CA ILE A 92 3.67 -12.12 -6.91
C ILE A 92 3.44 -13.25 -7.91
N GLU A 93 2.76 -14.33 -7.51
CA GLU A 93 2.29 -15.31 -8.47
C GLU A 93 0.98 -14.74 -8.98
N LYS A 94 0.94 -14.46 -10.29
CA LYS A 94 -0.12 -13.72 -10.94
C LYS A 94 -0.28 -14.38 -12.31
N GLU A 95 -1.51 -14.64 -12.73
CA GLU A 95 -1.81 -15.46 -13.92
C GLU A 95 -1.07 -16.81 -13.88
N GLY A 96 -0.92 -17.38 -12.66
CA GLY A 96 -0.35 -18.70 -12.44
C GLY A 96 1.16 -18.80 -12.64
N GLN A 97 1.87 -17.66 -12.68
CA GLN A 97 3.32 -17.61 -12.87
C GLN A 97 3.91 -16.46 -12.02
N ARG A 98 5.20 -16.52 -11.69
CA ARG A 98 5.81 -15.50 -10.81
C ARG A 98 6.11 -14.25 -11.63
N LYS A 99 5.88 -13.09 -11.03
CA LYS A 99 6.07 -11.76 -11.62
C LYS A 99 6.60 -10.87 -10.52
N TRP A 100 7.68 -10.13 -10.75
CA TRP A 100 8.19 -9.21 -9.75
C TRP A 100 7.40 -7.90 -9.78
N TYR A 101 6.97 -7.43 -8.61
CA TYR A 101 6.38 -6.11 -8.38
C TYR A 101 7.07 -5.53 -7.14
N LYS A 102 6.98 -4.22 -6.94
CA LYS A 102 7.65 -3.49 -5.84
C LYS A 102 6.63 -3.06 -4.80
N ARG A 103 7.05 -2.64 -3.62
CA ARG A 103 6.14 -2.24 -2.52
C ARG A 103 5.04 -1.28 -2.94
N MET A 104 5.32 -0.20 -3.69
CA MET A 104 4.23 0.69 -4.09
C MET A 104 3.28 0.04 -5.11
N ALA A 105 3.78 -0.96 -5.84
CA ALA A 105 3.03 -1.70 -6.84
C ALA A 105 2.29 -2.89 -6.23
N VAL A 106 2.50 -3.19 -4.95
CA VAL A 106 1.88 -4.31 -4.27
C VAL A 106 1.01 -3.71 -3.17
N ILE A 107 -0.29 -3.62 -3.46
CA ILE A 107 -1.25 -2.93 -2.61
C ILE A 107 -2.26 -3.97 -2.11
N LEU A 108 -3.02 -3.63 -1.08
CA LEU A 108 -3.89 -4.59 -0.40
C LEU A 108 -5.33 -4.20 -0.65
N SER A 109 -6.12 -5.15 -1.17
CA SER A 109 -7.55 -5.01 -1.25
C SER A 109 -8.04 -4.87 0.19
N LEU A 110 -8.97 -3.94 0.44
CA LEU A 110 -9.35 -3.54 1.81
C LEU A 110 -9.78 -4.73 2.67
N GLU A 111 -10.46 -5.72 2.08
CA GLU A 111 -10.95 -6.89 2.79
C GLU A 111 -9.75 -7.70 3.34
N GLN A 112 -8.66 -7.76 2.57
CA GLN A 112 -7.43 -8.44 2.95
C GLN A 112 -6.70 -7.58 3.99
N GLY A 113 -6.60 -6.28 3.75
CA GLY A 113 -5.94 -5.33 4.67
C GLY A 113 -6.59 -5.34 6.05
N ASN A 114 -7.90 -5.59 6.13
CA ASN A 114 -8.60 -5.73 7.40
C ASN A 114 -8.01 -6.84 8.27
N ARG A 115 -7.63 -7.98 7.68
CA ARG A 115 -7.00 -9.09 8.42
C ARG A 115 -5.68 -8.66 9.06
N LEU A 116 -5.04 -7.60 8.53
CA LEU A 116 -3.82 -7.04 9.08
C LEU A 116 -4.14 -5.87 10.02
N ARG A 117 -5.28 -5.19 9.86
CA ARG A 117 -5.67 -4.01 10.65
C ARG A 117 -5.71 -4.35 12.13
N GLU A 118 -6.21 -5.55 12.47
CA GLU A 118 -6.27 -6.01 13.85
C GLU A 118 -4.88 -6.08 14.53
N GLN A 119 -3.75 -6.10 13.80
CA GLN A 119 -2.42 -6.10 14.40
C GLN A 119 -1.64 -4.84 14.05
N TYR A 120 -1.57 -4.49 12.76
CA TYR A 120 -0.72 -3.43 12.22
C TYR A 120 -1.43 -2.09 12.18
N GLY A 121 -2.74 -2.08 12.44
CA GLY A 121 -3.57 -0.90 12.51
C GLY A 121 -2.99 0.10 13.52
N LEU A 122 -2.85 1.37 13.13
CA LEU A 122 -2.50 2.38 14.11
C LEU A 122 -3.66 2.48 15.11
N GLY A 123 -4.86 2.52 14.54
CA GLY A 123 -6.12 2.51 15.24
C GLY A 123 -6.61 1.06 15.32
N ARG B 1 3.94 17.67 -13.51
CA ARG B 1 3.76 16.20 -13.71
C ARG B 1 4.44 15.45 -12.56
N ALA B 2 3.85 14.32 -12.12
CA ALA B 2 4.45 13.45 -11.09
C ALA B 2 4.30 11.98 -11.50
N HIS B 3 3.06 11.53 -11.76
CA HIS B 3 2.74 10.18 -12.20
C HIS B 3 1.37 10.18 -12.89
N SER B 4 1.02 9.08 -13.55
CA SER B 4 -0.31 8.82 -14.09
C SER B 4 -1.34 8.66 -12.94
N SER B 5 -2.60 8.36 -13.28
CA SER B 5 -3.64 8.01 -12.30
C SER B 5 -3.25 6.84 -11.40
N HIS B 6 -2.36 5.97 -11.89
CA HIS B 6 -1.97 4.67 -11.34
C HIS B 6 -3.15 3.73 -11.19
N LEU B 7 -4.06 3.98 -10.23
CA LEU B 7 -5.18 3.12 -9.95
C LEU B 7 -6.06 3.84 -8.95
N SER B 9 -9.31 2.27 -7.15
CA SER B 9 -9.95 0.96 -7.00
C SER B 9 -11.48 0.98 -7.07
N LYS B 10 -12.11 2.15 -6.79
CA LYS B 10 -13.56 2.35 -6.90
C LYS B 10 -13.93 3.73 -7.47
N LYS B 11 -13.00 4.44 -8.14
CA LYS B 11 -13.28 5.76 -8.70
C LYS B 11 -12.46 6.04 -9.98
N GLY B 12 -12.21 5.02 -10.81
CA GLY B 12 -11.48 5.21 -12.07
C GLY B 12 -11.37 3.88 -12.79
N GLN B 13 -10.20 3.22 -12.68
CA GLN B 13 -9.98 1.85 -13.14
C GLN B 13 -10.57 0.87 -12.11
N SER B 14 -11.82 1.12 -11.72
CA SER B 14 -12.54 0.39 -10.68
C SER B 14 -12.70 -1.09 -11.03
N THR B 15 -12.88 -1.93 -10.00
CA THR B 15 -13.26 -3.32 -10.16
C THR B 15 -14.57 -3.44 -10.94
N GLY A 1 19.19 6.51 14.30
CA GLY A 1 18.74 7.55 13.35
C GLY A 1 17.42 8.18 13.77
N HIS A 2 16.64 8.69 12.81
CA HIS A 2 15.32 9.26 13.06
C HIS A 2 14.37 8.20 13.61
N MET A 3 13.48 8.60 14.52
CA MET A 3 12.37 7.79 15.00
C MET A 3 11.27 8.77 15.45
N ASN A 4 10.01 8.37 15.31
CA ASN A 4 8.83 9.12 15.72
C ASN A 4 7.68 8.12 15.89
N SER A 5 6.63 8.52 16.61
CA SER A 5 5.40 7.77 16.74
C SER A 5 4.83 7.28 15.41
N PHE A 6 4.76 8.19 14.42
CA PHE A 6 4.07 7.94 13.17
C PHE A 6 4.70 8.73 12.03
N VAL A 7 4.93 10.02 12.25
CA VAL A 7 5.38 10.99 11.25
C VAL A 7 6.76 10.58 10.74
N GLY A 8 6.85 10.22 9.46
CA GLY A 8 8.09 9.82 8.80
C GLY A 8 8.08 8.35 8.40
N LEU A 9 7.22 7.52 9.00
CA LEU A 9 7.23 6.08 8.78
C LEU A 9 6.61 5.75 7.42
N ARG A 10 7.20 4.78 6.71
CA ARG A 10 6.61 4.18 5.52
C ARG A 10 5.56 3.18 6.01
N VAL A 11 4.35 3.27 5.47
CA VAL A 11 3.20 2.46 5.88
C VAL A 11 2.32 2.22 4.65
N VAL A 12 1.16 1.58 4.81
CA VAL A 12 0.13 1.47 3.77
C VAL A 12 -1.10 2.17 4.34
N ALA A 13 -1.88 2.86 3.52
CA ALA A 13 -2.95 3.74 3.95
C ALA A 13 -4.09 3.67 2.93
N LYS A 14 -5.33 3.91 3.34
CA LYS A 14 -6.46 3.92 2.41
C LYS A 14 -6.54 5.27 1.75
N TRP A 15 -6.67 5.30 0.42
CA TRP A 15 -6.98 6.54 -0.26
C TRP A 15 -8.47 6.85 -0.05
N SER A 16 -8.77 8.12 0.19
CA SER A 16 -10.06 8.63 0.64
C SER A 16 -11.30 8.38 -0.22
N SER A 17 -11.20 8.15 -1.54
CA SER A 17 -12.36 7.88 -2.41
C SER A 17 -12.89 6.44 -2.25
N ASN A 18 -13.04 5.98 -1.01
CA ASN A 18 -13.31 4.59 -0.62
C ASN A 18 -12.34 3.61 -1.32
N GLY A 19 -11.09 4.04 -1.48
CA GLY A 19 -10.09 3.37 -2.31
C GLY A 19 -9.43 2.18 -1.64
N TYR A 20 -8.53 1.56 -2.40
CA TYR A 20 -7.59 0.54 -1.97
C TYR A 20 -6.53 1.15 -1.05
N PHE A 21 -5.77 0.29 -0.40
CA PHE A 21 -4.75 0.69 0.55
C PHE A 21 -3.44 0.75 -0.26
N TYR A 22 -2.94 1.96 -0.50
CA TYR A 22 -1.73 2.21 -1.29
C TYR A 22 -0.57 2.45 -0.31
N SER A 23 0.67 2.21 -0.73
CA SER A 23 1.85 2.54 0.07
C SER A 23 1.99 4.05 0.21
N GLY A 24 2.51 4.52 1.35
CA GLY A 24 2.67 5.94 1.61
C GLY A 24 3.55 6.19 2.82
N LYS A 25 3.73 7.46 3.15
CA LYS A 25 4.68 7.95 4.14
C LYS A 25 3.92 8.97 4.97
N ILE A 26 3.90 8.82 6.29
CA ILE A 26 3.12 9.73 7.14
C ILE A 26 3.86 11.07 7.16
N THR A 27 3.15 12.18 6.99
CA THR A 27 3.77 13.49 6.80
C THR A 27 3.53 14.37 8.02
N ARG A 28 2.35 14.23 8.64
CA ARG A 28 1.99 14.90 9.89
C ARG A 28 0.73 14.31 10.51
N ASP A 29 0.69 14.19 11.84
CA ASP A 29 -0.51 13.86 12.62
C ASP A 29 -1.45 15.06 12.53
N VAL A 30 -2.49 14.97 11.71
CA VAL A 30 -3.42 16.05 11.47
C VAL A 30 -4.19 16.35 12.77
N GLY A 31 -4.76 15.32 13.40
CA GLY A 31 -5.49 15.44 14.65
C GLY A 31 -6.64 14.45 14.68
N ALA A 32 -7.22 14.20 15.85
CA ALA A 32 -8.35 13.30 16.05
C ALA A 32 -8.11 11.84 15.61
N GLY A 33 -6.86 11.48 15.28
CA GLY A 33 -6.50 10.18 14.71
C GLY A 33 -6.27 10.27 13.21
N LYS A 34 -6.52 11.40 12.54
CA LYS A 34 -6.11 11.60 11.16
C LYS A 34 -4.62 11.86 11.16
N TYR A 35 -3.93 11.24 10.21
CA TYR A 35 -2.54 11.50 9.85
C TYR A 35 -2.56 11.75 8.35
N LYS A 36 -1.83 12.75 7.89
CA LYS A 36 -1.72 13.04 6.47
C LYS A 36 -0.65 12.13 5.89
N LEU A 37 -0.93 11.58 4.72
CA LEU A 37 -0.16 10.52 4.08
C LEU A 37 0.26 10.97 2.71
N LEU A 38 1.57 11.04 2.50
CA LEU A 38 2.19 11.23 1.20
C LEU A 38 2.28 9.84 0.58
N PHE A 39 1.33 9.52 -0.28
CA PHE A 39 1.33 8.26 -1.02
C PHE A 39 2.57 8.20 -1.92
N ASP A 40 3.04 7.00 -2.23
CA ASP A 40 4.08 6.80 -3.25
C ASP A 40 3.58 7.18 -4.64
N ASP A 41 2.25 7.16 -4.81
CA ASP A 41 1.53 7.67 -5.98
C ASP A 41 1.73 9.19 -6.14
N GLY A 42 2.22 9.88 -5.10
CA GLY A 42 2.64 11.28 -5.13
C GLY A 42 1.61 12.23 -4.51
N TYR A 43 0.49 11.69 -4.03
CA TYR A 43 -0.64 12.46 -3.52
C TYR A 43 -0.52 12.63 -2.01
N GLU A 44 -1.24 13.60 -1.45
CA GLU A 44 -1.25 13.93 -0.03
C GLU A 44 -2.71 14.20 0.34
N CYS A 45 -3.26 13.40 1.26
CA CYS A 45 -4.57 13.58 1.87
C CYS A 45 -4.50 13.10 3.32
N ASP A 46 -5.50 13.46 4.12
CA ASP A 46 -5.67 12.96 5.47
C ASP A 46 -6.23 11.54 5.39
N VAL A 47 -5.78 10.69 6.31
CA VAL A 47 -6.27 9.33 6.46
C VAL A 47 -6.35 9.06 7.96
N LEU A 48 -7.44 8.43 8.41
CA LEU A 48 -7.62 8.08 9.80
C LEU A 48 -6.76 6.90 10.19
N GLY A 49 -6.32 6.85 11.44
CA GLY A 49 -5.43 5.81 11.95
C GLY A 49 -6.00 4.40 11.79
N LYS A 50 -7.32 4.22 11.92
CA LYS A 50 -7.94 2.92 11.64
C LYS A 50 -7.74 2.46 10.19
N ASP A 51 -7.40 3.37 9.29
CA ASP A 51 -7.22 3.14 7.86
C ASP A 51 -5.74 3.15 7.46
N ILE A 52 -4.80 2.91 8.39
CA ILE A 52 -3.36 2.89 8.10
C ILE A 52 -2.78 1.64 8.76
N LEU A 53 -1.90 0.95 8.03
CA LEU A 53 -1.26 -0.31 8.39
C LEU A 53 0.23 0.00 8.42
N LEU A 54 0.89 -0.08 9.57
CA LEU A 54 2.27 0.44 9.68
C LEU A 54 3.40 -0.59 9.80
N CYS A 55 3.05 -1.88 9.86
CA CYS A 55 4.02 -2.95 10.03
C CYS A 55 3.66 -4.02 9.01
N ASP A 56 3.57 -3.58 7.74
CA ASP A 56 3.01 -4.35 6.64
C ASP A 56 3.95 -4.72 5.49
N PRO A 57 5.01 -5.51 5.74
CA PRO A 57 5.74 -6.14 4.64
C PRO A 57 4.73 -7.23 4.21
N ILE A 58 4.28 -7.23 2.95
CA ILE A 58 3.13 -8.07 2.56
C ILE A 58 3.48 -9.54 2.84
N PRO A 59 2.70 -10.27 3.66
CA PRO A 59 2.96 -11.67 3.93
C PRO A 59 2.86 -12.49 2.65
N LEU A 60 3.70 -13.52 2.53
CA LEU A 60 3.55 -14.50 1.46
C LEU A 60 2.16 -15.14 1.58
N ASP A 61 1.58 -15.54 0.44
CA ASP A 61 0.25 -16.11 0.29
C ASP A 61 -0.88 -15.08 0.45
N THR A 62 -0.57 -13.82 0.81
CA THR A 62 -1.56 -12.74 0.78
C THR A 62 -1.91 -12.46 -0.69
N GLU A 63 -3.20 -12.29 -0.96
CA GLU A 63 -3.69 -11.85 -2.26
C GLU A 63 -3.62 -10.33 -2.29
N VAL A 64 -3.12 -9.79 -3.40
CA VAL A 64 -2.81 -8.39 -3.55
C VAL A 64 -3.04 -7.97 -4.98
N THR A 65 -3.13 -6.66 -5.19
CA THR A 65 -3.13 -6.06 -6.51
C THR A 65 -1.67 -5.83 -6.87
N ALA A 66 -1.34 -6.02 -8.14
CA ALA A 66 -0.03 -5.78 -8.71
C ALA A 66 -0.20 -4.68 -9.76
N LEU A 67 0.78 -3.78 -9.86
CA LEU A 67 0.69 -2.55 -10.65
C LEU A 67 1.98 -2.34 -11.40
N SER A 68 1.93 -2.45 -12.72
CA SER A 68 3.06 -2.03 -13.54
C SER A 68 3.15 -0.51 -13.33
N GLU A 69 4.36 0.02 -13.24
CA GLU A 69 4.72 1.37 -12.81
C GLU A 69 4.17 2.56 -13.63
N ASP A 70 3.14 2.36 -14.47
CA ASP A 70 2.49 3.43 -15.22
C ASP A 70 0.96 3.37 -15.12
N GLU A 71 0.32 2.20 -15.19
CA GLU A 71 -1.12 2.07 -14.94
C GLU A 71 -1.63 0.63 -14.88
N TYR A 72 -1.01 -0.29 -15.64
CA TYR A 72 -1.51 -1.63 -15.86
C TYR A 72 -1.76 -2.36 -14.54
N PHE A 73 -3.03 -2.75 -14.35
CA PHE A 73 -3.58 -3.25 -13.09
C PHE A 73 -4.05 -4.68 -13.24
N SER A 74 -3.66 -5.52 -12.28
CA SER A 74 -4.14 -6.90 -12.11
C SER A 74 -4.03 -7.29 -10.64
N ALA A 75 -4.47 -8.50 -10.25
CA ALA A 75 -4.24 -9.04 -8.91
C ALA A 75 -3.74 -10.48 -8.96
N GLY A 76 -3.06 -10.90 -7.90
CA GLY A 76 -2.35 -12.16 -7.76
C GLY A 76 -1.93 -12.37 -6.30
N VAL A 77 -0.98 -13.24 -6.01
CA VAL A 77 -0.61 -13.59 -4.63
C VAL A 77 0.89 -13.47 -4.47
N VAL A 78 1.37 -13.00 -3.31
CA VAL A 78 2.79 -12.99 -3.01
C VAL A 78 3.29 -14.44 -2.92
N LYS A 79 4.30 -14.83 -3.70
CA LYS A 79 4.97 -16.13 -3.54
C LYS A 79 6.51 -15.97 -3.54
N GLY A 80 7.00 -14.85 -3.02
CA GLY A 80 8.40 -14.64 -2.72
C GLY A 80 8.71 -13.18 -2.45
N HIS A 81 9.97 -12.90 -2.11
CA HIS A 81 10.49 -11.61 -1.68
C HIS A 81 11.88 -11.38 -2.28
N ARG A 82 12.26 -10.09 -2.40
CA ARG A 82 13.60 -9.64 -2.75
C ARG A 82 13.80 -8.28 -2.10
N LYS A 83 15.05 -7.86 -1.95
CA LYS A 83 15.43 -6.51 -1.56
C LYS A 83 16.49 -6.05 -2.55
N GLU A 84 16.27 -4.91 -3.19
CA GLU A 84 17.11 -4.40 -4.27
C GLU A 84 17.02 -2.88 -4.24
N SER A 85 18.14 -2.18 -4.48
CA SER A 85 18.21 -0.72 -4.50
C SER A 85 17.57 -0.05 -3.26
N GLY A 86 17.58 -0.73 -2.11
CA GLY A 86 16.99 -0.24 -0.88
C GLY A 86 15.46 -0.15 -0.98
N GLU A 87 14.81 -1.06 -1.70
CA GLU A 87 13.36 -1.10 -1.86
C GLU A 87 12.96 -2.58 -1.82
N LEU A 88 11.74 -2.83 -1.36
CA LEU A 88 11.23 -4.15 -1.07
C LEU A 88 10.43 -4.64 -2.27
N TYR A 89 10.67 -5.90 -2.65
CA TYR A 89 10.13 -6.52 -3.85
C TYR A 89 9.44 -7.81 -3.47
N TYR A 90 8.50 -8.22 -4.33
CA TYR A 90 7.63 -9.35 -4.13
C TYR A 90 7.55 -10.07 -5.46
N SER A 91 7.81 -11.36 -5.49
CA SER A 91 7.55 -12.17 -6.68
C SER A 91 6.10 -12.63 -6.55
N ILE A 92 5.21 -11.86 -7.17
CA ILE A 92 3.78 -12.14 -7.16
C ILE A 92 3.56 -13.29 -8.15
N GLU A 93 2.90 -14.37 -7.76
CA GLU A 93 2.45 -15.38 -8.71
C GLU A 93 1.14 -14.82 -9.25
N LYS A 94 1.09 -14.70 -10.56
CA LYS A 94 -0.03 -14.12 -11.29
C LYS A 94 -0.12 -14.92 -12.58
N GLU A 95 -1.32 -15.29 -13.00
CA GLU A 95 -1.54 -16.15 -14.17
C GLU A 95 -0.74 -17.47 -14.08
N GLY A 96 -0.46 -17.95 -12.85
CA GLY A 96 0.21 -19.23 -12.62
C GLY A 96 1.72 -19.17 -12.85
N GLN A 97 2.31 -17.97 -12.91
CA GLN A 97 3.76 -17.78 -13.06
C GLN A 97 4.20 -16.60 -12.19
N ARG A 98 5.46 -16.56 -11.75
CA ARG A 98 5.92 -15.49 -10.85
C ARG A 98 6.41 -14.28 -11.65
N LYS A 99 6.19 -13.09 -11.12
CA LYS A 99 6.46 -11.79 -11.73
C LYS A 99 6.93 -10.88 -10.60
N TRP A 100 8.03 -10.15 -10.77
CA TRP A 100 8.51 -9.23 -9.74
C TRP A 100 7.73 -7.92 -9.80
N TYR A 101 7.25 -7.46 -8.64
CA TYR A 101 6.67 -6.14 -8.44
C TYR A 101 7.30 -5.56 -7.15
N LYS A 102 7.18 -4.26 -6.93
CA LYS A 102 7.79 -3.55 -5.78
C LYS A 102 6.72 -3.09 -4.81
N ARG A 103 7.09 -2.70 -3.60
CA ARG A 103 6.13 -2.29 -2.54
C ARG A 103 5.03 -1.36 -3.03
N MET A 104 5.32 -0.21 -3.68
CA MET A 104 4.23 0.67 -4.12
C MET A 104 3.38 0.07 -5.25
N ALA A 105 3.92 -0.92 -5.96
CA ALA A 105 3.25 -1.65 -7.01
C ALA A 105 2.51 -2.88 -6.44
N VAL A 106 2.65 -3.20 -5.16
CA VAL A 106 2.01 -4.34 -4.52
C VAL A 106 1.11 -3.75 -3.44
N ILE A 107 -0.15 -3.54 -3.81
CA ILE A 107 -1.09 -2.79 -3.00
C ILE A 107 -2.19 -3.76 -2.56
N LEU A 108 -2.94 -3.38 -1.54
CA LEU A 108 -3.94 -4.25 -0.93
C LEU A 108 -5.30 -3.68 -1.24
N SER A 109 -6.12 -4.46 -1.95
CA SER A 109 -7.53 -4.17 -2.13
C SER A 109 -8.13 -4.07 -0.72
N LEU A 110 -9.07 -3.16 -0.47
CA LEU A 110 -9.52 -2.86 0.91
C LEU A 110 -9.99 -4.11 1.66
N GLU A 111 -10.62 -5.05 0.97
CA GLU A 111 -11.10 -6.30 1.57
C GLU A 111 -9.94 -7.14 2.09
N GLN A 112 -8.81 -7.13 1.37
CA GLN A 112 -7.57 -7.81 1.75
C GLN A 112 -6.99 -7.06 2.95
N GLY A 113 -6.87 -5.73 2.84
CA GLY A 113 -6.27 -4.87 3.86
C GLY A 113 -7.01 -4.94 5.18
N ASN A 114 -8.32 -5.23 5.17
CA ASN A 114 -9.10 -5.45 6.38
C ASN A 114 -8.52 -6.58 7.23
N ARG A 115 -8.09 -7.69 6.60
CA ARG A 115 -7.49 -8.83 7.31
C ARG A 115 -6.22 -8.42 8.08
N LEU A 116 -5.56 -7.34 7.65
CA LEU A 116 -4.35 -6.83 8.28
C LEU A 116 -4.69 -5.73 9.28
N ARG A 117 -5.80 -5.00 9.12
CA ARG A 117 -6.17 -3.88 10.00
C ARG A 117 -6.26 -4.31 11.45
N GLU A 118 -6.78 -5.50 11.71
CA GLU A 118 -6.92 -6.05 13.05
C GLU A 118 -5.57 -6.19 13.79
N GLN A 119 -4.42 -6.22 13.09
CA GLN A 119 -3.11 -6.30 13.72
C GLN A 119 -2.27 -5.05 13.49
N TYR A 120 -2.20 -4.59 12.23
CA TYR A 120 -1.28 -3.52 11.80
C TYR A 120 -1.92 -2.14 11.89
N GLY A 121 -3.23 -2.09 12.14
CA GLY A 121 -4.03 -0.89 12.24
C GLY A 121 -3.48 0.03 13.33
N LEU A 122 -3.25 1.31 13.03
CA LEU A 122 -2.81 2.25 14.07
C LEU A 122 -3.95 2.47 15.06
N GLY A 123 -5.11 2.79 14.48
CA GLY A 123 -6.26 3.26 15.19
C GLY A 123 -6.28 4.78 15.23
N ARG B 1 0.33 15.35 -15.50
CA ARG B 1 0.09 15.78 -14.09
C ARG B 1 1.27 15.40 -13.18
N ALA B 2 1.08 15.42 -11.85
CA ALA B 2 2.15 15.24 -10.86
C ALA B 2 2.87 13.89 -10.93
N HIS B 3 2.20 12.84 -11.43
CA HIS B 3 2.74 11.48 -11.54
C HIS B 3 2.19 10.81 -12.80
N SER B 4 2.69 9.62 -13.11
CA SER B 4 2.18 8.71 -14.12
C SER B 4 0.69 8.38 -13.90
N SER B 5 0.07 7.74 -14.89
CA SER B 5 -1.34 7.37 -14.96
C SER B 5 -1.77 6.28 -13.96
N HIS B 6 -1.11 6.16 -12.79
CA HIS B 6 -1.33 5.09 -11.84
C HIS B 6 -2.81 4.96 -11.45
N LEU B 7 -3.13 3.73 -11.06
CA LEU B 7 -4.42 3.26 -10.58
C LEU B 7 -5.07 4.26 -9.63
N SER B 9 -8.39 3.53 -7.68
CA SER B 9 -9.31 2.43 -7.40
C SER B 9 -10.76 2.88 -7.23
N LYS B 10 -10.96 4.08 -6.65
CA LYS B 10 -12.28 4.60 -6.26
C LYS B 10 -13.05 3.50 -5.50
N LYS B 11 -14.38 3.43 -5.63
CA LYS B 11 -15.21 2.50 -4.85
C LYS B 11 -14.78 1.02 -5.03
N GLY B 12 -14.17 0.65 -6.16
CA GLY B 12 -13.60 -0.67 -6.39
C GLY B 12 -13.26 -0.87 -7.86
N GLN B 13 -12.52 -1.93 -8.16
CA GLN B 13 -12.08 -2.29 -9.53
C GLN B 13 -12.36 -3.78 -9.81
N SER B 14 -13.34 -4.36 -9.10
CA SER B 14 -13.69 -5.78 -9.19
C SER B 14 -14.20 -6.18 -10.59
N THR B 15 -14.71 -5.21 -11.36
CA THR B 15 -15.30 -5.39 -12.68
C THR B 15 -14.87 -4.19 -13.53
N GLY A 1 20.04 6.55 13.49
CA GLY A 1 18.82 6.56 12.65
C GLY A 1 18.24 7.97 12.49
N HIS A 2 17.21 8.09 11.63
CA HIS A 2 16.53 9.35 11.33
C HIS A 2 15.05 9.04 11.09
N MET A 3 14.25 9.15 12.14
CA MET A 3 12.80 8.93 12.13
C MET A 3 12.16 9.73 13.27
N ASN A 4 10.83 9.84 13.27
CA ASN A 4 10.04 10.50 14.31
C ASN A 4 8.71 9.76 14.45
N SER A 5 7.99 9.98 15.54
CA SER A 5 6.69 9.42 15.83
C SER A 5 5.75 9.61 14.64
N PHE A 6 5.47 8.52 13.93
CA PHE A 6 4.59 8.42 12.74
C PHE A 6 5.09 9.21 11.55
N VAL A 7 5.19 10.52 11.66
CA VAL A 7 5.56 11.45 10.60
C VAL A 7 6.94 11.04 10.06
N GLY A 8 6.95 10.58 8.80
CA GLY A 8 8.15 10.17 8.07
C GLY A 8 8.16 8.68 7.72
N LEU A 9 7.39 7.84 8.43
CA LEU A 9 7.42 6.39 8.26
C LEU A 9 6.71 5.99 6.97
N ARG A 10 7.30 5.02 6.25
CA ARG A 10 6.66 4.34 5.11
C ARG A 10 5.71 3.31 5.72
N VAL A 11 4.45 3.34 5.30
CA VAL A 11 3.36 2.52 5.83
C VAL A 11 2.41 2.20 4.67
N VAL A 12 1.29 1.55 4.95
CA VAL A 12 0.19 1.37 3.99
C VAL A 12 -1.00 2.03 4.67
N ALA A 13 -1.96 2.56 3.91
CA ALA A 13 -3.05 3.37 4.42
C ALA A 13 -4.27 3.09 3.55
N LYS A 14 -5.48 3.22 4.10
CA LYS A 14 -6.68 3.06 3.30
C LYS A 14 -6.93 4.38 2.62
N TRP A 15 -7.21 4.32 1.32
CA TRP A 15 -7.70 5.44 0.57
C TRP A 15 -9.20 5.49 0.89
N SER A 16 -9.56 6.21 1.96
CA SER A 16 -10.91 6.23 2.52
C SER A 16 -11.95 6.66 1.49
N SER A 17 -11.55 7.47 0.50
CA SER A 17 -12.43 7.99 -0.54
C SER A 17 -12.91 6.91 -1.52
N ASN A 18 -12.39 5.66 -1.48
CA ASN A 18 -12.98 4.56 -2.26
C ASN A 18 -12.87 3.17 -1.62
N GLY A 19 -11.76 2.81 -0.94
CA GLY A 19 -11.76 1.57 -0.15
C GLY A 19 -10.43 0.83 0.02
N TYR A 20 -9.57 0.77 -1.00
CA TYR A 20 -8.38 -0.10 -1.00
C TYR A 20 -7.23 0.54 -0.23
N PHE A 21 -6.21 -0.25 0.08
CA PHE A 21 -5.12 0.09 0.96
C PHE A 21 -3.87 0.22 0.10
N TYR A 22 -3.35 1.44 -0.01
CA TYR A 22 -2.26 1.80 -0.91
C TYR A 22 -1.06 2.17 -0.02
N SER A 23 0.16 1.98 -0.51
CA SER A 23 1.39 2.33 0.19
C SER A 23 1.51 3.85 0.31
N GLY A 24 2.18 4.36 1.34
CA GLY A 24 2.38 5.79 1.52
C GLY A 24 3.35 6.12 2.64
N LYS A 25 3.52 7.41 2.89
CA LYS A 25 4.46 7.98 3.85
C LYS A 25 3.68 8.99 4.66
N ILE A 26 3.76 8.93 5.99
CA ILE A 26 3.00 9.84 6.84
C ILE A 26 3.68 11.21 6.74
N THR A 27 2.90 12.26 6.49
CA THR A 27 3.43 13.58 6.19
C THR A 27 3.28 14.51 7.38
N ARG A 28 2.16 14.36 8.11
CA ARG A 28 1.88 15.10 9.34
C ARG A 28 0.69 14.48 10.08
N ASP A 29 0.74 14.46 11.41
CA ASP A 29 -0.39 14.13 12.29
C ASP A 29 -1.38 15.28 12.21
N VAL A 30 -2.48 15.10 11.46
CA VAL A 30 -3.47 16.14 11.23
C VAL A 30 -4.13 16.50 12.56
N GLY A 31 -4.61 15.50 13.31
CA GLY A 31 -5.23 15.68 14.61
C GLY A 31 -6.33 14.66 14.80
N ALA A 32 -6.80 14.48 16.04
CA ALA A 32 -7.89 13.56 16.40
C ALA A 32 -7.61 12.08 16.07
N GLY A 33 -6.40 11.75 15.63
CA GLY A 33 -6.02 10.42 15.16
C GLY A 33 -5.90 10.39 13.64
N LYS A 34 -6.26 11.46 12.91
CA LYS A 34 -5.96 11.56 11.49
C LYS A 34 -4.49 11.87 11.34
N TYR A 35 -3.86 11.24 10.37
CA TYR A 35 -2.52 11.51 9.89
C TYR A 35 -2.67 11.67 8.37
N LYS A 36 -2.01 12.66 7.78
CA LYS A 36 -2.03 12.86 6.35
C LYS A 36 -0.97 11.97 5.76
N LEU A 37 -1.31 11.35 4.64
CA LEU A 37 -0.55 10.30 4.01
C LEU A 37 -0.26 10.71 2.59
N LEU A 38 1.03 10.82 2.28
CA LEU A 38 1.55 10.98 0.93
C LEU A 38 1.61 9.56 0.40
N PHE A 39 0.56 9.11 -0.27
CA PHE A 39 0.56 7.84 -0.95
C PHE A 39 1.76 7.80 -1.90
N ASP A 40 2.35 6.62 -2.10
CA ASP A 40 3.53 6.45 -2.97
C ASP A 40 3.21 6.85 -4.42
N ASP A 41 1.92 6.85 -4.76
CA ASP A 41 1.33 7.30 -6.01
C ASP A 41 1.58 8.80 -6.24
N GLY A 42 1.90 9.55 -5.17
CA GLY A 42 2.14 10.98 -5.16
C GLY A 42 0.95 11.81 -4.63
N TYR A 43 -0.13 11.14 -4.20
CA TYR A 43 -1.39 11.75 -3.75
C TYR A 43 -1.30 12.02 -2.25
N GLU A 44 -2.14 12.92 -1.72
CA GLU A 44 -2.10 13.35 -0.32
C GLU A 44 -3.53 13.53 0.17
N CYS A 45 -3.92 12.75 1.18
CA CYS A 45 -5.23 12.79 1.83
C CYS A 45 -5.04 12.51 3.31
N ASP A 46 -6.01 12.88 4.15
CA ASP A 46 -6.03 12.49 5.55
C ASP A 46 -6.54 11.05 5.64
N VAL A 47 -6.02 10.31 6.60
CA VAL A 47 -6.44 8.96 6.93
C VAL A 47 -6.39 8.82 8.43
N LEU A 48 -7.37 8.15 9.01
CA LEU A 48 -7.42 7.90 10.44
C LEU A 48 -6.48 6.80 10.86
N GLY A 49 -5.96 6.88 12.08
CA GLY A 49 -4.96 5.97 12.62
C GLY A 49 -5.39 4.52 12.54
N LYS A 50 -6.68 4.23 12.79
CA LYS A 50 -7.17 2.85 12.67
C LYS A 50 -6.90 2.28 11.28
N ASP A 51 -6.91 3.13 10.24
CA ASP A 51 -6.81 2.75 8.84
C ASP A 51 -5.39 2.88 8.27
N ILE A 52 -4.34 2.85 9.10
CA ILE A 52 -2.96 2.93 8.63
C ILE A 52 -2.24 1.73 9.24
N LEU A 53 -1.48 1.01 8.41
CA LEU A 53 -0.81 -0.25 8.69
C LEU A 53 0.68 0.07 8.64
N LEU A 54 1.36 0.14 9.79
CA LEU A 54 2.73 0.68 9.82
C LEU A 54 3.86 -0.35 9.91
N CYS A 55 3.52 -1.63 10.00
CA CYS A 55 4.50 -2.70 10.16
C CYS A 55 4.10 -3.78 9.16
N ASP A 56 3.99 -3.36 7.90
CA ASP A 56 3.38 -4.14 6.84
C ASP A 56 4.27 -4.48 5.63
N PRO A 57 5.38 -5.21 5.82
CA PRO A 57 6.08 -5.80 4.68
C PRO A 57 5.08 -6.93 4.31
N ILE A 58 4.56 -6.98 3.08
CA ILE A 58 3.43 -7.87 2.78
C ILE A 58 3.84 -9.32 3.07
N PRO A 59 3.14 -10.04 3.97
CA PRO A 59 3.45 -11.42 4.26
C PRO A 59 3.29 -12.28 3.01
N LEU A 60 4.15 -13.29 2.86
CA LEU A 60 3.96 -14.32 1.85
C LEU A 60 2.62 -15.01 2.13
N ASP A 61 1.95 -15.46 1.05
CA ASP A 61 0.61 -16.06 1.03
C ASP A 61 -0.53 -15.04 1.19
N THR A 62 -0.24 -13.76 1.46
CA THR A 62 -1.26 -12.71 1.45
C THR A 62 -1.72 -12.50 0.01
N GLU A 63 -3.04 -12.44 -0.19
CA GLU A 63 -3.63 -12.04 -1.45
C GLU A 63 -3.51 -10.52 -1.55
N VAL A 64 -3.13 -10.05 -2.73
CA VAL A 64 -2.85 -8.65 -3.00
C VAL A 64 -3.27 -8.33 -4.44
N THR A 65 -3.46 -7.04 -4.68
CA THR A 65 -3.64 -6.51 -6.01
C THR A 65 -2.24 -6.18 -6.50
N ALA A 66 -1.89 -6.67 -7.69
CA ALA A 66 -0.66 -6.32 -8.38
C ALA A 66 -0.98 -5.17 -9.33
N LEU A 67 -0.08 -4.20 -9.44
CA LEU A 67 -0.31 -2.96 -10.16
C LEU A 67 0.92 -2.58 -10.98
N SER A 68 0.91 -2.88 -12.26
CA SER A 68 1.93 -2.35 -13.15
C SER A 68 1.74 -0.84 -13.09
N GLU A 69 2.78 -0.13 -12.67
CA GLU A 69 2.80 1.28 -12.28
C GLU A 69 2.03 2.25 -13.19
N ASP A 70 1.86 1.95 -14.48
CA ASP A 70 1.10 2.84 -15.35
C ASP A 70 -0.41 2.82 -15.01
N GLU A 71 -0.98 1.62 -14.81
CA GLU A 71 -2.37 1.41 -14.41
C GLU A 71 -2.79 -0.08 -14.36
N TYR A 72 -2.14 -0.95 -15.13
CA TYR A 72 -2.61 -2.33 -15.33
C TYR A 72 -2.81 -3.05 -14.00
N PHE A 73 -4.05 -3.48 -13.78
CA PHE A 73 -4.54 -3.97 -12.50
C PHE A 73 -4.91 -5.46 -12.61
N SER A 74 -4.45 -6.24 -11.63
CA SER A 74 -4.82 -7.64 -11.43
C SER A 74 -4.70 -7.97 -9.95
N ALA A 75 -5.03 -9.20 -9.51
CA ALA A 75 -4.74 -9.67 -8.16
C ALA A 75 -4.16 -11.08 -8.20
N GLY A 76 -3.43 -11.43 -7.14
CA GLY A 76 -2.62 -12.63 -7.02
C GLY A 76 -2.11 -12.73 -5.59
N VAL A 77 -1.07 -13.51 -5.33
CA VAL A 77 -0.58 -13.78 -3.97
C VAL A 77 0.93 -13.58 -3.92
N VAL A 78 1.44 -13.01 -2.83
CA VAL A 78 2.87 -12.94 -2.59
C VAL A 78 3.40 -14.36 -2.43
N LYS A 79 4.40 -14.79 -3.20
CA LYS A 79 5.10 -16.07 -2.95
C LYS A 79 6.62 -15.88 -2.97
N GLY A 80 7.12 -14.64 -2.78
CA GLY A 80 8.53 -14.40 -2.57
C GLY A 80 8.82 -12.91 -2.41
N HIS A 81 10.10 -12.60 -2.19
CA HIS A 81 10.63 -11.26 -1.84
C HIS A 81 11.95 -11.01 -2.56
N ARG A 82 12.27 -9.73 -2.78
CA ARG A 82 13.58 -9.28 -3.25
C ARG A 82 13.83 -7.90 -2.65
N LYS A 83 15.08 -7.50 -2.60
CA LYS A 83 15.51 -6.15 -2.26
C LYS A 83 16.42 -5.70 -3.39
N GLU A 84 16.14 -4.54 -3.98
CA GLU A 84 16.87 -4.03 -5.13
C GLU A 84 16.83 -2.50 -5.06
N SER A 85 17.95 -1.84 -5.36
CA SER A 85 18.10 -0.38 -5.27
C SER A 85 17.63 0.19 -3.92
N GLY A 86 17.78 -0.59 -2.83
CA GLY A 86 17.34 -0.21 -1.50
C GLY A 86 15.82 -0.07 -1.41
N GLU A 87 15.06 -0.89 -2.15
CA GLU A 87 13.61 -0.84 -2.22
C GLU A 87 13.08 -2.27 -2.22
N LEU A 88 11.85 -2.46 -1.76
CA LEU A 88 11.27 -3.78 -1.48
C LEU A 88 10.40 -4.28 -2.63
N TYR A 89 10.63 -5.55 -2.99
CA TYR A 89 10.00 -6.24 -4.10
C TYR A 89 9.40 -7.55 -3.61
N TYR A 90 8.45 -8.05 -4.39
CA TYR A 90 7.64 -9.23 -4.10
C TYR A 90 7.48 -9.96 -5.41
N SER A 91 7.71 -11.26 -5.43
CA SER A 91 7.37 -12.09 -6.57
C SER A 91 5.94 -12.56 -6.31
N ILE A 92 5.00 -11.90 -6.98
CA ILE A 92 3.59 -12.25 -6.89
C ILE A 92 3.37 -13.44 -7.81
N GLU A 93 2.79 -14.52 -7.31
CA GLU A 93 2.32 -15.60 -8.17
C GLU A 93 0.90 -15.20 -8.56
N LYS A 94 0.65 -15.17 -9.86
CA LYS A 94 -0.56 -14.69 -10.48
C LYS A 94 -0.78 -15.58 -11.70
N GLU A 95 -2.00 -16.06 -11.94
CA GLU A 95 -2.31 -16.99 -13.05
C GLU A 95 -1.35 -18.21 -13.08
N GLY A 96 -0.92 -18.67 -11.90
CA GLY A 96 -0.07 -19.86 -11.76
C GLY A 96 1.37 -19.66 -12.25
N GLN A 97 1.83 -18.41 -12.37
CA GLN A 97 3.20 -18.06 -12.77
C GLN A 97 3.65 -16.86 -11.94
N ARG A 98 4.94 -16.54 -11.89
CA ARG A 98 5.48 -15.55 -10.94
C ARG A 98 5.98 -14.31 -11.68
N LYS A 99 5.75 -13.14 -11.05
CA LYS A 99 5.96 -11.83 -11.65
C LYS A 99 6.48 -10.93 -10.53
N TRP A 100 7.56 -10.18 -10.77
CA TRP A 100 8.09 -9.24 -9.78
C TRP A 100 7.29 -7.95 -9.81
N TYR A 101 6.85 -7.49 -8.63
CA TYR A 101 6.27 -6.17 -8.41
C TYR A 101 6.93 -5.57 -7.17
N LYS A 102 6.75 -4.27 -6.92
CA LYS A 102 7.35 -3.53 -5.79
C LYS A 102 6.27 -3.03 -4.84
N ARG A 103 6.59 -2.56 -3.64
CA ARG A 103 5.59 -2.21 -2.61
C ARG A 103 4.38 -1.45 -3.16
N MET A 104 4.55 -0.31 -3.83
CA MET A 104 3.36 0.46 -4.26
C MET A 104 2.61 -0.18 -5.45
N ALA A 105 3.23 -1.17 -6.09
CA ALA A 105 2.63 -2.04 -7.09
C ALA A 105 2.06 -3.31 -6.43
N VAL A 106 2.22 -3.52 -5.12
CA VAL A 106 1.66 -4.61 -4.37
C VAL A 106 0.78 -4.00 -3.30
N ILE A 107 -0.49 -3.80 -3.62
CA ILE A 107 -1.43 -3.09 -2.76
C ILE A 107 -2.40 -4.13 -2.20
N LEU A 108 -3.14 -3.74 -1.18
CA LEU A 108 -4.02 -4.65 -0.46
C LEU A 108 -5.45 -4.25 -0.75
N SER A 109 -6.21 -5.18 -1.32
CA SER A 109 -7.65 -5.05 -1.49
C SER A 109 -8.26 -4.87 -0.09
N LEU A 110 -9.37 -4.14 0.05
CA LEU A 110 -9.87 -3.72 1.37
C LEU A 110 -10.06 -4.86 2.36
N GLU A 111 -10.59 -5.99 1.90
CA GLU A 111 -10.86 -7.14 2.78
C GLU A 111 -9.55 -7.70 3.32
N GLN A 112 -8.48 -7.64 2.52
CA GLN A 112 -7.18 -8.16 2.90
C GLN A 112 -6.54 -7.18 3.84
N GLY A 113 -6.53 -5.88 3.52
CA GLY A 113 -6.05 -4.82 4.41
C GLY A 113 -6.71 -4.89 5.78
N ASN A 114 -8.00 -5.24 5.84
CA ASN A 114 -8.73 -5.41 7.10
C ASN A 114 -8.08 -6.45 7.99
N ARG A 115 -7.71 -7.60 7.42
CA ARG A 115 -7.11 -8.71 8.17
C ARG A 115 -5.75 -8.32 8.77
N LEU A 116 -5.11 -7.26 8.27
CA LEU A 116 -3.89 -6.71 8.82
C LEU A 116 -4.20 -5.58 9.81
N ARG A 117 -5.31 -4.85 9.61
CA ARG A 117 -5.69 -3.68 10.41
C ARG A 117 -5.78 -4.01 11.90
N GLU A 118 -6.30 -5.20 12.22
CA GLU A 118 -6.41 -5.67 13.59
C GLU A 118 -5.06 -5.76 14.32
N GLN A 119 -3.91 -5.83 13.62
CA GLN A 119 -2.59 -5.92 14.24
C GLN A 119 -1.75 -4.67 13.96
N TYR A 120 -1.69 -4.24 12.69
CA TYR A 120 -0.79 -3.20 12.21
C TYR A 120 -1.41 -1.81 12.28
N GLY A 121 -2.72 -1.74 12.54
CA GLY A 121 -3.47 -0.52 12.76
C GLY A 121 -2.79 0.37 13.79
N LEU A 122 -2.58 1.66 13.49
CA LEU A 122 -2.04 2.59 14.48
C LEU A 122 -3.05 2.75 15.62
N GLY A 123 -4.33 2.86 15.24
CA GLY A 123 -5.43 3.14 16.14
C GLY A 123 -5.84 1.85 16.85
N ARG B 1 3.79 16.04 -14.18
CA ARG B 1 3.64 14.57 -13.98
C ARG B 1 4.56 14.10 -12.84
N ALA B 2 4.03 13.31 -11.89
CA ALA B 2 4.81 12.65 -10.84
C ALA B 2 4.69 11.13 -10.91
N HIS B 3 3.54 10.63 -11.36
CA HIS B 3 3.23 9.21 -11.56
C HIS B 3 2.10 9.14 -12.60
N SER B 4 1.83 7.97 -13.16
CA SER B 4 0.65 7.73 -14.01
C SER B 4 -0.63 7.65 -13.17
N SER B 5 -1.76 7.33 -13.80
CA SER B 5 -3.07 7.19 -13.16
C SER B 5 -3.08 6.13 -12.04
N HIS B 6 -2.23 5.10 -12.11
CA HIS B 6 -2.19 3.94 -11.22
C HIS B 6 -3.59 3.37 -11.04
N LEU B 7 -4.23 3.59 -9.88
CA LEU B 7 -5.48 2.97 -9.51
C LEU B 7 -6.15 3.85 -8.45
N SER B 9 -9.31 2.32 -7.34
CA SER B 9 -10.26 1.20 -7.31
C SER B 9 -11.61 1.48 -8.01
N LYS B 10 -11.61 2.43 -8.94
CA LYS B 10 -12.67 2.74 -9.89
C LYS B 10 -11.94 3.11 -11.18
N LYS B 11 -11.15 4.20 -11.14
CA LYS B 11 -10.21 4.50 -12.21
C LYS B 11 -9.06 3.51 -12.07
N GLY B 12 -8.50 3.04 -13.18
CA GLY B 12 -7.36 2.16 -13.20
C GLY B 12 -7.76 0.82 -13.79
N GLN B 13 -8.68 0.09 -13.13
CA GLN B 13 -9.26 -1.11 -13.74
C GLN B 13 -10.25 -0.76 -14.88
N SER B 14 -10.79 0.46 -14.86
CA SER B 14 -11.69 1.03 -15.86
C SER B 14 -11.35 2.51 -16.04
N THR B 15 -12.02 3.19 -16.98
CA THR B 15 -11.90 4.62 -17.23
C THR B 15 -13.32 5.15 -17.43
N GLY A 1 14.60 -0.65 15.82
CA GLY A 1 14.97 0.73 16.18
C GLY A 1 13.76 1.66 16.29
N HIS A 2 14.00 2.97 16.39
CA HIS A 2 12.97 4.01 16.48
C HIS A 2 13.51 5.30 15.85
N MET A 3 12.62 6.16 15.37
CA MET A 3 12.97 7.47 14.80
C MET A 3 11.89 8.50 15.14
N ASN A 4 10.62 8.16 14.92
CA ASN A 4 9.46 8.99 15.21
C ASN A 4 8.26 8.07 15.38
N SER A 5 7.24 8.51 16.12
CA SER A 5 6.00 7.80 16.34
C SER A 5 5.35 7.31 15.05
N PHE A 6 5.25 8.20 14.06
CA PHE A 6 4.48 7.94 12.84
C PHE A 6 5.06 8.71 11.66
N VAL A 7 5.28 10.01 11.85
CA VAL A 7 5.68 10.96 10.82
C VAL A 7 7.04 10.54 10.26
N GLY A 8 7.07 10.20 8.96
CA GLY A 8 8.27 9.78 8.24
C GLY A 8 8.25 8.31 7.86
N LEU A 9 7.42 7.47 8.53
CA LEU A 9 7.44 6.02 8.33
C LEU A 9 6.78 5.66 7.00
N ARG A 10 7.39 4.70 6.29
CA ARG A 10 6.79 4.06 5.12
C ARG A 10 5.75 3.07 5.66
N VAL A 11 4.51 3.18 5.21
CA VAL A 11 3.36 2.40 5.68
C VAL A 11 2.43 2.16 4.48
N VAL A 12 1.22 1.64 4.71
CA VAL A 12 0.17 1.54 3.70
C VAL A 12 -1.05 2.21 4.34
N ALA A 13 -1.93 2.82 3.55
CA ALA A 13 -3.01 3.67 4.02
C ALA A 13 -4.19 3.51 3.09
N LYS A 14 -5.41 3.68 3.56
CA LYS A 14 -6.58 3.56 2.68
C LYS A 14 -6.75 4.90 2.00
N TRP A 15 -6.85 4.86 0.69
CA TRP A 15 -7.24 6.05 -0.05
C TRP A 15 -8.71 6.34 0.27
N SER A 16 -8.98 7.56 0.73
CA SER A 16 -10.22 8.01 1.31
C SER A 16 -11.50 7.83 0.47
N SER A 17 -11.42 7.76 -0.86
CA SER A 17 -12.59 7.57 -1.73
C SER A 17 -13.02 6.09 -1.77
N ASN A 18 -13.20 5.48 -0.59
CA ASN A 18 -13.44 4.06 -0.36
C ASN A 18 -12.52 3.16 -1.20
N GLY A 19 -11.22 3.48 -1.25
CA GLY A 19 -10.26 2.81 -2.11
C GLY A 19 -9.57 1.63 -1.41
N TYR A 20 -8.60 1.07 -2.11
CA TYR A 20 -7.66 0.07 -1.61
C TYR A 20 -6.65 0.73 -0.66
N PHE A 21 -5.88 -0.10 0.04
CA PHE A 21 -4.77 0.37 0.86
C PHE A 21 -3.56 0.51 -0.04
N TYR A 22 -3.12 1.74 -0.32
CA TYR A 22 -1.98 2.05 -1.16
C TYR A 22 -0.79 2.38 -0.26
N SER A 23 0.42 2.09 -0.71
CA SER A 23 1.64 2.35 0.04
C SER A 23 1.92 3.86 0.06
N GLY A 24 2.51 4.36 1.15
CA GLY A 24 2.74 5.78 1.34
C GLY A 24 3.62 6.07 2.56
N LYS A 25 3.81 7.35 2.85
CA LYS A 25 4.74 7.86 3.84
C LYS A 25 3.96 8.86 4.67
N ILE A 26 3.98 8.73 6.00
CA ILE A 26 3.24 9.65 6.85
C ILE A 26 3.97 10.98 6.81
N THR A 27 3.25 12.09 6.66
CA THR A 27 3.84 13.40 6.43
C THR A 27 3.66 14.29 7.67
N ARG A 28 2.52 14.14 8.34
CA ARG A 28 2.21 14.84 9.59
C ARG A 28 0.97 14.25 10.26
N ASP A 29 0.96 14.16 11.59
CA ASP A 29 -0.22 13.85 12.40
C ASP A 29 -1.16 15.03 12.33
N VAL A 30 -2.22 14.95 11.53
CA VAL A 30 -3.15 16.04 11.30
C VAL A 30 -3.86 16.38 12.62
N GLY A 31 -4.42 15.37 13.30
CA GLY A 31 -5.10 15.54 14.58
C GLY A 31 -6.25 14.55 14.67
N ALA A 32 -6.77 14.32 15.87
CA ALA A 32 -7.90 13.42 16.14
C ALA A 32 -7.65 11.96 15.77
N GLY A 33 -6.44 11.59 15.33
CA GLY A 33 -6.10 10.28 14.81
C GLY A 33 -5.92 10.33 13.30
N LYS A 34 -6.21 11.44 12.60
CA LYS A 34 -5.86 11.60 11.21
C LYS A 34 -4.37 11.85 11.13
N TYR A 35 -3.73 11.23 10.15
CA TYR A 35 -2.36 11.47 9.73
C TYR A 35 -2.44 11.71 8.23
N LYS A 36 -1.70 12.69 7.73
CA LYS A 36 -1.65 12.97 6.31
C LYS A 36 -0.60 12.05 5.71
N LEU A 37 -0.92 11.49 4.56
CA LEU A 37 -0.17 10.42 3.91
C LEU A 37 0.20 10.85 2.52
N LEU A 38 1.50 10.93 2.28
CA LEU A 38 2.08 11.10 0.96
C LEU A 38 2.14 9.71 0.39
N PHE A 39 1.13 9.34 -0.37
CA PHE A 39 1.13 8.08 -1.09
C PHE A 39 2.33 8.04 -2.04
N ASP A 40 2.79 6.84 -2.37
CA ASP A 40 4.02 6.67 -3.16
C ASP A 40 3.84 7.16 -4.61
N ASP A 41 2.59 7.21 -5.09
CA ASP A 41 2.22 7.83 -6.37
C ASP A 41 2.20 9.37 -6.30
N GLY A 42 2.52 9.94 -5.14
CA GLY A 42 2.75 11.37 -4.94
C GLY A 42 1.53 12.13 -4.44
N TYR A 43 0.39 11.45 -4.27
CA TYR A 43 -0.86 12.05 -3.81
C TYR A 43 -0.76 12.31 -2.31
N GLU A 44 -1.56 13.25 -1.79
CA GLU A 44 -1.55 13.63 -0.38
C GLU A 44 -2.99 13.88 0.05
N CYS A 45 -3.47 13.09 1.02
CA CYS A 45 -4.75 13.25 1.67
C CYS A 45 -4.57 12.89 3.16
N ASP A 46 -5.55 13.27 3.99
CA ASP A 46 -5.63 12.84 5.38
C ASP A 46 -6.25 11.45 5.38
N VAL A 47 -5.75 10.60 6.29
CA VAL A 47 -6.27 9.26 6.51
C VAL A 47 -6.26 9.02 8.01
N LEU A 48 -7.29 8.37 8.53
CA LEU A 48 -7.42 8.05 9.94
C LEU A 48 -6.54 6.90 10.35
N GLY A 49 -6.09 6.87 11.61
CA GLY A 49 -5.18 5.86 12.15
C GLY A 49 -5.71 4.46 11.97
N LYS A 50 -7.02 4.23 12.14
CA LYS A 50 -7.58 2.91 11.89
C LYS A 50 -7.34 2.42 10.47
N ASP A 51 -7.17 3.33 9.52
CA ASP A 51 -7.03 3.05 8.09
C ASP A 51 -5.57 3.02 7.64
N ILE A 52 -4.58 2.88 8.53
CA ILE A 52 -3.16 2.91 8.16
C ILE A 52 -2.53 1.66 8.78
N LEU A 53 -1.70 0.96 8.01
CA LEU A 53 -1.08 -0.32 8.31
C LEU A 53 0.42 -0.01 8.32
N LEU A 54 1.11 -0.12 9.46
CA LEU A 54 2.50 0.39 9.57
C LEU A 54 3.59 -0.67 9.74
N CYS A 55 3.20 -1.94 9.83
CA CYS A 55 4.13 -3.05 9.98
C CYS A 55 3.68 -4.05 8.92
N ASP A 56 3.68 -3.53 7.69
CA ASP A 56 3.12 -4.04 6.45
C ASP A 56 4.00 -4.75 5.41
N PRO A 57 5.25 -5.24 5.65
CA PRO A 57 5.90 -6.11 4.65
C PRO A 57 4.92 -7.27 4.40
N ILE A 58 4.44 -7.40 3.16
CA ILE A 58 3.34 -8.30 2.84
C ILE A 58 3.74 -9.74 3.18
N PRO A 59 2.98 -10.48 4.01
CA PRO A 59 3.24 -11.89 4.26
C PRO A 59 3.09 -12.68 2.95
N LEU A 60 3.94 -13.68 2.75
CA LEU A 60 3.75 -14.63 1.67
C LEU A 60 2.38 -15.30 1.84
N ASP A 61 1.77 -15.67 0.72
CA ASP A 61 0.43 -16.26 0.61
C ASP A 61 -0.71 -15.24 0.80
N THR A 62 -0.41 -13.99 1.17
CA THR A 62 -1.40 -12.91 1.16
C THR A 62 -1.75 -12.62 -0.30
N GLU A 63 -3.04 -12.40 -0.57
CA GLU A 63 -3.51 -11.94 -1.86
C GLU A 63 -3.35 -10.43 -1.88
N VAL A 64 -2.92 -9.91 -3.03
CA VAL A 64 -2.61 -8.50 -3.22
C VAL A 64 -2.94 -8.12 -4.65
N THR A 65 -3.10 -6.82 -4.86
CA THR A 65 -3.21 -6.25 -6.18
C THR A 65 -1.77 -5.94 -6.61
N ALA A 66 -1.43 -6.38 -7.82
CA ALA A 66 -0.19 -6.01 -8.48
C ALA A 66 -0.50 -4.84 -9.41
N LEU A 67 0.42 -3.87 -9.49
CA LEU A 67 0.22 -2.62 -10.18
C LEU A 67 1.48 -2.30 -10.95
N SER A 68 1.49 -2.58 -12.24
CA SER A 68 2.55 -2.09 -13.10
C SER A 68 2.47 -0.56 -12.97
N GLU A 69 3.57 0.06 -12.52
CA GLU A 69 3.63 1.46 -12.09
C GLU A 69 2.94 2.46 -13.02
N ASP A 70 2.91 2.20 -14.33
CA ASP A 70 2.28 3.11 -15.27
C ASP A 70 0.75 3.16 -15.12
N GLU A 71 0.08 2.02 -14.88
CA GLU A 71 -1.35 1.92 -14.57
C GLU A 71 -1.90 0.48 -14.49
N TYR A 72 -1.31 -0.48 -15.22
CA TYR A 72 -1.88 -1.82 -15.41
C TYR A 72 -2.16 -2.52 -14.08
N PHE A 73 -3.39 -3.02 -13.95
CA PHE A 73 -3.95 -3.51 -12.69
C PHE A 73 -4.43 -4.95 -12.82
N SER A 74 -3.97 -5.81 -11.91
CA SER A 74 -4.46 -7.17 -11.71
C SER A 74 -4.25 -7.57 -10.23
N ALA A 75 -4.67 -8.77 -9.80
CA ALA A 75 -4.38 -9.27 -8.46
C ALA A 75 -3.86 -10.71 -8.52
N GLY A 76 -3.13 -11.11 -7.48
CA GLY A 76 -2.37 -12.36 -7.38
C GLY A 76 -1.88 -12.51 -5.95
N VAL A 77 -0.89 -13.37 -5.69
CA VAL A 77 -0.48 -13.71 -4.33
C VAL A 77 1.04 -13.60 -4.22
N VAL A 78 1.52 -13.12 -3.06
CA VAL A 78 2.94 -13.09 -2.76
C VAL A 78 3.44 -14.54 -2.64
N LYS A 79 4.47 -14.92 -3.37
CA LYS A 79 5.18 -16.19 -3.20
C LYS A 79 6.71 -15.99 -3.18
N GLY A 80 7.19 -14.78 -2.91
CA GLY A 80 8.62 -14.54 -2.67
C GLY A 80 8.90 -13.07 -2.34
N HIS A 81 10.13 -12.75 -1.97
CA HIS A 81 10.61 -11.45 -1.54
C HIS A 81 11.98 -11.15 -2.14
N ARG A 82 12.30 -9.86 -2.32
CA ARG A 82 13.62 -9.38 -2.68
C ARG A 82 13.80 -8.02 -1.99
N LYS A 83 15.05 -7.62 -1.76
CA LYS A 83 15.42 -6.29 -1.30
C LYS A 83 16.47 -5.78 -2.28
N GLU A 84 16.33 -4.54 -2.72
CA GLU A 84 17.23 -3.93 -3.71
C GLU A 84 17.29 -2.44 -3.39
N SER A 85 18.50 -1.90 -3.19
CA SER A 85 18.77 -0.47 -3.02
C SER A 85 17.85 0.22 -1.99
N GLY A 86 17.52 -0.47 -0.90
CA GLY A 86 16.68 0.06 0.18
C GLY A 86 15.19 0.09 -0.18
N GLU A 87 14.75 -0.73 -1.13
CA GLU A 87 13.37 -0.85 -1.57
C GLU A 87 13.01 -2.34 -1.53
N LEU A 88 11.72 -2.64 -1.37
CA LEU A 88 11.22 -3.97 -1.09
C LEU A 88 10.40 -4.47 -2.26
N TYR A 89 10.61 -5.73 -2.62
CA TYR A 89 10.06 -6.39 -3.79
C TYR A 89 9.43 -7.70 -3.39
N TYR A 90 8.51 -8.17 -4.22
CA TYR A 90 7.70 -9.34 -3.98
C TYR A 90 7.55 -10.07 -5.30
N SER A 91 7.75 -11.39 -5.29
CA SER A 91 7.41 -12.21 -6.43
C SER A 91 5.93 -12.45 -6.21
N ILE A 92 5.10 -11.80 -7.02
CA ILE A 92 3.68 -12.08 -7.04
C ILE A 92 3.50 -13.20 -8.06
N GLU A 93 2.92 -14.32 -7.66
CA GLU A 93 2.48 -15.33 -8.61
C GLU A 93 1.11 -14.84 -9.07
N LYS A 94 1.00 -14.57 -10.36
CA LYS A 94 -0.14 -13.90 -10.98
C LYS A 94 -0.30 -14.54 -12.35
N GLU A 95 -1.51 -14.89 -12.76
CA GLU A 95 -1.77 -15.69 -13.97
C GLU A 95 -0.92 -16.98 -14.00
N GLY A 96 -0.68 -17.57 -12.82
CA GLY A 96 0.03 -18.84 -12.67
C GLY A 96 1.52 -18.76 -13.01
N GLN A 97 2.11 -17.56 -12.98
CA GLN A 97 3.54 -17.34 -13.26
C GLN A 97 4.06 -16.26 -12.31
N ARG A 98 5.38 -16.22 -12.07
CA ARG A 98 5.98 -15.39 -11.03
C ARG A 98 6.53 -14.12 -11.66
N LYS A 99 6.21 -12.97 -11.04
CA LYS A 99 6.45 -11.63 -11.58
C LYS A 99 6.91 -10.76 -10.42
N TRP A 100 8.02 -10.05 -10.56
CA TRP A 100 8.50 -9.16 -9.53
C TRP A 100 7.75 -7.83 -9.60
N TYR A 101 7.14 -7.43 -8.48
CA TYR A 101 6.56 -6.11 -8.28
C TYR A 101 7.16 -5.53 -6.99
N LYS A 102 7.06 -4.22 -6.78
CA LYS A 102 7.67 -3.50 -5.63
C LYS A 102 6.59 -3.07 -4.65
N ARG A 103 6.94 -2.64 -3.44
CA ARG A 103 5.96 -2.26 -2.39
C ARG A 103 4.86 -1.30 -2.88
N MET A 104 5.16 -0.25 -3.65
CA MET A 104 4.08 0.63 -4.13
C MET A 104 3.20 0.02 -5.24
N ALA A 105 3.73 -1.03 -5.90
CA ALA A 105 3.06 -1.82 -6.91
C ALA A 105 2.42 -3.07 -6.30
N VAL A 106 2.59 -3.35 -5.00
CA VAL A 106 2.01 -4.49 -4.32
C VAL A 106 1.14 -3.88 -3.23
N ILE A 107 -0.11 -3.64 -3.59
CA ILE A 107 -1.04 -2.91 -2.76
C ILE A 107 -2.08 -3.92 -2.27
N LEU A 108 -2.76 -3.59 -1.19
CA LEU A 108 -3.69 -4.52 -0.57
C LEU A 108 -5.08 -4.05 -0.96
N SER A 109 -5.76 -4.88 -1.75
CA SER A 109 -7.18 -4.73 -2.05
C SER A 109 -7.91 -4.61 -0.70
N LEU A 110 -8.98 -3.82 -0.62
CA LEU A 110 -9.58 -3.46 0.68
C LEU A 110 -9.92 -4.66 1.56
N GLU A 111 -10.40 -5.75 0.98
CA GLU A 111 -10.76 -6.95 1.74
C GLU A 111 -9.50 -7.58 2.34
N GLN A 112 -8.40 -7.56 1.59
CA GLN A 112 -7.13 -8.14 2.01
C GLN A 112 -6.54 -7.27 3.11
N GLY A 113 -6.47 -5.95 2.90
CA GLY A 113 -5.90 -5.03 3.87
C GLY A 113 -6.69 -5.01 5.17
N ASN A 114 -7.99 -5.30 5.15
CA ASN A 114 -8.78 -5.44 6.38
C ASN A 114 -8.23 -6.56 7.27
N ARG A 115 -7.87 -7.71 6.70
CA ARG A 115 -7.29 -8.82 7.46
C ARG A 115 -5.94 -8.47 8.08
N LEU A 116 -5.29 -7.40 7.64
CA LEU A 116 -4.08 -6.84 8.25
C LEU A 116 -4.44 -5.73 9.24
N ARG A 117 -5.53 -4.98 9.03
CA ARG A 117 -5.93 -3.84 9.86
C ARG A 117 -6.10 -4.23 11.32
N GLU A 118 -6.65 -5.41 11.56
CA GLU A 118 -6.86 -5.93 12.91
C GLU A 118 -5.55 -6.05 13.71
N GLN A 119 -4.37 -6.11 13.07
CA GLN A 119 -3.09 -6.18 13.77
C GLN A 119 -2.22 -4.95 13.53
N TYR A 120 -2.12 -4.50 12.26
CA TYR A 120 -1.17 -3.48 11.83
C TYR A 120 -1.76 -2.07 11.87
N GLY A 121 -3.07 -1.97 12.09
CA GLY A 121 -3.81 -0.73 12.26
C GLY A 121 -3.16 0.16 13.32
N LEU A 122 -2.95 1.44 13.04
CA LEU A 122 -2.46 2.37 14.06
C LEU A 122 -3.54 2.54 15.13
N GLY A 123 -4.79 2.65 14.67
CA GLY A 123 -5.96 2.95 15.48
C GLY A 123 -6.97 1.82 15.42
N ARG B 1 7.97 16.05 -8.32
CA ARG B 1 7.36 15.37 -9.52
C ARG B 1 5.93 14.93 -9.23
N ALA B 2 5.25 14.40 -10.26
CA ALA B 2 3.96 13.71 -10.14
C ALA B 2 4.12 12.39 -10.90
N HIS B 3 3.61 11.31 -10.31
CA HIS B 3 3.74 9.96 -10.84
C HIS B 3 2.84 9.76 -12.08
N SER B 4 3.01 8.62 -12.74
CA SER B 4 2.15 8.12 -13.80
C SER B 4 0.70 7.90 -13.30
N SER B 5 -0.17 7.47 -14.21
CA SER B 5 -1.60 7.25 -14.03
C SER B 5 -1.93 6.05 -13.11
N HIS B 6 -1.43 6.04 -11.87
CA HIS B 6 -1.69 4.94 -10.94
C HIS B 6 -3.18 4.67 -10.78
N LEU B 7 -3.48 3.42 -10.47
CA LEU B 7 -4.80 2.97 -10.06
C LEU B 7 -5.26 3.83 -8.88
N SER B 9 -8.60 3.00 -7.50
CA SER B 9 -9.70 2.12 -7.11
C SER B 9 -11.09 2.73 -7.34
N LYS B 10 -11.22 3.44 -8.47
CA LYS B 10 -12.46 4.11 -8.88
C LYS B 10 -13.56 3.08 -9.14
N LYS B 11 -14.82 3.53 -9.17
CA LYS B 11 -15.96 2.67 -9.49
C LYS B 11 -15.84 2.00 -10.87
N GLY B 12 -15.15 2.65 -11.83
CA GLY B 12 -14.94 2.10 -13.16
C GLY B 12 -13.88 0.99 -13.17
N GLN B 13 -12.87 1.06 -12.29
CA GLN B 13 -11.86 0.00 -12.15
C GLN B 13 -12.42 -1.17 -11.31
N SER B 14 -13.30 -0.87 -10.36
CA SER B 14 -13.99 -1.87 -9.54
C SER B 14 -14.92 -2.75 -10.40
N THR B 15 -15.27 -3.92 -9.86
CA THR B 15 -16.26 -4.82 -10.44
C THR B 15 -17.60 -4.06 -10.60
N GLY A 1 18.56 8.31 11.36
CA GLY A 1 18.49 8.13 12.83
C GLY A 1 17.50 7.03 13.22
N HIS A 2 17.07 7.03 14.49
CA HIS A 2 16.05 6.09 14.99
C HIS A 2 14.67 6.39 14.38
N MET A 3 13.72 5.48 14.59
CA MET A 3 12.30 5.66 14.25
C MET A 3 11.69 6.84 15.03
N ASN A 4 10.50 7.26 14.61
CA ASN A 4 9.75 8.37 15.19
C ASN A 4 8.27 7.98 15.29
N SER A 5 7.51 8.65 16.14
CA SER A 5 6.08 8.47 16.31
C SER A 5 5.36 8.82 15.00
N PHE A 6 5.10 7.81 14.16
CA PHE A 6 4.28 7.84 12.93
C PHE A 6 4.89 8.68 11.82
N VAL A 7 5.01 9.98 12.01
CA VAL A 7 5.47 10.94 11.02
C VAL A 7 6.87 10.53 10.55
N GLY A 8 6.97 10.13 9.27
CA GLY A 8 8.20 9.72 8.60
C GLY A 8 8.15 8.26 8.12
N LEU A 9 7.31 7.41 8.73
CA LEU A 9 7.29 5.96 8.45
C LEU A 9 6.64 5.67 7.11
N ARG A 10 7.22 4.71 6.37
CA ARG A 10 6.59 4.14 5.19
C ARG A 10 5.59 3.11 5.74
N VAL A 11 4.34 3.21 5.34
CA VAL A 11 3.21 2.39 5.83
C VAL A 11 2.30 2.12 4.63
N VAL A 12 1.19 1.42 4.84
CA VAL A 12 0.13 1.27 3.85
C VAL A 12 -1.08 1.97 4.46
N ALA A 13 -1.90 2.65 3.67
CA ALA A 13 -2.97 3.53 4.16
C ALA A 13 -4.13 3.47 3.20
N LYS A 14 -5.36 3.72 3.66
CA LYS A 14 -6.52 3.70 2.77
C LYS A 14 -6.55 5.02 2.06
N TRP A 15 -6.76 5.02 0.75
CA TRP A 15 -7.02 6.26 0.04
C TRP A 15 -8.48 6.60 0.36
N SER A 16 -8.67 7.53 1.27
CA SER A 16 -9.95 7.87 1.88
C SER A 16 -11.04 8.26 0.88
N SER A 17 -10.67 8.90 -0.23
CA SER A 17 -11.63 9.44 -1.19
C SER A 17 -12.29 8.38 -2.08
N ASN A 18 -11.88 7.11 -2.02
CA ASN A 18 -12.56 6.02 -2.75
C ASN A 18 -12.47 4.68 -2.01
N GLY A 19 -11.28 4.29 -1.55
CA GLY A 19 -11.01 2.98 -1.00
C GLY A 19 -9.72 2.38 -1.57
N TYR A 20 -9.38 1.18 -1.08
CA TYR A 20 -8.15 0.40 -1.30
C TYR A 20 -6.98 1.03 -0.56
N PHE A 21 -6.01 0.20 -0.16
CA PHE A 21 -4.94 0.58 0.73
C PHE A 21 -3.65 0.59 -0.07
N TYR A 22 -2.98 1.75 -0.15
CA TYR A 22 -1.81 1.99 -0.98
C TYR A 22 -0.62 2.30 -0.09
N SER A 23 0.60 2.03 -0.55
CA SER A 23 1.82 2.43 0.16
C SER A 23 1.94 3.95 0.23
N GLY A 24 2.47 4.47 1.33
CA GLY A 24 2.67 5.89 1.51
C GLY A 24 3.53 6.18 2.74
N LYS A 25 3.78 7.46 2.98
CA LYS A 25 4.69 7.96 4.01
C LYS A 25 3.88 8.94 4.85
N ILE A 26 3.89 8.78 6.18
CA ILE A 26 3.12 9.67 7.04
C ILE A 26 3.84 11.01 7.06
N THR A 27 3.13 12.10 6.80
CA THR A 27 3.74 13.41 6.59
C THR A 27 3.52 14.28 7.82
N ARG A 28 2.35 14.13 8.46
CA ARG A 28 2.00 14.83 9.70
C ARG A 28 0.74 14.23 10.34
N ASP A 29 0.72 14.15 11.67
CA ASP A 29 -0.47 13.82 12.47
C ASP A 29 -1.42 15.01 12.39
N VAL A 30 -2.47 14.89 11.61
CA VAL A 30 -3.43 15.95 11.36
C VAL A 30 -4.17 16.27 12.67
N GLY A 31 -4.72 15.24 13.33
CA GLY A 31 -5.40 15.38 14.62
C GLY A 31 -6.48 14.33 14.72
N ALA A 32 -6.99 14.08 15.94
CA ALA A 32 -8.07 13.12 16.21
C ALA A 32 -7.80 11.68 15.73
N GLY A 33 -6.57 11.37 15.34
CA GLY A 33 -6.17 10.07 14.78
C GLY A 33 -6.04 10.13 13.27
N LYS A 34 -6.36 11.24 12.60
CA LYS A 34 -6.06 11.44 11.20
C LYS A 34 -4.58 11.75 11.11
N TYR A 35 -3.90 11.10 10.18
CA TYR A 35 -2.54 11.39 9.77
C TYR A 35 -2.59 11.62 8.27
N LYS A 36 -1.86 12.61 7.78
CA LYS A 36 -1.76 12.90 6.36
C LYS A 36 -0.70 11.99 5.78
N LEU A 37 -0.98 11.44 4.60
CA LEU A 37 -0.21 10.39 3.97
C LEU A 37 0.18 10.84 2.57
N LEU A 38 1.48 10.93 2.35
CA LEU A 38 2.07 11.12 1.04
C LEU A 38 2.17 9.73 0.44
N PHE A 39 1.17 9.35 -0.32
CA PHE A 39 1.18 8.09 -1.05
C PHE A 39 2.39 8.04 -1.98
N ASP A 40 2.88 6.84 -2.26
CA ASP A 40 4.15 6.66 -2.96
C ASP A 40 4.04 7.09 -4.44
N ASP A 41 2.82 7.17 -4.97
CA ASP A 41 2.51 7.73 -6.28
C ASP A 41 2.44 9.27 -6.26
N GLY A 42 2.69 9.91 -5.12
CA GLY A 42 2.89 11.35 -4.97
C GLY A 42 1.67 12.11 -4.41
N TYR A 43 0.55 11.42 -4.17
CA TYR A 43 -0.70 12.04 -3.75
C TYR A 43 -0.68 12.28 -2.24
N GLU A 44 -1.52 13.20 -1.75
CA GLU A 44 -1.55 13.59 -0.34
C GLU A 44 -3.01 13.82 0.07
N CYS A 45 -3.49 13.01 1.03
CA CYS A 45 -4.80 13.10 1.67
C CYS A 45 -4.65 12.70 3.14
N ASP A 46 -5.66 12.94 3.96
CA ASP A 46 -5.69 12.57 5.36
C ASP A 46 -6.43 11.26 5.55
N VAL A 47 -5.95 10.46 6.49
CA VAL A 47 -6.40 9.09 6.70
C VAL A 47 -6.37 8.81 8.19
N LEU A 48 -7.41 8.17 8.70
CA LEU A 48 -7.50 7.80 10.11
C LEU A 48 -6.57 6.66 10.45
N GLY A 49 -6.11 6.61 11.70
CA GLY A 49 -5.23 5.56 12.20
C GLY A 49 -5.83 4.16 12.03
N LYS A 50 -7.15 4.04 12.13
CA LYS A 50 -7.88 2.80 11.88
C LYS A 50 -7.72 2.29 10.45
N ASP A 51 -7.18 3.11 9.55
CA ASP A 51 -7.07 2.87 8.13
C ASP A 51 -5.59 2.93 7.70
N ILE A 52 -4.62 2.71 8.61
CA ILE A 52 -3.19 2.73 8.27
C ILE A 52 -2.58 1.49 8.92
N LEU A 53 -1.70 0.81 8.19
CA LEU A 53 -1.03 -0.44 8.55
C LEU A 53 0.45 -0.09 8.54
N LEU A 54 1.15 -0.12 9.68
CA LEU A 54 2.51 0.45 9.76
C LEU A 54 3.65 -0.55 9.90
N CYS A 55 3.34 -1.84 10.02
CA CYS A 55 4.33 -2.89 10.21
C CYS A 55 4.00 -3.99 9.21
N ASP A 56 3.80 -3.57 7.96
CA ASP A 56 3.24 -4.37 6.89
C ASP A 56 4.17 -4.67 5.70
N PRO A 57 5.27 -5.42 5.88
CA PRO A 57 5.98 -5.98 4.74
C PRO A 57 5.00 -7.09 4.33
N ILE A 58 4.51 -7.10 3.08
CA ILE A 58 3.39 -7.97 2.73
C ILE A 58 3.77 -9.45 2.98
N PRO A 59 3.04 -10.18 3.84
CA PRO A 59 3.35 -11.56 4.12
C PRO A 59 3.23 -12.40 2.86
N LEU A 60 4.07 -13.42 2.72
CA LEU A 60 3.92 -14.42 1.68
C LEU A 60 2.57 -15.11 1.86
N ASP A 61 1.95 -15.53 0.75
CA ASP A 61 0.61 -16.13 0.65
C ASP A 61 -0.53 -15.11 0.84
N THR A 62 -0.23 -13.84 1.16
CA THR A 62 -1.24 -12.79 1.19
C THR A 62 -1.69 -12.52 -0.25
N GLU A 63 -3.00 -12.45 -0.45
CA GLU A 63 -3.59 -11.99 -1.69
C GLU A 63 -3.46 -10.47 -1.71
N VAL A 64 -3.08 -9.93 -2.86
CA VAL A 64 -2.79 -8.53 -3.06
C VAL A 64 -3.15 -8.13 -4.48
N THR A 65 -3.28 -6.82 -4.69
CA THR A 65 -3.40 -6.23 -6.01
C THR A 65 -1.96 -5.95 -6.47
N ALA A 66 -1.64 -6.39 -7.69
CA ALA A 66 -0.40 -6.06 -8.37
C ALA A 66 -0.69 -4.90 -9.32
N LEU A 67 0.24 -3.93 -9.37
CA LEU A 67 0.03 -2.67 -10.05
C LEU A 67 1.28 -2.27 -10.82
N SER A 68 1.28 -2.52 -12.12
CA SER A 68 2.33 -1.96 -12.98
C SER A 68 2.16 -0.45 -12.84
N GLU A 69 3.21 0.24 -12.42
CA GLU A 69 3.18 1.63 -12.00
C GLU A 69 2.53 2.62 -12.96
N ASP A 70 2.46 2.32 -14.27
CA ASP A 70 1.74 3.16 -15.21
C ASP A 70 0.24 3.18 -14.91
N GLU A 71 -0.38 1.98 -14.82
CA GLU A 71 -1.74 1.77 -14.33
C GLU A 71 -2.21 0.30 -14.30
N TYR A 72 -1.59 -0.62 -15.07
CA TYR A 72 -2.14 -1.97 -15.26
C TYR A 72 -2.43 -2.66 -13.93
N PHE A 73 -3.67 -3.14 -13.79
CA PHE A 73 -4.23 -3.60 -12.52
C PHE A 73 -4.70 -5.04 -12.62
N SER A 74 -4.25 -5.87 -11.68
CA SER A 74 -4.74 -7.22 -11.45
C SER A 74 -4.55 -7.58 -9.97
N ALA A 75 -5.00 -8.76 -9.53
CA ALA A 75 -4.70 -9.28 -8.20
C ALA A 75 -4.19 -10.72 -8.29
N GLY A 76 -3.39 -11.11 -7.28
CA GLY A 76 -2.63 -12.34 -7.22
C GLY A 76 -2.09 -12.50 -5.80
N VAL A 77 -1.04 -13.32 -5.60
CA VAL A 77 -0.57 -13.65 -4.25
C VAL A 77 0.95 -13.49 -4.18
N VAL A 78 1.46 -12.98 -3.05
CA VAL A 78 2.90 -12.96 -2.80
C VAL A 78 3.39 -14.40 -2.69
N LYS A 79 4.44 -14.79 -3.43
CA LYS A 79 5.12 -16.08 -3.22
C LYS A 79 6.64 -15.91 -3.13
N GLY A 80 7.14 -14.70 -2.90
CA GLY A 80 8.55 -14.46 -2.63
C GLY A 80 8.85 -13.00 -2.42
N HIS A 81 10.13 -12.69 -2.16
CA HIS A 81 10.66 -11.38 -1.77
C HIS A 81 12.01 -11.12 -2.42
N ARG A 82 12.35 -9.84 -2.57
CA ARG A 82 13.66 -9.35 -2.98
C ARG A 82 13.86 -7.97 -2.36
N LYS A 83 15.10 -7.52 -2.27
CA LYS A 83 15.46 -6.15 -1.90
C LYS A 83 16.42 -5.67 -2.98
N GLU A 84 16.11 -4.52 -3.60
CA GLU A 84 16.86 -3.99 -4.72
C GLU A 84 16.73 -2.47 -4.70
N SER A 85 17.81 -1.74 -4.98
CA SER A 85 17.84 -0.28 -5.05
C SER A 85 17.21 0.41 -3.82
N GLY A 86 17.27 -0.23 -2.64
CA GLY A 86 16.69 0.28 -1.41
C GLY A 86 15.16 0.31 -1.46
N GLU A 87 14.53 -0.66 -2.14
CA GLU A 87 13.09 -0.83 -2.21
C GLU A 87 12.82 -2.32 -2.07
N LEU A 88 11.63 -2.62 -1.56
CA LEU A 88 11.17 -3.95 -1.23
C LEU A 88 10.34 -4.48 -2.39
N TYR A 89 10.65 -5.70 -2.80
CA TYR A 89 10.08 -6.35 -3.96
C TYR A 89 9.47 -7.67 -3.53
N TYR A 90 8.51 -8.12 -4.34
CA TYR A 90 7.68 -9.28 -4.09
C TYR A 90 7.53 -9.99 -5.41
N SER A 91 7.83 -11.27 -5.46
CA SER A 91 7.51 -12.09 -6.61
C SER A 91 6.07 -12.53 -6.40
N ILE A 92 5.15 -11.80 -7.02
CA ILE A 92 3.73 -12.11 -6.98
C ILE A 92 3.54 -13.26 -7.97
N GLU A 93 2.81 -14.31 -7.61
CA GLU A 93 2.39 -15.32 -8.55
C GLU A 93 0.97 -14.93 -8.96
N LYS A 94 0.73 -14.87 -10.25
CA LYS A 94 -0.55 -14.54 -10.86
C LYS A 94 -0.66 -15.38 -12.10
N GLU A 95 -1.82 -15.92 -12.43
CA GLU A 95 -2.02 -16.81 -13.60
C GLU A 95 -1.04 -17.99 -13.64
N GLY A 96 -0.51 -18.40 -12.48
CA GLY A 96 0.47 -19.50 -12.39
C GLY A 96 1.84 -19.14 -12.95
N GLN A 97 2.18 -17.84 -13.01
CA GLN A 97 3.50 -17.35 -13.39
C GLN A 97 3.95 -16.36 -12.31
N ARG A 98 5.25 -16.29 -12.04
CA ARG A 98 5.79 -15.40 -11.01
C ARG A 98 6.32 -14.14 -11.68
N LYS A 99 6.01 -12.99 -11.09
CA LYS A 99 6.22 -11.66 -11.66
C LYS A 99 6.71 -10.78 -10.52
N TRP A 100 7.79 -10.04 -10.72
CA TRP A 100 8.32 -9.14 -9.70
C TRP A 100 7.51 -7.84 -9.71
N TYR A 101 7.06 -7.40 -8.53
CA TYR A 101 6.47 -6.08 -8.30
C TYR A 101 7.13 -5.49 -7.05
N LYS A 102 7.02 -4.17 -6.87
CA LYS A 102 7.63 -3.42 -5.75
C LYS A 102 6.56 -3.02 -4.75
N ARG A 103 6.91 -2.59 -3.53
CA ARG A 103 5.90 -2.32 -2.47
C ARG A 103 4.75 -1.44 -2.95
N MET A 104 5.00 -0.30 -3.62
CA MET A 104 3.89 0.56 -4.07
C MET A 104 3.07 -0.03 -5.23
N ALA A 105 3.60 -1.06 -5.89
CA ALA A 105 2.93 -1.87 -6.89
C ALA A 105 2.29 -3.11 -6.26
N VAL A 106 2.45 -3.35 -4.96
CA VAL A 106 1.85 -4.45 -4.25
C VAL A 106 0.97 -3.83 -3.17
N ILE A 107 -0.28 -3.62 -3.53
CA ILE A 107 -1.23 -2.88 -2.71
C ILE A 107 -2.30 -3.86 -2.25
N LEU A 108 -3.12 -3.45 -1.29
CA LEU A 108 -4.06 -4.33 -0.63
C LEU A 108 -5.47 -3.79 -0.85
N SER A 109 -6.34 -4.62 -1.40
CA SER A 109 -7.76 -4.36 -1.46
C SER A 109 -8.25 -4.23 -0.03
N LEU A 110 -9.27 -3.40 0.24
CA LEU A 110 -9.65 -3.06 1.63
C LEU A 110 -9.95 -4.29 2.47
N GLU A 111 -10.59 -5.32 1.89
CA GLU A 111 -11.00 -6.49 2.65
C GLU A 111 -9.81 -7.41 2.92
N GLN A 112 -8.76 -7.34 2.11
CA GLN A 112 -7.48 -8.01 2.39
C GLN A 112 -6.81 -7.25 3.54
N GLY A 113 -6.73 -5.93 3.44
CA GLY A 113 -6.07 -5.08 4.43
C GLY A 113 -6.74 -5.14 5.80
N ASN A 114 -8.05 -5.39 5.85
CA ASN A 114 -8.77 -5.57 7.12
C ASN A 114 -8.18 -6.72 7.93
N ARG A 115 -7.82 -7.84 7.31
CA ARG A 115 -7.19 -8.97 8.02
C ARG A 115 -5.88 -8.56 8.72
N LEU A 116 -5.21 -7.52 8.20
CA LEU A 116 -3.98 -6.98 8.76
C LEU A 116 -4.30 -5.86 9.76
N ARG A 117 -5.41 -5.13 9.60
CA ARG A 117 -5.79 -3.98 10.43
C ARG A 117 -5.84 -4.37 11.90
N GLU A 118 -6.40 -5.54 12.20
CA GLU A 118 -6.49 -6.03 13.57
C GLU A 118 -5.12 -6.17 14.29
N GLN A 119 -3.99 -6.22 13.57
CA GLN A 119 -2.66 -6.27 14.18
C GLN A 119 -1.83 -5.02 13.88
N TYR A 120 -1.77 -4.62 12.61
CA TYR A 120 -0.88 -3.57 12.11
C TYR A 120 -1.54 -2.20 12.11
N GLY A 121 -2.85 -2.17 12.35
CA GLY A 121 -3.66 -0.97 12.45
C GLY A 121 -3.08 -0.04 13.50
N LEU A 122 -2.91 1.26 13.18
CA LEU A 122 -2.54 2.22 14.21
C LEU A 122 -3.69 2.31 15.21
N GLY A 123 -4.91 2.40 14.67
CA GLY A 123 -6.13 2.43 15.42
C GLY A 123 -6.74 1.03 15.39
N ARG B 1 3.41 17.01 -12.64
CA ARG B 1 3.08 15.57 -12.82
C ARG B 1 4.04 14.70 -11.98
N ALA B 2 3.65 14.35 -10.75
CA ALA B 2 4.55 13.69 -9.79
C ALA B 2 4.90 12.25 -10.23
N HIS B 3 3.93 11.55 -10.82
CA HIS B 3 4.05 10.17 -11.28
C HIS B 3 2.97 9.94 -12.35
N SER B 4 2.99 8.77 -12.99
CA SER B 4 1.94 8.28 -13.85
C SER B 4 0.61 8.15 -13.07
N SER B 5 -0.49 7.82 -13.74
CA SER B 5 -1.82 7.79 -13.14
C SER B 5 -1.95 6.76 -12.01
N HIS B 6 -1.06 5.75 -11.95
CA HIS B 6 -1.14 4.59 -11.07
C HIS B 6 -2.57 4.06 -11.04
N LEU B 7 -3.29 4.22 -9.94
CA LEU B 7 -4.58 3.61 -9.70
C LEU B 7 -5.33 4.46 -8.70
N SER B 9 -8.55 2.89 -7.82
CA SER B 9 -9.43 1.74 -7.56
C SER B 9 -10.93 2.05 -7.75
N LYS B 10 -11.22 2.92 -8.73
CA LYS B 10 -12.60 3.29 -9.09
C LYS B 10 -13.24 2.15 -9.87
N LYS B 11 -14.57 2.16 -9.96
CA LYS B 11 -15.33 1.18 -10.75
C LYS B 11 -14.94 1.22 -12.23
N GLY B 12 -14.55 2.40 -12.74
CA GLY B 12 -14.12 2.58 -14.12
C GLY B 12 -12.90 1.72 -14.50
N GLN B 13 -12.04 1.37 -13.54
CA GLN B 13 -10.87 0.49 -13.76
C GLN B 13 -11.25 -1.01 -13.66
N SER B 14 -12.56 -1.33 -13.63
CA SER B 14 -13.08 -2.68 -13.40
C SER B 14 -12.58 -3.29 -12.07
N THR B 15 -12.34 -2.43 -11.08
CA THR B 15 -12.07 -2.83 -9.70
C THR B 15 -13.24 -3.69 -9.20
N GLY A 1 18.99 7.98 16.07
CA GLY A 1 17.63 7.82 15.51
C GLY A 1 17.43 6.45 14.88
N HIS A 2 16.18 5.96 14.85
CA HIS A 2 15.83 4.68 14.23
C HIS A 2 14.38 4.70 13.72
N MET A 3 13.44 5.18 14.55
CA MET A 3 12.03 5.35 14.23
C MET A 3 11.53 6.65 14.86
N ASN A 4 10.31 7.06 14.49
CA ASN A 4 9.63 8.26 14.98
C ASN A 4 8.14 7.96 15.11
N SER A 5 7.42 8.76 15.88
CA SER A 5 5.98 8.65 16.07
C SER A 5 5.24 8.95 14.74
N PHE A 6 5.02 7.91 13.93
CA PHE A 6 4.23 7.88 12.69
C PHE A 6 4.83 8.70 11.56
N VAL A 7 4.97 10.00 11.71
CA VAL A 7 5.44 10.93 10.70
C VAL A 7 6.83 10.49 10.23
N GLY A 8 6.93 10.09 8.96
CA GLY A 8 8.15 9.65 8.30
C GLY A 8 8.13 8.17 7.91
N LEU A 9 7.24 7.36 8.50
CA LEU A 9 7.23 5.92 8.30
C LEU A 9 6.61 5.56 6.95
N ARG A 10 7.22 4.58 6.25
CA ARG A 10 6.63 3.96 5.07
C ARG A 10 5.60 2.96 5.61
N VAL A 11 4.36 3.05 5.13
CA VAL A 11 3.22 2.27 5.61
C VAL A 11 2.31 1.98 4.42
N VAL A 12 1.17 1.34 4.63
CA VAL A 12 0.12 1.18 3.63
C VAL A 12 -1.11 1.89 4.21
N ALA A 13 -1.93 2.54 3.40
CA ALA A 13 -2.99 3.42 3.83
C ALA A 13 -4.16 3.32 2.86
N LYS A 14 -5.39 3.56 3.30
CA LYS A 14 -6.54 3.51 2.40
C LYS A 14 -6.60 4.84 1.68
N TRP A 15 -6.74 4.81 0.36
CA TRP A 15 -7.04 6.02 -0.37
C TRP A 15 -8.50 6.41 -0.07
N SER A 16 -8.68 7.67 0.33
CA SER A 16 -9.88 8.24 0.89
C SER A 16 -11.18 8.08 0.07
N SER A 17 -11.12 7.96 -1.26
CA SER A 17 -12.31 7.82 -2.11
C SER A 17 -12.82 6.36 -2.10
N ASN A 18 -13.02 5.80 -0.91
CA ASN A 18 -13.36 4.40 -0.64
C ASN A 18 -12.53 3.40 -1.45
N GLY A 19 -11.21 3.63 -1.49
CA GLY A 19 -10.30 2.83 -2.31
C GLY A 19 -9.63 1.69 -1.55
N TYR A 20 -8.72 1.02 -2.26
CA TYR A 20 -7.78 0.03 -1.78
C TYR A 20 -6.71 0.68 -0.91
N PHE A 21 -5.91 -0.16 -0.25
CA PHE A 21 -4.85 0.29 0.63
C PHE A 21 -3.58 0.34 -0.23
N TYR A 22 -3.11 1.55 -0.53
CA TYR A 22 -1.93 1.81 -1.35
C TYR A 22 -0.77 2.14 -0.41
N SER A 23 0.47 1.94 -0.86
CA SER A 23 1.64 2.30 -0.07
C SER A 23 1.82 3.83 0.00
N GLY A 24 2.37 4.33 1.10
CA GLY A 24 2.72 5.74 1.24
C GLY A 24 3.64 6.00 2.41
N LYS A 25 3.99 7.27 2.62
CA LYS A 25 4.80 7.75 3.74
C LYS A 25 3.89 8.67 4.55
N ILE A 26 3.88 8.56 5.86
CA ILE A 26 3.11 9.51 6.68
C ILE A 26 3.86 10.84 6.65
N THR A 27 3.16 11.93 6.39
CA THR A 27 3.77 13.24 6.15
C THR A 27 3.56 14.16 7.34
N ARG A 28 2.38 14.06 7.97
CA ARG A 28 2.03 14.81 9.19
C ARG A 28 0.78 14.22 9.85
N ASP A 29 0.77 14.18 11.19
CA ASP A 29 -0.41 13.87 12.00
C ASP A 29 -1.38 15.04 11.89
N VAL A 30 -2.44 14.88 11.11
CA VAL A 30 -3.40 15.95 10.85
C VAL A 30 -4.13 16.29 12.15
N GLY A 31 -4.66 15.26 12.85
CA GLY A 31 -5.35 15.42 14.11
C GLY A 31 -6.47 14.40 14.22
N ALA A 32 -7.00 14.18 15.42
CA ALA A 32 -8.11 13.26 15.70
C ALA A 32 -7.85 11.79 15.30
N GLY A 33 -6.63 11.44 14.90
CA GLY A 33 -6.28 10.13 14.38
C GLY A 33 -6.10 10.17 12.87
N LYS A 34 -6.38 11.27 12.18
CA LYS A 34 -6.02 11.44 10.78
C LYS A 34 -4.54 11.72 10.73
N TYR A 35 -3.87 11.09 9.78
CA TYR A 35 -2.50 11.34 9.40
C TYR A 35 -2.55 11.54 7.89
N LYS A 36 -1.82 12.53 7.37
CA LYS A 36 -1.74 12.76 5.94
C LYS A 36 -0.68 11.84 5.37
N LEU A 37 -0.96 11.28 4.21
CA LEU A 37 -0.20 10.22 3.60
C LEU A 37 0.20 10.65 2.21
N LEU A 38 1.51 10.71 1.99
CA LEU A 38 2.08 10.88 0.67
C LEU A 38 2.13 9.47 0.10
N PHE A 39 1.12 9.11 -0.67
CA PHE A 39 1.13 7.86 -1.41
C PHE A 39 2.35 7.85 -2.33
N ASP A 40 2.96 6.68 -2.52
CA ASP A 40 4.24 6.57 -3.21
C ASP A 40 4.13 6.98 -4.69
N ASP A 41 2.92 6.97 -5.25
CA ASP A 41 2.62 7.44 -6.61
C ASP A 41 2.51 8.97 -6.71
N GLY A 42 2.68 9.70 -5.61
CA GLY A 42 2.83 11.15 -5.57
C GLY A 42 1.64 11.88 -4.97
N TYR A 43 0.56 11.18 -4.63
CA TYR A 43 -0.70 11.75 -4.18
C TYR A 43 -0.65 12.03 -2.68
N GLU A 44 -1.47 12.95 -2.19
CA GLU A 44 -1.51 13.35 -0.78
C GLU A 44 -2.97 13.57 -0.39
N CYS A 45 -3.45 12.82 0.62
CA CYS A 45 -4.76 13.01 1.26
C CYS A 45 -4.61 12.61 2.74
N ASP A 46 -5.62 12.94 3.55
CA ASP A 46 -5.71 12.55 4.94
C ASP A 46 -6.33 11.17 5.03
N VAL A 47 -5.84 10.37 5.97
CA VAL A 47 -6.29 9.00 6.21
C VAL A 47 -6.32 8.78 7.71
N LEU A 48 -7.36 8.13 8.21
CA LEU A 48 -7.51 7.83 9.62
C LEU A 48 -6.65 6.67 10.05
N GLY A 49 -6.26 6.63 11.33
CA GLY A 49 -5.41 5.59 11.89
C GLY A 49 -5.96 4.19 11.70
N LYS A 50 -7.29 4.03 11.81
CA LYS A 50 -7.94 2.74 11.56
C LYS A 50 -7.83 2.27 10.11
N ASP A 51 -7.33 3.13 9.23
CA ASP A 51 -7.15 2.89 7.80
C ASP A 51 -5.67 2.91 7.40
N ILE A 52 -4.72 2.69 8.31
CA ILE A 52 -3.27 2.69 7.99
C ILE A 52 -2.66 1.46 8.66
N LEU A 53 -1.76 0.78 7.95
CA LEU A 53 -1.08 -0.45 8.36
C LEU A 53 0.39 -0.09 8.35
N LEU A 54 1.07 -0.12 9.50
CA LEU A 54 2.43 0.44 9.59
C LEU A 54 3.57 -0.55 9.75
N CYS A 55 3.27 -1.83 9.87
CA CYS A 55 4.27 -2.87 10.08
C CYS A 55 3.90 -4.02 9.14
N ASP A 56 3.67 -3.66 7.87
CA ASP A 56 3.08 -4.50 6.84
C ASP A 56 4.01 -4.87 5.66
N PRO A 57 5.17 -5.51 5.90
CA PRO A 57 5.89 -6.13 4.79
C PRO A 57 4.93 -7.28 4.43
N ILE A 58 4.43 -7.33 3.19
CA ILE A 58 3.33 -8.23 2.86
C ILE A 58 3.75 -9.68 3.15
N PRO A 59 3.02 -10.43 4.02
CA PRO A 59 3.35 -11.81 4.30
C PRO A 59 3.27 -12.65 3.02
N LEU A 60 4.14 -13.65 2.89
CA LEU A 60 4.01 -14.65 1.83
C LEU A 60 2.66 -15.35 2.02
N ASP A 61 2.06 -15.78 0.90
CA ASP A 61 0.75 -16.41 0.79
C ASP A 61 -0.42 -15.41 0.94
N THR A 62 -0.15 -14.13 1.25
CA THR A 62 -1.18 -13.10 1.22
C THR A 62 -1.54 -12.83 -0.25
N GLU A 63 -2.84 -12.74 -0.53
CA GLU A 63 -3.36 -12.30 -1.82
C GLU A 63 -3.20 -10.78 -1.89
N VAL A 64 -2.79 -10.28 -3.04
CA VAL A 64 -2.50 -8.87 -3.27
C VAL A 64 -2.83 -8.51 -4.72
N THR A 65 -3.01 -7.22 -4.94
CA THR A 65 -3.10 -6.65 -6.27
C THR A 65 -1.68 -6.31 -6.68
N ALA A 66 -1.29 -6.73 -7.88
CA ALA A 66 -0.03 -6.34 -8.51
C ALA A 66 -0.33 -5.18 -9.46
N LEU A 67 0.57 -4.19 -9.50
CA LEU A 67 0.35 -2.93 -10.19
C LEU A 67 1.61 -2.54 -10.94
N SER A 68 1.65 -2.81 -12.24
CA SER A 68 2.70 -2.26 -13.08
C SER A 68 2.54 -0.75 -13.00
N GLU A 69 3.59 -0.05 -12.56
CA GLU A 69 3.60 1.36 -12.18
C GLU A 69 2.88 2.30 -13.16
N ASP A 70 2.93 2.00 -14.47
CA ASP A 70 2.27 2.85 -15.46
C ASP A 70 0.75 2.86 -15.25
N GLU A 71 0.12 1.67 -15.08
CA GLU A 71 -1.27 1.50 -14.67
C GLU A 71 -1.75 0.04 -14.60
N TYR A 72 -1.13 -0.89 -15.35
CA TYR A 72 -1.66 -2.24 -15.53
C TYR A 72 -1.95 -2.93 -14.20
N PHE A 73 -3.18 -3.44 -14.07
CA PHE A 73 -3.76 -3.93 -12.82
C PHE A 73 -4.17 -5.39 -12.96
N SER A 74 -3.70 -6.21 -12.01
CA SER A 74 -4.05 -7.63 -11.86
C SER A 74 -3.91 -8.02 -10.38
N ALA A 75 -4.23 -9.25 -9.99
CA ALA A 75 -4.00 -9.74 -8.63
C ALA A 75 -3.42 -11.17 -8.63
N GLY A 76 -2.78 -11.54 -7.52
CA GLY A 76 -2.03 -12.78 -7.35
C GLY A 76 -1.64 -12.91 -5.87
N VAL A 77 -0.62 -13.71 -5.55
CA VAL A 77 -0.23 -13.98 -4.17
C VAL A 77 1.27 -13.79 -4.03
N VAL A 78 1.73 -13.27 -2.89
CA VAL A 78 3.15 -13.17 -2.59
C VAL A 78 3.72 -14.59 -2.46
N LYS A 79 4.77 -14.95 -3.21
CA LYS A 79 5.49 -16.21 -2.99
C LYS A 79 7.01 -16.00 -2.95
N GLY A 80 7.48 -14.78 -2.66
CA GLY A 80 8.88 -14.51 -2.37
C GLY A 80 9.11 -13.03 -2.10
N HIS A 81 10.35 -12.68 -1.77
CA HIS A 81 10.81 -11.36 -1.32
C HIS A 81 12.19 -11.03 -1.90
N ARG A 82 12.48 -9.73 -2.02
CA ARG A 82 13.79 -9.20 -2.35
C ARG A 82 13.90 -7.82 -1.70
N LYS A 83 15.13 -7.33 -1.50
CA LYS A 83 15.41 -5.97 -1.08
C LYS A 83 16.42 -5.43 -2.09
N GLU A 84 16.16 -4.25 -2.65
CA GLU A 84 17.00 -3.63 -3.67
C GLU A 84 16.85 -2.13 -3.54
N SER A 85 17.94 -1.37 -3.68
CA SER A 85 17.96 0.09 -3.62
C SER A 85 17.24 0.67 -2.38
N GLY A 86 17.27 -0.06 -1.25
CA GLY A 86 16.60 0.35 -0.02
C GLY A 86 15.08 0.31 -0.14
N GLU A 87 14.54 -0.59 -0.96
CA GLU A 87 13.11 -0.71 -1.23
C GLU A 87 12.79 -2.21 -1.26
N LEU A 88 11.53 -2.54 -0.96
CA LEU A 88 11.08 -3.89 -0.72
C LEU A 88 10.35 -4.41 -1.95
N TYR A 89 10.65 -5.64 -2.32
CA TYR A 89 10.19 -6.31 -3.52
C TYR A 89 9.58 -7.65 -3.14
N TYR A 90 8.73 -8.15 -4.03
CA TYR A 90 7.94 -9.35 -3.82
C TYR A 90 7.89 -10.07 -5.15
N SER A 91 8.11 -11.38 -5.15
CA SER A 91 7.86 -12.19 -6.32
C SER A 91 6.44 -12.69 -6.16
N ILE A 92 5.50 -12.00 -6.81
CA ILE A 92 4.09 -12.37 -6.79
C ILE A 92 3.94 -13.54 -7.74
N GLU A 93 3.31 -14.63 -7.32
CA GLU A 93 2.91 -15.67 -8.26
C GLU A 93 1.58 -15.15 -8.78
N LYS A 94 1.54 -14.93 -10.09
CA LYS A 94 0.43 -14.30 -10.79
C LYS A 94 0.30 -15.06 -12.10
N GLU A 95 -0.91 -15.39 -12.50
CA GLU A 95 -1.14 -16.24 -13.67
C GLU A 95 -0.38 -17.59 -13.58
N GLY A 96 -0.10 -18.05 -12.36
CA GLY A 96 0.54 -19.35 -12.11
C GLY A 96 2.06 -19.34 -12.32
N GLN A 97 2.68 -18.15 -12.40
CA GLN A 97 4.13 -17.99 -12.58
C GLN A 97 4.61 -16.80 -11.75
N ARG A 98 5.90 -16.78 -11.36
CA ARG A 98 6.43 -15.74 -10.48
C ARG A 98 6.75 -14.49 -11.32
N LYS A 99 6.48 -13.31 -10.77
CA LYS A 99 6.66 -12.01 -11.39
C LYS A 99 7.13 -11.07 -10.29
N TRP A 100 8.21 -10.33 -10.48
CA TRP A 100 8.69 -9.39 -9.47
C TRP A 100 7.88 -8.08 -9.55
N TYR A 101 7.41 -7.60 -8.40
CA TYR A 101 6.81 -6.28 -8.22
C TYR A 101 7.41 -5.66 -6.95
N LYS A 102 7.20 -4.36 -6.74
CA LYS A 102 7.76 -3.60 -5.61
C LYS A 102 6.64 -3.21 -4.65
N ARG A 103 6.95 -2.77 -3.43
CA ARG A 103 5.96 -2.42 -2.40
C ARG A 103 4.79 -1.60 -2.93
N MET A 104 5.01 -0.45 -3.59
CA MET A 104 3.87 0.36 -4.08
C MET A 104 3.12 -0.26 -5.26
N ALA A 105 3.73 -1.24 -5.91
CA ALA A 105 3.15 -2.07 -6.96
C ALA A 105 2.52 -3.34 -6.36
N VAL A 106 2.60 -3.58 -5.05
CA VAL A 106 2.00 -4.70 -4.37
C VAL A 106 1.07 -4.09 -3.33
N ILE A 107 -0.17 -3.87 -3.74
CA ILE A 107 -1.15 -3.16 -2.95
C ILE A 107 -2.17 -4.17 -2.45
N LEU A 108 -2.94 -3.78 -1.44
CA LEU A 108 -3.88 -4.66 -0.78
C LEU A 108 -5.27 -4.11 -1.06
N SER A 109 -6.11 -4.89 -1.72
CA SER A 109 -7.52 -4.59 -1.85
C SER A 109 -8.08 -4.44 -0.44
N LEU A 110 -9.09 -3.59 -0.24
CA LEU A 110 -9.52 -3.21 1.12
C LEU A 110 -9.82 -4.40 2.03
N GLU A 111 -10.43 -5.47 1.52
CA GLU A 111 -10.72 -6.65 2.36
C GLU A 111 -9.42 -7.36 2.72
N GLN A 112 -8.49 -7.48 1.77
CA GLN A 112 -7.17 -8.08 2.02
C GLN A 112 -6.48 -7.27 3.11
N GLY A 113 -6.50 -5.93 3.03
CA GLY A 113 -5.88 -5.06 4.01
C GLY A 113 -6.55 -5.13 5.37
N ASN A 114 -7.88 -5.31 5.42
CA ASN A 114 -8.61 -5.51 6.67
C ASN A 114 -8.07 -6.72 7.42
N ARG A 115 -7.66 -7.79 6.70
CA ARG A 115 -7.08 -8.98 7.34
C ARG A 115 -5.84 -8.66 8.17
N LEU A 116 -5.21 -7.51 7.96
CA LEU A 116 -4.02 -7.06 8.68
C LEU A 116 -4.33 -5.86 9.60
N ARG A 117 -5.44 -5.15 9.38
CA ARG A 117 -5.85 -4.01 10.19
C ARG A 117 -5.96 -4.41 11.66
N GLU A 118 -6.46 -5.61 11.91
CA GLU A 118 -6.61 -6.17 13.24
C GLU A 118 -5.28 -6.22 14.03
N GLN A 119 -4.10 -6.23 13.38
CA GLN A 119 -2.82 -6.23 14.07
C GLN A 119 -2.01 -4.97 13.79
N TYR A 120 -1.90 -4.57 12.52
CA TYR A 120 -1.00 -3.52 12.06
C TYR A 120 -1.67 -2.16 11.99
N GLY A 121 -3.00 -2.13 12.19
CA GLY A 121 -3.80 -0.94 12.25
C GLY A 121 -3.22 0.02 13.29
N LEU A 122 -3.02 1.30 12.93
CA LEU A 122 -2.66 2.28 13.94
C LEU A 122 -3.83 2.41 14.91
N GLY A 123 -5.04 2.42 14.32
CA GLY A 123 -6.30 2.50 15.00
C GLY A 123 -6.94 1.10 15.00
N ARG B 1 3.53 16.32 -9.16
CA ARG B 1 3.25 15.46 -10.35
C ARG B 1 2.99 14.02 -9.91
N ALA B 2 2.00 13.34 -10.50
CA ALA B 2 1.81 11.90 -10.32
C ALA B 2 3.01 11.16 -10.94
N HIS B 3 3.36 9.99 -10.43
CA HIS B 3 4.48 9.20 -10.96
C HIS B 3 4.17 8.57 -12.32
N SER B 4 2.88 8.41 -12.62
CA SER B 4 2.21 7.73 -13.73
C SER B 4 0.73 7.63 -13.29
N SER B 5 -0.17 7.17 -14.17
CA SER B 5 -1.59 7.05 -13.85
C SER B 5 -1.86 6.08 -12.69
N HIS B 6 -0.97 5.08 -12.48
CA HIS B 6 -1.13 4.00 -11.51
C HIS B 6 -2.57 3.48 -11.51
N LEU B 7 -3.25 3.48 -10.37
CA LEU B 7 -4.57 2.93 -10.19
C LEU B 7 -5.25 3.76 -9.13
N SER B 9 -9.07 3.19 -7.19
CA SER B 9 -10.09 2.17 -7.04
C SER B 9 -11.48 2.77 -6.71
N LYS B 10 -11.60 4.10 -6.86
CA LYS B 10 -12.82 4.86 -6.58
C LYS B 10 -13.99 4.43 -7.47
N LYS B 11 -15.22 4.69 -7.00
CA LYS B 11 -16.43 4.54 -7.81
C LYS B 11 -16.27 5.38 -9.07
N GLY B 12 -16.51 4.77 -10.23
CA GLY B 12 -16.33 5.36 -11.55
C GLY B 12 -15.20 4.65 -12.27
N GLN B 13 -14.05 4.45 -11.59
CA GLN B 13 -12.98 3.59 -12.09
C GLN B 13 -13.37 2.11 -11.90
N SER B 14 -14.16 1.83 -10.87
CA SER B 14 -14.78 0.53 -10.58
C SER B 14 -16.25 0.76 -10.23
N THR B 15 -17.05 -0.32 -10.23
CA THR B 15 -18.44 -0.30 -9.80
C THR B 15 -18.52 0.18 -8.34
N GLY A 1 20.45 3.54 12.41
CA GLY A 1 19.24 4.14 11.79
C GLY A 1 18.56 5.15 12.72
N HIS A 2 17.33 5.56 12.36
CA HIS A 2 16.51 6.50 13.11
C HIS A 2 15.04 6.18 12.87
N MET A 3 14.17 6.46 13.86
CA MET A 3 12.72 6.32 13.78
C MET A 3 12.07 7.45 14.58
N ASN A 4 10.79 7.71 14.33
CA ASN A 4 10.02 8.82 14.91
C ASN A 4 8.57 8.37 15.09
N SER A 5 7.82 9.07 15.95
CA SER A 5 6.40 8.85 16.19
C SER A 5 5.59 9.10 14.92
N PHE A 6 5.36 8.04 14.14
CA PHE A 6 4.53 7.95 12.93
C PHE A 6 5.07 8.76 11.75
N VAL A 7 5.19 10.07 11.90
CA VAL A 7 5.61 10.99 10.85
C VAL A 7 7.00 10.58 10.35
N GLY A 8 7.06 10.12 9.09
CA GLY A 8 8.29 9.66 8.43
C GLY A 8 8.21 8.20 8.00
N LEU A 9 7.38 7.38 8.65
CA LEU A 9 7.36 5.94 8.41
C LEU A 9 6.67 5.62 7.09
N ARG A 10 7.23 4.66 6.34
CA ARG A 10 6.57 4.08 5.18
C ARG A 10 5.58 3.07 5.74
N VAL A 11 4.33 3.17 5.34
CA VAL A 11 3.20 2.38 5.84
C VAL A 11 2.26 2.12 4.66
N VAL A 12 1.08 1.56 4.90
CA VAL A 12 0.00 1.45 3.92
C VAL A 12 -1.20 2.13 4.57
N ALA A 13 -2.06 2.79 3.80
CA ALA A 13 -3.12 3.66 4.28
C ALA A 13 -4.32 3.52 3.35
N LYS A 14 -5.54 3.72 3.83
CA LYS A 14 -6.71 3.59 2.98
C LYS A 14 -6.90 4.91 2.24
N TRP A 15 -7.05 4.81 0.93
CA TRP A 15 -7.47 5.95 0.15
C TRP A 15 -9.00 6.05 0.28
N SER A 16 -9.51 7.28 0.33
CA SER A 16 -10.90 7.61 0.60
C SER A 16 -11.88 7.12 -0.49
N SER A 17 -13.17 7.43 -0.35
CA SER A 17 -14.23 6.95 -1.24
C SER A 17 -14.22 5.41 -1.33
N ASN A 18 -14.05 4.77 -0.17
CA ASN A 18 -13.94 3.33 0.03
C ASN A 18 -12.91 2.66 -0.91
N GLY A 19 -11.71 3.23 -0.97
CA GLY A 19 -10.61 2.68 -1.77
C GLY A 19 -9.84 1.59 -1.03
N TYR A 20 -8.85 1.04 -1.72
CA TYR A 20 -7.89 0.05 -1.21
C TYR A 20 -6.84 0.72 -0.31
N PHE A 21 -6.06 -0.10 0.39
CA PHE A 21 -4.93 0.37 1.18
C PHE A 21 -3.72 0.49 0.26
N TYR A 22 -3.27 1.72 -0.01
CA TYR A 22 -2.13 2.02 -0.87
C TYR A 22 -0.92 2.33 0.00
N SER A 23 0.29 2.01 -0.48
CA SER A 23 1.53 2.29 0.24
C SER A 23 1.82 3.79 0.24
N GLY A 24 2.45 4.31 1.30
CA GLY A 24 2.69 5.74 1.46
C GLY A 24 3.54 6.04 2.67
N LYS A 25 3.75 7.32 2.94
CA LYS A 25 4.64 7.85 3.97
C LYS A 25 3.83 8.82 4.80
N ILE A 26 3.86 8.69 6.12
CA ILE A 26 3.14 9.64 6.98
C ILE A 26 3.90 10.96 6.92
N THR A 27 3.18 12.08 6.73
CA THR A 27 3.78 13.38 6.52
C THR A 27 3.54 14.25 7.75
N ARG A 28 2.42 14.01 8.44
CA ARG A 28 2.04 14.74 9.63
C ARG A 28 0.89 14.07 10.37
N ASP A 29 0.81 14.30 11.67
CA ASP A 29 -0.36 13.97 12.48
C ASP A 29 -1.25 15.18 12.26
N VAL A 30 -2.35 15.01 11.53
CA VAL A 30 -3.25 16.11 11.23
C VAL A 30 -3.94 16.53 12.53
N GLY A 31 -4.51 15.55 13.26
CA GLY A 31 -5.13 15.76 14.56
C GLY A 31 -6.15 14.68 14.82
N ALA A 32 -6.52 14.47 16.08
CA ALA A 32 -7.59 13.56 16.51
C ALA A 32 -7.45 12.10 16.06
N GLY A 33 -6.29 11.71 15.53
CA GLY A 33 -6.02 10.37 15.02
C GLY A 33 -5.90 10.37 13.49
N LYS A 34 -6.19 11.49 12.81
CA LYS A 34 -5.88 11.63 11.40
C LYS A 34 -4.38 11.84 11.29
N TYR A 35 -3.78 11.24 10.27
CA TYR A 35 -2.42 11.45 9.84
C TYR A 35 -2.51 11.69 8.34
N LYS A 36 -1.79 12.68 7.82
CA LYS A 36 -1.73 12.94 6.39
C LYS A 36 -0.69 12.01 5.80
N LEU A 37 -1.02 11.43 4.66
CA LEU A 37 -0.27 10.35 4.03
C LEU A 37 0.09 10.78 2.62
N LEU A 38 1.39 10.86 2.37
CA LEU A 38 1.96 11.02 1.05
C LEU A 38 2.02 9.62 0.48
N PHE A 39 1.00 9.22 -0.25
CA PHE A 39 1.00 7.97 -0.99
C PHE A 39 2.22 7.94 -1.90
N ASP A 40 2.76 6.74 -2.14
CA ASP A 40 4.05 6.57 -2.82
C ASP A 40 4.01 7.05 -4.28
N ASP A 41 2.82 7.20 -4.86
CA ASP A 41 2.59 7.75 -6.20
C ASP A 41 2.50 9.29 -6.20
N GLY A 42 2.64 9.94 -5.04
CA GLY A 42 2.80 11.38 -4.90
C GLY A 42 1.56 12.10 -4.37
N TYR A 43 0.45 11.38 -4.15
CA TYR A 43 -0.82 11.96 -3.72
C TYR A 43 -0.79 12.20 -2.21
N GLU A 44 -1.58 13.15 -1.70
CA GLU A 44 -1.58 13.54 -0.29
C GLU A 44 -3.01 13.79 0.15
N CYS A 45 -3.49 13.01 1.13
CA CYS A 45 -4.81 13.14 1.75
C CYS A 45 -4.68 12.79 3.23
N ASP A 46 -5.65 13.19 4.05
CA ASP A 46 -5.74 12.77 5.45
C ASP A 46 -6.35 11.37 5.51
N VAL A 47 -5.87 10.57 6.47
CA VAL A 47 -6.36 9.21 6.74
C VAL A 47 -6.34 9.00 8.25
N LEU A 48 -7.36 8.35 8.78
CA LEU A 48 -7.45 8.05 10.20
C LEU A 48 -6.56 6.88 10.60
N GLY A 49 -6.07 6.89 11.84
CA GLY A 49 -5.17 5.87 12.36
C GLY A 49 -5.70 4.45 12.24
N LYS A 50 -7.01 4.24 12.42
CA LYS A 50 -7.56 2.89 12.24
C LYS A 50 -7.38 2.37 10.82
N ASP A 51 -7.21 3.25 9.84
CA ASP A 51 -7.10 2.95 8.42
C ASP A 51 -5.64 2.94 7.93
N ILE A 52 -4.64 2.80 8.83
CA ILE A 52 -3.23 2.81 8.45
C ILE A 52 -2.59 1.57 9.07
N LEU A 53 -1.75 0.89 8.30
CA LEU A 53 -1.12 -0.39 8.57
C LEU A 53 0.38 -0.09 8.52
N LEU A 54 1.10 -0.15 9.65
CA LEU A 54 2.49 0.37 9.71
C LEU A 54 3.60 -0.67 9.82
N CYS A 55 3.25 -1.95 9.93
CA CYS A 55 4.22 -3.04 10.06
C CYS A 55 3.79 -4.05 8.99
N ASP A 56 3.76 -3.52 7.76
CA ASP A 56 3.20 -4.06 6.53
C ASP A 56 4.09 -4.76 5.48
N PRO A 57 5.33 -5.22 5.70
CA PRO A 57 5.98 -6.08 4.70
C PRO A 57 5.02 -7.27 4.49
N ILE A 58 4.46 -7.42 3.29
CA ILE A 58 3.36 -8.35 3.05
C ILE A 58 3.80 -9.78 3.36
N PRO A 59 3.11 -10.50 4.27
CA PRO A 59 3.41 -11.90 4.52
C PRO A 59 3.13 -12.73 3.27
N LEU A 60 3.99 -13.72 2.99
CA LEU A 60 3.81 -14.61 1.87
C LEU A 60 2.45 -15.32 2.01
N ASP A 61 1.86 -15.64 0.86
CA ASP A 61 0.53 -16.25 0.70
C ASP A 61 -0.62 -15.27 0.90
N THR A 62 -0.35 -14.03 1.31
CA THR A 62 -1.38 -12.98 1.31
C THR A 62 -1.74 -12.66 -0.14
N GLU A 63 -3.03 -12.45 -0.39
CA GLU A 63 -3.54 -12.03 -1.68
C GLU A 63 -3.48 -10.51 -1.69
N VAL A 64 -3.07 -9.94 -2.82
CA VAL A 64 -2.78 -8.53 -2.97
C VAL A 64 -3.15 -8.11 -4.39
N THR A 65 -3.29 -6.81 -4.58
CA THR A 65 -3.42 -6.23 -5.89
C THR A 65 -1.99 -5.91 -6.35
N ALA A 66 -1.72 -6.13 -7.63
CA ALA A 66 -0.48 -5.79 -8.31
C ALA A 66 -0.82 -4.70 -9.34
N LEU A 67 0.07 -3.73 -9.48
CA LEU A 67 -0.13 -2.56 -10.32
C LEU A 67 1.15 -2.26 -11.06
N SER A 68 1.20 -2.51 -12.37
CA SER A 68 2.32 -2.00 -13.14
C SER A 68 2.20 -0.47 -13.12
N GLU A 69 3.31 0.24 -13.32
CA GLU A 69 3.46 1.69 -13.12
C GLU A 69 2.65 2.56 -14.11
N ASP A 70 1.69 1.98 -14.83
CA ASP A 70 0.81 2.67 -15.78
C ASP A 70 -0.60 2.05 -15.72
N GLU A 71 -1.15 2.00 -14.50
CA GLU A 71 -2.52 1.58 -14.16
C GLU A 71 -2.97 0.18 -14.64
N TYR A 72 -2.03 -0.73 -14.91
CA TYR A 72 -2.35 -2.14 -15.14
C TYR A 72 -2.63 -2.80 -13.79
N PHE A 73 -3.83 -2.55 -13.28
CA PHE A 73 -4.41 -3.21 -12.11
C PHE A 73 -4.64 -4.70 -12.41
N SER A 74 -4.19 -5.56 -11.51
CA SER A 74 -4.49 -6.98 -11.45
C SER A 74 -4.39 -7.46 -10.00
N ALA A 75 -4.67 -8.72 -9.68
CA ALA A 75 -4.43 -9.25 -8.32
C ALA A 75 -3.88 -10.68 -8.39
N GLY A 76 -3.17 -11.07 -7.33
CA GLY A 76 -2.42 -12.31 -7.21
C GLY A 76 -1.95 -12.47 -5.76
N VAL A 77 -0.96 -13.32 -5.50
CA VAL A 77 -0.55 -13.67 -4.13
C VAL A 77 0.96 -13.51 -4.02
N VAL A 78 1.44 -13.05 -2.88
CA VAL A 78 2.87 -13.01 -2.62
C VAL A 78 3.38 -14.44 -2.53
N LYS A 79 4.40 -14.81 -3.32
CA LYS A 79 5.09 -16.10 -3.17
C LYS A 79 6.62 -15.90 -3.05
N GLY A 80 7.08 -14.67 -2.82
CA GLY A 80 8.48 -14.41 -2.55
C GLY A 80 8.77 -12.92 -2.33
N HIS A 81 10.04 -12.61 -2.08
CA HIS A 81 10.56 -11.30 -1.68
C HIS A 81 11.90 -11.01 -2.36
N ARG A 82 12.23 -9.74 -2.54
CA ARG A 82 13.54 -9.25 -2.96
C ARG A 82 13.74 -7.87 -2.35
N LYS A 83 14.97 -7.38 -2.30
CA LYS A 83 15.32 -6.01 -1.95
C LYS A 83 16.26 -5.51 -3.03
N GLU A 84 15.92 -4.39 -3.66
CA GLU A 84 16.66 -3.84 -4.80
C GLU A 84 16.49 -2.33 -4.79
N SER A 85 17.55 -1.59 -5.11
CA SER A 85 17.53 -0.12 -5.21
C SER A 85 16.91 0.58 -3.98
N GLY A 86 17.03 -0.02 -2.79
CA GLY A 86 16.45 0.52 -1.57
C GLY A 86 14.92 0.51 -1.59
N GLU A 87 14.30 -0.50 -2.23
CA GLU A 87 12.86 -0.69 -2.27
C GLU A 87 12.63 -2.18 -2.10
N LEU A 88 11.49 -2.52 -1.49
CA LEU A 88 11.10 -3.87 -1.16
C LEU A 88 10.25 -4.39 -2.32
N TYR A 89 10.53 -5.61 -2.73
CA TYR A 89 9.94 -6.26 -3.89
C TYR A 89 9.32 -7.57 -3.46
N TYR A 90 8.35 -8.02 -4.24
CA TYR A 90 7.57 -9.22 -4.00
C TYR A 90 7.44 -9.93 -5.33
N SER A 91 7.75 -11.21 -5.37
CA SER A 91 7.44 -12.02 -6.53
C SER A 91 6.00 -12.48 -6.32
N ILE A 92 5.08 -11.76 -6.94
CA ILE A 92 3.66 -12.06 -6.88
C ILE A 92 3.42 -13.20 -7.87
N GLU A 93 2.79 -14.28 -7.43
CA GLU A 93 2.30 -15.30 -8.35
C GLU A 93 0.95 -14.77 -8.79
N LYS A 94 0.81 -14.57 -10.09
CA LYS A 94 -0.32 -13.90 -10.71
C LYS A 94 -0.54 -14.66 -12.00
N GLU A 95 -1.78 -15.01 -12.31
CA GLU A 95 -2.11 -15.83 -13.49
C GLU A 95 -1.35 -17.18 -13.49
N GLY A 96 -0.94 -17.67 -12.31
CA GLY A 96 -0.28 -18.97 -12.17
C GLY A 96 1.18 -18.94 -12.57
N GLN A 97 1.80 -17.75 -12.64
CA GLN A 97 3.21 -17.55 -12.96
C GLN A 97 3.75 -16.41 -12.09
N ARG A 98 5.06 -16.28 -11.91
CA ARG A 98 5.61 -15.35 -10.91
C ARG A 98 6.17 -14.12 -11.60
N LYS A 99 5.92 -12.94 -11.00
CA LYS A 99 6.17 -11.64 -11.57
C LYS A 99 6.66 -10.74 -10.43
N TRP A 100 7.73 -9.98 -10.62
CA TRP A 100 8.23 -9.06 -9.61
C TRP A 100 7.41 -7.77 -9.64
N TYR A 101 6.94 -7.33 -8.46
CA TYR A 101 6.34 -6.00 -8.26
C TYR A 101 6.97 -5.39 -7.01
N LYS A 102 6.90 -4.07 -6.87
CA LYS A 102 7.52 -3.31 -5.76
C LYS A 102 6.46 -2.96 -4.71
N ARG A 103 6.84 -2.56 -3.50
CA ARG A 103 5.91 -2.25 -2.42
C ARG A 103 4.78 -1.30 -2.84
N MET A 104 5.04 -0.21 -3.55
CA MET A 104 3.92 0.66 -3.98
C MET A 104 3.03 0.02 -5.05
N ALA A 105 3.58 -0.93 -5.81
CA ALA A 105 2.83 -1.69 -6.80
C ALA A 105 2.05 -2.84 -6.15
N VAL A 106 2.38 -3.20 -4.90
CA VAL A 106 1.81 -4.34 -4.20
C VAL A 106 0.96 -3.75 -3.08
N ILE A 107 -0.31 -3.55 -3.39
CA ILE A 107 -1.24 -2.90 -2.50
C ILE A 107 -2.19 -3.96 -1.96
N LEU A 108 -2.91 -3.64 -0.90
CA LEU A 108 -3.83 -4.58 -0.27
C LEU A 108 -5.22 -4.11 -0.62
N SER A 109 -5.95 -4.94 -1.37
CA SER A 109 -7.38 -4.77 -1.61
C SER A 109 -8.05 -4.64 -0.24
N LEU A 110 -9.15 -3.88 -0.12
CA LEU A 110 -9.70 -3.53 1.20
C LEU A 110 -10.00 -4.75 2.07
N GLU A 111 -10.45 -5.85 1.46
CA GLU A 111 -10.73 -7.09 2.20
C GLU A 111 -9.44 -7.68 2.78
N GLN A 112 -8.35 -7.62 2.01
CA GLN A 112 -7.04 -8.13 2.43
C GLN A 112 -6.55 -7.26 3.58
N GLY A 113 -6.54 -5.94 3.39
CA GLY A 113 -5.99 -5.00 4.37
C GLY A 113 -6.75 -5.07 5.68
N ASN A 114 -8.04 -5.43 5.68
CA ASN A 114 -8.80 -5.63 6.90
C ASN A 114 -8.20 -6.74 7.76
N ARG A 115 -7.84 -7.87 7.14
CA ARG A 115 -7.21 -8.99 7.85
C ARG A 115 -5.84 -8.60 8.44
N LEU A 116 -5.24 -7.50 7.98
CA LEU A 116 -4.02 -6.94 8.58
C LEU A 116 -4.36 -5.86 9.61
N ARG A 117 -5.48 -5.13 9.47
CA ARG A 117 -5.86 -4.00 10.33
C ARG A 117 -5.95 -4.40 11.78
N GLU A 118 -6.45 -5.60 12.04
CA GLU A 118 -6.58 -6.16 13.38
C GLU A 118 -5.23 -6.23 14.12
N GLN A 119 -4.08 -6.28 13.41
CA GLN A 119 -2.76 -6.34 14.03
C GLN A 119 -1.93 -5.08 13.75
N TYR A 120 -1.90 -4.62 12.50
CA TYR A 120 -0.99 -3.57 12.03
C TYR A 120 -1.61 -2.18 12.13
N GLY A 121 -2.91 -2.12 12.45
CA GLY A 121 -3.68 -0.89 12.60
C GLY A 121 -3.04 0.01 13.66
N LEU A 122 -2.83 1.30 13.35
CA LEU A 122 -2.35 2.24 14.36
C LEU A 122 -3.40 2.41 15.43
N GLY A 123 -4.63 2.65 14.94
CA GLY A 123 -5.78 3.05 15.72
C GLY A 123 -5.42 4.18 16.69
N ARG B 1 0.73 14.46 -15.93
CA ARG B 1 0.53 14.15 -14.47
C ARG B 1 1.83 13.54 -13.90
N ALA B 2 2.18 13.83 -12.64
CA ALA B 2 3.42 13.38 -11.98
C ALA B 2 3.54 11.85 -11.89
N HIS B 3 2.40 11.13 -11.84
CA HIS B 3 2.34 9.67 -11.90
C HIS B 3 1.13 9.30 -12.75
N SER B 4 1.11 8.07 -13.25
CA SER B 4 0.19 7.52 -14.24
C SER B 4 -1.22 7.22 -13.69
N SER B 5 -1.77 8.08 -12.81
CA SER B 5 -3.04 7.91 -12.07
C SER B 5 -3.02 6.79 -11.02
N HIS B 6 -2.14 5.82 -11.23
CA HIS B 6 -2.00 4.53 -10.55
C HIS B 6 -3.30 3.74 -10.56
N LEU B 7 -4.33 4.12 -9.78
CA LEU B 7 -5.50 3.27 -9.59
C LEU B 7 -6.67 4.02 -8.98
N SER B 9 -8.61 2.96 -6.90
CA SER B 9 -9.49 1.81 -6.94
C SER B 9 -10.59 1.89 -8.01
N LYS B 10 -10.31 2.60 -9.11
CA LYS B 10 -11.28 2.78 -10.22
C LYS B 10 -10.63 2.95 -11.59
N LYS B 11 -9.50 3.66 -11.74
CA LYS B 11 -8.80 3.72 -13.02
C LYS B 11 -8.30 2.31 -13.33
N GLY B 12 -8.65 1.77 -14.50
CA GLY B 12 -8.33 0.39 -14.86
C GLY B 12 -9.09 -0.64 -14.02
N GLN B 13 -10.16 -0.24 -13.32
CA GLN B 13 -11.01 -1.07 -12.48
C GLN B 13 -12.45 -0.52 -12.59
N SER B 14 -12.89 -0.27 -13.82
CA SER B 14 -14.12 0.45 -14.15
C SER B 14 -15.36 -0.16 -13.46
N THR B 15 -15.40 -1.49 -13.34
CA THR B 15 -16.50 -2.24 -12.74
C THR B 15 -15.86 -3.29 -11.83
N GLY A 1 19.93 3.27 10.66
CA GLY A 1 18.78 4.20 10.46
C GLY A 1 18.26 4.76 11.78
N HIS A 2 17.05 5.34 11.76
CA HIS A 2 16.36 5.90 12.91
C HIS A 2 14.84 5.78 12.68
N MET A 3 14.04 6.10 13.70
CA MET A 3 12.58 6.01 13.68
C MET A 3 11.95 7.23 14.38
N ASN A 4 10.64 7.39 14.21
CA ASN A 4 9.81 8.47 14.74
C ASN A 4 8.41 7.90 14.94
N SER A 5 7.56 8.60 15.68
CA SER A 5 6.25 8.12 16.09
C SER A 5 5.42 7.60 14.90
N PHE A 6 5.29 8.45 13.87
CA PHE A 6 4.47 8.15 12.70
C PHE A 6 5.01 8.89 11.49
N VAL A 7 5.16 10.21 11.61
CA VAL A 7 5.56 11.10 10.53
C VAL A 7 6.93 10.66 10.02
N GLY A 8 7.01 10.22 8.77
CA GLY A 8 8.22 9.77 8.10
C GLY A 8 8.15 8.28 7.71
N LEU A 9 7.32 7.48 8.39
CA LEU A 9 7.27 6.03 8.16
C LEU A 9 6.59 5.70 6.84
N ARG A 10 7.15 4.74 6.11
CA ARG A 10 6.50 4.14 4.94
C ARG A 10 5.53 3.11 5.51
N VAL A 11 4.27 3.21 5.11
CA VAL A 11 3.15 2.44 5.63
C VAL A 11 2.19 2.15 4.47
N VAL A 12 1.02 1.59 4.74
CA VAL A 12 -0.07 1.45 3.78
C VAL A 12 -1.25 2.18 4.38
N ALA A 13 -2.11 2.78 3.56
CA ALA A 13 -3.19 3.64 3.99
C ALA A 13 -4.37 3.44 3.04
N LYS A 14 -5.60 3.62 3.53
CA LYS A 14 -6.77 3.49 2.66
C LYS A 14 -6.94 4.81 1.93
N TRP A 15 -7.17 4.72 0.63
CA TRP A 15 -7.58 5.86 -0.14
C TRP A 15 -9.10 5.97 -0.07
N SER A 16 -9.61 7.20 -0.07
CA SER A 16 -11.02 7.55 0.15
C SER A 16 -11.95 7.04 -0.97
N SER A 17 -13.25 7.40 -0.93
CA SER A 17 -14.28 6.87 -1.83
C SER A 17 -14.31 5.32 -1.80
N ASN A 18 -14.19 4.76 -0.59
CA ASN A 18 -14.11 3.33 -0.29
C ASN A 18 -13.05 2.60 -1.14
N GLY A 19 -11.85 3.18 -1.24
CA GLY A 19 -10.76 2.64 -2.05
C GLY A 19 -9.95 1.56 -1.35
N TYR A 20 -8.96 1.05 -2.09
CA TYR A 20 -7.97 0.07 -1.67
C TYR A 20 -6.93 0.72 -0.76
N PHE A 21 -6.09 -0.11 -0.14
CA PHE A 21 -5.06 0.31 0.79
C PHE A 21 -3.77 0.39 -0.01
N TYR A 22 -3.29 1.60 -0.28
CA TYR A 22 -2.13 1.88 -1.12
C TYR A 22 -0.94 2.25 -0.23
N SER A 23 0.28 1.99 -0.68
CA SER A 23 1.49 2.35 0.04
C SER A 23 1.67 3.88 0.07
N GLY A 24 2.20 4.41 1.17
CA GLY A 24 2.46 5.83 1.31
C GLY A 24 3.36 6.14 2.49
N LYS A 25 3.67 7.41 2.69
CA LYS A 25 4.57 7.90 3.71
C LYS A 25 3.78 8.90 4.54
N ILE A 26 3.79 8.78 5.86
CA ILE A 26 3.06 9.71 6.71
C ILE A 26 3.79 11.04 6.63
N THR A 27 3.07 12.14 6.43
CA THR A 27 3.66 13.46 6.22
C THR A 27 3.39 14.33 7.44
N ARG A 28 2.27 14.04 8.13
CA ARG A 28 1.89 14.75 9.34
C ARG A 28 0.77 14.05 10.08
N ASP A 29 0.67 14.28 11.38
CA ASP A 29 -0.47 13.92 12.21
C ASP A 29 -1.38 15.12 12.02
N VAL A 30 -2.46 14.98 11.25
CA VAL A 30 -3.38 16.08 10.98
C VAL A 30 -4.10 16.43 12.28
N GLY A 31 -4.64 15.43 12.98
CA GLY A 31 -5.27 15.60 14.28
C GLY A 31 -6.43 14.63 14.40
N ALA A 32 -7.00 14.48 15.59
CA ALA A 32 -8.16 13.62 15.86
C ALA A 32 -7.96 12.14 15.47
N GLY A 33 -6.74 11.73 15.13
CA GLY A 33 -6.40 10.39 14.67
C GLY A 33 -6.15 10.37 13.16
N LYS A 34 -6.40 11.45 12.44
CA LYS A 34 -6.06 11.60 11.03
C LYS A 34 -4.57 11.86 10.95
N TYR A 35 -3.93 11.22 9.97
CA TYR A 35 -2.57 11.45 9.54
C TYR A 35 -2.64 11.67 8.04
N LYS A 36 -1.91 12.65 7.52
CA LYS A 36 -1.84 12.91 6.10
C LYS A 36 -0.79 12.01 5.50
N LEU A 37 -1.10 11.43 4.35
CA LEU A 37 -0.34 10.36 3.72
C LEU A 37 0.02 10.79 2.31
N LEU A 38 1.33 10.86 2.06
CA LEU A 38 1.91 11.02 0.74
C LEU A 38 1.98 9.62 0.16
N PHE A 39 0.94 9.22 -0.57
CA PHE A 39 0.94 7.96 -1.29
C PHE A 39 2.16 7.91 -2.21
N ASP A 40 2.69 6.72 -2.44
CA ASP A 40 3.98 6.55 -3.13
C ASP A 40 3.93 7.00 -4.60
N ASP A 41 2.73 7.10 -5.18
CA ASP A 41 2.49 7.65 -6.51
C ASP A 41 2.38 9.18 -6.52
N GLY A 42 2.56 9.85 -5.38
CA GLY A 42 2.71 11.29 -5.26
C GLY A 42 1.46 12.02 -4.75
N TYR A 43 0.37 11.30 -4.49
CA TYR A 43 -0.90 11.86 -4.05
C TYR A 43 -0.85 12.16 -2.55
N GLU A 44 -1.68 13.07 -2.06
CA GLU A 44 -1.70 13.48 -0.65
C GLU A 44 -3.16 13.68 -0.25
N CYS A 45 -3.62 12.93 0.76
CA CYS A 45 -4.92 13.06 1.40
C CYS A 45 -4.76 12.68 2.88
N ASP A 46 -5.76 12.98 3.70
CA ASP A 46 -5.81 12.61 5.11
C ASP A 46 -6.51 11.26 5.26
N VAL A 47 -6.02 10.47 6.22
CA VAL A 47 -6.48 9.12 6.48
C VAL A 47 -6.45 8.92 7.98
N LEU A 48 -7.46 8.25 8.54
CA LEU A 48 -7.53 7.97 9.96
C LEU A 48 -6.64 6.81 10.37
N GLY A 49 -6.19 6.82 11.62
CA GLY A 49 -5.31 5.81 12.20
C GLY A 49 -5.82 4.38 12.01
N LYS A 50 -7.13 4.14 12.16
CA LYS A 50 -7.66 2.78 11.96
C LYS A 50 -7.50 2.28 10.53
N ASP A 51 -7.20 3.18 9.59
CA ASP A 51 -7.08 2.91 8.16
C ASP A 51 -5.61 3.02 7.68
N ILE A 52 -4.62 2.92 8.58
CA ILE A 52 -3.20 2.98 8.20
C ILE A 52 -2.53 1.78 8.87
N LEU A 53 -1.72 1.02 8.12
CA LEU A 53 -1.09 -0.22 8.52
C LEU A 53 0.40 0.08 8.43
N LEU A 54 1.15 0.02 9.55
CA LEU A 54 2.53 0.53 9.59
C LEU A 54 3.66 -0.49 9.75
N CYS A 55 3.32 -1.76 9.89
CA CYS A 55 4.28 -2.85 10.08
C CYS A 55 3.88 -3.92 9.05
N ASP A 56 3.77 -3.42 7.82
CA ASP A 56 3.19 -4.01 6.61
C ASP A 56 4.07 -4.69 5.54
N PRO A 57 5.36 -5.07 5.71
CA PRO A 57 6.01 -5.91 4.69
C PRO A 57 5.11 -7.14 4.50
N ILE A 58 4.57 -7.35 3.29
CA ILE A 58 3.51 -8.32 3.06
C ILE A 58 4.00 -9.72 3.45
N PRO A 59 3.31 -10.44 4.35
CA PRO A 59 3.62 -11.83 4.64
C PRO A 59 3.40 -12.70 3.39
N LEU A 60 4.30 -13.66 3.15
CA LEU A 60 4.11 -14.64 2.09
C LEU A 60 2.77 -15.36 2.28
N ASP A 61 2.17 -15.76 1.17
CA ASP A 61 0.88 -16.43 1.04
C ASP A 61 -0.32 -15.49 1.24
N THR A 62 -0.09 -14.21 1.60
CA THR A 62 -1.13 -13.19 1.60
C THR A 62 -1.54 -12.90 0.16
N GLU A 63 -2.84 -12.75 -0.06
CA GLU A 63 -3.39 -12.31 -1.33
C GLU A 63 -3.24 -10.79 -1.38
N VAL A 64 -2.84 -10.28 -2.54
CA VAL A 64 -2.57 -8.87 -2.77
C VAL A 64 -2.98 -8.50 -4.19
N THR A 65 -3.09 -7.20 -4.43
CA THR A 65 -3.23 -6.64 -5.75
C THR A 65 -1.81 -6.37 -6.24
N ALA A 66 -1.55 -6.65 -7.51
CA ALA A 66 -0.30 -6.37 -8.18
C ALA A 66 -0.58 -5.35 -9.28
N LEU A 67 0.31 -4.38 -9.42
CA LEU A 67 0.09 -3.21 -10.28
C LEU A 67 1.33 -2.84 -11.05
N SER A 68 1.31 -3.03 -12.37
CA SER A 68 2.34 -2.47 -13.21
C SER A 68 2.11 -0.96 -13.07
N GLU A 69 3.15 -0.21 -12.68
CA GLU A 69 3.02 1.19 -12.27
C GLU A 69 2.29 2.13 -13.24
N ASP A 70 2.21 1.79 -14.52
CA ASP A 70 1.49 2.63 -15.47
C ASP A 70 -0.02 2.63 -15.17
N GLU A 71 -0.61 1.45 -14.96
CA GLU A 71 -2.01 1.25 -14.53
C GLU A 71 -2.44 -0.22 -14.47
N TYR A 72 -1.77 -1.14 -15.19
CA TYR A 72 -2.26 -2.51 -15.35
C TYR A 72 -2.44 -3.15 -13.98
N PHE A 73 -3.67 -3.62 -13.72
CA PHE A 73 -4.14 -4.05 -12.42
C PHE A 73 -4.68 -5.47 -12.46
N SER A 74 -4.18 -6.32 -11.55
CA SER A 74 -4.66 -7.67 -11.29
C SER A 74 -4.39 -8.04 -9.83
N ALA A 75 -4.79 -9.22 -9.35
CA ALA A 75 -4.46 -9.69 -8.00
C ALA A 75 -3.92 -11.13 -8.04
N GLY A 76 -3.17 -11.51 -7.00
CA GLY A 76 -2.39 -12.74 -6.89
C GLY A 76 -1.90 -12.90 -5.46
N VAL A 77 -0.85 -13.69 -5.22
CA VAL A 77 -0.39 -13.99 -3.87
C VAL A 77 1.12 -13.83 -3.79
N VAL A 78 1.63 -13.33 -2.66
CA VAL A 78 3.07 -13.29 -2.41
C VAL A 78 3.59 -14.71 -2.28
N LYS A 79 4.65 -15.09 -3.02
CA LYS A 79 5.36 -16.36 -2.87
C LYS A 79 6.89 -16.15 -2.82
N GLY A 80 7.37 -14.91 -2.64
CA GLY A 80 8.79 -14.64 -2.45
C GLY A 80 9.08 -13.17 -2.20
N HIS A 81 10.34 -12.85 -1.87
CA HIS A 81 10.82 -11.52 -1.54
C HIS A 81 12.16 -11.26 -2.24
N ARG A 82 12.47 -9.98 -2.48
CA ARG A 82 13.76 -9.52 -2.98
C ARG A 82 13.99 -8.13 -2.43
N LYS A 83 15.25 -7.68 -2.40
CA LYS A 83 15.63 -6.31 -2.10
C LYS A 83 16.58 -5.88 -3.20
N GLU A 84 16.28 -4.75 -3.85
CA GLU A 84 17.01 -4.26 -5.00
C GLU A 84 16.90 -2.73 -5.00
N SER A 85 17.98 -2.02 -5.32
CA SER A 85 17.99 -0.56 -5.40
C SER A 85 17.38 0.17 -4.18
N GLY A 86 17.47 -0.44 -2.99
CA GLY A 86 16.90 0.12 -1.77
C GLY A 86 15.36 0.15 -1.81
N GLU A 87 14.73 -0.85 -2.43
CA GLU A 87 13.30 -0.98 -2.57
C GLU A 87 12.97 -2.45 -2.33
N LEU A 88 11.80 -2.71 -1.75
CA LEU A 88 11.36 -4.03 -1.36
C LEU A 88 10.49 -4.60 -2.48
N TYR A 89 10.80 -5.83 -2.86
CA TYR A 89 10.18 -6.53 -3.98
C TYR A 89 9.55 -7.81 -3.48
N TYR A 90 8.57 -8.28 -4.23
CA TYR A 90 7.76 -9.44 -3.90
C TYR A 90 7.61 -10.22 -5.19
N SER A 91 7.83 -11.54 -5.13
CA SER A 91 7.48 -12.42 -6.22
C SER A 91 6.01 -12.68 -5.96
N ILE A 92 5.15 -12.06 -6.73
CA ILE A 92 3.74 -12.37 -6.70
C ILE A 92 3.57 -13.54 -7.65
N GLU A 93 3.04 -14.67 -7.16
CA GLU A 93 2.62 -15.73 -8.05
C GLU A 93 1.23 -15.28 -8.47
N LYS A 94 1.07 -15.10 -9.77
CA LYS A 94 -0.12 -14.53 -10.38
C LYS A 94 -0.32 -15.33 -11.65
N GLU A 95 -1.55 -15.75 -11.93
CA GLU A 95 -1.88 -16.57 -13.09
C GLU A 95 -1.03 -17.87 -13.12
N GLY A 96 -0.61 -18.34 -11.93
CA GLY A 96 0.10 -19.60 -11.77
C GLY A 96 1.60 -19.50 -12.09
N GLN A 97 2.15 -18.29 -12.17
CA GLN A 97 3.56 -18.05 -12.47
C GLN A 97 4.11 -16.87 -11.65
N ARG A 98 5.41 -16.85 -11.41
CA ARG A 98 6.08 -15.85 -10.56
C ARG A 98 6.30 -14.57 -11.37
N LYS A 99 6.06 -13.41 -10.75
CA LYS A 99 6.21 -12.09 -11.36
C LYS A 99 6.72 -11.15 -10.28
N TRP A 100 7.80 -10.42 -10.51
CA TRP A 100 8.32 -9.46 -9.55
C TRP A 100 7.54 -8.15 -9.63
N TYR A 101 7.04 -7.70 -8.47
CA TYR A 101 6.46 -6.37 -8.27
C TYR A 101 7.14 -5.76 -7.04
N LYS A 102 6.98 -4.46 -6.82
CA LYS A 102 7.63 -3.70 -5.72
C LYS A 102 6.57 -3.17 -4.77
N ARG A 103 6.94 -2.70 -3.57
CA ARG A 103 5.97 -2.36 -2.51
C ARG A 103 4.80 -1.50 -2.97
N MET A 104 4.99 -0.36 -3.64
CA MET A 104 3.83 0.44 -4.08
C MET A 104 3.03 -0.23 -5.21
N ALA A 105 3.63 -1.18 -5.93
CA ALA A 105 2.99 -2.02 -6.92
C ALA A 105 2.35 -3.25 -6.28
N VAL A 106 2.53 -3.49 -4.98
CA VAL A 106 1.95 -4.60 -4.25
C VAL A 106 1.09 -3.97 -3.16
N ILE A 107 -0.17 -3.75 -3.52
CA ILE A 107 -1.12 -3.08 -2.65
C ILE A 107 -2.10 -4.14 -2.16
N LEU A 108 -2.99 -3.76 -1.25
CA LEU A 108 -3.98 -4.65 -0.69
C LEU A 108 -5.34 -4.06 -1.00
N SER A 109 -6.28 -4.88 -1.46
CA SER A 109 -7.66 -4.44 -1.54
C SER A 109 -8.10 -4.17 -0.10
N LEU A 110 -9.25 -3.52 0.09
CA LEU A 110 -9.79 -3.35 1.43
C LEU A 110 -10.04 -4.71 2.10
N GLU A 111 -10.49 -5.72 1.37
CA GLU A 111 -10.86 -7.00 1.94
C GLU A 111 -9.58 -7.74 2.37
N GLN A 112 -8.55 -7.68 1.53
CA GLN A 112 -7.26 -8.30 1.78
C GLN A 112 -6.59 -7.59 2.97
N GLY A 113 -6.54 -6.25 2.91
CA GLY A 113 -5.88 -5.42 3.91
C GLY A 113 -6.53 -5.54 5.26
N ASN A 114 -7.84 -5.82 5.33
CA ASN A 114 -8.52 -6.06 6.60
C ASN A 114 -7.85 -7.15 7.42
N ARG A 115 -7.36 -8.23 6.79
CA ARG A 115 -6.69 -9.34 7.49
C ARG A 115 -5.43 -8.89 8.24
N LEU A 116 -4.87 -7.72 7.91
CA LEU A 116 -3.72 -7.14 8.58
C LEU A 116 -4.09 -5.84 9.29
N ARG A 117 -5.24 -5.22 9.00
CA ARG A 117 -5.67 -3.98 9.66
C ARG A 117 -5.87 -4.22 11.15
N GLU A 118 -6.41 -5.39 11.50
CA GLU A 118 -6.66 -5.78 12.89
C GLU A 118 -5.37 -5.80 13.74
N GLN A 119 -4.17 -5.92 13.12
CA GLN A 119 -2.91 -6.01 13.85
C GLN A 119 -2.03 -4.79 13.60
N TYR A 120 -1.93 -4.34 12.35
CA TYR A 120 -0.97 -3.32 11.92
C TYR A 120 -1.58 -1.93 11.93
N GLY A 121 -2.91 -1.84 11.99
CA GLY A 121 -3.69 -0.62 12.22
C GLY A 121 -3.08 0.25 13.31
N LEU A 122 -2.89 1.55 13.04
CA LEU A 122 -2.41 2.49 14.07
C LEU A 122 -3.48 2.62 15.15
N GLY A 123 -4.74 2.75 14.70
CA GLY A 123 -5.89 2.99 15.56
C GLY A 123 -6.21 1.72 16.33
N ARG B 1 -1.45 16.54 -12.24
CA ARG B 1 -1.61 15.11 -11.83
C ARG B 1 -0.22 14.44 -11.79
N ALA B 2 0.25 14.06 -10.60
CA ALA B 2 1.50 13.31 -10.42
C ALA B 2 1.35 11.89 -10.98
N HIS B 3 2.47 11.32 -11.45
CA HIS B 3 2.60 9.94 -11.93
C HIS B 3 1.60 9.55 -13.03
N SER B 4 1.66 8.30 -13.50
CA SER B 4 0.69 7.67 -14.37
C SER B 4 -0.62 7.42 -13.58
N SER B 5 -1.65 6.93 -14.25
CA SER B 5 -2.97 6.72 -13.65
C SER B 5 -2.97 5.72 -12.48
N HIS B 6 -2.02 4.78 -12.44
CA HIS B 6 -1.95 3.68 -11.48
C HIS B 6 -3.34 3.06 -11.25
N LEU B 7 -3.95 3.27 -10.09
CA LEU B 7 -5.21 2.73 -9.66
C LEU B 7 -5.70 3.67 -8.56
N SER B 9 -9.24 2.87 -7.42
CA SER B 9 -10.30 1.94 -7.00
C SER B 9 -11.75 2.48 -7.05
N LYS B 10 -11.97 3.74 -7.43
CA LYS B 10 -13.27 4.39 -7.39
C LYS B 10 -14.05 4.02 -8.64
N LYS B 11 -15.18 3.29 -8.45
CA LYS B 11 -16.16 2.94 -9.49
C LYS B 11 -15.52 2.36 -10.77
N GLY B 12 -14.40 1.67 -10.63
CA GLY B 12 -13.54 1.22 -11.72
C GLY B 12 -12.10 1.15 -11.22
N GLN B 13 -11.14 0.96 -12.12
CA GLN B 13 -9.73 0.97 -11.75
C GLN B 13 -9.33 2.32 -11.14
N SER B 14 -9.90 3.42 -11.63
CA SER B 14 -9.73 4.77 -11.12
C SER B 14 -10.97 5.59 -11.49
N THR B 15 -11.12 6.75 -10.86
CA THR B 15 -12.13 7.75 -11.17
C THR B 15 -12.16 8.04 -12.68
N GLY A 1 18.81 4.46 19.59
CA GLY A 1 17.68 5.22 18.99
C GLY A 1 16.53 4.31 18.57
N HIS A 2 15.47 4.89 18.00
CA HIS A 2 14.27 4.20 17.50
C HIS A 2 13.69 5.03 16.33
N MET A 3 12.71 4.47 15.63
CA MET A 3 11.93 5.19 14.62
C MET A 3 11.22 6.38 15.25
N ASN A 4 10.99 7.43 14.45
CA ASN A 4 10.16 8.57 14.87
C ASN A 4 8.71 8.11 15.04
N SER A 5 7.94 8.82 15.86
CA SER A 5 6.51 8.61 16.03
C SER A 5 5.77 8.95 14.72
N PHE A 6 5.49 7.93 13.91
CA PHE A 6 4.63 7.94 12.71
C PHE A 6 5.18 8.76 11.55
N VAL A 7 5.32 10.07 11.72
CA VAL A 7 5.69 11.02 10.69
C VAL A 7 7.06 10.62 10.13
N GLY A 8 7.08 10.25 8.85
CA GLY A 8 8.27 9.85 8.11
C GLY A 8 8.22 8.37 7.69
N LEU A 9 7.43 7.53 8.38
CA LEU A 9 7.43 6.07 8.13
C LEU A 9 6.71 5.73 6.85
N ARG A 10 7.28 4.79 6.09
CA ARG A 10 6.60 4.17 4.95
C ARG A 10 5.64 3.15 5.56
N VAL A 11 4.37 3.22 5.17
CA VAL A 11 3.28 2.40 5.70
C VAL A 11 2.30 2.12 4.54
N VAL A 12 1.13 1.53 4.82
CA VAL A 12 0.04 1.40 3.87
C VAL A 12 -1.16 2.07 4.54
N ALA A 13 -2.06 2.68 3.77
CA ALA A 13 -3.13 3.53 4.27
C ALA A 13 -4.34 3.34 3.37
N LYS A 14 -5.55 3.54 3.89
CA LYS A 14 -6.76 3.39 3.07
C LYS A 14 -6.94 4.70 2.34
N TRP A 15 -7.23 4.58 1.07
CA TRP A 15 -7.67 5.70 0.26
C TRP A 15 -9.17 5.81 0.52
N SER A 16 -9.53 6.61 1.53
CA SER A 16 -10.89 6.74 2.05
C SER A 16 -11.90 7.15 0.97
N SER A 17 -11.44 7.84 -0.08
CA SER A 17 -12.27 8.27 -1.19
C SER A 17 -12.80 7.10 -2.05
N ASN A 18 -12.36 5.85 -1.83
CA ASN A 18 -13.02 4.69 -2.46
C ASN A 18 -12.95 3.41 -1.64
N GLY A 19 -11.78 2.95 -1.19
CA GLY A 19 -11.75 1.71 -0.41
C GLY A 19 -10.41 1.01 -0.20
N TYR A 20 -9.57 0.88 -1.23
CA TYR A 20 -8.38 0.03 -1.16
C TYR A 20 -7.24 0.72 -0.41
N PHE A 21 -6.23 -0.07 0.01
CA PHE A 21 -5.20 0.38 0.91
C PHE A 21 -3.90 0.42 0.10
N TYR A 22 -3.36 1.63 -0.10
CA TYR A 22 -2.20 1.92 -0.96
C TYR A 22 -1.01 2.26 -0.08
N SER A 23 0.21 2.00 -0.55
CA SER A 23 1.44 2.31 0.19
C SER A 23 1.70 3.82 0.17
N GLY A 24 2.35 4.35 1.20
CA GLY A 24 2.58 5.78 1.34
C GLY A 24 3.47 6.09 2.53
N LYS A 25 3.67 7.38 2.80
CA LYS A 25 4.59 7.92 3.79
C LYS A 25 3.80 8.88 4.65
N ILE A 26 3.86 8.75 5.97
CA ILE A 26 3.13 9.66 6.86
C ILE A 26 3.84 11.00 6.81
N THR A 27 3.10 12.09 6.60
CA THR A 27 3.68 13.41 6.35
C THR A 27 3.54 14.30 7.58
N ARG A 28 2.40 14.15 8.28
CA ARG A 28 2.10 14.87 9.52
C ARG A 28 0.88 14.29 10.23
N ASP A 29 0.91 14.23 11.56
CA ASP A 29 -0.24 13.92 12.41
C ASP A 29 -1.21 15.10 12.34
N VAL A 30 -2.29 14.94 11.58
CA VAL A 30 -3.25 16.02 11.35
C VAL A 30 -3.92 16.37 12.68
N GLY A 31 -4.42 15.36 13.40
CA GLY A 31 -5.03 15.52 14.71
C GLY A 31 -6.15 14.50 14.88
N ALA A 32 -6.63 14.29 16.10
CA ALA A 32 -7.73 13.38 16.45
C ALA A 32 -7.48 11.91 16.08
N GLY A 33 -6.29 11.56 15.59
CA GLY A 33 -5.95 10.24 15.07
C GLY A 33 -5.82 10.25 13.56
N LYS A 34 -6.15 11.35 12.86
CA LYS A 34 -5.85 11.50 11.46
C LYS A 34 -4.36 11.77 11.32
N TYR A 35 -3.75 11.15 10.33
CA TYR A 35 -2.40 11.40 9.87
C TYR A 35 -2.53 11.62 8.37
N LYS A 36 -1.84 12.62 7.83
CA LYS A 36 -1.83 12.87 6.41
C LYS A 36 -0.79 11.97 5.79
N LEU A 37 -1.13 11.38 4.65
CA LEU A 37 -0.39 10.32 4.00
C LEU A 37 -0.07 10.77 2.58
N LEU A 38 1.23 10.86 2.29
CA LEU A 38 1.76 11.06 0.96
C LEU A 38 1.81 9.64 0.38
N PHE A 39 0.77 9.24 -0.33
CA PHE A 39 0.77 7.99 -1.06
C PHE A 39 1.98 7.97 -1.99
N ASP A 40 2.53 6.77 -2.23
CA ASP A 40 3.81 6.60 -2.91
C ASP A 40 3.75 7.06 -4.38
N ASP A 41 2.55 7.26 -4.93
CA ASP A 41 2.31 7.80 -6.28
C ASP A 41 2.17 9.34 -6.30
N GLY A 42 2.29 10.01 -5.14
CA GLY A 42 2.41 11.46 -5.03
C GLY A 42 1.19 12.16 -4.43
N TYR A 43 0.10 11.43 -4.18
CA TYR A 43 -1.16 11.98 -3.70
C TYR A 43 -1.06 12.24 -2.20
N GLU A 44 -1.85 13.17 -1.65
CA GLU A 44 -1.80 13.57 -0.25
C GLU A 44 -3.23 13.77 0.25
N CYS A 45 -3.63 12.97 1.24
CA CYS A 45 -4.97 12.99 1.84
C CYS A 45 -4.83 12.65 3.34
N ASP A 46 -5.80 13.04 4.17
CA ASP A 46 -5.85 12.63 5.57
C ASP A 46 -6.44 11.22 5.63
N VAL A 47 -5.91 10.42 6.56
CA VAL A 47 -6.36 9.06 6.81
C VAL A 47 -6.29 8.85 8.32
N LEU A 48 -7.29 8.17 8.90
CA LEU A 48 -7.35 7.89 10.32
C LEU A 48 -6.42 6.76 10.69
N GLY A 49 -5.89 6.76 11.92
CA GLY A 49 -4.96 5.76 12.43
C GLY A 49 -5.51 4.34 12.31
N LYS A 50 -6.83 4.15 12.47
CA LYS A 50 -7.46 2.85 12.31
C LYS A 50 -7.16 2.27 10.93
N ASP A 51 -7.04 3.16 9.94
CA ASP A 51 -6.95 2.84 8.52
C ASP A 51 -5.50 2.91 8.02
N ILE A 52 -4.48 2.75 8.88
CA ILE A 52 -3.07 2.79 8.45
C ILE A 52 -2.40 1.57 9.08
N LEU A 53 -1.57 0.88 8.28
CA LEU A 53 -0.89 -0.37 8.58
C LEU A 53 0.59 -0.04 8.52
N LEU A 54 1.33 -0.09 9.63
CA LEU A 54 2.71 0.45 9.64
C LEU A 54 3.85 -0.57 9.75
N CYS A 55 3.51 -1.86 9.87
CA CYS A 55 4.48 -2.93 9.98
C CYS A 55 4.03 -3.95 8.93
N ASP A 56 3.98 -3.44 7.70
CA ASP A 56 3.38 -4.00 6.49
C ASP A 56 4.26 -4.71 5.44
N PRO A 57 5.49 -5.22 5.67
CA PRO A 57 6.12 -6.09 4.68
C PRO A 57 5.15 -7.26 4.49
N ILE A 58 4.54 -7.38 3.30
CA ILE A 58 3.41 -8.29 3.09
C ILE A 58 3.85 -9.73 3.36
N PRO A 59 3.17 -10.46 4.25
CA PRO A 59 3.47 -11.87 4.47
C PRO A 59 3.22 -12.66 3.19
N LEU A 60 4.08 -13.64 2.92
CA LEU A 60 3.85 -14.60 1.86
C LEU A 60 2.51 -15.31 2.12
N ASP A 61 1.78 -15.62 1.05
CA ASP A 61 0.44 -16.22 1.02
C ASP A 61 -0.70 -15.21 1.22
N THR A 62 -0.39 -13.94 1.55
CA THR A 62 -1.39 -12.87 1.56
C THR A 62 -1.82 -12.60 0.12
N GLU A 63 -3.11 -12.43 -0.10
CA GLU A 63 -3.67 -11.98 -1.37
C GLU A 63 -3.49 -10.47 -1.43
N VAL A 64 -3.08 -9.96 -2.58
CA VAL A 64 -2.79 -8.55 -2.80
C VAL A 64 -3.16 -8.18 -4.23
N THR A 65 -3.34 -6.89 -4.45
CA THR A 65 -3.49 -6.33 -5.77
C THR A 65 -2.08 -5.99 -6.24
N ALA A 66 -1.80 -6.25 -7.51
CA ALA A 66 -0.57 -5.95 -8.18
C ALA A 66 -0.85 -4.89 -9.24
N LEU A 67 0.10 -3.99 -9.44
CA LEU A 67 -0.08 -2.80 -10.25
C LEU A 67 1.16 -2.55 -11.09
N SER A 68 1.03 -2.66 -12.41
CA SER A 68 2.09 -2.20 -13.30
C SER A 68 2.22 -0.68 -13.04
N GLU A 69 3.41 -0.12 -13.22
CA GLU A 69 3.73 1.24 -12.78
C GLU A 69 2.90 2.34 -13.45
N ASP A 70 2.23 2.09 -14.58
CA ASP A 70 1.38 3.09 -15.22
C ASP A 70 -0.04 3.09 -14.63
N GLU A 71 -0.77 1.97 -14.77
CA GLU A 71 -2.08 1.80 -14.13
C GLU A 71 -2.62 0.36 -14.17
N TYR A 72 -2.05 -0.56 -14.98
CA TYR A 72 -2.65 -1.87 -15.20
C TYR A 72 -2.77 -2.62 -13.87
N PHE A 73 -3.99 -3.02 -13.55
CA PHE A 73 -4.41 -3.54 -12.25
C PHE A 73 -4.86 -4.99 -12.39
N SER A 74 -4.37 -5.84 -11.48
CA SER A 74 -4.75 -7.24 -11.33
C SER A 74 -4.54 -7.65 -9.86
N ALA A 75 -4.86 -8.89 -9.46
CA ALA A 75 -4.56 -9.39 -8.11
C ALA A 75 -4.00 -10.81 -8.16
N GLY A 76 -3.31 -11.21 -7.08
CA GLY A 76 -2.55 -12.44 -6.96
C GLY A 76 -2.09 -12.59 -5.50
N VAL A 77 -1.09 -13.43 -5.25
CA VAL A 77 -0.64 -13.73 -3.89
C VAL A 77 0.88 -13.58 -3.82
N VAL A 78 1.39 -13.07 -2.70
CA VAL A 78 2.83 -13.02 -2.47
C VAL A 78 3.37 -14.45 -2.36
N LYS A 79 4.37 -14.82 -3.16
CA LYS A 79 5.09 -16.10 -3.02
C LYS A 79 6.61 -15.91 -3.12
N GLY A 80 7.13 -14.70 -2.86
CA GLY A 80 8.57 -14.47 -2.73
C GLY A 80 8.87 -13.01 -2.42
N HIS A 81 10.14 -12.71 -2.09
CA HIS A 81 10.62 -11.39 -1.71
C HIS A 81 11.96 -11.10 -2.38
N ARG A 82 12.26 -9.80 -2.56
CA ARG A 82 13.56 -9.30 -3.00
C ARG A 82 13.73 -7.90 -2.38
N LYS A 83 14.96 -7.42 -2.33
CA LYS A 83 15.28 -6.04 -1.97
C LYS A 83 16.25 -5.54 -3.03
N GLU A 84 15.95 -4.41 -3.66
CA GLU A 84 16.73 -3.86 -4.77
C GLU A 84 16.57 -2.34 -4.75
N SER A 85 17.65 -1.60 -4.99
CA SER A 85 17.65 -0.14 -5.07
C SER A 85 16.94 0.56 -3.89
N GLY A 86 16.98 -0.05 -2.70
CA GLY A 86 16.33 0.50 -1.52
C GLY A 86 14.81 0.48 -1.61
N GLU A 87 14.23 -0.53 -2.27
CA GLU A 87 12.79 -0.74 -2.36
C GLU A 87 12.58 -2.24 -2.19
N LEU A 88 11.45 -2.58 -1.59
CA LEU A 88 11.06 -3.93 -1.24
C LEU A 88 10.21 -4.46 -2.37
N TYR A 89 10.49 -5.70 -2.79
CA TYR A 89 9.92 -6.35 -3.94
C TYR A 89 9.29 -7.66 -3.51
N TYR A 90 8.31 -8.10 -4.28
CA TYR A 90 7.50 -9.25 -4.01
C TYR A 90 7.35 -10.01 -5.31
N SER A 91 7.57 -11.32 -5.29
CA SER A 91 7.22 -12.17 -6.42
C SER A 91 5.77 -12.49 -6.17
N ILE A 92 4.88 -11.76 -6.84
CA ILE A 92 3.46 -12.08 -6.77
C ILE A 92 3.27 -13.23 -7.74
N GLU A 93 2.68 -14.34 -7.27
CA GLU A 93 2.24 -15.37 -8.19
C GLU A 93 0.88 -14.86 -8.63
N LYS A 94 0.79 -14.57 -9.93
CA LYS A 94 -0.32 -13.89 -10.55
C LYS A 94 -0.51 -14.59 -11.89
N GLU A 95 -1.74 -14.90 -12.27
CA GLU A 95 -2.03 -15.72 -13.45
C GLU A 95 -1.30 -17.08 -13.38
N GLY A 96 -0.98 -17.56 -12.17
CA GLY A 96 -0.35 -18.86 -11.95
C GLY A 96 1.16 -18.86 -12.21
N GLN A 97 1.80 -17.67 -12.30
CA GLN A 97 3.23 -17.54 -12.56
C GLN A 97 3.82 -16.37 -11.75
N ARG A 98 5.12 -16.40 -11.48
CA ARG A 98 5.80 -15.42 -10.63
C ARG A 98 6.06 -14.15 -11.44
N LYS A 99 5.79 -12.98 -10.84
CA LYS A 99 5.96 -11.66 -11.45
C LYS A 99 6.46 -10.75 -10.35
N TRP A 100 7.54 -10.00 -10.59
CA TRP A 100 8.07 -9.06 -9.60
C TRP A 100 7.27 -7.77 -9.64
N TYR A 101 6.75 -7.36 -8.49
CA TYR A 101 6.15 -6.04 -8.25
C TYR A 101 6.83 -5.46 -7.00
N LYS A 102 6.73 -4.14 -6.81
CA LYS A 102 7.40 -3.40 -5.71
C LYS A 102 6.38 -2.98 -4.67
N ARG A 103 6.79 -2.54 -3.47
CA ARG A 103 5.88 -2.21 -2.38
C ARG A 103 4.77 -1.25 -2.79
N MET A 104 5.03 -0.17 -3.54
CA MET A 104 3.92 0.71 -3.96
C MET A 104 2.99 0.04 -4.96
N ALA A 105 3.51 -0.92 -5.73
CA ALA A 105 2.78 -1.68 -6.73
C ALA A 105 2.11 -2.90 -6.11
N VAL A 106 2.31 -3.19 -4.82
CA VAL A 106 1.73 -4.31 -4.12
C VAL A 106 0.87 -3.71 -3.03
N ILE A 107 -0.40 -3.54 -3.37
CA ILE A 107 -1.36 -2.87 -2.51
C ILE A 107 -2.31 -3.94 -1.97
N LEU A 108 -3.12 -3.59 -0.97
CA LEU A 108 -4.01 -4.54 -0.34
C LEU A 108 -5.43 -4.11 -0.65
N SER A 109 -6.21 -5.03 -1.22
CA SER A 109 -7.63 -4.88 -1.36
C SER A 109 -8.19 -4.79 0.06
N LEU A 110 -9.22 -3.98 0.30
CA LEU A 110 -9.68 -3.64 1.65
C LEU A 110 -9.95 -4.85 2.54
N GLU A 111 -10.47 -5.93 1.97
CA GLU A 111 -10.82 -7.13 2.74
C GLU A 111 -9.54 -7.76 3.30
N GLN A 112 -8.45 -7.74 2.52
CA GLN A 112 -7.17 -8.32 2.90
C GLN A 112 -6.46 -7.38 3.85
N GLY A 113 -6.48 -6.07 3.57
CA GLY A 113 -5.94 -5.05 4.47
C GLY A 113 -6.57 -5.12 5.86
N ASN A 114 -7.84 -5.49 5.96
CA ASN A 114 -8.53 -5.68 7.25
C ASN A 114 -7.90 -6.80 8.06
N ARG A 115 -7.58 -7.92 7.43
CA ARG A 115 -6.90 -9.04 8.09
C ARG A 115 -5.51 -8.65 8.61
N LEU A 116 -4.94 -7.54 8.15
CA LEU A 116 -3.70 -6.97 8.70
C LEU A 116 -4.02 -5.88 9.72
N ARG A 117 -5.13 -5.15 9.59
CA ARG A 117 -5.52 -4.02 10.44
C ARG A 117 -5.60 -4.44 11.90
N GLU A 118 -6.09 -5.64 12.17
CA GLU A 118 -6.21 -6.16 13.52
C GLU A 118 -4.87 -6.22 14.27
N GLN A 119 -3.72 -6.25 13.56
CA GLN A 119 -2.40 -6.27 14.19
C GLN A 119 -1.59 -5.01 13.88
N TYR A 120 -1.57 -4.59 12.61
CA TYR A 120 -0.68 -3.54 12.12
C TYR A 120 -1.32 -2.14 12.19
N GLY A 121 -2.61 -2.09 12.51
CA GLY A 121 -3.38 -0.88 12.65
C GLY A 121 -2.75 0.06 13.67
N LEU A 122 -2.59 1.36 13.34
CA LEU A 122 -2.10 2.32 14.34
C LEU A 122 -3.15 2.48 15.44
N GLY A 123 -4.42 2.61 15.01
CA GLY A 123 -5.54 2.87 15.89
C GLY A 123 -5.87 1.62 16.70
N ARG B 1 1.15 17.50 -15.26
CA ARG B 1 0.91 16.06 -14.91
C ARG B 1 1.68 15.69 -13.63
N ALA B 2 1.09 14.83 -12.79
CA ALA B 2 1.66 14.36 -11.52
C ALA B 2 1.37 12.86 -11.43
N HIS B 3 2.12 12.07 -12.21
CA HIS B 3 1.91 10.64 -12.47
C HIS B 3 0.59 10.38 -13.21
N SER B 4 0.38 9.14 -13.66
CA SER B 4 -0.90 8.66 -14.17
C SER B 4 -1.90 8.51 -13.02
N SER B 5 -3.15 8.13 -13.34
CA SER B 5 -4.21 7.87 -12.36
C SER B 5 -3.83 6.79 -11.33
N HIS B 6 -2.90 5.90 -11.71
CA HIS B 6 -2.50 4.67 -11.04
C HIS B 6 -3.66 3.70 -10.88
N LEU B 7 -4.66 3.99 -10.05
CA LEU B 7 -5.76 3.06 -9.79
C LEU B 7 -6.96 3.76 -9.14
N SER B 9 -9.10 2.67 -7.28
CA SER B 9 -10.12 1.62 -7.26
C SER B 9 -11.50 2.02 -7.83
N LYS B 10 -11.61 3.15 -8.53
CA LYS B 10 -12.82 3.61 -9.23
C LYS B 10 -12.45 4.45 -10.46
N LYS B 11 -13.42 4.69 -11.34
CA LYS B 11 -13.32 5.54 -12.53
C LYS B 11 -12.08 5.22 -13.39
N GLY B 12 -11.70 3.95 -13.44
CA GLY B 12 -10.60 3.45 -14.26
C GLY B 12 -10.37 1.98 -13.96
N GLN B 13 -9.60 1.29 -14.83
CA GLN B 13 -9.32 -0.15 -14.75
C GLN B 13 -10.59 -1.00 -14.56
N SER B 14 -11.73 -0.54 -15.09
CA SER B 14 -13.02 -1.22 -15.02
C SER B 14 -13.03 -2.53 -15.83
N THR B 15 -12.17 -2.64 -16.84
CA THR B 15 -12.01 -3.79 -17.73
C THR B 15 -10.51 -3.92 -18.00
N GLY A 1 16.39 14.58 13.47
CA GLY A 1 15.56 13.40 13.75
C GLY A 1 14.43 13.26 12.73
N HIS A 2 14.27 12.06 12.15
CA HIS A 2 13.21 11.72 11.19
C HIS A 2 12.89 10.22 11.35
N MET A 3 11.87 9.72 10.63
CA MET A 3 11.35 8.35 10.77
C MET A 3 11.10 8.03 12.25
N ASN A 4 10.38 8.92 12.94
CA ASN A 4 10.17 8.87 14.39
C ASN A 4 8.72 9.26 14.68
N SER A 5 8.08 8.54 15.60
CA SER A 5 6.68 8.70 16.00
C SER A 5 5.78 8.98 14.77
N PHE A 6 5.64 7.97 13.91
CA PHE A 6 4.80 7.93 12.70
C PHE A 6 5.40 8.70 11.54
N VAL A 7 5.74 9.96 11.73
CA VAL A 7 6.14 10.85 10.66
C VAL A 7 7.45 10.34 10.04
N GLY A 8 7.44 10.14 8.71
CA GLY A 8 8.55 9.62 7.91
C GLY A 8 8.39 8.14 7.55
N LEU A 9 7.62 7.35 8.33
CA LEU A 9 7.53 5.91 8.13
C LEU A 9 6.79 5.56 6.84
N ARG A 10 7.35 4.60 6.09
CA ARG A 10 6.66 3.97 4.95
C ARG A 10 5.68 2.98 5.56
N VAL A 11 4.41 3.07 5.17
CA VAL A 11 3.30 2.31 5.73
C VAL A 11 2.30 2.05 4.59
N VAL A 12 1.15 1.48 4.89
CA VAL A 12 0.04 1.33 3.93
C VAL A 12 -1.14 2.06 4.55
N ALA A 13 -2.03 2.66 3.75
CA ALA A 13 -3.09 3.54 4.22
C ALA A 13 -4.29 3.41 3.30
N LYS A 14 -5.50 3.61 3.80
CA LYS A 14 -6.70 3.53 2.95
C LYS A 14 -6.84 4.86 2.25
N TRP A 15 -7.06 4.82 0.95
CA TRP A 15 -7.45 6.02 0.23
C TRP A 15 -8.94 6.30 0.48
N SER A 16 -9.26 7.56 0.74
CA SER A 16 -10.54 8.03 1.24
C SER A 16 -11.79 7.76 0.39
N SER A 17 -11.70 7.51 -0.92
CA SER A 17 -12.86 7.22 -1.78
C SER A 17 -13.36 5.77 -1.59
N ASN A 18 -13.50 5.32 -0.33
CA ASN A 18 -13.74 3.94 0.08
C ASN A 18 -12.81 2.97 -0.66
N GLY A 19 -11.52 3.33 -0.77
CA GLY A 19 -10.57 2.65 -1.62
C GLY A 19 -9.81 1.52 -0.94
N TYR A 20 -8.90 0.93 -1.72
CA TYR A 20 -7.91 -0.03 -1.29
C TYR A 20 -6.85 0.65 -0.43
N PHE A 21 -6.02 -0.17 0.21
CA PHE A 21 -4.98 0.30 1.09
C PHE A 21 -3.73 0.41 0.22
N TYR A 22 -3.33 1.65 -0.09
CA TYR A 22 -2.19 1.95 -0.96
C TYR A 22 -0.97 2.26 -0.09
N SER A 23 0.23 2.02 -0.58
CA SER A 23 1.47 2.30 0.14
C SER A 23 1.76 3.81 0.13
N GLY A 24 2.40 4.32 1.19
CA GLY A 24 2.72 5.74 1.31
C GLY A 24 3.63 6.02 2.50
N LYS A 25 4.00 7.28 2.69
CA LYS A 25 4.83 7.75 3.80
C LYS A 25 3.94 8.65 4.64
N ILE A 26 3.96 8.52 5.97
CA ILE A 26 3.28 9.48 6.82
C ILE A 26 4.07 10.77 6.75
N THR A 27 3.40 11.91 6.57
CA THR A 27 4.04 13.19 6.31
C THR A 27 3.93 14.11 7.51
N ARG A 28 2.79 14.01 8.23
CA ARG A 28 2.54 14.75 9.48
C ARG A 28 1.29 14.22 10.20
N ASP A 29 1.31 14.18 11.52
CA ASP A 29 0.15 13.92 12.38
C ASP A 29 -0.79 15.12 12.31
N VAL A 30 -1.88 15.00 11.55
CA VAL A 30 -2.83 16.08 11.34
C VAL A 30 -3.50 16.44 12.66
N GLY A 31 -4.02 15.44 13.38
CA GLY A 31 -4.66 15.63 14.68
C GLY A 31 -5.80 14.65 14.84
N ALA A 32 -6.30 14.47 16.07
CA ALA A 32 -7.44 13.60 16.39
C ALA A 32 -7.25 12.11 16.03
N GLY A 33 -6.07 11.71 15.56
CA GLY A 33 -5.78 10.38 15.05
C GLY A 33 -5.62 10.38 13.54
N LYS A 34 -5.89 11.49 12.84
CA LYS A 34 -5.56 11.63 11.43
C LYS A 34 -4.07 11.88 11.32
N TYR A 35 -3.46 11.23 10.33
CA TYR A 35 -2.10 11.45 9.88
C TYR A 35 -2.20 11.65 8.37
N LYS A 36 -1.49 12.62 7.82
CA LYS A 36 -1.49 12.86 6.40
C LYS A 36 -0.48 11.91 5.77
N LEU A 37 -0.85 11.36 4.62
CA LEU A 37 -0.16 10.28 3.96
C LEU A 37 0.17 10.72 2.55
N LEU A 38 1.47 10.76 2.25
CA LEU A 38 1.99 10.92 0.91
C LEU A 38 1.97 9.53 0.33
N PHE A 39 0.91 9.18 -0.37
CA PHE A 39 0.86 7.96 -1.14
C PHE A 39 2.03 7.97 -2.12
N ASP A 40 2.59 6.79 -2.40
CA ASP A 40 3.83 6.68 -3.16
C ASP A 40 3.70 7.19 -4.59
N ASP A 41 2.48 7.26 -5.13
CA ASP A 41 2.15 7.83 -6.42
C ASP A 41 2.02 9.36 -6.40
N GLY A 42 2.29 10.00 -5.27
CA GLY A 42 2.44 11.45 -5.12
C GLY A 42 1.25 12.16 -4.48
N TYR A 43 0.16 11.43 -4.20
CA TYR A 43 -1.08 12.01 -3.69
C TYR A 43 -0.94 12.24 -2.19
N GLU A 44 -1.68 13.20 -1.64
CA GLU A 44 -1.60 13.58 -0.24
C GLU A 44 -3.01 13.88 0.27
N CYS A 45 -3.47 13.09 1.25
CA CYS A 45 -4.74 13.28 1.94
C CYS A 45 -4.54 12.87 3.40
N ASP A 46 -5.45 13.28 4.29
CA ASP A 46 -5.51 12.80 5.66
C ASP A 46 -6.10 11.39 5.66
N VAL A 47 -5.61 10.56 6.56
CA VAL A 47 -6.12 9.22 6.82
C VAL A 47 -6.09 9.01 8.33
N LEU A 48 -7.12 8.38 8.88
CA LEU A 48 -7.20 8.09 10.31
C LEU A 48 -6.33 6.91 10.68
N GLY A 49 -5.82 6.89 11.91
CA GLY A 49 -4.94 5.85 12.44
C GLY A 49 -5.52 4.44 12.28
N LYS A 50 -6.84 4.30 12.41
CA LYS A 50 -7.52 3.00 12.23
C LYS A 50 -7.23 2.43 10.84
N ASP A 51 -7.01 3.32 9.88
CA ASP A 51 -6.89 3.04 8.45
C ASP A 51 -5.44 3.12 7.97
N ILE A 52 -4.43 2.99 8.84
CA ILE A 52 -3.02 3.02 8.43
C ILE A 52 -2.36 1.82 9.09
N LEU A 53 -1.58 1.03 8.33
CA LEU A 53 -0.96 -0.21 8.75
C LEU A 53 0.53 0.05 8.63
N LEU A 54 1.30 -0.05 9.72
CA LEU A 54 2.69 0.43 9.72
C LEU A 54 3.79 -0.61 9.86
N CYS A 55 3.42 -1.88 10.01
CA CYS A 55 4.38 -2.96 10.20
C CYS A 55 3.97 -4.07 9.24
N ASP A 56 3.77 -3.67 7.97
CA ASP A 56 3.15 -4.47 6.93
C ASP A 56 4.04 -4.84 5.73
N PRO A 57 5.16 -5.56 5.91
CA PRO A 57 5.83 -6.17 4.78
C PRO A 57 4.84 -7.30 4.43
N ILE A 58 4.31 -7.35 3.21
CA ILE A 58 3.18 -8.24 2.91
C ILE A 58 3.61 -9.70 3.18
N PRO A 59 2.89 -10.45 4.03
CA PRO A 59 3.21 -11.85 4.28
C PRO A 59 3.05 -12.65 3.00
N LEU A 60 3.93 -13.64 2.78
CA LEU A 60 3.74 -14.61 1.70
C LEU A 60 2.39 -15.31 1.90
N ASP A 61 1.75 -15.68 0.79
CA ASP A 61 0.42 -16.29 0.69
C ASP A 61 -0.74 -15.30 0.90
N THR A 62 -0.45 -14.04 1.26
CA THR A 62 -1.46 -12.99 1.28
C THR A 62 -1.85 -12.65 -0.16
N GLU A 63 -3.15 -12.55 -0.42
CA GLU A 63 -3.66 -12.06 -1.69
C GLU A 63 -3.52 -10.54 -1.69
N VAL A 64 -3.10 -9.99 -2.82
CA VAL A 64 -2.82 -8.57 -3.00
C VAL A 64 -3.16 -8.18 -4.43
N THR A 65 -3.30 -6.87 -4.63
CA THR A 65 -3.41 -6.29 -5.96
C THR A 65 -1.97 -5.99 -6.39
N ALA A 66 -1.70 -6.18 -7.68
CA ALA A 66 -0.44 -5.91 -8.33
C ALA A 66 -0.70 -4.87 -9.43
N LEU A 67 0.19 -3.89 -9.53
CA LEU A 67 -0.01 -2.71 -10.37
C LEU A 67 1.27 -2.34 -11.09
N SER A 68 1.30 -2.46 -12.41
CA SER A 68 2.40 -1.91 -13.18
C SER A 68 2.30 -0.38 -12.97
N GLU A 69 3.45 0.28 -12.78
CA GLU A 69 3.58 1.67 -12.34
C GLU A 69 2.99 2.77 -13.25
N ASP A 70 2.16 2.43 -14.24
CA ASP A 70 1.41 3.41 -15.02
C ASP A 70 -0.08 3.36 -14.68
N GLU A 71 -0.72 2.18 -14.83
CA GLU A 71 -2.12 1.97 -14.42
C GLU A 71 -2.57 0.50 -14.46
N TYR A 72 -1.87 -0.38 -15.19
CA TYR A 72 -2.31 -1.76 -15.43
C TYR A 72 -2.48 -2.47 -14.09
N PHE A 73 -3.70 -2.96 -13.84
CA PHE A 73 -4.15 -3.46 -12.56
C PHE A 73 -4.60 -4.92 -12.68
N SER A 74 -4.15 -5.75 -11.74
CA SER A 74 -4.58 -7.14 -11.57
C SER A 74 -4.41 -7.54 -10.09
N ALA A 75 -4.78 -8.76 -9.70
CA ALA A 75 -4.50 -9.27 -8.34
C ALA A 75 -3.96 -10.71 -8.40
N GLY A 76 -3.26 -11.11 -7.34
CA GLY A 76 -2.50 -12.35 -7.23
C GLY A 76 -2.04 -12.52 -5.78
N VAL A 77 -1.04 -13.37 -5.52
CA VAL A 77 -0.62 -13.70 -4.16
C VAL A 77 0.90 -13.56 -4.05
N VAL A 78 1.39 -13.09 -2.91
CA VAL A 78 2.82 -13.05 -2.65
C VAL A 78 3.36 -14.47 -2.56
N LYS A 79 4.42 -14.80 -3.30
CA LYS A 79 5.15 -16.07 -3.19
C LYS A 79 6.68 -15.84 -3.16
N GLY A 80 7.15 -14.61 -2.91
CA GLY A 80 8.57 -14.35 -2.70
C GLY A 80 8.83 -12.89 -2.37
N HIS A 81 10.07 -12.56 -2.02
CA HIS A 81 10.54 -11.24 -1.58
C HIS A 81 11.89 -10.92 -2.21
N ARG A 82 12.18 -9.62 -2.37
CA ARG A 82 13.49 -9.10 -2.76
C ARG A 82 13.64 -7.73 -2.08
N LYS A 83 14.88 -7.26 -1.94
CA LYS A 83 15.20 -5.89 -1.52
C LYS A 83 16.17 -5.36 -2.57
N GLU A 84 15.94 -4.13 -3.06
CA GLU A 84 16.76 -3.51 -4.08
C GLU A 84 16.75 -2.00 -3.82
N SER A 85 17.93 -1.38 -3.81
CA SER A 85 18.14 0.05 -3.66
C SER A 85 17.33 0.67 -2.50
N GLY A 86 17.23 -0.06 -1.38
CA GLY A 86 16.55 0.41 -0.17
C GLY A 86 15.04 0.39 -0.31
N GLU A 87 14.46 -0.49 -1.15
CA GLU A 87 13.03 -0.63 -1.30
C GLU A 87 12.71 -2.12 -1.45
N LEU A 88 11.48 -2.47 -1.12
CA LEU A 88 11.02 -3.84 -0.97
C LEU A 88 10.23 -4.27 -2.21
N TYR A 89 10.41 -5.54 -2.58
CA TYR A 89 9.86 -6.15 -3.78
C TYR A 89 9.25 -7.49 -3.39
N TYR A 90 8.34 -7.97 -4.24
CA TYR A 90 7.56 -9.16 -3.99
C TYR A 90 7.44 -9.90 -5.31
N SER A 91 7.63 -11.22 -5.29
CA SER A 91 7.30 -12.06 -6.42
C SER A 91 5.85 -12.36 -6.19
N ILE A 92 4.97 -11.71 -6.94
CA ILE A 92 3.57 -12.03 -6.92
C ILE A 92 3.39 -13.18 -7.89
N GLU A 93 2.85 -14.30 -7.43
CA GLU A 93 2.43 -15.36 -8.31
C GLU A 93 1.04 -14.90 -8.77
N LYS A 94 0.91 -14.76 -10.08
CA LYS A 94 -0.25 -14.17 -10.72
C LYS A 94 -0.45 -14.98 -12.00
N GLU A 95 -1.68 -15.37 -12.30
CA GLU A 95 -1.97 -16.27 -13.42
C GLU A 95 -1.17 -17.58 -13.33
N GLY A 96 -0.78 -17.99 -12.11
CA GLY A 96 -0.05 -19.24 -11.88
C GLY A 96 1.43 -19.16 -12.24
N GLN A 97 2.00 -17.94 -12.38
CA GLN A 97 3.41 -17.74 -12.70
C GLN A 97 3.96 -16.54 -11.91
N ARG A 98 5.27 -16.50 -11.68
CA ARG A 98 5.93 -15.49 -10.84
C ARG A 98 6.11 -14.20 -11.64
N LYS A 99 5.88 -13.04 -11.01
CA LYS A 99 6.04 -11.71 -11.58
C LYS A 99 6.55 -10.81 -10.47
N TRP A 100 7.64 -10.09 -10.66
CA TRP A 100 8.15 -9.16 -9.66
C TRP A 100 7.38 -7.85 -9.72
N TYR A 101 6.94 -7.38 -8.55
CA TYR A 101 6.36 -6.04 -8.34
C TYR A 101 7.03 -5.42 -7.10
N LYS A 102 6.92 -4.10 -6.95
CA LYS A 102 7.55 -3.31 -5.88
C LYS A 102 6.52 -2.95 -4.81
N ARG A 103 6.92 -2.51 -3.61
CA ARG A 103 5.97 -2.21 -2.52
C ARG A 103 4.83 -1.26 -2.93
N MET A 104 5.07 -0.18 -3.68
CA MET A 104 3.93 0.67 -4.08
C MET A 104 3.04 0.01 -5.13
N ALA A 105 3.56 -0.97 -5.85
CA ALA A 105 2.85 -1.74 -6.85
C ALA A 105 2.12 -2.92 -6.22
N VAL A 106 2.34 -3.24 -4.94
CA VAL A 106 1.76 -4.38 -4.26
C VAL A 106 0.93 -3.81 -3.13
N ILE A 107 -0.35 -3.59 -3.44
CA ILE A 107 -1.28 -2.90 -2.55
C ILE A 107 -2.27 -3.93 -2.04
N LEU A 108 -2.94 -3.63 -0.94
CA LEU A 108 -3.86 -4.56 -0.31
C LEU A 108 -5.26 -4.13 -0.65
N SER A 109 -5.99 -4.99 -1.35
CA SER A 109 -7.42 -4.84 -1.57
C SER A 109 -8.04 -4.74 -0.17
N LEU A 110 -9.00 -3.84 0.05
CA LEU A 110 -9.48 -3.50 1.40
C LEU A 110 -9.85 -4.70 2.26
N GLU A 111 -10.47 -5.73 1.69
CA GLU A 111 -10.90 -6.89 2.49
C GLU A 111 -9.67 -7.70 2.94
N GLN A 112 -8.64 -7.76 2.11
CA GLN A 112 -7.37 -8.42 2.45
C GLN A 112 -6.66 -7.58 3.52
N GLY A 113 -6.57 -6.26 3.32
CA GLY A 113 -5.92 -5.36 4.26
C GLY A 113 -6.59 -5.34 5.62
N ASN A 114 -7.91 -5.55 5.69
CA ASN A 114 -8.64 -5.61 6.95
C ASN A 114 -8.09 -6.71 7.86
N ARG A 115 -7.79 -7.88 7.29
CA ARG A 115 -7.23 -9.01 8.05
C ARG A 115 -5.87 -8.67 8.68
N LEU A 116 -5.21 -7.59 8.24
CA LEU A 116 -3.96 -7.09 8.80
C LEU A 116 -4.22 -5.85 9.66
N ARG A 117 -5.29 -5.10 9.39
CA ARG A 117 -5.61 -3.85 10.08
C ARG A 117 -5.80 -4.10 11.57
N GLU A 118 -6.40 -5.23 11.92
CA GLU A 118 -6.62 -5.63 13.31
C GLU A 118 -5.32 -5.73 14.12
N GLN A 119 -4.14 -5.87 13.49
CA GLN A 119 -2.85 -5.95 14.17
C GLN A 119 -1.97 -4.74 13.86
N TYR A 120 -1.86 -4.38 12.59
CA TYR A 120 -0.89 -3.39 12.10
C TYR A 120 -1.46 -1.97 12.10
N GLY A 121 -2.79 -1.85 12.19
CA GLY A 121 -3.52 -0.61 12.41
C GLY A 121 -2.88 0.24 13.50
N LEU A 122 -2.65 1.54 13.24
CA LEU A 122 -2.15 2.45 14.28
C LEU A 122 -3.20 2.59 15.37
N GLY A 123 -4.46 2.74 14.95
CA GLY A 123 -5.58 3.02 15.82
C GLY A 123 -5.94 1.74 16.59
N ARG B 1 0.19 17.78 -12.54
CA ARG B 1 -0.12 16.32 -12.36
C ARG B 1 1.19 15.54 -12.14
N ALA B 2 1.42 15.02 -10.92
CA ALA B 2 2.70 14.45 -10.52
C ALA B 2 2.97 13.08 -11.17
N HIS B 3 1.92 12.30 -11.42
CA HIS B 3 2.04 10.91 -11.88
C HIS B 3 0.79 10.51 -12.67
N SER B 4 0.84 9.36 -13.33
CA SER B 4 -0.31 8.72 -13.97
C SER B 4 -1.43 8.44 -12.94
N SER B 5 -2.61 8.08 -13.43
CA SER B 5 -3.79 7.79 -12.61
C SER B 5 -3.58 6.65 -11.60
N HIS B 6 -2.60 5.77 -11.86
CA HIS B 6 -2.34 4.52 -11.15
C HIS B 6 -3.63 3.72 -10.98
N LEU B 7 -4.27 3.81 -9.82
CA LEU B 7 -5.49 3.13 -9.43
C LEU B 7 -6.06 3.95 -8.29
N SER B 9 -9.24 2.57 -6.98
CA SER B 9 -10.17 1.50 -6.61
C SER B 9 -11.66 1.74 -6.92
N LYS B 10 -11.98 2.09 -8.18
CA LYS B 10 -13.35 2.14 -8.68
C LYS B 10 -13.41 1.51 -10.06
N LYS B 11 -14.47 0.73 -10.32
CA LYS B 11 -14.78 0.21 -11.66
C LYS B 11 -14.98 1.41 -12.60
N GLY B 12 -14.52 1.29 -13.84
CA GLY B 12 -14.48 2.37 -14.82
C GLY B 12 -13.02 2.72 -15.13
N GLN B 13 -12.14 2.69 -14.12
CA GLN B 13 -10.70 2.77 -14.31
C GLN B 13 -10.26 1.53 -15.11
N SER B 14 -10.85 0.39 -14.76
CA SER B 14 -10.80 -0.88 -15.46
C SER B 14 -12.20 -1.49 -15.28
N THR B 15 -12.60 -2.39 -16.19
CA THR B 15 -13.93 -2.98 -16.24
C THR B 15 -13.77 -4.43 -16.72
#